data_8RFG
#
_entry.id   8RFG
#
_cell.length_a   1.00
_cell.length_b   1.00
_cell.length_c   1.00
_cell.angle_alpha   90.00
_cell.angle_beta   90.00
_cell.angle_gamma   90.00
#
_symmetry.space_group_name_H-M   'P 1'
#
loop_
_entity.id
_entity.type
_entity.pdbx_description
1 polymer 'Cyclic beta 1-2 glucan synthetase'
2 branched beta-D-glucopyranose-(1-2)-beta-D-glucopyranose-(1-2)-beta-D-glucopyranose-(1-2)-beta-D-glucopyranose-(1-2)-beta-D-glucopyranose-(1-2)-beta-D-glucopyranose-(1-2)-beta-D-glucopyranose-(1-2)-beta-D-glucopyranose-(1-2)-beta-D-glucopyranose
3 branched beta-D-glucopyranose-(1-2)-beta-D-glucopyranose-(1-2)-beta-D-glucopyranose-(1-2)-beta-D-glucopyranose-(1-2)-beta-D-glucopyranose-(1-2)-beta-D-glucopyranose-(1-2)-beta-D-glucopyranose-(1-2)-beta-D-glucopyranose-(1-2)-beta-D-glucopyranose-(1-2)-beta-D-glucopyranose-(1-2)-beta-D-glucopyranose-(1-2)-beta-D-glucopyranose-(1-2)-beta-D-glucopyranose
4 branched beta-D-glucopyranose-(1-2)-beta-D-glucopyranose-(1-2)-beta-D-glucopyranose-(1-2)-beta-D-glucopyranose-(1-2)-beta-D-glucopyranose
5 water water
#
_entity_poly.entity_id   1
_entity_poly.type   'polypeptide(L)'
_entity_poly.pdbx_seq_one_letter_code
;DHNDSIRASYMTIEELHDAGAALSRDGADSLPGFMEFDFFERHRENEKEILRVYRTTAVDAENGATITPAAEWLLDNHYV
IEEAIQEVRRDFPRKFYRQLPTMTVGGVTIPRVMALGWLYVAHTHSTVSRENMTALVDGYQTSQTLQIGELWALPSIIRF
VLIENLRRISIRVERSRRMRQKANEVVDEIIRLNDAEASAALLKQVDSLVDDPTFATQFLYRLRNGSQTSGFAVAWLEER
LHAAGTDAENVMMSEHNRLASGNVTMGNIVKSLREIDDTEWSVWFEEVSHIDKVLREETDYEILDFGSRNTYRNTIELLA
RRSPRTEVEVARAAVEMARSDLPAGADENHRVNVGSVLVGQRRFELEKALGYRPLASQHIVRSMRKFNWLAIAAPVLLIT
AVAMLAVGWFLAKAGMPWYVVTAFLLMFALPASEGATGLFNTLVTFFVKPFRLVGYEFKNGIPEDARTLVAVPCMLTSRD
SVDEMMRNIEVHYLANPHGEIYFSLVSDWRDAPYEQSDEDLEILDYAKRELAALNSRYAFDGKTRFYLLHRRRIYNSAEE
CWMGWERKRGKLHELNMLLRGDKDTTFLGGSNIVPADVKYVMTLDADTRLMRDAVTKLVGKMHHPINRPKIDPVSGRVVE
GYGLLQPRVTPSLTTGKDASVFQRVFSINRGIDPYVFTVSDVYQDLTSEGTFTGKGLYDVDAFEAALKGRIEENSILSHD
LLEGSFARCALVTDVELVEDFPTRYEVEVSRQHRWARGDWQLLPFIIDRARGVTAIGRWKMVDNLRRSLTPIAWFFASIL
GWYFMDPLGALIWQILLIFSLFVAPTLSLLSGLVPRSTDIVPQAHFFTIWSEIRATNAQVALRIVFIADAACMMTDAIVR
SLYRLLVSHKLMLEWRTAASMQSSAQGSIVDYYRQMWHAPVVAMLGLLFAALPGDNAFLIGIPFTLLWVLSPAVAWYVSQ
SAETEDRLFVSEHVSFELRKIARRTWRYYEAFVTPQENHLPPDNFQETPEPIVASRTSPTNIGVYLLSVISARQFGWISF
ADTLERIENTIQTVEKMEKHRGHLYNWYHTDTLQTLGPRYVSAVDSGNLAGHLIAVSSACRDWAEAPSAHLQGNLDGIGD
VAGILRETLKALPDNRKTLRPLHRRLEERIIGFSNALASVKREHEFASIRVINLAVLARDIQKLATNVDHEVKSAQSAEV
TRWAQLLVESCEAHISDSAIDLTNMEPLRQRLASLRDRSRNLAFSMDFTFLYRKDRRLLSIGYRVESKELDEACYDLLAS
ECRLTSLFAIAKGDLPTEHWYRLGRQVVPIGAQGALVSWSGSMFEYLMPPLVMQERQGGILNQTNNLIVKEQMNHGRRLG
TPWGISEAAFNARDHNMNYQYTNFGVPTLGLKRGLGQNAVIAPYASILASQYDPDGALENLDKLRKLGALGQYGFHDAVD
FTPTRVPDGKVCAVVYNYYAHHHGMSIAAVANVAFDGVLRELFHSDPVIEAAELLLQEKAPREVPVMSAKYEPETPGKEQ
ADLLRAEVRSIADPAVRDREVVFLSNGHYSTMLTSTGAGYSKWNGQAISRWKADPTDDRWGTFIFLRDTTNGQWWSATAE
PRVIEGEKTKTIFTDDKAEFHKTIGDLQSVVECIVATEHDAEGRRITLLNVGSEDRYIEVTSYMEPVIASEDDDNAHPLF
SRMFVQTEIGRRGDVIRAWRNRRSQNEPGTVIAHLAADNAGPSRPTEFETDRAKFIGRGRSLREAAAFDAGATLSSSDGF
TLDPILSLRRTVRVPAGKKVSVIFWTIAAPSREEVDKAIDRYRHPDAFAHELVHAWTRTQVQMRHVGVTSQQAAAFQHLG
RYLTYPDMHLRADSETLKTGLASQRALWPLAISGDFPIFSLRINDDMDMDIAREALSAHEYLRSRGVIFDLVIVNERAAS
YAQDMQHALDHISETQRRINPADGGRPHVFSVRRDLMDEETWSALLAASRVVLHVRNGKIVDQINRAVSLFAANRGPDGS
SDAAQARLPVPAFPVAEPVEDAGDLDFWNGFGGFAKNGQEYVVRLNGGQSTPHPWINVISNENFGFHISAEGAGFSWSRN
SRDYQLTPWTNDPVINRPGEAFYVADVETGKLYTPCAALSRDPEAMFETRHGLGYSILTGVADTLEVELTQTVDREKPVK
FSQVIVRNKGSKSRRLKVYAYVEWVLGNNGQKSAPFILSRHDAGSNAIFASNPYSIDYSARTSFLTLDSEASGFTTSRRE
FIGRFGSAQAPQGIVAGAALSGTTEVDGDPCAALMQEIHLKPGEERHMTFILGDADNAEEAEALVKDVRQADFLSVLEES
KKFWTGFTGQLQVSTPDAGFNHMVNNWLPYQALACRILARTAFYQSSGAFGFRDQLQDTLAFLLYQPDLARTQILRAAGR
QFPEGDVQHWWLPLTGAGVRTTISDDVVWLAYAINQYVSATGDAAILDESIPFLKGPALMPGQHDAFFQPETSERSATLY
EHAALALDLAIHRTGENGLPLILGGDWNDGMNRVGVGGKGTSVWLGWFLAGALRDFIEIAEKRGDTDRVGKWASHREKLR
HVLETAGWDGSYYRRGYFDDGTPLGSASSEECQIDSLGQSWSVLSGEGEEGRSRQAMDAVMEHLVDEKTGIIRLFTPPFS
RASHDPGYIKGYPPGVRENGGQYTHAATWVVLALAKQGRAQEAWNCFKLLNPVNHALDAASSETYRVEPYVVTADVYGEG
AYAGRGGWSWYTGSAGWLYRAAVEGILGITRTDGKLHVSPSLPEDWSGFSIRITLDGKARDIAVSRKAGTADVSVSVDG
;
_entity_poly.pdbx_strand_id   A
#
# COMPACT_ATOMS: atom_id res chain seq x y z
N ASP A 1 34.94 -5.14 -4.53
CA ASP A 1 35.23 -5.44 -3.13
C ASP A 1 36.31 -4.51 -2.58
N HIS A 2 36.58 -3.41 -3.29
CA HIS A 2 37.62 -2.49 -2.88
C HIS A 2 36.99 -1.44 -1.98
N ASN A 3 36.06 -0.62 -2.47
CA ASN A 3 35.47 0.49 -1.72
C ASN A 3 36.60 1.28 -1.05
N ASP A 4 36.38 1.74 0.18
CA ASP A 4 37.44 2.22 1.04
C ASP A 4 37.51 1.45 2.34
N SER A 5 36.79 0.34 2.44
CA SER A 5 36.63 -0.39 3.68
C SER A 5 37.88 -1.24 3.96
N ILE A 6 37.78 -2.10 4.96
CA ILE A 6 38.88 -2.96 5.36
C ILE A 6 38.57 -4.40 4.97
N ARG A 7 39.05 -4.81 3.80
CA ARG A 7 38.74 -6.14 3.27
C ARG A 7 40.01 -6.97 3.20
N ALA A 8 39.96 -8.19 3.73
CA ALA A 8 41.09 -9.11 3.69
C ALA A 8 40.61 -10.52 3.40
N SER A 9 39.53 -10.65 2.63
CA SER A 9 38.92 -11.93 2.28
C SER A 9 38.44 -12.68 3.52
N TYR A 10 38.08 -13.94 3.36
CA TYR A 10 37.64 -14.77 4.47
C TYR A 10 38.84 -15.44 5.14
N MET A 11 38.62 -15.91 6.36
CA MET A 11 39.66 -16.67 7.04
C MET A 11 39.10 -17.94 7.69
N THR A 12 37.78 -17.96 7.93
CA THR A 12 37.07 -19.10 8.52
C THR A 12 37.68 -19.41 9.88
N ILE A 13 37.72 -20.67 10.30
CA ILE A 13 38.30 -21.05 11.59
C ILE A 13 39.49 -21.96 11.29
N GLU A 14 40.34 -22.18 12.30
CA GLU A 14 41.55 -22.99 12.21
C GLU A 14 42.60 -22.24 11.38
N GLU A 15 42.19 -21.13 10.77
CA GLU A 15 43.14 -20.20 10.17
C GLU A 15 43.29 -18.95 11.01
N LEU A 16 42.22 -18.54 11.70
CA LEU A 16 42.34 -17.45 12.67
C LEU A 16 43.27 -17.85 13.80
N HIS A 17 43.22 -19.12 14.22
CA HIS A 17 44.07 -19.60 15.31
C HIS A 17 45.54 -19.39 15.01
N ASP A 18 46.05 -20.06 13.96
CA ASP A 18 47.46 -19.90 13.65
C ASP A 18 47.78 -18.52 13.10
N ALA A 19 46.78 -17.78 12.60
CA ALA A 19 47.02 -16.38 12.26
C ALA A 19 47.40 -15.58 13.50
N GLY A 20 46.62 -15.71 14.56
CA GLY A 20 46.97 -15.06 15.82
C GLY A 20 48.26 -15.58 16.40
N ALA A 21 48.52 -16.88 16.24
CA ALA A 21 49.78 -17.45 16.72
C ALA A 21 50.97 -16.81 16.01
N ALA A 22 50.86 -16.61 14.69
CA ALA A 22 51.92 -15.93 13.95
C ALA A 22 52.03 -14.48 14.36
N LEU A 23 50.89 -13.82 14.64
CA LEU A 23 50.93 -12.44 15.10
C LEU A 23 51.67 -12.32 16.43
N SER A 24 51.51 -13.28 17.33
CA SER A 24 52.18 -13.21 18.62
C SER A 24 53.69 -13.32 18.48
N ARG A 25 54.18 -14.25 17.66
CA ARG A 25 55.62 -14.47 17.54
C ARG A 25 56.25 -13.44 16.60
N ASP A 26 55.84 -13.47 15.33
CA ASP A 26 56.38 -12.55 14.33
C ASP A 26 55.21 -11.88 13.59
N GLY A 27 54.73 -10.80 14.17
CA GLY A 27 53.59 -10.09 13.63
C GLY A 27 53.97 -8.84 12.87
N ALA A 28 53.33 -7.72 13.22
CA ALA A 28 53.58 -6.42 12.63
C ALA A 28 53.39 -6.42 11.12
N ASP A 29 54.48 -6.30 10.37
CA ASP A 29 54.44 -6.17 8.92
C ASP A 29 53.55 -5.00 8.52
N SER A 30 52.26 -5.27 8.35
CA SER A 30 51.30 -4.24 7.97
C SER A 30 49.90 -4.73 8.32
N LEU A 31 48.93 -3.84 8.10
CA LEU A 31 47.52 -4.14 8.32
C LEU A 31 46.74 -3.68 7.10
N PRO A 32 45.56 -4.25 6.86
CA PRO A 32 44.85 -3.94 5.59
C PRO A 32 44.57 -2.46 5.40
N GLY A 33 43.85 -1.82 6.30
CA GLY A 33 43.66 -0.39 6.21
C GLY A 33 44.77 0.31 6.97
N PHE A 34 44.41 0.96 8.07
CA PHE A 34 45.36 1.38 9.10
C PHE A 34 46.20 2.58 8.66
N MET A 35 46.36 3.53 9.57
CA MET A 35 47.16 4.72 9.33
C MET A 35 47.46 5.36 10.68
N GLU A 36 48.41 6.29 10.69
CA GLU A 36 48.84 6.93 11.93
C GLU A 36 47.77 7.93 12.37
N PHE A 37 47.19 7.70 13.54
CA PHE A 37 46.14 8.58 14.04
C PHE A 37 46.17 8.58 15.55
N ASP A 38 45.49 9.56 16.13
CA ASP A 38 45.22 9.60 17.56
C ASP A 38 43.81 9.08 17.82
N PHE A 39 43.68 8.28 18.87
CA PHE A 39 42.41 7.63 19.18
C PHE A 39 41.27 8.65 19.33
N PHE A 40 41.48 9.65 20.18
CA PHE A 40 40.37 10.51 20.59
C PHE A 40 39.90 11.40 19.46
N GLU A 41 40.83 12.03 18.76
CA GLU A 41 40.47 12.90 17.64
C GLU A 41 39.80 12.10 16.54
N ARG A 42 40.30 10.89 16.28
CA ARG A 42 39.68 10.05 15.27
C ARG A 42 38.27 9.66 15.64
N HIS A 43 38.03 9.32 16.91
CA HIS A 43 36.67 9.00 17.33
C HIS A 43 35.74 10.20 17.19
N ARG A 44 36.21 11.39 17.57
CA ARG A 44 35.37 12.57 17.42
C ARG A 44 35.05 12.84 15.96
N GLU A 45 36.04 12.69 15.09
CA GLU A 45 35.81 12.87 13.65
C GLU A 45 34.83 11.84 13.13
N ASN A 46 34.94 10.59 13.59
CA ASN A 46 33.99 9.56 13.17
C ASN A 46 32.57 9.95 13.55
N GLU A 47 32.38 10.40 14.79
CA GLU A 47 31.04 10.82 15.21
C GLU A 47 30.53 11.97 14.36
N LYS A 48 31.40 12.95 14.09
CA LYS A 48 30.97 14.10 13.29
C LYS A 48 30.55 13.69 11.89
N GLU A 49 31.36 12.86 11.21
CA GLU A 49 31.04 12.47 9.85
C GLU A 49 29.79 11.61 9.80
N ILE A 50 29.61 10.73 10.79
CA ILE A 50 28.42 9.89 10.80
C ILE A 50 27.17 10.75 11.01
N LEU A 51 27.25 11.75 11.88
CA LEU A 51 26.11 12.65 12.05
C LEU A 51 25.84 13.43 10.77
N ARG A 52 26.89 13.94 10.12
CA ARG A 52 26.75 14.63 8.85
C ARG A 52 25.99 13.78 7.85
N VAL A 53 26.53 12.62 7.50
CA VAL A 53 25.74 11.71 6.68
C VAL A 53 24.97 10.81 7.64
N TYR A 54 24.04 11.42 8.38
CA TYR A 54 22.78 10.82 8.78
C TYR A 54 21.75 11.90 8.51
N ARG A 55 22.15 13.14 8.82
CA ARG A 55 21.26 14.27 8.56
C ARG A 55 21.10 14.50 7.06
N THR A 56 22.17 14.29 6.29
CA THR A 56 22.06 14.44 4.84
C THR A 56 21.10 13.43 4.26
N THR A 57 21.23 12.16 4.65
CA THR A 57 20.31 11.14 4.14
C THR A 57 18.89 11.35 4.66
N ALA A 58 18.74 11.92 5.86
CA ALA A 58 17.40 12.19 6.36
C ALA A 58 16.72 13.30 5.56
N VAL A 59 17.43 14.41 5.31
CA VAL A 59 16.85 15.49 4.54
C VAL A 59 16.69 15.12 3.07
N ASP A 60 17.46 14.16 2.58
CA ASP A 60 17.25 13.55 1.26
C ASP A 60 16.33 12.34 1.45
N ALA A 61 16.21 11.45 0.47
CA ALA A 61 15.38 10.25 0.57
C ALA A 61 13.90 10.63 0.71
N GLU A 62 13.54 11.28 1.82
CA GLU A 62 12.17 11.77 1.96
C GLU A 62 11.82 12.86 0.96
N ASN A 63 12.82 13.50 0.35
CA ASN A 63 12.54 14.47 -0.71
C ASN A 63 12.07 13.80 -1.99
N GLY A 64 12.13 12.48 -2.07
CA GLY A 64 11.72 11.78 -3.26
C GLY A 64 12.89 11.32 -4.10
N ALA A 65 13.92 10.80 -3.45
CA ALA A 65 15.10 10.31 -4.15
C ALA A 65 15.28 8.84 -3.83
N THR A 66 15.72 8.09 -4.84
CA THR A 66 15.98 6.67 -4.65
C THR A 66 17.13 6.49 -3.68
N ILE A 67 16.94 5.58 -2.71
CA ILE A 67 17.91 5.36 -1.65
C ILE A 67 18.49 3.95 -1.82
N THR A 68 19.81 3.85 -1.73
CA THR A 68 20.46 2.56 -1.86
C THR A 68 20.21 1.71 -0.62
N PRO A 69 20.19 0.38 -0.76
CA PRO A 69 20.02 -0.48 0.42
C PRO A 69 21.15 -0.34 1.43
N ALA A 70 22.34 0.10 1.01
CA ALA A 70 23.40 0.36 1.97
C ALA A 70 23.03 1.51 2.91
N ALA A 71 22.42 2.56 2.38
CA ALA A 71 22.01 3.69 3.21
C ALA A 71 20.78 3.38 4.07
N GLU A 72 20.04 2.33 3.74
CA GLU A 72 18.91 1.94 4.59
C GLU A 72 19.39 1.52 5.97
N TRP A 73 20.49 0.76 6.01
CA TRP A 73 21.04 0.33 7.30
C TRP A 73 21.51 1.51 8.14
N LEU A 74 21.71 2.67 7.54
CA LEU A 74 22.11 3.86 8.29
C LEU A 74 20.93 4.71 8.70
N LEU A 75 19.87 4.78 7.90
CA LEU A 75 18.66 5.50 8.25
C LEU A 75 17.79 4.74 9.23
N ASP A 76 17.31 3.56 8.85
CA ASP A 76 16.37 2.83 9.69
C ASP A 76 17.01 2.41 11.00
N ASN A 77 18.28 2.02 10.96
CA ASN A 77 18.96 1.59 12.18
C ASN A 77 20.13 2.54 12.47
N HIS A 78 19.82 3.60 13.23
CA HIS A 78 20.80 4.56 13.68
C HIS A 78 21.02 4.55 15.19
N TYR A 79 20.02 4.09 15.95
CA TYR A 79 20.14 4.13 17.40
C TYR A 79 21.23 3.18 17.89
N VAL A 80 21.34 1.98 17.31
CA VAL A 80 22.41 1.08 17.73
C VAL A 80 23.76 1.74 17.52
N ILE A 81 23.89 2.47 16.42
CA ILE A 81 25.13 3.19 16.14
C ILE A 81 25.35 4.28 17.17
N GLU A 82 24.27 4.96 17.60
CA GLU A 82 24.44 6.05 18.54
C GLU A 82 24.84 5.56 19.94
N GLU A 83 24.36 4.40 20.40
CA GLU A 83 24.98 3.86 21.62
C GLU A 83 26.36 3.29 21.36
N ALA A 84 26.62 2.81 20.14
CA ALA A 84 27.96 2.30 19.85
C ALA A 84 29.00 3.41 19.80
N ILE A 85 28.59 4.63 19.47
CA ILE A 85 29.49 5.79 19.55
C ILE A 85 29.86 6.04 21.01
N GLN A 86 28.91 5.83 21.91
CA GLN A 86 29.18 5.87 23.34
C GLN A 86 29.87 4.57 23.75
N GLU A 87 29.94 4.30 25.04
CA GLU A 87 30.70 3.17 25.57
C GLU A 87 32.17 3.33 25.22
N VAL A 88 32.50 3.30 23.93
CA VAL A 88 33.79 3.83 23.51
C VAL A 88 33.81 5.31 23.89
N ARG A 89 34.97 5.77 24.35
CA ARG A 89 35.17 7.12 24.88
C ARG A 89 34.49 7.23 26.24
N ARG A 90 33.73 6.20 26.62
CA ARG A 90 33.25 6.09 27.99
C ARG A 90 34.00 5.00 28.73
N ASP A 91 34.51 4.01 28.01
CA ASP A 91 35.33 2.95 28.59
C ASP A 91 36.82 3.22 28.42
N PHE A 92 37.19 4.36 27.85
CA PHE A 92 38.60 4.69 27.60
C PHE A 92 38.89 6.10 28.09
N PRO A 93 39.06 6.28 29.40
CA PRO A 93 39.63 7.54 29.88
C PRO A 93 41.08 7.66 29.47
N ARG A 94 41.67 8.84 29.57
CA ARG A 94 43.03 9.04 29.10
C ARG A 94 44.05 8.16 29.79
N LYS A 95 43.93 7.99 31.11
CA LYS A 95 44.91 7.19 31.85
C LYS A 95 44.84 5.72 31.49
N PHE A 96 43.65 5.21 31.15
CA PHE A 96 43.50 3.80 30.86
C PHE A 96 44.06 3.43 29.48
N TYR A 97 43.90 4.31 28.50
CA TYR A 97 44.46 4.03 27.18
C TYR A 97 45.98 3.98 27.21
N ARG A 98 46.61 4.78 28.04
CA ARG A 98 48.06 4.82 28.15
C ARG A 98 48.63 3.63 28.92
N GLN A 99 47.78 2.76 29.46
CA GLN A 99 48.27 1.58 30.17
C GLN A 99 48.50 0.39 29.26
N LEU A 100 47.83 0.34 28.12
CA LEU A 100 47.95 -0.82 27.24
C LEU A 100 49.33 -0.86 26.60
N PRO A 101 50.05 -1.97 26.68
CA PRO A 101 51.34 -2.08 26.00
C PRO A 101 51.21 -1.90 24.49
N THR A 102 52.21 -1.25 23.91
CA THR A 102 52.19 -0.89 22.49
C THR A 102 52.89 -1.96 21.67
N MET A 103 52.49 -2.07 20.40
CA MET A 103 53.04 -3.09 19.51
C MET A 103 53.99 -2.51 18.47
N THR A 104 53.79 -1.25 18.07
CA THR A 104 54.67 -0.55 17.14
C THR A 104 54.80 -1.26 15.79
N VAL A 105 53.70 -1.33 15.05
CA VAL A 105 53.69 -1.89 13.71
C VAL A 105 54.07 -0.80 12.72
N GLY A 106 55.03 -1.12 11.84
CA GLY A 106 55.42 -0.20 10.78
C GLY A 106 55.88 1.16 11.25
N GLY A 107 56.43 1.26 12.45
CA GLY A 107 56.84 2.54 13.00
C GLY A 107 55.75 3.37 13.60
N VAL A 108 54.56 2.80 13.83
CA VAL A 108 53.46 3.50 14.46
C VAL A 108 53.15 2.85 15.80
N THR A 109 53.24 3.62 16.87
CA THR A 109 53.02 3.09 18.21
C THR A 109 51.54 2.77 18.42
N ILE A 110 51.19 1.50 18.29
CA ILE A 110 49.80 1.06 18.39
C ILE A 110 49.68 0.02 19.51
N PRO A 111 48.74 0.17 20.44
CA PRO A 111 48.57 -0.83 21.50
C PRO A 111 48.23 -2.19 20.92
N ARG A 112 48.72 -3.23 21.60
CA ARG A 112 48.64 -4.58 21.07
C ARG A 112 47.20 -5.01 20.81
N VAL A 113 46.28 -4.60 21.70
CA VAL A 113 44.88 -4.96 21.53
C VAL A 113 44.29 -4.33 20.27
N MET A 114 44.69 -3.10 19.95
CA MET A 114 44.19 -2.47 18.74
C MET A 114 44.57 -3.26 17.50
N ALA A 115 45.83 -3.67 17.40
CA ALA A 115 46.26 -4.45 16.25
C ALA A 115 45.58 -5.83 16.23
N LEU A 116 45.43 -6.47 17.38
CA LEU A 116 44.76 -7.76 17.42
C LEU A 116 43.30 -7.64 17.00
N GLY A 117 42.66 -6.51 17.32
CA GLY A 117 41.30 -6.29 16.88
C GLY A 117 41.17 -5.88 15.43
N TRP A 118 42.19 -5.24 14.87
CA TRP A 118 42.16 -4.89 13.46
C TRP A 118 42.15 -6.12 12.56
N LEU A 119 42.93 -7.15 12.92
CA LEU A 119 42.95 -8.37 12.13
C LEU A 119 41.62 -9.11 12.19
N TYR A 120 40.97 -9.13 13.36
CA TYR A 120 39.70 -9.84 13.47
C TYR A 120 38.65 -9.25 12.55
N VAL A 121 38.54 -7.93 12.51
CA VAL A 121 37.52 -7.30 11.67
C VAL A 121 37.87 -7.46 10.20
N ALA A 122 39.15 -7.32 9.85
CA ALA A 122 39.56 -7.42 8.46
C ALA A 122 39.35 -8.82 7.90
N HIS A 123 39.70 -9.84 8.66
CA HIS A 123 39.64 -11.21 8.13
C HIS A 123 38.26 -11.82 8.27
N THR A 124 37.29 -11.11 8.83
CA THR A 124 35.94 -11.62 8.94
C THR A 124 34.90 -10.71 8.30
N HIS A 125 35.30 -9.70 7.54
CA HIS A 125 34.39 -8.79 6.86
C HIS A 125 33.40 -8.15 7.84
N SER A 126 33.89 -7.82 9.04
CA SER A 126 33.08 -7.19 10.08
C SER A 126 31.89 -8.07 10.47
N THR A 127 32.20 -9.33 10.81
CA THR A 127 31.22 -10.29 11.32
C THR A 127 31.74 -10.80 12.65
N VAL A 128 31.13 -10.33 13.74
CA VAL A 128 31.59 -10.69 15.08
C VAL A 128 30.77 -11.86 15.59
N SER A 129 31.46 -12.89 16.09
CA SER A 129 30.83 -14.03 16.74
C SER A 129 31.68 -14.46 17.92
N ARG A 130 31.04 -15.08 18.90
CA ARG A 130 31.73 -15.46 20.12
C ARG A 130 32.81 -16.51 19.87
N GLU A 131 32.47 -17.57 19.13
CA GLU A 131 33.40 -18.67 18.95
C GLU A 131 34.62 -18.24 18.15
N ASN A 132 34.42 -17.41 17.11
CA ASN A 132 35.57 -16.91 16.35
C ASN A 132 36.46 -16.04 17.23
N MET A 133 35.84 -15.22 18.09
CA MET A 133 36.62 -14.40 19.01
C MET A 133 37.46 -15.27 19.94
N THR A 134 36.86 -16.34 20.47
CA THR A 134 37.60 -17.23 21.35
C THR A 134 38.74 -17.92 20.60
N ALA A 135 38.48 -18.35 19.37
CA ALA A 135 39.51 -19.00 18.58
C ALA A 135 40.68 -18.05 18.34
N LEU A 136 40.40 -16.83 17.91
CA LEU A 136 41.46 -15.86 17.71
C LEU A 136 42.22 -15.58 19.01
N VAL A 137 41.49 -15.43 20.11
CA VAL A 137 42.13 -15.07 21.37
C VAL A 137 43.09 -16.17 21.82
N ASP A 138 42.63 -17.42 21.83
CA ASP A 138 43.52 -18.48 22.32
C ASP A 138 44.63 -18.78 21.32
N GLY A 139 44.37 -18.62 20.03
CA GLY A 139 45.45 -18.75 19.05
C GLY A 139 46.53 -17.71 19.25
N TYR A 140 46.14 -16.47 19.57
CA TYR A 140 47.13 -15.46 19.89
C TYR A 140 47.84 -15.77 21.20
N GLN A 141 47.11 -16.33 22.17
CA GLN A 141 47.66 -16.58 23.49
C GLN A 141 48.45 -17.88 23.57
N THR A 142 48.57 -18.62 22.47
CA THR A 142 49.41 -19.81 22.47
C THR A 142 50.82 -19.50 22.95
N SER A 143 51.35 -18.32 22.64
CA SER A 143 52.70 -17.95 23.04
C SER A 143 52.74 -16.73 23.94
N GLN A 144 51.96 -15.69 23.64
CA GLN A 144 52.01 -14.43 24.40
C GLN A 144 50.73 -14.29 25.21
N THR A 145 50.87 -13.94 26.48
CA THR A 145 49.71 -13.79 27.35
C THR A 145 49.08 -12.42 27.18
N LEU A 146 47.77 -12.35 27.42
CA LEU A 146 47.03 -11.10 27.43
C LEU A 146 46.70 -10.74 28.87
N GLN A 147 47.13 -9.55 29.30
CA GLN A 147 46.92 -9.12 30.66
C GLN A 147 45.44 -8.81 30.91
N ILE A 148 45.04 -8.86 32.17
CA ILE A 148 43.71 -8.41 32.56
C ILE A 148 43.64 -6.91 32.32
N GLY A 149 42.56 -6.47 31.68
CA GLY A 149 42.43 -5.08 31.30
C GLY A 149 42.59 -4.95 29.81
N GLU A 150 43.58 -5.65 29.24
CA GLU A 150 43.57 -5.87 27.81
C GLU A 150 42.40 -6.74 27.40
N LEU A 151 42.23 -7.88 28.08
CA LEU A 151 41.20 -8.84 27.70
C LEU A 151 39.81 -8.26 27.92
N TRP A 152 39.68 -7.25 28.78
CA TRP A 152 38.42 -6.54 28.92
C TRP A 152 38.16 -5.58 27.78
N ALA A 153 39.21 -5.07 27.14
CA ALA A 153 39.09 -4.00 26.17
C ALA A 153 38.81 -4.51 24.75
N LEU A 154 38.84 -5.82 24.51
CA LEU A 154 38.60 -6.31 23.16
C LEU A 154 37.23 -5.92 22.61
N PRO A 155 36.11 -6.07 23.34
CA PRO A 155 34.83 -5.66 22.75
C PRO A 155 34.78 -4.19 22.38
N SER A 156 35.35 -3.31 23.19
CA SER A 156 35.31 -1.88 22.89
C SER A 156 36.22 -1.54 21.72
N ILE A 157 37.40 -2.16 21.66
CA ILE A 157 38.29 -1.95 20.51
C ILE A 157 37.62 -2.44 19.24
N ILE A 158 36.92 -3.56 19.31
CA ILE A 158 36.20 -4.07 18.15
C ILE A 158 35.12 -3.08 17.74
N ARG A 159 34.41 -2.50 18.71
CA ARG A 159 33.41 -1.48 18.39
C ARG A 159 34.05 -0.29 17.69
N PHE A 160 35.23 0.14 18.17
CA PHE A 160 35.92 1.26 17.55
C PHE A 160 36.27 0.96 16.10
N VAL A 161 36.83 -0.22 15.85
CA VAL A 161 37.20 -0.57 14.47
C VAL A 161 35.97 -0.66 13.59
N LEU A 162 34.89 -1.25 14.10
CA LEU A 162 33.65 -1.34 13.34
C LEU A 162 33.11 0.04 13.00
N ILE A 163 33.14 0.97 13.96
CA ILE A 163 32.57 2.29 13.68
C ILE A 163 33.45 3.05 12.69
N GLU A 164 34.77 2.85 12.74
CA GLU A 164 35.64 3.45 11.73
C GLU A 164 35.31 2.91 10.34
N ASN A 165 35.13 1.59 10.23
CA ASN A 165 34.77 0.99 8.96
C ASN A 165 33.45 1.54 8.44
N LEU A 166 32.45 1.66 9.32
CA LEU A 166 31.17 2.17 8.91
C LEU A 166 31.28 3.62 8.44
N ARG A 167 32.10 4.42 9.11
CA ARG A 167 32.28 5.80 8.67
C ARG A 167 32.85 5.86 7.26
N ARG A 168 33.91 5.07 7.01
CA ARG A 168 34.49 5.06 5.67
C ARG A 168 33.46 4.66 4.62
N ILE A 169 32.74 3.57 4.85
CA ILE A 169 31.77 3.10 3.87
C ILE A 169 30.65 4.09 3.67
N SER A 170 30.15 4.71 4.75
CA SER A 170 29.05 5.66 4.62
C SER A 170 29.47 6.88 3.81
N ILE A 171 30.68 7.41 4.07
CA ILE A 171 31.14 8.55 3.27
C ILE A 171 31.22 8.17 1.81
N ARG A 172 31.78 6.99 1.52
CA ARG A 172 31.92 6.59 0.12
C ARG A 172 30.57 6.44 -0.57
N VAL A 173 29.59 5.83 0.11
CA VAL A 173 28.30 5.63 -0.54
C VAL A 173 27.57 6.95 -0.73
N GLU A 174 27.67 7.87 0.23
CA GLU A 174 27.06 9.18 0.03
C GLU A 174 27.70 9.91 -1.15
N ARG A 175 29.02 9.87 -1.26
N ARG A 175 29.02 9.87 -1.26
CA ARG A 175 29.68 10.51 -2.40
CA ARG A 175 29.69 10.50 -2.39
C ARG A 175 29.27 9.87 -3.72
C ARG A 175 29.28 9.87 -3.71
N SER A 176 29.15 8.54 -3.74
CA SER A 176 28.72 7.86 -4.96
C SER A 176 27.30 8.27 -5.35
N ARG A 177 26.39 8.40 -4.38
CA ARG A 177 25.05 8.84 -4.69
C ARG A 177 25.03 10.26 -5.28
N ARG A 178 25.82 11.16 -4.69
CA ARG A 178 25.89 12.51 -5.25
C ARG A 178 26.45 12.49 -6.66
N MET A 179 27.49 11.69 -6.91
CA MET A 179 28.02 11.59 -8.27
C MET A 179 26.98 11.02 -9.23
N ARG A 180 26.17 10.06 -8.78
CA ARG A 180 25.14 9.50 -9.65
C ARG A 180 24.14 10.57 -10.06
N GLN A 181 23.68 11.38 -9.10
CA GLN A 181 22.72 12.41 -9.49
C GLN A 181 23.36 13.47 -10.37
N LYS A 182 24.63 13.79 -10.14
CA LYS A 182 25.34 14.72 -11.02
C LYS A 182 25.42 14.18 -12.44
N ALA A 183 25.70 12.88 -12.58
CA ALA A 183 25.74 12.26 -13.90
C ALA A 183 24.38 12.32 -14.58
N ASN A 184 23.32 12.05 -13.83
CA ASN A 184 21.98 12.14 -14.42
C ASN A 184 21.70 13.54 -14.92
N GLU A 185 22.03 14.56 -14.12
CA GLU A 185 21.78 15.93 -14.54
C GLU A 185 22.59 16.29 -15.79
N VAL A 186 23.86 15.90 -15.82
CA VAL A 186 24.72 16.27 -16.95
C VAL A 186 24.24 15.60 -18.22
N VAL A 187 23.93 14.31 -18.16
CA VAL A 187 23.49 13.62 -19.37
C VAL A 187 22.13 14.13 -19.81
N ASP A 188 21.26 14.53 -18.88
CA ASP A 188 20.01 15.15 -19.27
C ASP A 188 20.24 16.47 -20.00
N GLU A 189 21.18 17.28 -19.52
CA GLU A 189 21.49 18.51 -20.23
C GLU A 189 22.04 18.24 -21.62
N ILE A 190 22.87 17.20 -21.75
CA ILE A 190 23.39 16.84 -23.08
C ILE A 190 22.25 16.43 -24.01
N ILE A 191 21.31 15.63 -23.50
CA ILE A 191 20.23 15.16 -24.37
C ILE A 191 19.21 16.27 -24.64
N ARG A 192 19.17 17.31 -23.80
CA ARG A 192 18.20 18.38 -24.02
C ARG A 192 18.64 19.29 -25.16
N LEU A 193 19.93 19.37 -25.44
CA LEU A 193 20.45 20.08 -26.60
C LEU A 193 20.73 19.10 -27.72
N ASN A 194 20.15 19.36 -28.88
CA ASN A 194 20.41 18.51 -30.05
C ASN A 194 21.75 18.81 -30.70
N ASP A 195 22.18 20.08 -30.67
CA ASP A 195 23.44 20.46 -31.28
C ASP A 195 24.62 19.91 -30.48
N ALA A 196 25.72 19.66 -31.18
CA ALA A 196 26.95 19.17 -30.57
C ALA A 196 27.94 20.29 -30.27
N GLU A 197 27.55 21.55 -30.49
CA GLU A 197 28.44 22.67 -30.24
C GLU A 197 28.62 22.94 -28.75
N ALA A 198 27.55 22.79 -27.95
CA ALA A 198 27.63 23.01 -26.52
C ALA A 198 27.94 21.74 -25.73
N SER A 199 27.73 20.58 -26.34
CA SER A 199 28.02 19.32 -25.66
C SER A 199 29.50 19.21 -25.33
N ALA A 200 30.38 19.61 -26.26
CA ALA A 200 31.81 19.57 -26.01
C ALA A 200 32.18 20.49 -24.84
N ALA A 201 31.61 21.70 -24.81
CA ALA A 201 31.90 22.61 -23.71
C ALA A 201 31.44 22.04 -22.38
N LEU A 202 30.24 21.46 -22.34
CA LEU A 202 29.75 20.88 -21.09
C LEU A 202 30.62 19.71 -20.65
N LEU A 203 31.03 18.86 -21.59
CA LEU A 203 31.89 17.74 -21.23
C LEU A 203 33.25 18.23 -20.73
N LYS A 204 33.76 19.31 -21.32
CA LYS A 204 34.99 19.90 -20.81
C LYS A 204 34.81 20.41 -19.38
N GLN A 205 33.65 21.01 -19.09
CA GLN A 205 33.36 21.44 -17.73
C GLN A 205 33.34 20.25 -16.77
N VAL A 206 32.70 19.15 -17.18
CA VAL A 206 32.50 18.00 -16.30
C VAL A 206 33.72 17.08 -16.25
N ASP A 207 34.73 17.32 -17.09
CA ASP A 207 35.88 16.43 -17.20
C ASP A 207 36.59 16.20 -15.87
N SER A 208 36.48 17.13 -14.93
CA SER A 208 37.16 16.97 -13.64
C SER A 208 36.58 15.83 -12.81
N LEU A 209 35.39 15.34 -13.15
CA LEU A 209 34.68 14.35 -12.34
C LEU A 209 34.26 13.17 -13.21
N VAL A 210 35.17 12.68 -14.04
CA VAL A 210 34.88 11.56 -14.93
C VAL A 210 35.75 10.37 -14.54
N ASP A 211 36.89 10.65 -13.90
CA ASP A 211 37.78 9.58 -13.49
C ASP A 211 37.13 8.64 -12.49
N ASP A 212 36.27 9.14 -11.62
CA ASP A 212 35.61 8.29 -10.64
C ASP A 212 34.66 7.31 -11.34
N PRO A 213 34.71 6.02 -11.02
CA PRO A 213 33.90 5.05 -11.77
C PRO A 213 32.42 5.12 -11.46
N THR A 214 32.01 5.78 -10.39
CA THR A 214 30.59 5.89 -10.06
C THR A 214 29.88 6.94 -10.91
N PHE A 215 30.63 7.76 -11.64
CA PHE A 215 30.06 8.73 -12.56
C PHE A 215 29.84 8.19 -13.96
N ALA A 216 30.88 7.64 -14.57
CA ALA A 216 30.79 7.14 -15.93
C ALA A 216 29.94 5.88 -16.05
N THR A 217 29.58 5.25 -14.94
CA THR A 217 28.74 4.07 -14.99
C THR A 217 27.29 4.38 -15.38
N GLN A 218 26.69 5.41 -14.79
CA GLN A 218 25.38 5.88 -15.19
C GLN A 218 25.39 6.62 -16.52
N PHE A 219 26.44 7.38 -16.79
CA PHE A 219 26.56 8.11 -18.05
C PHE A 219 26.38 7.18 -19.24
N LEU A 220 27.07 6.03 -19.20
CA LEU A 220 26.99 5.08 -20.31
C LEU A 220 25.65 4.36 -20.34
N TYR A 221 25.13 3.97 -19.17
CA TYR A 221 23.81 3.34 -19.15
C TYR A 221 22.69 4.29 -19.58
N ARG A 222 22.88 5.59 -19.43
CA ARG A 222 21.84 6.48 -19.89
C ARG A 222 22.04 6.95 -21.31
N LEU A 223 23.26 6.85 -21.85
CA LEU A 223 23.45 7.22 -23.25
C LEU A 223 23.26 6.05 -24.20
N ARG A 224 23.70 4.85 -23.82
CA ARG A 224 23.63 3.71 -24.72
C ARG A 224 22.20 3.20 -24.87
N ASN A 225 21.45 3.17 -23.76
CA ASN A 225 20.09 2.64 -23.74
C ASN A 225 19.14 3.80 -23.45
N GLY A 226 18.75 4.52 -24.50
CA GLY A 226 17.88 5.67 -24.34
C GLY A 226 16.89 5.82 -25.46
N SER A 227 16.47 7.06 -25.73
CA SER A 227 15.50 7.32 -26.78
C SER A 227 16.12 8.11 -27.92
N GLN A 228 16.74 9.25 -27.59
CA GLN A 228 17.39 10.08 -28.60
C GLN A 228 18.89 9.83 -28.69
N THR A 229 19.45 9.14 -27.71
CA THR A 229 20.82 8.59 -27.62
C THR A 229 21.84 9.67 -27.96
N SER A 230 23.03 9.23 -28.37
CA SER A 230 24.20 10.08 -28.57
C SER A 230 25.09 9.49 -29.66
N GLY A 231 26.38 9.81 -29.61
CA GLY A 231 27.30 9.42 -30.65
C GLY A 231 28.42 10.41 -30.81
N PHE A 232 28.31 11.54 -30.12
CA PHE A 232 29.45 12.41 -29.87
C PHE A 232 29.97 12.31 -28.44
N ALA A 233 29.07 12.32 -27.45
CA ALA A 233 29.49 12.17 -26.06
C ALA A 233 29.93 10.76 -25.76
N VAL A 234 29.27 9.75 -26.33
CA VAL A 234 29.66 8.37 -26.09
C VAL A 234 31.05 8.11 -26.62
N ALA A 235 31.36 8.62 -27.81
CA ALA A 235 32.70 8.46 -28.36
C ALA A 235 33.75 9.13 -27.47
N TRP A 236 33.44 10.32 -26.95
CA TRP A 236 34.37 11.01 -26.06
C TRP A 236 34.62 10.23 -24.79
N LEU A 237 33.55 9.71 -24.18
CA LEU A 237 33.71 8.91 -22.97
C LEU A 237 34.48 7.63 -23.25
N GLU A 238 34.20 6.97 -24.38
CA GLU A 238 34.94 5.77 -24.74
C GLU A 238 36.41 6.07 -24.92
N GLU A 239 36.74 7.18 -25.59
CA GLU A 239 38.13 7.56 -25.76
C GLU A 239 38.80 7.83 -24.44
N ARG A 240 38.12 8.56 -23.54
CA ARG A 240 38.70 8.85 -22.24
C ARG A 240 38.94 7.58 -21.43
N LEU A 241 38.00 6.65 -21.45
CA LEU A 241 38.16 5.43 -20.66
C LEU A 241 39.13 4.44 -21.31
N HIS A 242 39.30 4.49 -22.63
CA HIS A 242 40.31 3.68 -23.28
C HIS A 242 41.71 4.25 -23.05
N ALA A 243 41.81 5.57 -22.90
CA ALA A 243 43.06 6.16 -22.47
C ALA A 243 43.33 5.79 -21.01
N ALA A 244 44.61 5.81 -20.65
CA ALA A 244 45.08 5.41 -19.33
C ALA A 244 44.79 3.94 -19.03
N GLY A 245 44.48 3.15 -20.06
CA GLY A 245 44.28 1.73 -19.91
C GLY A 245 43.20 1.33 -18.93
N THR A 246 41.95 1.68 -19.23
CA THR A 246 40.85 1.35 -18.33
C THR A 246 39.73 0.63 -19.08
N ASP A 247 39.62 0.91 -20.38
CA ASP A 247 38.56 0.32 -21.22
C ASP A 247 37.21 0.73 -20.62
N ALA A 248 36.16 -0.03 -20.91
CA ALA A 248 34.85 0.23 -20.32
C ALA A 248 34.26 -0.96 -19.60
N GLU A 249 34.54 -2.19 -20.03
CA GLU A 249 34.01 -3.35 -19.32
C GLU A 249 34.57 -3.47 -17.91
N ASN A 250 35.80 -2.98 -17.69
CA ASN A 250 36.35 -3.01 -16.34
C ASN A 250 35.53 -2.15 -15.38
N VAL A 251 35.19 -0.93 -15.82
CA VAL A 251 34.31 -0.08 -15.01
C VAL A 251 32.91 -0.68 -14.94
N MET A 252 32.47 -1.35 -16.00
CA MET A 252 31.17 -2.01 -15.97
C MET A 252 31.12 -3.08 -14.87
N MET A 253 32.18 -3.90 -14.76
CA MET A 253 32.22 -4.98 -13.77
C MET A 253 32.49 -4.46 -12.36
N SER A 254 33.21 -3.33 -12.24
CA SER A 254 33.56 -2.84 -10.91
C SER A 254 32.32 -2.53 -10.09
N GLU A 255 31.25 -2.04 -10.72
CA GLU A 255 30.08 -1.64 -9.95
C GLU A 255 29.22 -2.84 -9.53
N HIS A 256 29.40 -3.99 -10.17
CA HIS A 256 28.75 -5.19 -9.64
C HIS A 256 29.29 -5.54 -8.26
N ASN A 257 30.59 -5.42 -8.05
CA ASN A 257 31.20 -5.42 -6.72
C ASN A 257 31.18 -3.99 -6.20
N ARG A 258 31.92 -3.65 -5.14
CA ARG A 258 31.87 -2.32 -4.54
C ARG A 258 30.48 -2.06 -3.98
N LEU A 259 29.49 -1.87 -4.86
CA LEU A 259 28.12 -1.62 -4.41
C LEU A 259 27.60 -2.80 -3.60
N ALA A 260 27.69 -4.01 -4.15
CA ALA A 260 27.25 -5.19 -3.42
C ALA A 260 28.10 -5.40 -2.17
N SER A 261 29.41 -5.21 -2.28
CA SER A 261 30.27 -5.31 -1.11
C SER A 261 29.92 -4.27 -0.07
N GLY A 262 29.61 -3.05 -0.50
CA GLY A 262 29.18 -2.03 0.45
C GLY A 262 27.92 -2.43 1.20
N ASN A 263 26.91 -2.94 0.47
CA ASN A 263 25.69 -3.39 1.13
C ASN A 263 25.98 -4.49 2.14
N VAL A 264 26.75 -5.50 1.72
CA VAL A 264 27.01 -6.64 2.58
C VAL A 264 27.78 -6.22 3.82
N THR A 265 28.79 -5.36 3.65
CA THR A 265 29.58 -4.92 4.79
C THR A 265 28.76 -4.07 5.76
N MET A 266 27.89 -3.20 5.25
CA MET A 266 27.03 -2.45 6.16
C MET A 266 26.11 -3.38 6.94
N GLY A 267 25.51 -4.36 6.26
CA GLY A 267 24.67 -5.32 6.98
C GLY A 267 25.44 -6.09 8.03
N ASN A 268 26.65 -6.54 7.69
CA ASN A 268 27.48 -7.27 8.64
C ASN A 268 27.85 -6.40 9.83
N ILE A 269 28.16 -5.12 9.58
CA ILE A 269 28.51 -4.22 10.67
C ILE A 269 27.34 -4.04 11.62
N VAL A 270 26.14 -3.85 11.07
CA VAL A 270 24.95 -3.70 11.92
C VAL A 270 24.72 -4.96 12.74
N LYS A 271 24.79 -6.13 12.11
CA LYS A 271 24.61 -7.37 12.84
C LYS A 271 25.65 -7.54 13.94
N SER A 272 26.90 -7.23 13.66
CA SER A 272 27.96 -7.40 14.65
C SER A 272 27.78 -6.44 15.81
N LEU A 273 27.40 -5.19 15.54
CA LEU A 273 27.15 -4.25 16.63
C LEU A 273 26.00 -4.73 17.51
N ARG A 274 24.92 -5.22 16.89
CA ARG A 274 23.81 -5.76 17.66
C ARG A 274 24.26 -6.94 18.51
N GLU A 275 25.04 -7.85 17.92
CA GLU A 275 25.48 -9.05 18.64
C GLU A 275 26.38 -8.69 19.81
N ILE A 276 27.30 -7.74 19.61
CA ILE A 276 28.16 -7.32 20.70
C ILE A 276 27.33 -6.69 21.81
N ASP A 277 26.31 -5.92 21.44
CA ASP A 277 25.40 -5.39 22.45
C ASP A 277 24.58 -6.48 23.13
N ASP A 278 24.45 -7.65 22.50
CA ASP A 278 23.60 -8.71 23.02
C ASP A 278 24.33 -9.65 24.00
N THR A 279 25.51 -10.14 23.64
CA THR A 279 26.16 -11.16 24.44
C THR A 279 26.68 -10.58 25.76
N GLU A 280 27.01 -11.49 26.68
CA GLU A 280 27.47 -11.14 28.02
C GLU A 280 28.96 -11.41 28.14
N TRP A 281 29.73 -10.36 28.43
CA TRP A 281 31.18 -10.45 28.44
C TRP A 281 31.68 -10.73 29.86
N SER A 282 31.08 -11.74 30.47
CA SER A 282 31.57 -12.22 31.76
C SER A 282 31.99 -13.68 31.64
N VAL A 283 31.12 -14.51 31.05
CA VAL A 283 31.49 -15.90 30.80
C VAL A 283 32.62 -15.98 29.78
N TRP A 284 32.61 -15.10 28.77
CA TRP A 284 33.67 -15.11 27.77
C TRP A 284 35.01 -14.82 28.41
N PHE A 285 35.07 -13.79 29.26
CA PHE A 285 36.31 -13.49 29.96
C PHE A 285 36.68 -14.58 30.95
N GLU A 286 35.69 -15.22 31.57
CA GLU A 286 35.98 -16.32 32.47
C GLU A 286 36.64 -17.48 31.75
N GLU A 287 36.24 -17.73 30.50
CA GLU A 287 36.79 -18.90 29.80
C GLU A 287 38.07 -18.60 29.03
N VAL A 288 38.24 -17.38 28.50
CA VAL A 288 39.38 -17.14 27.61
C VAL A 288 40.62 -16.62 28.33
N SER A 289 40.55 -16.37 29.63
CA SER A 289 41.67 -15.80 30.36
C SER A 289 42.54 -16.92 30.93
N HIS A 290 43.86 -16.75 30.82
CA HIS A 290 44.77 -17.72 31.40
C HIS A 290 44.82 -17.64 32.93
N ILE A 291 44.63 -16.46 33.52
CA ILE A 291 44.69 -16.34 34.96
C ILE A 291 43.54 -17.05 35.66
N ASP A 292 42.38 -17.17 35.01
CA ASP A 292 41.33 -17.99 35.56
C ASP A 292 41.53 -19.48 35.32
N LYS A 293 42.40 -19.84 34.38
CA LYS A 293 42.81 -21.24 34.27
C LYS A 293 43.63 -21.67 35.47
N VAL A 294 44.17 -20.72 36.24
CA VAL A 294 44.88 -21.03 37.47
C VAL A 294 43.93 -21.12 38.66
N LEU A 295 42.99 -20.20 38.76
CA LEU A 295 42.12 -20.12 39.92
C LEU A 295 40.88 -21.00 39.82
N ARG A 296 40.45 -21.39 38.63
CA ARG A 296 39.29 -22.26 38.49
C ARG A 296 39.56 -23.67 39.02
N GLU A 297 40.83 -23.98 39.28
CA GLU A 297 41.20 -25.26 39.87
C GLU A 297 42.02 -24.99 41.13
N GLU A 298 41.88 -25.90 42.10
CA GLU A 298 42.68 -25.94 43.32
C GLU A 298 42.27 -24.89 44.34
N THR A 299 41.37 -23.97 43.99
CA THR A 299 40.89 -22.99 44.96
C THR A 299 39.42 -22.69 44.66
N ASP A 300 38.75 -22.15 45.66
CA ASP A 300 37.31 -21.88 45.60
C ASP A 300 37.00 -20.58 44.87
N TYR A 301 37.53 -20.44 43.66
CA TYR A 301 37.32 -19.21 42.91
C TYR A 301 36.06 -19.26 42.07
N GLU A 302 35.66 -20.44 41.59
CA GLU A 302 34.53 -20.51 40.67
C GLU A 302 33.18 -20.28 41.34
N ILE A 303 33.09 -20.37 42.66
CA ILE A 303 31.84 -20.03 43.34
C ILE A 303 32.11 -18.98 44.41
N LEU A 304 32.07 -17.72 44.02
CA LEU A 304 32.33 -16.64 44.95
C LEU A 304 31.50 -15.41 44.59
N ASP A 305 30.49 -15.61 43.73
CA ASP A 305 29.70 -14.50 43.17
C ASP A 305 30.57 -13.60 42.31
N PHE A 306 29.96 -12.89 41.35
CA PHE A 306 30.74 -12.15 40.38
C PHE A 306 31.52 -11.00 41.00
N GLY A 307 30.91 -10.28 41.94
CA GLY A 307 31.58 -9.12 42.52
C GLY A 307 32.86 -9.49 43.23
N SER A 308 32.84 -10.58 44.00
CA SER A 308 34.04 -10.97 44.74
C SER A 308 35.14 -11.46 43.79
N ARG A 309 34.76 -12.21 42.75
CA ARG A 309 35.74 -12.62 41.76
C ARG A 309 36.37 -11.41 41.09
N ASN A 310 35.55 -10.41 40.77
CA ASN A 310 36.08 -9.21 40.13
C ASN A 310 37.02 -8.46 41.07
N THR A 311 36.68 -8.41 42.36
CA THR A 311 37.58 -7.76 43.32
C THR A 311 38.90 -8.52 43.44
N TYR A 312 38.84 -9.86 43.41
CA TYR A 312 40.07 -10.64 43.43
C TYR A 312 40.93 -10.33 42.22
N ARG A 313 40.33 -10.28 41.04
CA ARG A 313 41.10 -9.95 39.84
C ARG A 313 41.68 -8.55 39.93
N ASN A 314 40.91 -7.60 40.44
CA ASN A 314 41.40 -6.23 40.56
C ASN A 314 42.59 -6.16 41.50
N THR A 315 42.52 -6.84 42.64
CA THR A 315 43.65 -6.85 43.56
C THR A 315 44.87 -7.49 42.93
N ILE A 316 44.68 -8.60 42.21
CA ILE A 316 45.80 -9.26 41.55
C ILE A 316 46.43 -8.34 40.51
N GLU A 317 45.60 -7.68 39.70
CA GLU A 317 46.12 -6.79 38.67
C GLU A 317 46.86 -5.61 39.29
N LEU A 318 46.32 -5.04 40.37
CA LEU A 318 47.00 -3.94 41.03
C LEU A 318 48.35 -4.37 41.59
N LEU A 319 48.39 -5.57 42.18
CA LEU A 319 49.67 -6.08 42.67
C LEU A 319 50.67 -6.29 41.54
N ALA A 320 50.23 -6.85 40.42
CA ALA A 320 51.14 -7.14 39.32
C ALA A 320 51.63 -5.88 38.61
N ARG A 321 50.79 -4.84 38.53
CA ARG A 321 51.21 -3.61 37.85
C ARG A 321 52.34 -2.92 38.59
N ARG A 322 52.17 -2.71 39.90
CA ARG A 322 53.15 -2.00 40.71
C ARG A 322 54.14 -2.96 41.36
N SER A 323 54.75 -3.82 40.56
CA SER A 323 55.72 -4.78 41.08
C SER A 323 56.46 -5.40 39.91
N PRO A 324 57.69 -5.87 40.10
CA PRO A 324 58.41 -6.51 38.99
C PRO A 324 57.86 -7.86 38.57
N ARG A 325 56.75 -8.30 39.14
CA ARG A 325 56.18 -9.60 38.81
C ARG A 325 54.98 -9.44 37.87
N THR A 326 54.72 -10.49 37.09
CA THR A 326 53.59 -10.47 36.17
C THR A 326 52.38 -11.14 36.82
N GLU A 327 51.29 -11.26 36.06
CA GLU A 327 50.01 -11.68 36.65
C GLU A 327 49.99 -13.15 36.99
N VAL A 328 50.48 -14.01 36.09
CA VAL A 328 50.39 -15.44 36.33
C VAL A 328 51.23 -15.83 37.55
N GLU A 329 52.44 -15.28 37.67
CA GLU A 329 53.30 -15.66 38.79
C GLU A 329 52.80 -15.05 40.09
N VAL A 330 52.17 -13.88 40.04
CA VAL A 330 51.62 -13.33 41.27
C VAL A 330 50.42 -14.14 41.73
N ALA A 331 49.58 -14.60 40.80
CA ALA A 331 48.49 -15.51 41.18
C ALA A 331 49.04 -16.81 41.75
N ARG A 332 50.10 -17.34 41.14
CA ARG A 332 50.71 -18.56 41.65
C ARG A 332 51.24 -18.38 43.06
N ALA A 333 51.91 -17.24 43.31
CA ALA A 333 52.45 -16.98 44.65
C ALA A 333 51.32 -16.82 45.67
N ALA A 334 50.23 -16.16 45.28
CA ALA A 334 49.08 -16.04 46.18
C ALA A 334 48.52 -17.42 46.51
N VAL A 335 48.39 -18.29 45.51
CA VAL A 335 47.89 -19.64 45.76
C VAL A 335 48.82 -20.39 46.71
N GLU A 336 50.14 -20.27 46.48
CA GLU A 336 51.10 -20.96 47.34
C GLU A 336 51.03 -20.46 48.78
N MET A 337 50.95 -19.15 48.97
CA MET A 337 50.88 -18.63 50.33
C MET A 337 49.57 -19.02 51.01
N ALA A 338 48.47 -19.01 50.27
CA ALA A 338 47.19 -19.45 50.84
C ALA A 338 47.25 -20.92 51.22
N ARG A 339 47.94 -21.74 50.43
CA ARG A 339 48.18 -23.13 50.84
C ARG A 339 48.98 -23.19 52.12
N SER A 340 50.04 -22.38 52.22
CA SER A 340 50.86 -22.35 53.41
C SER A 340 50.10 -21.85 54.63
N ASP A 341 48.98 -21.17 54.43
CA ASP A 341 48.12 -20.76 55.53
C ASP A 341 47.56 -21.92 56.34
N LEU A 342 47.44 -23.12 55.74
CA LEU A 342 46.81 -24.29 56.31
C LEU A 342 45.31 -24.03 56.47
N PRO A 343 44.45 -24.95 56.00
CA PRO A 343 43.01 -24.68 55.98
C PRO A 343 42.43 -24.38 57.35
N ALA A 344 42.54 -25.34 58.28
CA ALA A 344 42.00 -25.20 59.63
C ALA A 344 40.54 -24.78 59.60
N GLY A 345 39.68 -25.60 59.00
CA GLY A 345 38.27 -25.26 58.90
C GLY A 345 37.41 -26.50 58.88
N ALA A 346 36.12 -26.30 59.19
CA ALA A 346 35.17 -27.41 59.22
C ALA A 346 34.76 -27.81 57.81
N ASP A 347 34.13 -26.89 57.08
CA ASP A 347 33.80 -27.15 55.68
C ASP A 347 34.98 -26.90 54.77
N GLU A 348 35.89 -26.01 55.15
CA GLU A 348 37.03 -25.66 54.31
C GLU A 348 38.10 -26.72 54.51
N ASN A 349 37.76 -27.95 54.13
CA ASN A 349 38.66 -29.08 54.23
C ASN A 349 39.41 -29.35 52.93
N HIS A 350 38.76 -29.14 51.80
CA HIS A 350 39.37 -29.26 50.48
C HIS A 350 39.54 -27.86 49.91
N ARG A 351 40.00 -27.79 48.66
CA ARG A 351 40.24 -26.52 47.97
C ARG A 351 41.24 -25.67 48.73
N VAL A 352 41.38 -24.40 48.35
CA VAL A 352 42.31 -23.48 49.00
C VAL A 352 41.61 -22.14 49.15
N ASN A 353 41.67 -21.57 50.35
CA ASN A 353 41.12 -20.23 50.60
C ASN A 353 42.17 -19.21 50.19
N VAL A 354 42.02 -18.66 48.98
CA VAL A 354 43.00 -17.74 48.42
C VAL A 354 42.62 -16.31 48.81
N GLY A 355 41.51 -16.15 49.51
CA GLY A 355 41.01 -14.84 49.83
C GLY A 355 41.69 -14.20 51.03
N SER A 356 42.19 -15.02 51.94
CA SER A 356 42.87 -14.52 53.12
C SER A 356 44.24 -13.95 52.82
N VAL A 357 44.62 -13.89 51.54
CA VAL A 357 45.91 -13.35 51.12
C VAL A 357 45.77 -12.14 50.22
N LEU A 358 44.70 -12.04 49.43
CA LEU A 358 44.46 -10.86 48.62
C LEU A 358 43.71 -9.75 49.33
N VAL A 359 42.62 -10.06 50.02
CA VAL A 359 41.82 -9.04 50.70
C VAL A 359 41.62 -9.43 52.15
N GLY A 360 42.19 -10.57 52.54
CA GLY A 360 42.02 -11.05 53.90
C GLY A 360 42.90 -10.34 54.90
N GLN A 361 43.35 -11.05 55.93
CA GLN A 361 44.17 -10.49 56.99
C GLN A 361 45.66 -10.52 56.67
N ARG A 362 46.08 -11.40 55.76
CA ARG A 362 47.50 -11.52 55.41
C ARG A 362 47.83 -10.81 54.11
N ARG A 363 47.02 -9.83 53.70
CA ARG A 363 47.32 -9.08 52.49
C ARG A 363 48.65 -8.33 52.62
N PHE A 364 48.90 -7.74 53.79
CA PHE A 364 50.14 -6.98 53.97
C PHE A 364 51.36 -7.89 53.90
N GLU A 365 51.23 -9.15 54.31
CA GLU A 365 52.39 -10.04 54.31
C GLU A 365 52.87 -10.31 52.89
N LEU A 366 51.95 -10.72 52.01
CA LEU A 366 52.33 -10.91 50.60
C LEU A 366 52.71 -9.58 49.95
N GLU A 367 52.02 -8.50 50.29
CA GLU A 367 52.33 -7.21 49.72
C GLU A 367 53.78 -6.81 50.03
N LYS A 368 54.22 -7.03 51.26
CA LYS A 368 55.61 -6.76 51.62
C LYS A 368 56.57 -7.76 51.00
N ALA A 369 56.17 -9.03 50.90
CA ALA A 369 57.06 -10.05 50.36
C ALA A 369 57.34 -9.84 48.88
N LEU A 370 56.39 -9.25 48.15
CA LEU A 370 56.53 -9.12 46.70
C LEU A 370 57.08 -7.78 46.25
N GLY A 371 57.49 -6.92 47.17
CA GLY A 371 58.05 -5.64 46.78
C GLY A 371 57.05 -4.66 46.19
N TYR A 372 55.78 -4.80 46.55
CA TYR A 372 54.77 -3.86 46.10
C TYR A 372 55.05 -2.46 46.65
N ARG A 373 54.89 -1.45 45.79
CA ARG A 373 55.05 -0.07 46.21
C ARG A 373 53.68 0.55 46.38
N PRO A 374 53.25 0.86 47.60
CA PRO A 374 51.90 1.40 47.79
C PRO A 374 51.77 2.80 47.21
N LEU A 375 50.51 3.16 46.91
CA LEU A 375 50.19 4.49 46.44
C LEU A 375 50.14 5.47 47.61
N ALA A 376 50.19 6.77 47.28
CA ALA A 376 49.99 7.79 48.31
C ALA A 376 48.60 7.68 48.91
N SER A 377 47.61 7.40 48.08
CA SER A 377 46.25 7.18 48.58
C SER A 377 46.20 6.01 49.54
N GLN A 378 46.85 4.89 49.18
CA GLN A 378 46.87 3.74 50.07
C GLN A 378 47.63 4.06 51.35
N HIS A 379 48.71 4.81 51.26
CA HIS A 379 49.47 5.18 52.44
C HIS A 379 48.63 6.01 53.41
N ILE A 380 47.94 7.03 52.89
CA ILE A 380 47.15 7.88 53.77
C ILE A 380 45.94 7.13 54.32
N VAL A 381 45.33 6.26 53.52
CA VAL A 381 44.21 5.47 54.03
C VAL A 381 44.68 4.55 55.15
N ARG A 382 45.83 3.90 54.98
CA ARG A 382 46.34 3.02 56.02
C ARG A 382 46.69 3.81 57.28
N SER A 383 47.26 5.01 57.12
CA SER A 383 47.55 5.83 58.29
C SER A 383 46.27 6.22 59.04
N MET A 384 45.25 6.64 58.30
CA MET A 384 43.99 7.00 58.94
C MET A 384 43.35 5.79 59.65
N ARG A 385 43.40 4.62 59.02
CA ARG A 385 42.89 3.41 59.66
C ARG A 385 43.68 3.09 60.92
N LYS A 386 45.00 3.31 60.89
CA LYS A 386 45.83 3.05 62.06
C LYS A 386 45.52 4.03 63.19
N PHE A 387 45.10 5.25 62.86
CA PHE A 387 44.75 6.21 63.90
C PHE A 387 43.31 6.05 64.37
N ASN A 388 42.74 4.86 64.16
CA ASN A 388 41.40 4.48 64.57
C ASN A 388 40.38 5.61 64.49
N TRP A 389 39.59 5.79 65.54
CA TRP A 389 38.53 6.80 65.54
C TRP A 389 39.06 8.21 65.62
N LEU A 390 40.33 8.39 66.02
CA LEU A 390 40.90 9.74 66.06
C LEU A 390 40.96 10.36 64.67
N ALA A 391 41.04 9.53 63.63
CA ALA A 391 41.07 10.02 62.26
C ALA A 391 39.77 10.68 61.82
N ILE A 392 38.67 10.43 62.54
CA ILE A 392 37.39 11.06 62.21
C ILE A 392 37.14 12.21 63.17
N ALA A 393 37.64 12.09 64.39
CA ALA A 393 37.45 13.12 65.39
C ALA A 393 38.32 14.35 65.16
N ALA A 394 39.58 14.15 64.79
CA ALA A 394 40.49 15.29 64.64
C ALA A 394 40.06 16.27 63.57
N PRO A 395 39.73 15.87 62.33
CA PRO A 395 39.34 16.88 61.35
C PRO A 395 38.07 17.62 61.70
N VAL A 396 37.08 16.92 62.27
CA VAL A 396 35.85 17.59 62.68
C VAL A 396 36.15 18.61 63.77
N LEU A 397 36.99 18.23 64.74
CA LEU A 397 37.34 19.16 65.81
C LEU A 397 38.10 20.37 65.28
N LEU A 398 39.01 20.15 64.32
CA LEU A 398 39.75 21.27 63.75
C LEU A 398 38.83 22.22 62.99
N ILE A 399 37.88 21.67 62.22
CA ILE A 399 36.95 22.52 61.50
C ILE A 399 36.08 23.31 62.46
N THR A 400 35.59 22.64 63.52
CA THR A 400 34.81 23.37 64.51
C THR A 400 35.63 24.47 65.15
N ALA A 401 36.89 24.21 65.48
CA ALA A 401 37.73 25.22 66.13
C ALA A 401 37.99 26.41 65.21
N VAL A 402 38.24 26.16 63.92
CA VAL A 402 38.46 27.28 63.02
C VAL A 402 37.18 28.09 62.86
N ALA A 403 36.03 27.41 62.88
CA ALA A 403 34.76 28.14 62.90
C ALA A 403 34.65 29.01 64.16
N MET A 404 35.03 28.46 65.32
CA MET A 404 35.01 29.22 66.56
C MET A 404 35.84 30.50 66.43
N LEU A 405 37.09 30.35 65.99
CA LEU A 405 37.95 31.52 65.91
C LEU A 405 37.45 32.54 64.89
N ALA A 406 36.96 32.08 63.73
CA ALA A 406 36.45 33.02 62.73
C ALA A 406 35.25 33.80 63.26
N VAL A 407 34.26 33.11 63.83
CA VAL A 407 33.08 33.81 64.32
C VAL A 407 33.42 34.69 65.53
N GLY A 408 34.36 34.27 66.38
CA GLY A 408 34.75 35.09 67.51
C GLY A 408 35.45 36.36 67.09
N TRP A 409 36.38 36.28 66.13
CA TRP A 409 37.07 37.49 65.70
C TRP A 409 36.16 38.40 64.90
N PHE A 410 35.30 37.85 64.04
CA PHE A 410 34.42 38.69 63.25
C PHE A 410 33.26 39.28 64.05
N LEU A 411 32.95 38.71 65.21
CA LEU A 411 31.82 39.20 66.00
C LEU A 411 32.23 39.52 67.42
N ALA A 412 33.33 40.27 67.59
CA ALA A 412 33.74 40.73 68.91
C ALA A 412 33.78 42.25 68.99
N LYS A 413 32.92 42.95 68.26
CA LYS A 413 32.99 44.40 68.15
C LYS A 413 31.85 45.09 68.88
N ALA A 414 31.14 44.37 69.77
CA ALA A 414 30.05 44.95 70.53
C ALA A 414 30.04 44.34 71.95
N GLY A 415 30.71 45.05 72.87
CA GLY A 415 30.75 44.62 74.26
C GLY A 415 31.28 43.22 74.43
N MET A 416 30.39 42.30 74.81
CA MET A 416 30.67 40.87 74.85
C MET A 416 31.86 40.62 75.77
N PRO A 417 31.70 40.84 77.09
CA PRO A 417 32.82 40.89 78.04
C PRO A 417 33.38 39.53 78.44
N TRP A 418 33.86 38.77 77.46
CA TRP A 418 34.65 37.56 77.68
C TRP A 418 33.83 36.43 78.31
N TYR A 419 32.55 36.69 78.59
CA TYR A 419 31.67 35.62 79.06
C TYR A 419 30.64 35.24 78.01
N VAL A 420 30.15 36.22 77.27
CA VAL A 420 29.27 35.94 76.14
C VAL A 420 30.01 35.12 75.09
N VAL A 421 31.34 35.27 75.04
CA VAL A 421 32.15 34.55 74.06
C VAL A 421 31.97 33.05 74.21
N THR A 422 32.12 32.54 75.44
CA THR A 422 32.06 31.09 75.66
C THR A 422 30.67 30.55 75.33
N ALA A 423 29.63 31.26 75.78
CA ALA A 423 28.27 30.80 75.51
C ALA A 423 27.98 30.74 74.02
N PHE A 424 28.31 31.80 73.29
CA PHE A 424 28.03 31.81 71.85
C PHE A 424 28.85 30.75 71.12
N LEU A 425 30.11 30.57 71.50
CA LEU A 425 30.92 29.55 70.85
C LEU A 425 30.37 28.15 71.10
N LEU A 426 30.00 27.86 72.35
CA LEU A 426 29.50 26.52 72.66
C LEU A 426 28.15 26.26 72.01
N MET A 427 27.32 27.29 71.86
CA MET A 427 26.03 27.10 71.19
C MET A 427 26.17 27.02 69.67
N PHE A 428 27.14 27.71 69.08
CA PHE A 428 27.38 27.62 67.65
C PHE A 428 28.18 26.39 67.26
N ALA A 429 28.77 25.69 68.23
CA ALA A 429 29.53 24.48 67.92
C ALA A 429 28.71 23.44 67.18
N LEU A 430 27.45 23.23 67.59
CA LEU A 430 26.68 22.12 67.05
C LEU A 430 26.36 22.27 65.58
N PRO A 431 25.82 23.39 65.09
CA PRO A 431 25.71 23.56 63.63
C PRO A 431 27.05 23.49 62.94
N ALA A 432 28.10 24.03 63.57
CA ALA A 432 29.44 23.90 63.03
C ALA A 432 29.87 22.44 62.99
N SER A 433 29.50 21.67 64.02
CA SER A 433 29.83 20.25 64.03
C SER A 433 29.15 19.52 62.88
N GLU A 434 27.88 19.84 62.63
CA GLU A 434 27.19 19.21 61.50
C GLU A 434 27.83 19.60 60.17
N GLY A 435 28.21 20.86 60.02
CA GLY A 435 28.90 21.27 58.81
C GLY A 435 30.22 20.54 58.62
N ALA A 436 30.98 20.38 59.71
CA ALA A 436 32.24 19.65 59.64
C ALA A 436 31.99 18.19 59.27
N THR A 437 30.96 17.57 59.84
CA THR A 437 30.65 16.19 59.50
C THR A 437 30.31 16.06 58.03
N GLY A 438 29.52 16.99 57.50
CA GLY A 438 29.19 16.96 56.08
C GLY A 438 30.41 17.13 55.19
N LEU A 439 31.29 18.06 55.56
CA LEU A 439 32.51 18.26 54.77
C LEU A 439 33.39 17.03 54.78
N PHE A 440 33.57 16.42 55.96
CA PHE A 440 34.39 15.22 56.05
C PHE A 440 33.78 14.08 55.24
N ASN A 441 32.46 13.92 55.31
CA ASN A 441 31.81 12.88 54.52
C ASN A 441 32.01 13.11 53.03
N THR A 442 31.89 14.35 52.58
CA THR A 442 32.08 14.64 51.16
C THR A 442 33.50 14.35 50.72
N LEU A 443 34.49 14.76 51.51
CA LEU A 443 35.87 14.49 51.14
C LEU A 443 36.16 13.00 51.10
N VAL A 444 35.67 12.25 52.09
CA VAL A 444 35.92 10.81 52.11
C VAL A 444 35.24 10.13 50.93
N THR A 445 33.99 10.49 50.65
CA THR A 445 33.28 9.82 49.56
C THR A 445 33.85 10.24 48.20
N PHE A 446 34.54 11.38 48.13
CA PHE A 446 35.15 11.78 46.88
C PHE A 446 36.52 11.15 46.69
N PHE A 447 37.22 10.81 47.76
CA PHE A 447 38.57 10.26 47.65
C PHE A 447 38.62 8.77 47.90
N VAL A 448 38.11 8.29 49.04
CA VAL A 448 38.24 6.88 49.39
C VAL A 448 37.14 6.07 48.70
N LYS A 449 37.54 4.98 48.05
CA LYS A 449 36.59 4.09 47.39
C LYS A 449 35.78 3.31 48.43
N PRO A 450 34.57 2.91 48.09
CA PRO A 450 33.75 2.14 49.04
C PRO A 450 34.31 0.74 49.28
N PHE A 451 33.90 0.16 50.40
CA PHE A 451 34.40 -1.13 50.85
C PHE A 451 33.32 -2.19 50.75
N ARG A 452 33.66 -3.30 50.08
CA ARG A 452 32.71 -4.38 49.81
C ARG A 452 33.16 -5.66 50.48
N LEU A 453 32.20 -6.42 50.98
CA LEU A 453 32.48 -7.71 51.59
C LEU A 453 32.62 -8.78 50.51
N VAL A 454 33.06 -9.96 50.94
CA VAL A 454 33.23 -11.12 50.06
C VAL A 454 32.34 -12.23 50.56
N GLY A 455 31.61 -12.87 49.64
CA GLY A 455 30.64 -13.89 50.01
C GLY A 455 30.41 -14.88 48.90
N TYR A 456 29.79 -15.99 49.26
CA TYR A 456 29.51 -17.09 48.34
C TYR A 456 28.34 -16.73 47.43
N GLU A 457 28.20 -17.51 46.36
CA GLU A 457 27.04 -17.43 45.47
C GLU A 457 26.25 -18.72 45.62
N PHE A 458 25.21 -18.68 46.42
CA PHE A 458 24.36 -19.86 46.64
C PHE A 458 23.43 -19.99 45.45
N LYS A 459 23.96 -20.54 44.36
CA LYS A 459 23.15 -20.70 43.15
C LYS A 459 22.14 -21.83 43.25
N ASN A 460 22.26 -22.69 44.26
CA ASN A 460 21.29 -23.74 44.51
C ASN A 460 20.51 -23.51 45.80
N GLY A 461 20.61 -22.33 46.39
CA GLY A 461 19.94 -22.02 47.63
C GLY A 461 20.85 -22.25 48.82
N ILE A 462 20.39 -21.75 49.96
CA ILE A 462 21.15 -21.83 51.21
C ILE A 462 21.27 -23.29 51.62
N PRO A 463 22.47 -23.79 51.87
CA PRO A 463 22.62 -25.21 52.18
C PRO A 463 22.44 -25.50 53.66
N GLU A 464 22.60 -26.77 54.04
CA GLU A 464 22.73 -27.16 55.43
C GLU A 464 24.00 -26.55 56.01
N ASP A 465 24.06 -26.50 57.34
CA ASP A 465 25.17 -25.88 58.08
C ASP A 465 25.11 -24.36 57.98
N ALA A 466 24.08 -23.85 57.31
CA ALA A 466 23.84 -22.41 57.26
C ALA A 466 22.36 -22.13 57.41
N ARG A 467 21.65 -23.00 58.13
CA ARG A 467 20.22 -22.83 58.32
C ARG A 467 19.92 -21.51 59.01
N THR A 468 18.98 -20.76 58.46
CA THR A 468 18.59 -19.47 59.00
C THR A 468 17.09 -19.42 59.15
N LEU A 469 16.63 -18.58 60.09
CA LEU A 469 15.21 -18.31 60.23
C LEU A 469 15.02 -16.80 60.36
N VAL A 470 13.94 -16.32 59.78
CA VAL A 470 13.58 -14.91 59.83
C VAL A 470 12.54 -14.75 60.92
N ALA A 471 12.90 -14.01 61.98
CA ALA A 471 12.05 -13.85 63.15
C ALA A 471 11.59 -12.39 63.21
N VAL A 472 10.45 -12.11 62.60
CA VAL A 472 9.89 -10.76 62.63
C VAL A 472 9.21 -10.54 63.97
N PRO A 473 9.61 -9.53 64.75
CA PRO A 473 8.91 -9.23 66.01
C PRO A 473 7.58 -8.56 65.72
N CYS A 474 6.50 -9.15 66.24
CA CYS A 474 5.16 -8.66 65.96
C CYS A 474 4.33 -8.68 67.24
N MET A 475 3.16 -8.04 67.15
CA MET A 475 2.28 -7.86 68.29
C MET A 475 0.90 -8.38 67.91
N LEU A 476 0.14 -8.88 68.89
CA LEU A 476 -1.18 -9.44 68.63
C LEU A 476 -2.30 -8.62 69.24
N THR A 477 -2.07 -7.34 69.51
CA THR A 477 -3.11 -6.46 70.05
C THR A 477 -3.94 -5.95 68.88
N SER A 478 -4.70 -6.86 68.28
CA SER A 478 -5.57 -6.52 67.15
C SER A 478 -6.56 -7.66 66.96
N ARG A 479 -7.41 -7.54 65.94
CA ARG A 479 -8.48 -8.49 65.68
C ARG A 479 -8.38 -9.10 64.29
N ASP A 480 -8.07 -8.27 63.30
CA ASP A 480 -8.01 -8.73 61.91
C ASP A 480 -6.68 -8.45 61.25
N SER A 481 -5.69 -7.94 61.98
CA SER A 481 -4.36 -7.73 61.43
C SER A 481 -3.56 -9.02 61.34
N VAL A 482 -4.09 -10.10 61.91
CA VAL A 482 -3.42 -11.39 61.80
C VAL A 482 -3.32 -11.81 60.33
N ASP A 483 -4.38 -11.57 59.56
CA ASP A 483 -4.32 -11.85 58.13
C ASP A 483 -3.24 -11.01 57.44
N GLU A 484 -3.12 -9.74 57.83
CA GLU A 484 -2.09 -8.88 57.27
C GLU A 484 -0.69 -9.41 57.60
N MET A 485 -0.48 -9.82 58.84
CA MET A 485 0.83 -10.29 59.25
C MET A 485 1.18 -11.61 58.57
N MET A 486 0.18 -12.49 58.44
CA MET A 486 0.39 -13.69 57.64
C MET A 486 0.79 -13.33 56.22
N ARG A 487 0.06 -12.41 55.57
CA ARG A 487 0.39 -12.04 54.20
C ARG A 487 1.82 -11.50 54.10
N ASN A 488 2.23 -10.70 55.08
CA ASN A 488 3.63 -10.29 55.14
C ASN A 488 4.54 -11.51 55.17
N ILE A 489 4.12 -12.56 55.87
CA ILE A 489 4.96 -13.75 55.95
C ILE A 489 5.06 -14.47 54.60
N GLU A 490 3.94 -14.62 53.88
CA GLU A 490 4.05 -15.26 52.56
C GLU A 490 4.90 -14.41 51.63
N VAL A 491 4.79 -13.08 51.72
CA VAL A 491 5.59 -12.24 50.85
C VAL A 491 7.08 -12.40 51.18
N HIS A 492 7.41 -12.42 52.46
CA HIS A 492 8.81 -12.64 52.86
C HIS A 492 9.31 -13.98 52.36
N TYR A 493 8.49 -15.02 52.45
CA TYR A 493 8.90 -16.32 51.93
C TYR A 493 9.11 -16.28 50.41
N LEU A 494 8.20 -15.62 49.69
CA LEU A 494 8.28 -15.59 48.24
C LEU A 494 9.42 -14.70 47.75
N ALA A 495 9.97 -13.84 48.61
CA ALA A 495 11.15 -13.08 48.23
C ALA A 495 12.33 -13.98 47.90
N ASN A 496 12.46 -15.11 48.59
CA ASN A 496 13.51 -16.10 48.28
C ASN A 496 13.06 -17.45 48.80
N PRO A 497 12.32 -18.21 48.01
CA PRO A 497 11.80 -19.49 48.49
C PRO A 497 12.86 -20.57 48.58
N HIS A 498 13.85 -20.53 47.69
CA HIS A 498 14.83 -21.60 47.61
C HIS A 498 15.77 -21.57 48.80
N GLY A 499 16.03 -22.73 49.38
CA GLY A 499 17.02 -22.89 50.42
C GLY A 499 16.45 -23.55 51.66
N GLU A 500 17.27 -23.56 52.70
CA GLU A 500 16.92 -24.10 54.02
C GLU A 500 16.56 -22.99 54.99
N ILE A 501 15.88 -21.96 54.53
CA ILE A 501 15.50 -20.83 55.36
C ILE A 501 14.10 -21.05 55.89
N TYR A 502 13.88 -20.63 57.14
CA TYR A 502 12.58 -20.72 57.80
C TYR A 502 12.08 -19.32 58.12
N PHE A 503 10.78 -19.21 58.38
CA PHE A 503 10.16 -17.91 58.66
C PHE A 503 9.29 -18.04 59.90
N SER A 504 9.86 -17.72 61.05
CA SER A 504 9.17 -17.87 62.33
C SER A 504 8.32 -16.63 62.60
N LEU A 505 7.78 -16.53 63.80
CA LEU A 505 6.96 -15.39 64.19
C LEU A 505 6.92 -15.34 65.72
N VAL A 506 7.14 -14.15 66.28
CA VAL A 506 7.18 -13.97 67.71
C VAL A 506 6.21 -12.86 68.10
N SER A 507 5.41 -13.11 69.13
CA SER A 507 4.24 -12.29 69.40
C SER A 507 4.03 -12.17 70.90
N ASP A 508 3.21 -11.20 71.29
CA ASP A 508 2.84 -10.93 72.67
C ASP A 508 1.63 -10.01 72.67
N TRP A 509 0.81 -10.08 73.71
CA TRP A 509 -0.38 -9.23 73.78
C TRP A 509 -0.17 -7.95 74.59
N ARG A 510 0.86 -7.18 74.28
CA ARG A 510 1.12 -5.87 74.89
C ARG A 510 1.29 -6.04 76.40
N ASP A 511 0.99 -5.00 77.16
CA ASP A 511 1.15 -5.00 78.61
C ASP A 511 -0.22 -4.97 79.29
N ALA A 512 -0.24 -5.49 80.52
CA ALA A 512 -1.46 -5.53 81.32
C ALA A 512 -1.05 -5.73 82.76
N PRO A 513 -1.71 -5.09 83.73
CA PRO A 513 -1.29 -5.24 85.13
C PRO A 513 -1.39 -6.66 85.66
N TYR A 514 -2.24 -7.49 85.05
CA TYR A 514 -2.40 -8.87 85.47
C TYR A 514 -1.42 -9.77 84.70
N GLU A 515 -1.41 -11.05 85.05
CA GLU A 515 -0.52 -12.02 84.41
C GLU A 515 -1.10 -12.50 83.09
N GLN A 516 -2.27 -13.13 83.14
CA GLN A 516 -2.91 -13.68 81.93
C GLN A 516 -4.40 -13.79 82.22
N SER A 517 -5.20 -12.98 81.55
CA SER A 517 -6.63 -12.91 81.81
C SER A 517 -7.41 -14.01 81.09
N ASP A 518 -6.74 -14.84 80.30
CA ASP A 518 -7.40 -15.91 79.55
C ASP A 518 -8.52 -15.35 78.69
N GLU A 519 -8.23 -14.25 77.99
CA GLU A 519 -9.22 -13.61 77.13
C GLU A 519 -8.79 -13.56 75.67
N ASP A 520 -7.51 -13.80 75.38
CA ASP A 520 -7.00 -13.80 74.01
C ASP A 520 -6.71 -15.22 73.52
N LEU A 521 -7.23 -16.24 74.20
CA LEU A 521 -7.02 -17.60 73.73
C LEU A 521 -7.69 -17.82 72.39
N GLU A 522 -8.82 -17.16 72.14
CA GLU A 522 -9.44 -17.25 70.83
C GLU A 522 -8.55 -16.63 69.76
N ILE A 523 -7.91 -15.50 70.08
CA ILE A 523 -6.97 -14.90 69.14
C ILE A 523 -5.82 -15.86 68.85
N LEU A 524 -5.28 -16.48 69.89
CA LEU A 524 -4.17 -17.42 69.71
C LEU A 524 -4.59 -18.62 68.87
N ASP A 525 -5.79 -19.16 69.13
CA ASP A 525 -6.27 -20.30 68.37
C ASP A 525 -6.51 -19.93 66.91
N TYR A 526 -7.07 -18.74 66.66
CA TYR A 526 -7.26 -18.28 65.28
C TYR A 526 -5.92 -18.15 64.56
N ALA A 527 -4.93 -17.56 65.23
CA ALA A 527 -3.61 -17.42 64.62
C ALA A 527 -2.99 -18.78 64.33
N LYS A 528 -3.10 -19.72 65.27
CA LYS A 528 -2.53 -21.04 65.07
C LYS A 528 -3.22 -21.77 63.93
N ARG A 529 -4.54 -21.66 63.83
CA ARG A 529 -5.24 -22.30 62.72
C ARG A 529 -4.82 -21.69 61.39
N GLU A 530 -4.69 -20.36 61.34
CA GLU A 530 -4.27 -19.71 60.10
C GLU A 530 -2.87 -20.16 59.69
N LEU A 531 -1.97 -20.25 60.66
CA LEU A 531 -0.60 -20.67 60.35
C LEU A 531 -0.55 -22.14 59.95
N ALA A 532 -1.41 -22.97 60.54
CA ALA A 532 -1.48 -24.36 60.11
C ALA A 532 -1.97 -24.45 58.67
N ALA A 533 -2.95 -23.64 58.31
CA ALA A 533 -3.40 -23.59 56.92
C ALA A 533 -2.28 -23.14 56.00
N LEU A 534 -1.50 -22.15 56.45
CA LEU A 534 -0.37 -21.68 55.66
C LEU A 534 0.67 -22.78 55.45
N ASN A 535 1.01 -23.51 56.51
CA ASN A 535 1.96 -24.61 56.37
C ASN A 535 1.44 -25.69 55.43
N SER A 536 0.15 -26.02 55.54
CA SER A 536 -0.42 -27.02 54.64
C SER A 536 -0.39 -26.55 53.20
N ARG A 537 -0.65 -25.27 52.96
CA ARG A 537 -0.64 -24.76 51.59
C ARG A 537 0.78 -24.68 51.02
N TYR A 538 1.76 -24.37 51.85
CA TYR A 538 3.16 -24.24 51.43
C TYR A 538 3.99 -25.29 52.16
N ALA A 539 4.07 -26.50 51.60
CA ALA A 539 4.89 -27.55 52.20
C ALA A 539 5.25 -28.54 51.10
N PHE A 540 6.52 -28.55 50.71
CA PHE A 540 7.01 -29.44 49.67
C PHE A 540 8.09 -30.34 50.26
N ASP A 541 8.03 -31.63 49.92
CA ASP A 541 8.98 -32.63 50.40
C ASP A 541 8.93 -32.75 51.93
N GLY A 542 7.76 -32.54 52.52
CA GLY A 542 7.57 -32.66 53.95
C GLY A 542 8.41 -31.71 54.76
N LYS A 543 8.20 -30.40 54.55
CA LYS A 543 8.98 -29.39 55.25
C LYS A 543 8.04 -28.31 55.76
N THR A 544 8.12 -28.04 57.06
CA THR A 544 7.32 -26.99 57.68
C THR A 544 8.12 -25.70 57.67
N ARG A 545 7.74 -24.76 56.81
CA ARG A 545 8.51 -23.55 56.58
C ARG A 545 8.11 -22.39 57.49
N PHE A 546 7.01 -22.49 58.22
CA PHE A 546 6.50 -21.37 58.99
C PHE A 546 6.26 -21.81 60.43
N TYR A 547 6.63 -20.95 61.37
CA TYR A 547 6.53 -21.24 62.79
C TYR A 547 5.98 -20.03 63.54
N LEU A 548 5.33 -20.32 64.66
CA LEU A 548 4.79 -19.27 65.52
C LEU A 548 5.34 -19.47 66.93
N LEU A 549 5.85 -18.40 67.53
CA LEU A 549 6.39 -18.43 68.88
C LEU A 549 5.74 -17.33 69.69
N HIS A 550 5.52 -17.60 70.98
CA HIS A 550 4.78 -16.68 71.83
C HIS A 550 5.38 -16.73 73.23
N ARG A 551 5.21 -15.63 73.96
CA ARG A 551 5.81 -15.48 75.28
C ARG A 551 4.73 -15.18 76.31
N ARG A 552 4.89 -15.73 77.51
CA ARG A 552 3.85 -15.79 78.53
C ARG A 552 3.71 -14.51 79.35
N ARG A 553 4.68 -13.59 79.25
CA ARG A 553 4.69 -12.34 80.01
C ARG A 553 4.96 -12.57 81.49
N ILE A 554 6.01 -11.92 82.02
CA ILE A 554 6.41 -12.07 83.41
C ILE A 554 6.48 -10.68 84.04
N TYR A 555 5.99 -10.57 85.27
CA TYR A 555 5.95 -9.28 85.94
C TYR A 555 7.35 -8.81 86.30
N ASN A 556 7.67 -7.58 85.92
CA ASN A 556 8.95 -6.98 86.28
C ASN A 556 8.75 -5.78 87.20
N SER A 557 7.98 -4.79 86.73
CA SER A 557 7.71 -3.59 87.50
C SER A 557 6.46 -2.90 86.96
N ALA A 558 6.26 -1.64 87.35
CA ALA A 558 5.18 -0.83 86.83
C ALA A 558 5.48 -0.44 85.38
N GLU A 559 4.64 0.40 84.80
CA GLU A 559 4.75 0.82 83.40
C GLU A 559 4.63 -0.38 82.46
N GLU A 560 5.72 -1.13 82.29
CA GLU A 560 5.69 -2.27 81.38
C GLU A 560 4.83 -3.41 81.90
N CYS A 561 4.51 -3.41 83.19
CA CYS A 561 3.64 -4.42 83.80
C CYS A 561 4.18 -5.83 83.60
N TRP A 562 3.57 -6.58 82.67
CA TRP A 562 3.91 -7.98 82.44
C TRP A 562 4.30 -8.15 80.97
N MET A 563 5.58 -7.96 80.65
CA MET A 563 6.08 -8.27 79.31
C MET A 563 7.44 -8.96 79.39
N GLY A 564 7.58 -9.93 80.29
CA GLY A 564 8.81 -10.70 80.36
C GLY A 564 9.94 -9.96 81.07
N TRP A 565 11.12 -10.59 81.01
CA TRP A 565 12.29 -10.01 81.66
C TRP A 565 12.64 -8.65 81.07
N GLU A 566 12.57 -8.54 79.74
CA GLU A 566 12.95 -7.30 79.07
C GLU A 566 12.02 -7.11 77.87
N ARG A 567 12.32 -6.08 77.08
CA ARG A 567 11.61 -5.80 75.84
C ARG A 567 12.13 -6.70 74.72
N LYS A 568 11.86 -6.32 73.46
CA LYS A 568 12.25 -7.11 72.30
C LYS A 568 13.65 -7.69 72.42
N ARG A 569 14.58 -6.98 73.08
CA ARG A 569 15.90 -7.56 73.33
C ARG A 569 15.79 -8.83 74.15
N GLY A 570 14.96 -8.82 75.20
CA GLY A 570 14.73 -10.03 75.97
C GLY A 570 14.12 -11.13 75.14
N LYS A 571 13.20 -10.77 74.23
CA LYS A 571 12.62 -11.75 73.32
C LYS A 571 13.70 -12.41 72.47
N LEU A 572 14.60 -11.61 71.89
CA LEU A 572 15.66 -12.15 71.06
C LEU A 572 16.62 -13.00 71.88
N HIS A 573 16.89 -12.60 73.12
CA HIS A 573 17.81 -13.38 73.95
C HIS A 573 17.19 -14.72 74.33
N GLU A 574 15.90 -14.73 74.64
CA GLU A 574 15.20 -15.98 74.92
C GLU A 574 15.16 -16.86 73.68
N LEU A 575 14.95 -16.27 72.50
CA LEU A 575 14.98 -17.04 71.27
C LEU A 575 16.36 -17.65 71.05
N ASN A 576 17.41 -16.89 71.31
CA ASN A 576 18.77 -17.42 71.20
C ASN A 576 18.99 -18.58 72.14
N MET A 577 18.50 -18.49 73.38
CA MET A 577 18.59 -19.64 74.27
C MET A 577 17.82 -20.83 73.71
N LEU A 578 16.61 -20.59 73.20
CA LEU A 578 15.74 -21.72 72.84
C LEU A 578 16.21 -22.42 71.58
N LEU A 579 16.86 -21.69 70.67
CA LEU A 579 17.41 -22.33 69.48
C LEU A 579 18.52 -23.31 69.80
N ARG A 580 19.40 -22.97 70.75
CA ARG A 580 20.55 -23.80 71.08
C ARG A 580 20.21 -24.87 72.10
N GLY A 581 18.96 -24.96 72.54
CA GLY A 581 18.56 -25.95 73.51
C GLY A 581 18.43 -25.37 74.90
N ASP A 582 17.20 -25.07 75.30
CA ASP A 582 16.93 -24.54 76.64
C ASP A 582 15.45 -24.73 76.89
N LYS A 583 15.12 -25.52 77.92
CA LYS A 583 13.73 -25.89 78.16
C LYS A 583 13.04 -25.00 79.18
N ASP A 584 13.78 -24.39 80.10
CA ASP A 584 13.20 -23.52 81.13
C ASP A 584 13.12 -22.09 80.60
N THR A 585 12.44 -21.95 79.47
CA THR A 585 12.23 -20.66 78.83
C THR A 585 10.96 -20.01 79.33
N THR A 586 10.55 -18.94 78.65
CA THR A 586 9.33 -18.24 79.00
C THR A 586 8.36 -18.25 77.83
N PHE A 587 8.30 -19.36 77.10
CA PHE A 587 7.43 -19.46 75.94
C PHE A 587 6.25 -20.37 76.26
N LEU A 588 5.35 -20.56 75.28
CA LEU A 588 4.12 -21.30 75.47
C LEU A 588 4.22 -22.69 74.86
N GLY A 589 3.68 -23.67 75.57
CA GLY A 589 3.60 -25.01 75.06
C GLY A 589 2.73 -25.06 73.82
N GLY A 590 3.18 -25.77 72.79
CA GLY A 590 2.50 -25.81 71.51
C GLY A 590 2.99 -24.75 70.54
N SER A 591 3.75 -23.78 71.02
CA SER A 591 4.31 -22.74 70.16
C SER A 591 5.76 -22.48 70.53
N ASN A 592 6.51 -23.54 70.79
CA ASN A 592 7.91 -23.43 71.19
C ASN A 592 8.73 -24.47 70.41
N ILE A 593 8.50 -24.56 69.10
CA ILE A 593 9.18 -25.51 68.24
C ILE A 593 10.02 -24.72 67.25
N VAL A 594 11.32 -25.01 67.21
CA VAL A 594 12.23 -24.29 66.32
C VAL A 594 13.06 -25.27 65.50
N PRO A 595 13.45 -24.89 64.29
CA PRO A 595 14.12 -25.83 63.39
C PRO A 595 15.50 -26.28 63.85
N ALA A 596 15.57 -27.17 64.84
CA ALA A 596 16.80 -27.87 65.19
C ALA A 596 17.88 -26.86 65.55
N ASP A 597 18.92 -26.68 64.74
CA ASP A 597 20.09 -25.90 65.14
C ASP A 597 19.99 -24.43 64.76
N VAL A 598 19.94 -24.15 63.45
CA VAL A 598 19.87 -22.79 62.92
C VAL A 598 21.08 -21.97 63.33
N LYS A 599 21.92 -21.61 62.37
CA LYS A 599 23.18 -20.95 62.67
C LYS A 599 23.10 -19.43 62.64
N TYR A 600 22.35 -18.84 61.71
CA TYR A 600 22.24 -17.39 61.60
C TYR A 600 20.77 -17.00 61.68
N VAL A 601 20.49 -15.89 62.35
CA VAL A 601 19.12 -15.42 62.54
C VAL A 601 19.00 -14.01 62.00
N MET A 602 18.02 -13.78 61.13
CA MET A 602 17.70 -12.45 60.64
C MET A 602 16.47 -11.92 61.35
N THR A 603 16.51 -10.64 61.71
CA THR A 603 15.45 -10.06 62.52
C THR A 603 14.33 -9.47 61.67
N LEU A 604 14.66 -8.49 60.84
CA LEU A 604 13.70 -7.81 59.96
C LEU A 604 12.62 -7.14 60.82
N ASP A 605 11.55 -6.65 60.20
CA ASP A 605 10.43 -6.03 60.91
C ASP A 605 9.18 -6.14 60.05
N ALA A 606 8.11 -5.51 60.52
CA ALA A 606 6.81 -5.65 59.89
C ALA A 606 6.70 -4.90 58.57
N ASP A 607 7.19 -3.66 58.52
CA ASP A 607 7.02 -2.82 57.33
C ASP A 607 8.24 -2.82 56.41
N THR A 608 9.39 -3.29 56.89
CA THR A 608 10.59 -3.34 56.07
C THR A 608 10.48 -4.47 55.06
N ARG A 609 10.47 -4.14 53.78
CA ARG A 609 10.25 -5.12 52.74
C ARG A 609 11.58 -5.57 52.14
N LEU A 610 11.70 -6.88 51.96
CA LEU A 610 12.91 -7.52 51.49
C LEU A 610 12.97 -7.49 49.96
N MET A 611 14.18 -7.51 49.43
CA MET A 611 14.41 -7.63 47.99
C MET A 611 14.49 -9.10 47.61
N ARG A 612 14.42 -9.37 46.31
CA ARG A 612 14.45 -10.74 45.82
C ARG A 612 15.83 -11.33 46.07
N ASP A 613 15.88 -12.50 46.71
CA ASP A 613 17.13 -13.20 47.02
C ASP A 613 18.08 -12.29 47.78
N ALA A 614 17.53 -11.51 48.69
CA ALA A 614 18.32 -10.53 49.42
C ALA A 614 18.95 -11.09 50.69
N VAL A 615 18.48 -12.25 51.15
CA VAL A 615 19.07 -12.84 52.35
C VAL A 615 20.09 -13.91 52.00
N THR A 616 20.00 -14.52 50.81
CA THR A 616 21.04 -15.47 50.40
C THR A 616 22.38 -14.79 50.29
N LYS A 617 22.41 -13.54 49.83
CA LYS A 617 23.67 -12.81 49.77
C LYS A 617 24.23 -12.57 51.17
N LEU A 618 23.39 -12.19 52.13
CA LEU A 618 23.88 -11.99 53.49
C LEU A 618 24.34 -13.29 54.13
N VAL A 619 23.62 -14.38 53.91
CA VAL A 619 24.03 -15.66 54.51
C VAL A 619 25.39 -16.07 53.96
N GLY A 620 25.59 -15.92 52.65
CA GLY A 620 26.88 -16.26 52.07
C GLY A 620 28.01 -15.38 52.59
N LYS A 621 27.76 -14.07 52.69
CA LYS A 621 28.79 -13.18 53.18
C LYS A 621 29.15 -13.48 54.63
N MET A 622 28.17 -13.89 55.43
CA MET A 622 28.50 -14.29 56.80
C MET A 622 29.18 -15.65 56.84
N HIS A 623 28.83 -16.55 55.93
CA HIS A 623 29.36 -17.91 55.97
C HIS A 623 30.78 -18.00 55.45
N HIS A 624 31.20 -17.09 54.59
CA HIS A 624 32.54 -17.16 54.03
C HIS A 624 33.59 -17.03 55.13
N PRO A 625 34.66 -17.84 55.10
CA PRO A 625 35.60 -17.87 56.23
C PRO A 625 36.29 -16.55 56.53
N ILE A 626 36.40 -15.65 55.55
CA ILE A 626 37.03 -14.37 55.81
C ILE A 626 36.21 -13.56 56.81
N ASN A 627 34.89 -13.68 56.74
CA ASN A 627 33.98 -12.84 57.52
C ASN A 627 33.44 -13.57 58.75
N ARG A 628 34.08 -14.64 59.16
CA ARG A 628 33.54 -15.39 60.29
C ARG A 628 34.14 -14.90 61.59
N PRO A 629 33.34 -14.61 62.61
CA PRO A 629 33.88 -14.07 63.86
C PRO A 629 34.80 -15.08 64.55
N LYS A 630 35.79 -14.56 65.28
CA LYS A 630 36.77 -15.41 65.94
C LYS A 630 36.63 -15.43 67.45
N ILE A 631 36.15 -14.33 68.06
CA ILE A 631 35.94 -14.24 69.50
C ILE A 631 37.25 -14.39 70.25
N ASP A 632 37.83 -13.26 70.68
CA ASP A 632 39.04 -13.31 71.47
C ASP A 632 38.75 -13.88 72.85
N PRO A 633 39.47 -14.92 73.29
CA PRO A 633 39.28 -15.42 74.66
C PRO A 633 39.68 -14.41 75.72
N VAL A 634 40.53 -13.43 75.41
CA VAL A 634 40.91 -12.42 76.38
C VAL A 634 39.70 -11.60 76.80
N SER A 635 38.89 -11.18 75.83
CA SER A 635 37.66 -10.45 76.11
C SER A 635 36.71 -10.67 74.93
N GLY A 636 35.43 -10.84 75.24
CA GLY A 636 34.45 -11.14 74.21
C GLY A 636 34.07 -9.92 73.40
N ARG A 637 34.97 -9.46 72.53
CA ARG A 637 34.71 -8.29 71.72
C ARG A 637 34.78 -8.55 70.21
N VAL A 638 35.01 -9.79 69.79
CA VAL A 638 35.04 -10.17 68.38
C VAL A 638 36.09 -9.34 67.65
N VAL A 639 37.35 -9.73 67.75
CA VAL A 639 38.43 -8.94 67.18
C VAL A 639 38.35 -8.94 65.66
N GLU A 640 38.47 -10.11 65.06
CA GLU A 640 38.42 -10.24 63.61
C GLU A 640 37.18 -11.01 63.18
N GLY A 641 36.75 -10.73 61.96
CA GLY A 641 35.46 -11.24 61.50
C GLY A 641 34.37 -10.21 61.73
N TYR A 642 33.13 -10.69 61.74
CA TYR A 642 31.98 -9.82 61.93
C TYR A 642 30.87 -10.59 62.62
N GLY A 643 30.18 -9.92 63.54
CA GLY A 643 29.12 -10.56 64.30
C GLY A 643 27.74 -10.26 63.74
N LEU A 644 27.53 -9.02 63.29
CA LEU A 644 26.25 -8.59 62.75
C LEU A 644 26.47 -7.94 61.40
N LEU A 645 25.60 -8.24 60.43
CA LEU A 645 25.65 -7.62 59.11
C LEU A 645 24.39 -6.77 58.95
N GLN A 646 24.58 -5.45 58.90
CA GLN A 646 23.48 -4.52 58.76
C GLN A 646 23.41 -4.02 57.33
N PRO A 647 22.37 -4.31 56.57
CA PRO A 647 22.25 -3.77 55.22
C PRO A 647 21.68 -2.36 55.24
N ARG A 648 21.97 -1.62 54.17
CA ARG A 648 21.49 -0.25 54.08
C ARG A 648 20.00 -0.23 53.77
N VAL A 649 19.34 0.85 54.18
CA VAL A 649 17.89 0.97 54.13
C VAL A 649 17.53 2.08 53.14
N THR A 650 16.68 1.74 52.18
CA THR A 650 16.29 2.68 51.13
C THR A 650 14.83 3.05 51.30
N PRO A 651 14.49 4.33 51.43
CA PRO A 651 13.07 4.70 51.56
C PRO A 651 12.30 4.37 50.28
N SER A 652 11.05 3.93 50.47
CA SER A 652 10.19 3.63 49.33
C SER A 652 9.64 4.92 48.73
N LEU A 653 9.09 4.80 47.52
CA LEU A 653 8.59 5.97 46.81
C LEU A 653 7.38 6.57 47.53
N THR A 654 6.31 5.79 47.67
CA THR A 654 5.12 6.22 48.38
C THR A 654 4.60 5.10 49.26
N THR A 655 3.87 5.47 50.29
CA THR A 655 3.29 4.51 51.22
C THR A 655 1.92 4.05 50.70
N GLY A 656 1.98 3.30 49.60
CA GLY A 656 0.77 2.82 48.97
C GLY A 656 -0.03 3.93 48.33
N LYS A 657 -1.18 4.25 48.91
CA LYS A 657 -2.05 5.29 48.41
C LYS A 657 -1.95 6.58 49.20
N ASP A 658 -0.93 6.70 50.07
CA ASP A 658 -0.71 7.89 50.87
C ASP A 658 0.63 8.50 50.50
N ALA A 659 0.62 9.77 50.07
CA ALA A 659 1.85 10.49 49.76
C ALA A 659 1.64 11.93 50.23
N SER A 660 2.12 12.21 51.43
CA SER A 660 1.97 13.53 52.04
C SER A 660 2.97 14.50 51.44
N VAL A 661 2.74 15.79 51.67
CA VAL A 661 3.77 16.79 51.39
C VAL A 661 4.96 16.58 52.31
N PHE A 662 4.71 16.10 53.52
CA PHE A 662 5.78 15.78 54.46
C PHE A 662 6.73 14.73 53.92
N GLN A 663 6.24 13.80 53.11
CA GLN A 663 7.08 12.77 52.50
C GLN A 663 8.06 13.34 51.49
N ARG A 664 7.66 14.37 50.75
CA ARG A 664 8.48 14.94 49.69
C ARG A 664 9.40 16.04 50.20
N VAL A 665 9.64 16.09 51.50
CA VAL A 665 10.45 17.14 52.09
C VAL A 665 11.60 16.53 52.90
N PHE A 666 11.27 15.61 53.80
CA PHE A 666 12.27 14.98 54.67
C PHE A 666 12.72 13.61 54.18
N SER A 667 12.57 13.33 52.88
CA SER A 667 13.22 12.16 52.29
C SER A 667 13.52 12.52 50.83
N ILE A 668 14.71 13.04 50.59
CA ILE A 668 15.08 13.54 49.27
C ILE A 668 15.28 12.37 48.32
N ASN A 669 16.05 11.38 48.77
CA ASN A 669 16.25 10.17 47.97
C ASN A 669 15.16 9.16 48.27
N ARG A 670 14.55 8.65 47.21
CA ARG A 670 13.42 7.73 47.35
C ARG A 670 13.46 6.74 46.19
N GLY A 671 13.35 5.46 46.50
CA GLY A 671 13.38 4.43 45.49
C GLY A 671 14.76 3.84 45.29
N ILE A 672 14.79 2.75 44.55
CA ILE A 672 16.03 2.01 44.31
C ILE A 672 16.76 2.65 43.13
N ASP A 673 18.08 2.57 43.18
CA ASP A 673 18.93 3.07 42.09
C ASP A 673 19.74 1.90 41.53
N PRO A 674 19.35 1.32 40.40
CA PRO A 674 20.03 0.10 39.91
C PRO A 674 21.47 0.35 39.45
N TYR A 675 21.86 1.59 39.19
CA TYR A 675 23.18 1.83 38.61
C TYR A 675 24.27 1.71 39.65
N VAL A 676 24.00 2.16 40.88
CA VAL A 676 25.00 2.10 41.93
C VAL A 676 24.97 0.73 42.60
N PHE A 677 26.15 0.26 42.95
CA PHE A 677 26.31 -1.03 43.59
C PHE A 677 26.72 -0.92 45.05
N THR A 678 27.61 0.03 45.37
CA THR A 678 28.03 0.29 46.73
C THR A 678 27.99 1.78 46.99
N VAL A 679 27.78 2.15 48.24
CA VAL A 679 27.71 3.55 48.66
C VAL A 679 28.83 3.81 49.64
N SER A 680 29.61 4.86 49.38
CA SER A 680 30.74 5.19 50.23
C SER A 680 30.25 5.73 51.57
N ASP A 681 30.69 5.09 52.66
CA ASP A 681 30.39 5.55 54.01
C ASP A 681 31.67 6.00 54.69
N VAL A 682 31.54 6.97 55.60
CA VAL A 682 32.72 7.55 56.23
C VAL A 682 33.24 6.68 57.38
N TYR A 683 32.35 6.09 58.17
CA TYR A 683 32.77 5.24 59.28
C TYR A 683 33.30 3.88 58.85
N GLN A 684 32.63 3.22 57.90
CA GLN A 684 32.95 1.85 57.54
C GLN A 684 34.25 1.75 56.73
N ASP A 685 34.53 2.74 55.90
CA ASP A 685 35.74 2.73 55.09
C ASP A 685 36.99 3.10 55.88
N LEU A 686 36.84 3.61 57.10
CA LEU A 686 37.98 4.06 57.90
C LEU A 686 38.13 3.23 59.17
N THR A 687 37.02 2.90 59.82
CA THR A 687 37.07 2.14 61.07
C THR A 687 36.65 0.67 60.89
N SER A 688 36.10 0.32 59.74
CA SER A 688 35.68 -1.05 59.45
C SER A 688 34.68 -1.57 60.49
N GLU A 689 33.78 -0.69 60.92
CA GLU A 689 32.75 -1.06 61.88
C GLU A 689 31.61 -0.06 61.76
N GLY A 690 30.42 -0.56 61.40
CA GLY A 690 29.27 0.28 61.18
C GLY A 690 28.37 0.38 62.39
N THR A 691 27.09 0.63 62.13
CA THR A 691 26.09 0.81 63.17
C THR A 691 24.94 -0.17 62.95
N PHE A 692 24.47 -0.79 64.02
CA PHE A 692 23.33 -1.70 63.95
C PHE A 692 22.04 -0.95 64.27
N THR A 693 21.05 -1.11 63.41
CA THR A 693 19.76 -0.44 63.58
C THR A 693 18.62 -1.41 63.84
N GLY A 694 18.92 -2.62 64.29
CA GLY A 694 17.88 -3.58 64.64
C GLY A 694 17.42 -4.48 63.51
N LYS A 695 17.94 -4.32 62.31
CA LYS A 695 17.58 -5.16 61.18
C LYS A 695 18.86 -5.67 60.53
N GLY A 696 19.13 -6.95 60.67
CA GLY A 696 20.30 -7.53 60.05
C GLY A 696 20.59 -8.91 60.59
N LEU A 697 21.34 -9.66 59.80
CA LEU A 697 21.71 -11.03 60.10
C LEU A 697 22.85 -11.05 61.11
N TYR A 698 22.88 -12.09 61.93
CA TYR A 698 23.97 -12.20 62.88
C TYR A 698 24.21 -13.67 63.21
N ASP A 699 25.47 -13.98 63.52
CA ASP A 699 25.80 -15.28 64.08
C ASP A 699 25.13 -15.45 65.43
N VAL A 700 24.64 -16.65 65.68
CA VAL A 700 23.90 -16.92 66.91
C VAL A 700 24.83 -17.09 68.11
N ASP A 701 25.86 -17.93 67.97
CA ASP A 701 26.70 -18.27 69.12
C ASP A 701 27.52 -17.06 69.58
N ALA A 702 28.18 -16.38 68.65
CA ALA A 702 29.02 -15.25 69.02
C ALA A 702 28.20 -14.14 69.65
N PHE A 703 27.06 -13.81 69.04
CA PHE A 703 26.18 -12.79 69.59
C PHE A 703 25.69 -13.17 70.98
N GLU A 704 25.26 -14.43 71.14
CA GLU A 704 24.74 -14.87 72.43
C GLU A 704 25.81 -14.78 73.51
N ALA A 705 27.03 -15.23 73.21
CA ALA A 705 28.10 -15.17 74.19
C ALA A 705 28.45 -13.73 74.54
N ALA A 706 28.71 -12.90 73.53
CA ALA A 706 29.16 -11.53 73.77
C ALA A 706 28.09 -10.72 74.47
N LEU A 707 26.81 -11.08 74.34
CA LEU A 707 25.77 -10.34 75.03
C LEU A 707 25.46 -10.90 76.42
N LYS A 708 25.49 -12.22 76.62
CA LYS A 708 25.25 -12.75 77.95
C LYS A 708 26.40 -12.49 78.89
N GLY A 709 27.60 -12.25 78.36
CA GLY A 709 28.71 -11.92 79.21
C GLY A 709 28.83 -10.47 79.61
N ARG A 710 28.05 -9.56 79.02
CA ARG A 710 28.30 -8.14 79.24
C ARG A 710 27.14 -7.40 79.89
N ILE A 711 25.95 -7.47 79.31
CA ILE A 711 24.85 -6.60 79.74
C ILE A 711 24.14 -7.21 80.95
N GLU A 712 23.83 -6.37 81.94
CA GLU A 712 23.08 -6.81 83.09
C GLU A 712 21.59 -6.50 82.98
N GLU A 713 21.26 -5.22 82.91
CA GLU A 713 19.86 -4.77 82.85
C GLU A 713 19.80 -3.44 82.09
N ASN A 714 18.67 -2.75 82.25
CA ASN A 714 18.50 -1.38 81.76
C ASN A 714 18.64 -1.26 80.25
N SER A 715 17.76 -1.92 79.50
CA SER A 715 17.73 -1.77 78.06
C SER A 715 16.29 -1.60 77.61
N ILE A 716 16.01 -0.48 76.94
CA ILE A 716 14.66 -0.18 76.49
C ILE A 716 14.64 -0.04 74.97
N LEU A 717 15.38 0.93 74.45
CA LEU A 717 15.45 1.14 73.00
C LEU A 717 16.84 1.41 72.46
N SER A 718 17.84 1.68 73.30
CA SER A 718 19.19 1.96 72.84
C SER A 718 20.04 0.71 72.70
N HIS A 719 19.44 -0.48 72.80
CA HIS A 719 20.21 -1.71 72.78
C HIS A 719 20.95 -1.92 71.47
N ASP A 720 20.30 -1.64 70.33
CA ASP A 720 20.87 -2.02 69.03
C ASP A 720 22.31 -1.53 68.88
N LEU A 721 22.56 -0.26 69.22
CA LEU A 721 23.92 0.26 69.18
C LEU A 721 24.81 -0.49 70.16
N LEU A 722 24.26 -0.93 71.28
CA LEU A 722 25.07 -1.63 72.27
C LEU A 722 25.51 -2.99 71.77
N GLU A 723 24.61 -3.75 71.15
CA GLU A 723 25.03 -5.02 70.54
C GLU A 723 25.99 -4.77 69.37
N GLY A 724 25.74 -3.71 68.59
CA GLY A 724 26.69 -3.38 67.53
C GLY A 724 28.07 -3.05 68.06
N SER A 725 28.14 -2.53 69.29
CA SER A 725 29.41 -2.23 69.93
C SER A 725 30.09 -3.46 70.49
N PHE A 726 29.40 -4.27 71.29
CA PHE A 726 30.03 -5.47 71.85
C PHE A 726 30.40 -6.44 70.75
N ALA A 727 29.49 -6.72 69.83
CA ALA A 727 29.84 -7.49 68.64
C ALA A 727 30.49 -6.56 67.64
N ARG A 728 30.69 -7.02 66.40
CA ARG A 728 31.35 -6.17 65.41
C ARG A 728 30.42 -6.11 64.19
N CYS A 729 29.60 -5.07 64.15
CA CYS A 729 28.65 -4.89 63.05
C CYS A 729 29.35 -4.41 61.80
N ALA A 730 28.64 -4.47 60.67
CA ALA A 730 29.18 -3.99 59.42
C ALA A 730 28.04 -3.59 58.50
N LEU A 731 28.29 -2.59 57.65
CA LEU A 731 27.34 -2.19 56.61
C LEU A 731 27.81 -2.78 55.28
N VAL A 732 26.99 -3.67 54.72
CA VAL A 732 27.31 -4.23 53.41
C VAL A 732 27.06 -3.22 52.29
N THR A 733 25.99 -2.43 52.38
CA THR A 733 25.65 -1.42 51.37
C THR A 733 25.49 -2.04 49.98
N ASP A 734 25.32 -3.36 49.95
CA ASP A 734 25.12 -4.06 48.69
C ASP A 734 23.69 -4.57 48.60
N VAL A 735 23.23 -5.23 49.65
CA VAL A 735 21.82 -5.61 49.75
C VAL A 735 21.09 -4.50 50.50
N GLU A 736 19.92 -4.12 50.00
CA GLU A 736 19.18 -3.00 50.52
C GLU A 736 17.75 -3.42 50.89
N LEU A 737 17.27 -2.88 51.99
CA LEU A 737 15.93 -3.17 52.50
C LEU A 737 15.07 -1.92 52.32
N VAL A 738 14.00 -2.06 51.55
CA VAL A 738 13.13 -0.92 51.27
C VAL A 738 12.21 -0.71 52.47
N GLU A 739 12.19 0.51 53.00
CA GLU A 739 11.40 0.87 54.15
C GLU A 739 10.47 2.03 53.84
N ASP A 740 9.31 2.04 54.48
CA ASP A 740 8.38 3.13 54.33
C ASP A 740 8.71 4.26 55.29
N PHE A 741 8.09 5.42 55.05
CA PHE A 741 8.25 6.58 55.89
C PHE A 741 6.89 7.10 56.35
N PRO A 742 6.77 7.58 57.58
CA PRO A 742 5.46 8.06 58.06
C PRO A 742 5.06 9.34 57.34
N THR A 743 3.85 9.33 56.78
CA THR A 743 3.36 10.50 56.04
C THR A 743 2.96 11.62 56.98
N ARG A 744 2.44 11.30 58.16
CA ARG A 744 2.03 12.32 59.09
C ARG A 744 3.20 12.72 60.00
N TYR A 745 3.12 13.95 60.51
CA TYR A 745 4.12 14.49 61.43
C TYR A 745 3.97 13.98 62.85
N GLU A 746 2.82 13.39 63.20
CA GLU A 746 2.63 12.88 64.55
C GLU A 746 3.59 11.73 64.84
N VAL A 747 3.79 10.83 63.87
CA VAL A 747 4.65 9.68 64.10
C VAL A 747 6.11 10.10 64.26
N GLU A 748 6.56 11.08 63.47
CA GLU A 748 7.97 11.48 63.53
C GLU A 748 8.34 12.05 64.88
N VAL A 749 7.43 12.79 65.53
CA VAL A 749 7.71 13.31 66.86
C VAL A 749 7.93 12.16 67.84
N SER A 750 7.07 11.15 67.78
CA SER A 750 7.23 10.00 68.65
C SER A 750 8.54 9.28 68.39
N ARG A 751 8.89 9.11 67.11
CA ARG A 751 10.13 8.40 66.77
C ARG A 751 11.34 9.17 67.27
N GLN A 752 11.36 10.49 67.09
CA GLN A 752 12.47 11.30 67.57
C GLN A 752 12.53 11.26 69.09
N HIS A 753 11.38 11.29 69.76
CA HIS A 753 11.36 11.17 71.21
C HIS A 753 11.96 9.85 71.67
N ARG A 754 11.62 8.77 70.98
CA ARG A 754 12.17 7.46 71.35
C ARG A 754 13.67 7.42 71.15
N TRP A 755 14.16 7.95 70.02
CA TRP A 755 15.60 7.99 69.79
C TRP A 755 16.31 8.83 70.84
N ALA A 756 15.73 9.99 71.21
CA ALA A 756 16.35 10.82 72.23
C ALA A 756 16.40 10.10 73.58
N ARG A 757 15.31 9.43 73.94
CA ARG A 757 15.30 8.66 75.18
C ARG A 757 16.39 7.60 75.17
N GLY A 758 16.51 6.86 74.07
CA GLY A 758 17.54 5.84 73.99
C GLY A 758 18.93 6.39 74.07
N ASP A 759 19.22 7.46 73.33
CA ASP A 759 20.56 8.02 73.32
C ASP A 759 20.93 8.64 74.66
N TRP A 760 19.96 9.22 75.37
CA TRP A 760 20.20 9.83 76.67
C TRP A 760 19.99 8.89 77.85
N GLN A 761 19.70 7.62 77.63
CA GLN A 761 19.73 6.67 78.73
C GLN A 761 21.07 5.96 78.90
N LEU A 762 22.08 6.33 78.09
CA LEU A 762 23.34 5.58 78.07
C LEU A 762 24.53 6.43 78.50
N LEU A 763 24.30 7.43 79.36
CA LEU A 763 25.38 8.34 79.75
C LEU A 763 26.52 7.64 80.49
N PRO A 764 26.27 6.81 81.52
CA PRO A 764 27.40 6.18 82.21
C PRO A 764 28.25 5.30 81.30
N PHE A 765 27.70 4.80 80.20
CA PHE A 765 28.49 4.03 79.25
C PHE A 765 29.57 4.87 78.59
N ILE A 766 29.40 6.19 78.56
CA ILE A 766 30.38 7.08 77.94
C ILE A 766 31.23 7.72 79.03
N ILE A 767 30.58 8.18 80.10
CA ILE A 767 31.29 8.89 81.17
C ILE A 767 32.29 7.96 81.84
N ASP A 768 31.87 6.75 82.17
CA ASP A 768 32.76 5.78 82.79
C ASP A 768 33.58 5.05 81.73
N ARG A 769 34.88 4.97 81.97
CA ARG A 769 35.77 4.20 81.11
C ARG A 769 35.83 2.73 81.49
N ALA A 770 35.11 2.33 82.54
CA ALA A 770 35.08 0.95 83.00
C ALA A 770 34.04 0.16 82.21
N ARG A 771 33.70 -1.03 82.72
CA ARG A 771 32.72 -1.93 82.10
C ARG A 771 33.31 -2.40 80.78
N GLY A 772 32.63 -2.20 79.64
CA GLY A 772 33.18 -2.63 78.36
C GLY A 772 32.51 -1.80 77.26
N VAL A 773 33.29 -0.94 76.62
CA VAL A 773 32.80 -0.13 75.53
C VAL A 773 33.91 0.07 74.52
N THR A 774 33.59 -0.14 73.24
CA THR A 774 34.57 0.06 72.19
C THR A 774 34.91 1.53 72.07
N ALA A 775 36.12 1.80 71.57
CA ALA A 775 36.55 3.19 71.40
C ALA A 775 35.68 3.92 70.40
N ILE A 776 35.32 3.27 69.30
CA ILE A 776 34.47 3.88 68.30
C ILE A 776 33.01 4.03 68.76
N GLY A 777 32.55 3.13 69.63
CA GLY A 777 31.18 3.22 70.13
C GLY A 777 30.94 4.51 70.90
N ARG A 778 31.91 4.90 71.73
CA ARG A 778 31.77 6.14 72.50
C ARG A 778 31.67 7.35 71.57
N TRP A 779 32.51 7.38 70.53
CA TRP A 779 32.43 8.47 69.57
C TRP A 779 31.09 8.47 68.84
N LYS A 780 30.56 7.29 68.51
CA LYS A 780 29.25 7.21 67.88
C LYS A 780 28.16 7.76 68.80
N MET A 781 28.24 7.42 70.09
CA MET A 781 27.27 7.95 71.05
C MET A 781 27.38 9.47 71.16
N VAL A 782 28.60 9.99 71.15
CA VAL A 782 28.79 11.45 71.22
C VAL A 782 28.21 12.12 69.97
N ASP A 783 28.40 11.49 68.81
CA ASP A 783 27.81 12.02 67.58
C ASP A 783 26.29 12.03 67.66
N ASN A 784 25.71 10.95 68.18
CA ASN A 784 24.25 10.92 68.34
C ASN A 784 23.80 12.01 69.30
N LEU A 785 24.54 12.23 70.39
CA LEU A 785 24.18 13.26 71.34
C LEU A 785 24.23 14.64 70.69
N ARG A 786 25.27 14.94 69.92
CA ARG A 786 25.35 16.27 69.32
C ARG A 786 24.24 16.45 68.28
N ARG A 787 23.93 15.40 67.52
CA ARG A 787 22.83 15.50 66.57
C ARG A 787 21.50 15.69 67.27
N SER A 788 21.36 15.15 68.49
CA SER A 788 20.14 15.38 69.26
C SER A 788 20.09 16.77 69.86
N LEU A 789 21.23 17.34 70.22
CA LEU A 789 21.26 18.65 70.86
C LEU A 789 21.31 19.82 69.88
N THR A 790 21.48 19.56 68.58
CA THR A 790 21.46 20.66 67.62
C THR A 790 20.22 21.56 67.71
N PRO A 791 18.97 21.06 67.84
CA PRO A 791 17.83 21.99 67.85
C PRO A 791 17.83 22.93 69.03
N ILE A 792 18.03 22.41 70.24
CA ILE A 792 18.06 23.25 71.42
C ILE A 792 19.24 24.22 71.35
N ALA A 793 20.37 23.78 70.80
CA ALA A 793 21.51 24.68 70.65
C ALA A 793 21.16 25.85 69.73
N TRP A 794 20.49 25.56 68.61
CA TRP A 794 20.11 26.64 67.71
C TRP A 794 19.12 27.58 68.39
N PHE A 795 18.15 27.01 69.12
CA PHE A 795 17.19 27.82 69.87
C PHE A 795 17.87 28.78 70.83
N PHE A 796 18.73 28.23 71.70
CA PHE A 796 19.35 29.06 72.72
C PHE A 796 20.28 30.08 72.10
N ALA A 797 21.02 29.68 71.06
CA ALA A 797 21.90 30.63 70.39
C ALA A 797 21.11 31.80 69.83
N SER A 798 19.99 31.52 69.14
CA SER A 798 19.20 32.62 68.57
C SER A 798 18.62 33.52 69.65
N ILE A 799 18.05 32.93 70.72
CA ILE A 799 17.39 33.75 71.72
C ILE A 799 18.39 34.62 72.46
N LEU A 800 19.53 34.05 72.86
CA LEU A 800 20.53 34.84 73.55
C LEU A 800 21.15 35.86 72.61
N GLY A 801 21.27 35.52 71.33
CA GLY A 801 21.83 36.46 70.36
C GLY A 801 20.98 37.70 70.22
N TRP A 802 19.67 37.54 70.09
CA TRP A 802 18.85 38.75 69.97
C TRP A 802 18.46 39.33 71.33
N TYR A 803 18.84 38.68 72.44
CA TYR A 803 18.53 39.23 73.75
C TYR A 803 19.70 40.02 74.35
N PHE A 804 20.87 39.40 74.49
CA PHE A 804 21.96 40.01 75.24
C PHE A 804 22.45 41.32 74.61
N MET A 805 23.01 41.27 73.41
CA MET A 805 23.49 42.49 72.78
C MET A 805 22.33 43.35 72.31
N ASP A 806 21.31 42.73 71.71
CA ASP A 806 20.21 43.43 71.08
C ASP A 806 20.73 44.53 70.15
N PRO A 807 21.62 44.20 69.20
CA PRO A 807 22.22 45.24 68.38
C PRO A 807 21.42 45.53 67.11
N LEU A 808 21.92 46.45 66.30
CA LEU A 808 21.35 46.70 64.98
C LEU A 808 21.88 45.77 63.91
N GLY A 809 23.04 45.16 64.14
CA GLY A 809 23.64 44.26 63.17
C GLY A 809 23.48 42.80 63.51
N ALA A 810 22.31 42.42 64.03
CA ALA A 810 22.01 41.00 64.24
C ALA A 810 21.55 40.30 62.98
N LEU A 811 21.27 41.05 61.91
CA LEU A 811 20.88 40.43 60.65
C LEU A 811 21.99 39.57 60.07
N ILE A 812 23.25 40.02 60.17
CA ILE A 812 24.35 39.22 59.65
C ILE A 812 24.50 37.94 60.45
N TRP A 813 24.32 38.01 61.76
CA TRP A 813 24.40 36.81 62.58
C TRP A 813 23.28 35.83 62.24
N GLN A 814 22.05 36.35 62.08
CA GLN A 814 20.94 35.47 61.73
C GLN A 814 21.14 34.84 60.36
N ILE A 815 21.60 35.62 59.38
CA ILE A 815 21.79 35.05 58.05
C ILE A 815 22.95 34.06 58.07
N LEU A 816 23.93 34.25 58.95
CA LEU A 816 24.99 33.26 59.12
C LEU A 816 24.42 31.94 59.64
N LEU A 817 23.56 32.01 60.66
CA LEU A 817 22.93 30.80 61.18
C LEU A 817 22.10 30.11 60.11
N ILE A 818 21.33 30.87 59.33
CA ILE A 818 20.52 30.27 58.28
C ILE A 818 21.41 29.70 57.18
N PHE A 819 22.54 30.36 56.89
CA PHE A 819 23.47 29.89 55.87
C PHE A 819 24.07 28.55 56.25
N SER A 820 24.38 28.34 57.53
CA SER A 820 24.89 27.04 57.96
C SER A 820 23.92 25.92 57.60
N LEU A 821 22.65 26.10 57.96
CA LEU A 821 21.65 25.07 57.71
C LEU A 821 21.40 24.87 56.22
N PHE A 822 21.38 25.95 55.44
CA PHE A 822 21.30 25.78 53.99
C PHE A 822 22.49 25.01 53.45
N VAL A 823 23.70 25.31 53.93
CA VAL A 823 24.90 24.72 53.37
C VAL A 823 24.98 23.22 53.66
N ALA A 824 24.58 22.79 54.85
CA ALA A 824 24.82 21.39 55.22
C ALA A 824 24.28 20.36 54.23
N PRO A 825 23.02 20.44 53.72
CA PRO A 825 22.62 19.51 52.64
C PRO A 825 23.31 19.73 51.31
N THR A 826 23.71 20.97 51.02
CA THR A 826 24.19 21.29 49.69
C THR A 826 25.49 20.58 49.34
N LEU A 827 26.30 20.21 50.32
CA LEU A 827 27.49 19.43 50.03
C LEU A 827 27.12 18.07 49.44
N SER A 828 26.16 17.39 50.06
CA SER A 828 25.67 16.15 49.51
C SER A 828 25.01 16.36 48.15
N LEU A 829 24.34 17.49 47.98
CA LEU A 829 23.74 17.80 46.68
C LEU A 829 24.81 17.92 45.59
N LEU A 830 25.92 18.61 45.90
CA LEU A 830 26.97 18.85 44.92
C LEU A 830 27.89 17.66 44.73
N SER A 831 27.92 16.72 45.68
CA SER A 831 28.84 15.59 45.59
C SER A 831 28.60 14.77 44.31
N GLY A 832 27.38 14.75 43.80
CA GLY A 832 27.09 14.02 42.59
C GLY A 832 26.90 14.92 41.38
N LEU A 833 27.70 15.97 41.29
CA LEU A 833 27.60 16.90 40.17
C LEU A 833 28.92 17.08 39.45
N VAL A 834 30.02 16.98 40.18
CA VAL A 834 31.35 17.18 39.56
C VAL A 834 31.62 16.04 38.57
N PRO A 835 32.03 16.35 37.34
CA PRO A 835 32.29 15.29 36.36
C PRO A 835 33.70 14.73 36.47
N ARG A 836 34.13 14.43 37.70
CA ARG A 836 35.48 13.89 37.96
C ARG A 836 36.56 14.77 37.34
N SER A 837 36.40 16.09 37.52
CA SER A 837 37.34 17.08 37.00
C SER A 837 37.43 17.01 35.47
N THR A 838 36.25 17.17 34.83
CA THR A 838 36.06 17.24 33.39
C THR A 838 36.99 16.31 32.60
N ASP A 839 36.96 15.01 32.92
CA ASP A 839 37.81 14.05 32.23
C ASP A 839 37.43 13.94 30.77
N ILE A 840 36.18 13.55 30.49
CA ILE A 840 35.72 13.32 29.13
C ILE A 840 34.49 14.16 28.85
N VAL A 841 34.04 14.17 27.59
CA VAL A 841 32.90 14.98 27.18
C VAL A 841 31.75 14.08 26.78
N PRO A 842 30.75 13.88 27.65
CA PRO A 842 29.59 13.06 27.26
C PRO A 842 28.58 13.83 26.44
N GLN A 843 27.43 13.21 26.18
CA GLN A 843 26.36 13.85 25.42
C GLN A 843 25.58 14.80 26.34
N ALA A 844 24.45 15.32 25.87
CA ALA A 844 23.65 16.27 26.63
C ALA A 844 23.01 15.53 27.80
N HIS A 845 23.66 15.56 28.95
CA HIS A 845 23.24 14.82 30.12
C HIS A 845 22.27 15.60 31.00
N PHE A 846 21.71 16.70 30.50
CA PHE A 846 20.77 17.55 31.25
C PHE A 846 21.45 18.14 32.48
N PHE A 847 20.69 18.94 33.25
CA PHE A 847 21.15 19.44 34.54
C PHE A 847 20.31 18.88 35.67
N THR A 848 18.98 19.09 35.64
CA THR A 848 18.07 18.65 36.71
C THR A 848 18.60 19.07 38.07
N ILE A 849 18.72 20.39 38.26
CA ILE A 849 19.26 20.95 39.49
C ILE A 849 18.17 21.67 40.25
N TRP A 850 17.30 22.39 39.53
CA TRP A 850 16.30 23.23 40.17
C TRP A 850 15.39 22.41 41.07
N SER A 851 15.12 21.16 40.69
CA SER A 851 14.21 20.32 41.48
C SER A 851 14.76 20.07 42.88
N GLU A 852 16.01 19.60 42.98
CA GLU A 852 16.55 19.30 44.31
C GLU A 852 16.93 20.58 45.04
N ILE A 853 17.23 21.66 44.31
CA ILE A 853 17.43 22.95 44.97
C ILE A 853 16.14 23.39 45.67
N ARG A 854 15.01 23.28 44.98
CA ARG A 854 13.72 23.60 45.60
C ARG A 854 13.42 22.65 46.75
N ALA A 855 13.74 21.37 46.59
CA ALA A 855 13.50 20.41 47.67
C ALA A 855 14.31 20.77 48.92
N THR A 856 15.58 21.14 48.73
CA THR A 856 16.41 21.52 49.87
C THR A 856 15.93 22.82 50.50
N ASN A 857 15.47 23.77 49.67
CA ASN A 857 14.89 24.99 50.21
C ASN A 857 13.68 24.69 51.07
N ALA A 858 12.80 23.79 50.60
CA ALA A 858 11.65 23.41 51.38
C ALA A 858 12.06 22.69 52.67
N GLN A 859 13.06 21.83 52.60
CA GLN A 859 13.53 21.14 53.79
C GLN A 859 14.04 22.13 54.82
N VAL A 860 14.83 23.11 54.38
CA VAL A 860 15.35 24.12 55.31
C VAL A 860 14.21 24.94 55.88
N ALA A 861 13.20 25.26 55.06
CA ALA A 861 12.07 26.05 55.57
C ALA A 861 11.29 25.29 56.64
N LEU A 862 11.00 24.01 56.39
CA LEU A 862 10.31 23.22 57.40
C LEU A 862 11.16 23.07 58.67
N ARG A 863 12.47 22.91 58.51
CA ARG A 863 13.34 22.83 59.68
C ARG A 863 13.29 24.12 60.48
N ILE A 864 13.47 25.27 59.81
CA ILE A 864 13.51 26.55 60.49
C ILE A 864 12.18 26.88 61.14
N VAL A 865 11.07 26.37 60.60
CA VAL A 865 9.77 26.64 61.20
C VAL A 865 9.37 25.60 62.24
N PHE A 866 10.06 24.47 62.32
CA PHE A 866 9.80 23.48 63.35
C PHE A 866 10.86 23.43 64.44
N ILE A 867 11.87 24.30 64.38
CA ILE A 867 12.90 24.30 65.42
C ILE A 867 12.29 24.44 66.81
N ALA A 868 11.33 25.36 66.98
CA ALA A 868 10.79 25.61 68.31
C ALA A 868 10.13 24.36 68.89
N ASP A 869 9.22 23.75 68.12
CA ASP A 869 8.53 22.56 68.60
C ASP A 869 9.51 21.41 68.83
N ALA A 870 10.40 21.16 67.88
CA ALA A 870 11.35 20.07 68.03
C ALA A 870 12.23 20.28 69.26
N ALA A 871 12.68 21.52 69.48
CA ALA A 871 13.49 21.82 70.64
C ALA A 871 12.74 21.58 71.93
N CYS A 872 11.48 22.03 72.01
CA CYS A 872 10.72 21.82 73.25
C CYS A 872 10.52 20.33 73.54
N MET A 873 10.17 19.56 72.51
CA MET A 873 10.03 18.12 72.70
C MET A 873 11.35 17.49 73.15
N MET A 874 12.46 17.94 72.57
CA MET A 874 13.74 17.35 72.93
C MET A 874 14.15 17.75 74.34
N THR A 875 13.76 18.95 74.78
CA THR A 875 14.00 19.33 76.18
C THR A 875 13.24 18.42 77.13
N ASP A 876 11.95 18.21 76.88
CA ASP A 876 11.20 17.36 77.80
C ASP A 876 11.72 15.93 77.77
N ALA A 877 12.12 15.45 76.59
CA ALA A 877 12.70 14.11 76.49
C ALA A 877 13.99 14.01 77.29
N ILE A 878 14.88 15.01 77.17
CA ILE A 878 16.14 14.96 77.90
C ILE A 878 15.91 15.02 79.41
N VAL A 879 15.01 15.90 79.88
CA VAL A 879 14.80 16.00 81.32
C VAL A 879 14.18 14.72 81.85
N ARG A 880 13.25 14.13 81.10
CA ARG A 880 12.68 12.84 81.52
C ARG A 880 13.76 11.77 81.61
N SER A 881 14.58 11.65 80.56
CA SER A 881 15.63 10.63 80.53
C SER A 881 16.73 10.90 81.54
N LEU A 882 16.84 12.12 82.05
CA LEU A 882 17.83 12.43 83.07
C LEU A 882 17.28 12.15 84.48
N TYR A 883 16.08 12.67 84.76
CA TYR A 883 15.39 12.38 86.01
C TYR A 883 15.29 10.88 86.22
N ARG A 884 15.00 10.13 85.17
CA ARG A 884 15.16 8.69 85.21
C ARG A 884 16.65 8.36 85.14
N LEU A 885 17.07 7.45 86.02
CA LEU A 885 18.45 6.96 86.10
C LEU A 885 19.40 7.98 86.74
N LEU A 886 18.95 9.23 86.96
CA LEU A 886 19.72 10.09 87.84
C LEU A 886 19.04 10.17 89.20
N VAL A 887 17.77 10.58 89.22
CA VAL A 887 16.99 10.54 90.44
C VAL A 887 16.52 9.12 90.74
N SER A 888 16.62 8.22 89.75
CA SER A 888 16.24 6.82 89.89
C SER A 888 14.77 6.69 90.31
N HIS A 889 13.93 7.43 89.60
CA HIS A 889 12.49 7.43 89.83
C HIS A 889 11.81 6.16 89.36
N LYS A 890 12.27 5.57 88.27
CA LYS A 890 11.69 4.35 87.71
C LYS A 890 10.20 4.50 87.44
N GLN A 906 -5.08 11.27 63.96
CA GLN A 906 -6.31 11.79 63.38
C GLN A 906 -6.80 13.03 64.10
N GLY A 907 -6.84 14.15 63.39
CA GLY A 907 -7.30 15.39 63.98
C GLY A 907 -7.23 16.52 62.98
N SER A 908 -7.78 17.66 63.39
CA SER A 908 -7.83 18.89 62.62
C SER A 908 -6.75 19.85 63.13
N ILE A 909 -6.77 21.09 62.64
CA ILE A 909 -5.82 22.09 63.10
C ILE A 909 -5.93 22.30 64.61
N VAL A 910 -7.16 22.34 65.13
CA VAL A 910 -7.35 22.49 66.57
C VAL A 910 -6.72 21.33 67.33
N ASP A 911 -6.81 20.12 66.77
CA ASP A 911 -6.21 18.97 67.44
C ASP A 911 -4.71 19.11 67.58
N TYR A 912 -4.02 19.52 66.50
CA TYR A 912 -2.59 19.75 66.59
C TYR A 912 -2.28 20.88 67.57
N TYR A 913 -3.06 21.97 67.51
CA TYR A 913 -2.79 23.13 68.35
C TYR A 913 -2.92 22.79 69.83
N ARG A 914 -3.94 22.01 70.19
CA ARG A 914 -4.07 21.57 71.57
C ARG A 914 -3.09 20.46 71.92
N GLN A 915 -2.59 19.72 70.93
CA GLN A 915 -1.62 18.66 71.23
C GLN A 915 -0.26 19.24 71.59
N MET A 916 0.34 20.01 70.70
CA MET A 916 1.69 20.48 71.00
C MET A 916 1.66 21.72 71.89
N TRP A 917 1.03 22.81 71.41
CA TRP A 917 0.73 24.01 72.21
C TRP A 917 1.95 24.60 72.91
N HIS A 918 3.14 24.10 72.61
CA HIS A 918 4.34 24.58 73.29
C HIS A 918 5.10 25.58 72.44
N ALA A 919 5.18 25.34 71.13
CA ALA A 919 5.97 26.22 70.28
C ALA A 919 5.46 27.65 70.27
N PRO A 920 4.16 27.93 70.06
CA PRO A 920 3.72 29.33 70.07
C PRO A 920 3.93 30.02 71.40
N VAL A 921 3.64 29.33 72.51
CA VAL A 921 3.77 29.98 73.82
C VAL A 921 5.23 30.24 74.15
N VAL A 922 6.12 29.31 73.80
CA VAL A 922 7.54 29.50 74.06
C VAL A 922 8.08 30.63 73.20
N ALA A 923 7.68 30.68 71.93
CA ALA A 923 8.12 31.77 71.06
C ALA A 923 7.63 33.12 71.57
N MET A 924 6.38 33.17 72.03
CA MET A 924 5.85 34.42 72.58
C MET A 924 6.61 34.83 73.85
N LEU A 925 6.91 33.86 74.71
CA LEU A 925 7.68 34.17 75.91
C LEU A 925 9.05 34.73 75.57
N GLY A 926 9.75 34.09 74.64
CA GLY A 926 11.06 34.60 74.24
C GLY A 926 10.99 35.98 73.62
N LEU A 927 10.00 36.19 72.75
CA LEU A 927 9.86 37.49 72.09
C LEU A 927 9.56 38.59 73.10
N LEU A 928 8.66 38.31 74.05
CA LEU A 928 8.35 39.31 75.08
C LEU A 928 9.55 39.57 75.98
N PHE A 929 10.32 38.53 76.31
CA PHE A 929 11.48 38.73 77.17
C PHE A 929 12.60 39.50 76.48
N ALA A 930 12.78 39.30 75.17
CA ALA A 930 13.85 39.96 74.44
C ALA A 930 13.39 41.21 73.68
N ALA A 931 12.13 41.61 73.82
CA ALA A 931 11.66 42.79 73.12
C ALA A 931 11.83 44.06 73.94
N LEU A 932 11.73 43.97 75.27
CA LEU A 932 11.82 45.15 76.12
C LEU A 932 13.26 45.69 76.19
N PRO A 933 14.26 44.88 76.56
CA PRO A 933 15.62 45.42 76.62
C PRO A 933 16.14 45.73 75.22
N GLY A 934 17.06 46.67 75.16
CA GLY A 934 17.71 47.02 73.88
C GLY A 934 16.91 47.87 72.92
N ASP A 935 15.69 47.44 72.61
CA ASP A 935 14.80 48.18 71.70
C ASP A 935 15.43 48.33 70.32
N ASN A 936 16.24 47.36 69.91
CA ASN A 936 16.80 47.37 68.57
C ASN A 936 16.85 45.99 67.92
N ALA A 937 16.02 45.05 68.36
CA ALA A 937 15.98 43.71 67.78
C ALA A 937 14.58 43.26 67.40
N PHE A 938 13.58 44.14 67.51
CA PHE A 938 12.22 43.78 67.13
C PHE A 938 12.08 43.57 65.63
N LEU A 939 12.81 44.34 64.82
CA LEU A 939 12.69 44.21 63.37
C LEU A 939 13.12 42.83 62.89
N ILE A 940 14.01 42.17 63.63
CA ILE A 940 14.43 40.82 63.26
C ILE A 940 13.70 39.78 64.10
N GLY A 941 13.21 40.15 65.28
CA GLY A 941 12.50 39.20 66.12
C GLY A 941 11.06 38.94 65.72
N ILE A 942 10.39 39.92 65.13
CA ILE A 942 8.99 39.77 64.74
C ILE A 942 8.81 38.68 63.68
N PRO A 943 9.56 38.67 62.57
CA PRO A 943 9.28 37.67 61.53
C PRO A 943 9.46 36.23 61.99
N PHE A 944 10.53 35.96 62.74
CA PHE A 944 10.79 34.58 63.15
C PHE A 944 9.72 34.08 64.11
N THR A 945 9.35 34.90 65.10
CA THR A 945 8.27 34.51 66.00
C THR A 945 6.95 34.38 65.27
N LEU A 946 6.71 35.23 64.26
CA LEU A 946 5.49 35.15 63.48
C LEU A 946 5.39 33.81 62.75
N LEU A 947 6.47 33.39 62.10
CA LEU A 947 6.45 32.08 61.45
C LEU A 947 6.43 30.94 62.46
N TRP A 948 6.99 31.15 63.65
CA TRP A 948 7.09 30.08 64.64
C TRP A 948 5.75 29.81 65.31
N VAL A 949 4.96 30.87 65.55
CA VAL A 949 3.65 30.68 66.18
C VAL A 949 2.64 30.11 65.21
N LEU A 950 2.85 30.27 63.90
CA LEU A 950 1.93 29.72 62.90
C LEU A 950 2.47 28.34 62.52
N SER A 951 2.80 27.57 63.55
CA SER A 951 3.30 26.21 63.41
C SER A 951 2.20 25.18 63.17
N PRO A 952 1.10 25.18 63.95
CA PRO A 952 0.09 24.13 63.74
C PRO A 952 -0.46 24.09 62.33
N ALA A 953 -0.65 25.25 61.70
CA ALA A 953 -1.17 25.28 60.34
C ALA A 953 -0.22 24.59 59.38
N VAL A 954 1.08 24.81 59.54
CA VAL A 954 2.06 24.15 58.67
C VAL A 954 2.05 22.65 58.86
N ALA A 955 1.96 22.20 60.12
CA ALA A 955 1.91 20.77 60.39
C ALA A 955 0.66 20.15 59.77
N TRP A 956 -0.49 20.81 59.89
CA TRP A 956 -1.70 20.30 59.28
C TRP A 956 -1.61 20.29 57.76
N TYR A 957 -1.01 21.32 57.17
CA TYR A 957 -0.88 21.38 55.72
C TYR A 957 0.03 20.27 55.20
N VAL A 958 1.13 19.99 55.91
CA VAL A 958 2.05 18.95 55.46
C VAL A 958 1.59 17.54 55.83
N SER A 959 0.66 17.41 56.77
CA SER A 959 0.16 16.09 57.14
C SER A 959 -1.00 15.63 56.27
N GLN A 960 -1.50 16.48 55.38
CA GLN A 960 -2.57 16.08 54.49
C GLN A 960 -2.00 15.29 53.31
N SER A 961 -2.68 14.19 52.98
CA SER A 961 -2.22 13.35 51.87
C SER A 961 -2.58 14.00 50.54
N ALA A 962 -1.59 14.08 49.65
CA ALA A 962 -1.79 14.72 48.36
C ALA A 962 -2.22 13.71 47.31
N GLU A 963 -2.21 14.11 46.03
CA GLU A 963 -2.60 13.25 44.93
C GLU A 963 -1.34 12.67 44.30
N THR A 964 -1.26 11.33 44.23
CA THR A 964 -0.09 10.69 43.67
C THR A 964 -0.37 10.35 42.22
N GLU A 965 -1.19 9.34 41.94
CA GLU A 965 -1.72 9.09 40.60
C GLU A 965 -3.16 8.60 40.59
N ASP A 966 -3.66 8.03 41.69
CA ASP A 966 -5.03 7.52 41.78
C ASP A 966 -5.99 8.58 42.29
N ARG A 967 -5.69 9.16 43.45
CA ARG A 967 -6.60 10.12 44.09
C ARG A 967 -6.55 11.42 43.31
N LEU A 968 -7.18 11.44 42.15
CA LEU A 968 -7.19 12.61 41.29
C LEU A 968 -8.33 13.54 41.68
N PHE A 969 -8.09 14.83 41.54
CA PHE A 969 -9.12 15.84 41.80
C PHE A 969 -10.02 15.90 40.57
N VAL A 970 -11.08 15.10 40.58
CA VAL A 970 -12.01 15.02 39.47
C VAL A 970 -13.34 15.67 39.77
N SER A 971 -13.52 16.23 40.97
CA SER A 971 -14.74 16.92 41.38
C SER A 971 -15.90 15.95 41.24
N GLU A 972 -17.03 16.35 40.67
CA GLU A 972 -18.15 15.45 40.45
C GLU A 972 -18.65 15.43 39.02
N HIS A 973 -18.65 16.55 38.32
CA HIS A 973 -19.15 16.58 36.95
C HIS A 973 -18.26 15.82 35.99
N VAL A 974 -16.94 15.90 36.18
CA VAL A 974 -16.03 15.17 35.30
C VAL A 974 -16.19 13.67 35.48
N SER A 975 -16.25 13.21 36.73
CA SER A 975 -16.46 11.79 36.99
C SER A 975 -17.84 11.35 36.51
N PHE A 976 -18.84 12.23 36.63
CA PHE A 976 -20.17 11.91 36.10
C PHE A 976 -20.12 11.69 34.59
N GLU A 977 -19.44 12.59 33.88
CA GLU A 977 -19.36 12.45 32.43
C GLU A 977 -18.58 11.20 32.05
N LEU A 978 -17.50 10.90 32.77
CA LEU A 978 -16.73 9.71 32.47
C LEU A 978 -17.54 8.44 32.73
N ARG A 979 -18.30 8.41 33.83
CA ARG A 979 -19.14 7.25 34.10
C ARG A 979 -20.22 7.09 33.04
N LYS A 980 -20.78 8.20 32.56
CA LYS A 980 -21.78 8.11 31.50
C LYS A 980 -21.16 7.58 30.23
N ILE A 981 -19.94 8.00 29.91
CA ILE A 981 -19.26 7.47 28.73
C ILE A 981 -19.01 5.98 28.88
N ALA A 982 -18.59 5.54 30.07
CA ALA A 982 -18.35 4.12 30.29
C ALA A 982 -19.62 3.31 30.17
N ARG A 983 -20.73 3.82 30.72
CA ARG A 983 -21.99 3.10 30.59
C ARG A 983 -22.46 3.08 29.14
N ARG A 984 -22.13 4.12 28.39
CA ARG A 984 -22.48 4.11 26.97
C ARG A 984 -21.66 3.10 26.19
N THR A 985 -20.39 2.92 26.56
CA THR A 985 -19.55 2.00 25.81
C THR A 985 -19.66 0.57 26.34
N TRP A 986 -20.35 0.35 27.45
CA TRP A 986 -20.58 -1.03 27.86
C TRP A 986 -21.70 -1.70 27.09
N ARG A 987 -22.42 -0.94 26.25
CA ARG A 987 -23.48 -1.55 25.45
C ARG A 987 -22.90 -2.60 24.51
N TYR A 988 -21.64 -2.45 24.11
CA TYR A 988 -20.99 -3.46 23.28
C TYR A 988 -20.99 -4.82 23.98
N TYR A 989 -20.52 -4.86 25.22
CA TYR A 989 -20.50 -6.12 25.94
C TYR A 989 -21.89 -6.58 26.31
N GLU A 990 -22.82 -5.65 26.53
CA GLU A 990 -24.19 -6.07 26.80
C GLU A 990 -24.81 -6.79 25.60
N ALA A 991 -24.55 -6.30 24.39
CA ALA A 991 -25.22 -6.84 23.22
C ALA A 991 -24.47 -8.01 22.61
N PHE A 992 -23.17 -7.86 22.36
CA PHE A 992 -22.43 -8.84 21.58
C PHE A 992 -21.76 -9.91 22.44
N VAL A 993 -22.52 -10.50 23.36
CA VAL A 993 -22.08 -11.66 24.13
C VAL A 993 -23.30 -12.54 24.33
N THR A 994 -23.33 -13.70 23.68
CA THR A 994 -24.52 -14.51 23.69
C THR A 994 -24.19 -15.94 24.08
N PRO A 995 -25.05 -16.58 24.88
CA PRO A 995 -24.81 -17.98 25.28
C PRO A 995 -25.15 -18.94 24.14
N GLN A 996 -24.35 -18.88 23.09
CA GLN A 996 -24.46 -19.75 21.92
C GLN A 996 -23.19 -20.58 21.79
N GLU A 997 -22.76 -21.17 22.91
CA GLU A 997 -21.44 -21.77 23.04
C GLU A 997 -20.35 -20.73 22.79
N ASN A 998 -20.66 -19.48 23.11
CA ASN A 998 -19.77 -18.39 22.76
C ASN A 998 -19.13 -17.76 23.99
N HIS A 999 -19.93 -17.13 24.85
CA HIS A 999 -19.47 -16.49 26.08
C HIS A 999 -18.15 -15.74 25.91
N LEU A 1000 -17.90 -15.21 24.72
CA LEU A 1000 -16.65 -14.53 24.41
C LEU A 1000 -16.94 -13.36 23.49
N PRO A 1001 -16.29 -12.22 23.68
CA PRO A 1001 -16.58 -11.05 22.84
C PRO A 1001 -15.96 -11.22 21.46
N PRO A 1002 -16.69 -10.88 20.41
CA PRO A 1002 -16.09 -10.83 19.08
C PRO A 1002 -15.09 -9.70 18.98
N ASP A 1003 -14.16 -9.83 18.04
CA ASP A 1003 -13.09 -8.87 17.89
C ASP A 1003 -13.61 -7.46 17.58
N ASN A 1004 -14.28 -7.31 16.44
CA ASN A 1004 -14.79 -6.01 16.03
C ASN A 1004 -16.22 -6.14 15.51
N PHE A 1005 -16.72 -5.04 14.96
CA PHE A 1005 -18.09 -4.99 14.46
C PHE A 1005 -18.22 -3.90 13.41
N GLN A 1006 -18.35 -4.30 12.15
CA GLN A 1006 -18.65 -3.39 11.05
C GLN A 1006 -20.11 -2.97 11.14
N GLU A 1007 -20.42 -1.80 10.60
CA GLU A 1007 -21.81 -1.38 10.49
C GLU A 1007 -22.21 -0.75 9.17
N THR A 1008 -21.28 -0.19 8.38
CA THR A 1008 -21.69 0.43 7.14
C THR A 1008 -21.90 -0.57 6.00
N PRO A 1009 -20.98 -1.52 5.74
CA PRO A 1009 -21.25 -2.48 4.66
C PRO A 1009 -22.09 -3.65 5.18
N GLU A 1010 -23.28 -3.32 5.69
CA GLU A 1010 -24.16 -4.18 6.46
C GLU A 1010 -23.45 -4.66 7.72
N PRO A 1011 -24.10 -4.56 8.88
CA PRO A 1011 -23.47 -4.94 10.14
C PRO A 1011 -23.07 -6.42 10.14
N ILE A 1012 -21.76 -6.67 10.22
CA ILE A 1012 -21.23 -8.02 10.28
C ILE A 1012 -20.40 -8.14 11.55
N VAL A 1013 -20.61 -9.22 12.28
CA VAL A 1013 -19.90 -9.43 13.55
C VAL A 1013 -18.81 -10.48 13.33
N ALA A 1014 -17.60 -10.16 13.77
CA ALA A 1014 -16.49 -11.08 13.62
C ALA A 1014 -16.66 -12.30 14.52
N SER A 1015 -15.92 -13.35 14.23
CA SER A 1015 -16.01 -14.57 15.01
C SER A 1015 -14.64 -15.04 15.47
N ARG A 1016 -13.77 -14.10 15.85
CA ARG A 1016 -12.45 -14.46 16.32
C ARG A 1016 -12.17 -13.76 17.64
N THR A 1017 -11.30 -14.36 18.46
CA THR A 1017 -11.00 -13.84 19.78
C THR A 1017 -9.58 -14.23 20.17
N SER A 1018 -8.86 -13.31 20.77
CA SER A 1018 -7.53 -13.45 21.32
C SER A 1018 -7.59 -13.55 22.84
N PRO A 1019 -6.55 -14.07 23.49
CA PRO A 1019 -6.54 -14.05 24.96
C PRO A 1019 -6.66 -12.66 25.55
N THR A 1020 -6.11 -11.65 24.87
CA THR A 1020 -6.21 -10.28 25.37
C THR A 1020 -7.65 -9.84 25.47
N ASN A 1021 -8.47 -10.18 24.47
CA ASN A 1021 -9.88 -9.79 24.51
C ASN A 1021 -10.58 -10.43 25.70
N ILE A 1022 -10.32 -11.71 25.95
CA ILE A 1022 -10.95 -12.38 27.09
C ILE A 1022 -10.52 -11.74 28.40
N GLY A 1023 -9.23 -11.45 28.54
CA GLY A 1023 -8.74 -10.85 29.77
C GLY A 1023 -9.35 -9.48 30.02
N VAL A 1024 -9.35 -8.63 29.00
CA VAL A 1024 -9.89 -7.29 29.20
C VAL A 1024 -11.40 -7.35 29.42
N TYR A 1025 -12.10 -8.29 28.77
CA TYR A 1025 -13.52 -8.41 29.00
C TYR A 1025 -13.82 -8.83 30.44
N LEU A 1026 -13.05 -9.78 30.97
CA LEU A 1026 -13.27 -10.20 32.36
C LEU A 1026 -12.97 -9.07 33.32
N LEU A 1027 -11.89 -8.33 33.07
CA LEU A 1027 -11.57 -7.17 33.88
C LEU A 1027 -12.68 -6.12 33.82
N SER A 1028 -13.25 -5.91 32.63
CA SER A 1028 -14.34 -4.96 32.49
C SER A 1028 -15.60 -5.44 33.18
N VAL A 1029 -15.83 -6.75 33.23
CA VAL A 1029 -16.98 -7.28 33.96
C VAL A 1029 -16.83 -6.98 35.45
N ILE A 1030 -15.62 -7.20 35.98
CA ILE A 1030 -15.37 -6.86 37.38
C ILE A 1030 -15.60 -5.37 37.61
N SER A 1031 -15.09 -4.53 36.71
CA SER A 1031 -15.25 -3.09 36.85
C SER A 1031 -16.72 -2.68 36.80
N ALA A 1032 -17.49 -3.32 35.91
CA ALA A 1032 -18.92 -3.00 35.80
C ALA A 1032 -19.66 -3.38 37.07
N ARG A 1033 -19.36 -4.54 37.65
CA ARG A 1033 -19.95 -4.87 38.93
C ARG A 1033 -19.54 -3.87 40.00
N GLN A 1034 -18.30 -3.36 39.92
CA GLN A 1034 -17.86 -2.34 40.86
C GLN A 1034 -18.65 -1.05 40.69
N PHE A 1035 -18.99 -0.69 39.45
CA PHE A 1035 -19.74 0.54 39.19
C PHE A 1035 -21.16 0.46 39.73
N GLY A 1036 -21.76 -0.71 39.69
CA GLY A 1036 -23.13 -0.88 40.12
C GLY A 1036 -24.10 -0.92 38.94
N TRP A 1037 -23.75 -1.67 37.90
CA TRP A 1037 -24.58 -1.77 36.71
C TRP A 1037 -25.38 -3.05 36.65
N ILE A 1038 -24.88 -4.15 37.21
CA ILE A 1038 -25.54 -5.44 37.18
C ILE A 1038 -25.56 -6.05 38.58
N SER A 1039 -26.49 -6.97 38.79
CA SER A 1039 -26.65 -7.61 40.08
C SER A 1039 -25.51 -8.59 40.33
N PHE A 1040 -25.37 -9.00 41.60
CA PHE A 1040 -24.30 -9.91 41.98
C PHE A 1040 -24.40 -11.24 41.25
N ALA A 1041 -25.60 -11.80 41.13
CA ALA A 1041 -25.75 -13.08 40.47
C ALA A 1041 -25.33 -13.01 39.00
N ASP A 1042 -25.61 -11.89 38.34
CA ASP A 1042 -25.22 -11.74 36.94
C ASP A 1042 -23.71 -11.78 36.78
N THR A 1043 -22.98 -11.12 37.69
CA THR A 1043 -21.53 -11.14 37.60
C THR A 1043 -20.97 -12.55 37.74
N LEU A 1044 -21.48 -13.29 38.73
CA LEU A 1044 -21.03 -14.68 38.91
C LEU A 1044 -21.36 -15.51 37.68
N GLU A 1045 -22.56 -15.34 37.12
CA GLU A 1045 -22.92 -16.11 35.94
C GLU A 1045 -22.00 -15.81 34.77
N ARG A 1046 -21.72 -14.52 34.52
CA ARG A 1046 -20.88 -14.17 33.38
C ARG A 1046 -19.46 -14.69 33.56
N ILE A 1047 -18.90 -14.53 34.77
CA ILE A 1047 -17.55 -14.98 35.01
C ILE A 1047 -17.46 -16.49 34.93
N GLU A 1048 -18.44 -17.20 35.50
CA GLU A 1048 -18.43 -18.66 35.43
C GLU A 1048 -18.52 -19.15 34.00
N ASN A 1049 -19.39 -18.53 33.20
CA ASN A 1049 -19.52 -18.95 31.81
C ASN A 1049 -18.22 -18.72 31.06
N THR A 1050 -17.61 -17.54 31.23
CA THR A 1050 -16.37 -17.26 30.52
C THR A 1050 -15.27 -18.22 30.94
N ILE A 1051 -15.17 -18.52 32.24
CA ILE A 1051 -14.09 -19.38 32.72
C ILE A 1051 -14.31 -20.82 32.27
N GLN A 1052 -15.56 -21.30 32.26
CA GLN A 1052 -15.81 -22.62 31.72
C GLN A 1052 -15.44 -22.70 30.25
N THR A 1053 -15.82 -21.69 29.47
CA THR A 1053 -15.45 -21.70 28.06
C THR A 1053 -13.94 -21.70 27.89
N VAL A 1054 -13.23 -20.94 28.73
CA VAL A 1054 -11.77 -20.89 28.64
C VAL A 1054 -11.17 -22.24 29.02
N GLU A 1055 -11.74 -22.91 30.01
CA GLU A 1055 -11.21 -24.22 30.39
C GLU A 1055 -11.45 -25.25 29.30
N LYS A 1056 -12.56 -25.13 28.56
CA LYS A 1056 -12.79 -26.03 27.43
C LYS A 1056 -11.88 -25.73 26.25
N MET A 1057 -11.14 -24.63 26.30
CA MET A 1057 -10.34 -24.13 25.20
C MET A 1057 -9.09 -25.00 25.02
N GLU A 1058 -8.58 -25.04 23.80
CA GLU A 1058 -7.39 -25.83 23.51
C GLU A 1058 -6.15 -25.09 24.02
N LYS A 1059 -5.20 -25.85 24.55
CA LYS A 1059 -4.00 -25.27 25.17
C LYS A 1059 -2.76 -26.03 24.77
N HIS A 1060 -1.61 -25.34 24.83
CA HIS A 1060 -0.30 -25.93 24.57
C HIS A 1060 0.61 -25.57 25.75
N ARG A 1061 0.76 -26.51 26.69
CA ARG A 1061 1.50 -26.28 27.92
C ARG A 1061 0.99 -25.04 28.66
N GLY A 1062 -0.33 -24.90 28.71
CA GLY A 1062 -0.94 -23.82 29.45
C GLY A 1062 -1.38 -22.66 28.58
N HIS A 1063 -0.57 -22.30 27.60
CA HIS A 1063 -0.85 -21.13 26.78
C HIS A 1063 -2.01 -21.41 25.83
N LEU A 1064 -2.51 -20.35 25.22
CA LEU A 1064 -3.53 -20.44 24.19
C LEU A 1064 -2.89 -20.20 22.83
N TYR A 1065 -3.68 -20.31 21.77
CA TYR A 1065 -3.20 -20.23 20.39
C TYR A 1065 -3.60 -18.92 19.73
N ASN A 1066 -3.51 -17.82 20.48
CA ASN A 1066 -3.75 -16.49 19.93
C ASN A 1066 -5.16 -16.38 19.38
N TRP A 1067 -5.32 -16.59 18.07
CA TRP A 1067 -6.63 -16.45 17.45
C TRP A 1067 -7.45 -17.73 17.63
N TYR A 1068 -8.76 -17.55 17.78
CA TYR A 1068 -9.68 -18.64 18.00
C TYR A 1068 -10.99 -18.34 17.29
N HIS A 1069 -11.91 -19.31 17.34
CA HIS A 1069 -13.25 -19.15 16.81
C HIS A 1069 -14.25 -19.00 17.96
N THR A 1070 -15.26 -18.17 17.74
CA THR A 1070 -16.22 -17.85 18.79
C THR A 1070 -17.33 -18.88 18.93
N ASP A 1071 -17.56 -19.70 17.91
CA ASP A 1071 -18.63 -20.69 17.93
C ASP A 1071 -18.13 -22.12 17.94
N THR A 1072 -16.95 -22.38 17.37
CA THR A 1072 -16.41 -23.73 17.32
C THR A 1072 -15.24 -23.95 18.27
N LEU A 1073 -14.64 -22.87 18.77
CA LEU A 1073 -13.48 -22.94 19.67
C LEU A 1073 -12.31 -23.66 19.03
N GLN A 1074 -12.18 -23.48 17.71
CA GLN A 1074 -11.05 -24.00 16.95
C GLN A 1074 -10.12 -22.85 16.59
N THR A 1075 -8.99 -23.18 15.99
CA THR A 1075 -7.97 -22.20 15.65
C THR A 1075 -8.09 -21.84 14.17
N LEU A 1076 -7.96 -20.56 13.86
CA LEU A 1076 -8.05 -20.10 12.48
C LEU A 1076 -6.95 -20.67 11.59
N GLY A 1077 -5.72 -20.31 11.87
CA GLY A 1077 -4.60 -20.74 11.07
C GLY A 1077 -3.62 -21.59 11.85
N PRO A 1078 -2.33 -21.36 11.65
CA PRO A 1078 -1.33 -22.08 12.44
C PRO A 1078 -1.49 -21.78 13.92
N ARG A 1079 -1.28 -22.81 14.74
CA ARG A 1079 -1.40 -22.66 16.19
C ARG A 1079 -0.17 -21.91 16.69
N TYR A 1080 -0.25 -20.58 16.64
CA TYR A 1080 0.85 -19.72 17.01
C TYR A 1080 0.65 -19.19 18.42
N VAL A 1081 1.46 -19.69 19.36
CA VAL A 1081 1.42 -19.16 20.72
C VAL A 1081 2.10 -17.81 20.74
N SER A 1082 1.45 -16.83 21.38
CA SER A 1082 1.97 -15.47 21.47
C SER A 1082 2.36 -15.19 22.91
N ALA A 1083 3.56 -14.63 23.10
CA ALA A 1083 4.03 -14.32 24.44
C ALA A 1083 3.25 -13.17 25.07
N VAL A 1084 2.92 -12.14 24.29
CA VAL A 1084 2.22 -10.97 24.84
C VAL A 1084 0.84 -11.36 25.34
N ASP A 1085 0.07 -12.05 24.49
CA ASP A 1085 -1.33 -12.31 24.81
C ASP A 1085 -1.46 -13.21 26.03
N SER A 1086 -0.60 -14.23 26.12
CA SER A 1086 -0.62 -15.11 27.29
C SER A 1086 -0.33 -14.34 28.56
N GLY A 1087 0.67 -13.45 28.51
CA GLY A 1087 0.99 -12.65 29.68
C GLY A 1087 -0.15 -11.73 30.08
N ASN A 1088 -0.78 -11.08 29.10
CA ASN A 1088 -1.89 -10.19 29.41
C ASN A 1088 -3.05 -10.97 30.03
N LEU A 1089 -3.39 -12.13 29.47
CA LEU A 1089 -4.50 -12.90 30.02
C LEU A 1089 -4.18 -13.39 31.43
N ALA A 1090 -2.94 -13.82 31.67
CA ALA A 1090 -2.59 -14.29 33.01
C ALA A 1090 -2.62 -13.14 34.01
N GLY A 1091 -2.11 -11.97 33.62
CA GLY A 1091 -2.15 -10.83 34.51
C GLY A 1091 -3.56 -10.40 34.85
N HIS A 1092 -4.48 -10.51 33.89
CA HIS A 1092 -5.87 -10.18 34.19
C HIS A 1092 -6.55 -11.26 35.01
N LEU A 1093 -6.17 -12.51 34.81
CA LEU A 1093 -6.74 -13.59 35.61
C LEU A 1093 -6.30 -13.50 37.07
N ILE A 1094 -5.09 -13.03 37.32
CA ILE A 1094 -4.66 -12.84 38.70
C ILE A 1094 -5.54 -11.80 39.39
N ALA A 1095 -5.84 -10.70 38.69
CA ALA A 1095 -6.73 -9.70 39.25
C ALA A 1095 -8.13 -10.26 39.46
N VAL A 1096 -8.61 -11.10 38.53
CA VAL A 1096 -9.92 -11.71 38.70
C VAL A 1096 -9.94 -12.59 39.94
N SER A 1097 -8.90 -13.38 40.14
CA SER A 1097 -8.83 -14.25 41.32
C SER A 1097 -8.80 -13.43 42.60
N SER A 1098 -8.03 -12.34 42.62
CA SER A 1098 -7.98 -11.49 43.80
C SER A 1098 -9.35 -10.88 44.09
N ALA A 1099 -10.06 -10.45 43.04
CA ALA A 1099 -11.39 -9.90 43.23
C ALA A 1099 -12.34 -10.93 43.81
N CYS A 1100 -12.28 -12.16 43.30
CA CYS A 1100 -13.15 -13.22 43.82
C CYS A 1100 -12.82 -13.52 45.27
N ARG A 1101 -11.53 -13.53 45.62
CA ARG A 1101 -11.14 -13.71 47.01
C ARG A 1101 -11.73 -12.62 47.90
N ASP A 1102 -11.58 -11.36 47.47
CA ASP A 1102 -12.09 -10.25 48.28
C ASP A 1102 -13.60 -10.31 48.43
N TRP A 1103 -14.30 -10.71 47.36
CA TRP A 1103 -15.74 -10.84 47.39
C TRP A 1103 -16.21 -11.99 48.28
N ALA A 1104 -15.43 -13.07 48.34
CA ALA A 1104 -15.81 -14.23 49.14
C ALA A 1104 -15.43 -14.10 50.60
N GLU A 1105 -14.44 -13.26 50.93
CA GLU A 1105 -14.03 -13.12 52.32
C GLU A 1105 -15.06 -12.40 53.18
N ALA A 1106 -16.02 -11.70 52.56
CA ALA A 1106 -17.06 -10.99 53.30
C ALA A 1106 -18.24 -10.72 52.38
N PRO A 1107 -19.04 -11.74 52.08
CA PRO A 1107 -20.24 -11.52 51.24
C PRO A 1107 -21.44 -11.10 52.08
N SER A 1108 -21.22 -10.15 52.99
CA SER A 1108 -22.28 -9.66 53.86
C SER A 1108 -22.62 -8.19 53.63
N ALA A 1109 -21.65 -7.34 53.29
CA ALA A 1109 -21.93 -5.95 52.98
C ALA A 1109 -21.58 -5.60 51.54
N HIS A 1110 -20.98 -6.52 50.80
CA HIS A 1110 -20.60 -6.29 49.41
C HIS A 1110 -21.74 -6.58 48.45
N LEU A 1111 -22.98 -6.53 48.91
CA LEU A 1111 -24.14 -6.85 48.09
C LEU A 1111 -25.05 -5.66 47.82
N GLN A 1112 -25.09 -4.67 48.71
CA GLN A 1112 -26.05 -3.58 48.56
C GLN A 1112 -25.84 -2.82 47.25
N GLY A 1113 -24.59 -2.56 46.89
CA GLY A 1113 -24.29 -1.89 45.64
C GLY A 1113 -24.10 -0.40 45.80
N ASN A 1114 -23.87 0.26 44.67
CA ASN A 1114 -23.51 1.67 44.67
C ASN A 1114 -24.70 2.59 44.39
N LEU A 1115 -25.71 2.09 43.68
CA LEU A 1115 -26.89 2.88 43.31
C LEU A 1115 -26.50 4.13 42.53
N ASP A 1116 -25.47 4.00 41.71
CA ASP A 1116 -25.07 5.07 40.81
C ASP A 1116 -25.18 4.70 39.34
N GLY A 1117 -25.16 3.40 39.02
CA GLY A 1117 -25.47 2.99 37.66
C GLY A 1117 -26.87 3.38 37.24
N ILE A 1118 -27.83 3.30 38.18
CA ILE A 1118 -29.17 3.80 37.93
C ILE A 1118 -29.16 5.30 37.72
N GLY A 1119 -28.25 6.02 38.36
CA GLY A 1119 -28.11 7.44 38.09
C GLY A 1119 -27.48 7.71 36.75
N ASP A 1120 -26.48 6.89 36.39
CA ASP A 1120 -25.78 7.10 35.12
C ASP A 1120 -26.69 6.81 33.93
N VAL A 1121 -27.48 5.74 33.99
CA VAL A 1121 -28.38 5.44 32.88
C VAL A 1121 -29.48 6.50 32.79
N ALA A 1122 -29.92 7.02 33.93
CA ALA A 1122 -30.89 8.12 33.91
C ALA A 1122 -30.29 9.36 33.26
N GLY A 1123 -29.03 9.68 33.58
CA GLY A 1123 -28.38 10.81 32.94
C GLY A 1123 -28.22 10.61 31.45
N ILE A 1124 -27.89 9.38 31.03
CA ILE A 1124 -27.76 9.09 29.61
C ILE A 1124 -29.11 9.23 28.90
N LEU A 1125 -30.19 8.80 29.56
CA LEU A 1125 -31.52 9.00 28.98
C LEU A 1125 -31.85 10.47 28.85
N ARG A 1126 -31.54 11.26 29.88
CA ARG A 1126 -31.79 12.70 29.80
C ARG A 1126 -31.00 13.32 28.66
N GLU A 1127 -29.74 12.92 28.49
CA GLU A 1127 -28.95 13.46 27.40
C GLU A 1127 -29.47 13.02 26.04
N THR A 1128 -29.99 11.79 25.95
CA THR A 1128 -30.56 11.31 24.70
C THR A 1128 -31.83 12.06 24.34
N LEU A 1129 -32.61 12.47 25.34
CA LEU A 1129 -33.84 13.20 25.09
C LEU A 1129 -33.61 14.51 24.34
N LYS A 1130 -32.51 15.21 24.64
CA LYS A 1130 -32.29 16.51 24.03
C LYS A 1130 -32.14 16.42 22.52
N ALA A 1131 -31.70 15.27 22.01
CA ALA A 1131 -31.55 15.09 20.57
C ALA A 1131 -32.86 14.61 19.94
N LEU A 1132 -33.88 15.46 20.06
CA LEU A 1132 -35.21 15.16 19.53
C LEU A 1132 -35.84 16.45 19.00
N PRO A 1133 -35.90 16.62 17.68
CA PRO A 1133 -36.55 17.82 17.13
C PRO A 1133 -38.06 17.74 17.22
N ASP A 1134 -38.61 17.86 18.44
CA ASP A 1134 -40.05 17.76 18.67
C ASP A 1134 -40.68 19.08 18.24
N ASN A 1135 -41.08 19.14 16.97
CA ASN A 1135 -41.74 20.32 16.44
C ASN A 1135 -42.92 19.90 15.56
N ARG A 1136 -43.68 18.91 16.02
CA ARG A 1136 -44.80 18.38 15.26
C ARG A 1136 -46.08 19.13 15.61
N LYS A 1137 -47.22 18.61 15.14
CA LYS A 1137 -48.49 19.32 15.30
C LYS A 1137 -48.88 19.47 16.76
N THR A 1138 -48.48 18.53 17.62
CA THR A 1138 -48.82 18.59 19.04
C THR A 1138 -47.86 19.46 19.84
N LEU A 1139 -46.87 20.06 19.18
CA LEU A 1139 -45.81 20.84 19.81
C LEU A 1139 -44.97 19.93 20.72
N ARG A 1140 -45.10 20.06 22.04
CA ARG A 1140 -44.24 19.35 22.98
C ARG A 1140 -44.99 19.00 24.26
N PRO A 1141 -46.14 18.32 24.16
CA PRO A 1141 -46.81 17.90 25.39
C PRO A 1141 -46.16 16.70 26.04
N LEU A 1142 -45.89 15.67 25.23
CA LEU A 1142 -45.31 14.44 25.76
C LEU A 1142 -43.83 14.62 26.05
N HIS A 1143 -43.14 15.44 25.26
CA HIS A 1143 -41.72 15.69 25.52
C HIS A 1143 -41.54 16.35 26.88
N ARG A 1144 -42.31 17.39 27.17
CA ARG A 1144 -42.21 18.03 28.48
C ARG A 1144 -42.73 17.14 29.59
N ARG A 1145 -43.76 16.33 29.30
CA ARG A 1145 -44.25 15.39 30.30
C ARG A 1145 -43.16 14.40 30.71
N LEU A 1146 -42.47 13.83 29.72
CA LEU A 1146 -41.43 12.86 30.02
C LEU A 1146 -40.22 13.54 30.63
N GLU A 1147 -39.95 14.79 30.26
CA GLU A 1147 -38.84 15.51 30.86
C GLU A 1147 -39.10 15.77 32.34
N GLU A 1148 -40.32 16.17 32.69
CA GLU A 1148 -40.64 16.34 34.10
C GLU A 1148 -40.63 15.00 34.82
N ARG A 1149 -41.05 13.93 34.14
CA ARG A 1149 -40.98 12.60 34.75
C ARG A 1149 -39.55 12.21 35.05
N ILE A 1150 -38.63 12.46 34.12
CA ILE A 1150 -37.24 12.05 34.34
C ILE A 1150 -36.56 12.92 35.38
N ILE A 1151 -36.88 14.22 35.42
CA ILE A 1151 -36.28 15.03 36.49
C ILE A 1151 -36.84 14.64 37.84
N GLY A 1152 -38.13 14.28 37.91
CA GLY A 1152 -38.68 13.77 39.15
C GLY A 1152 -38.06 12.44 39.56
N PHE A 1153 -37.78 11.58 38.58
CA PHE A 1153 -37.11 10.31 38.87
C PHE A 1153 -35.72 10.55 39.41
N SER A 1154 -34.98 11.49 38.83
CA SER A 1154 -33.66 11.82 39.35
C SER A 1154 -33.76 12.39 40.76
N ASN A 1155 -34.78 13.20 41.03
CA ASN A 1155 -34.99 13.71 42.37
C ASN A 1155 -35.29 12.57 43.35
N ALA A 1156 -36.10 11.61 42.93
CA ALA A 1156 -36.41 10.47 43.80
C ALA A 1156 -35.16 9.65 44.09
N LEU A 1157 -34.33 9.41 43.06
CA LEU A 1157 -33.09 8.68 43.26
C LEU A 1157 -32.16 9.43 44.20
N ALA A 1158 -32.07 10.75 44.06
CA ALA A 1158 -31.25 11.54 44.96
C ALA A 1158 -31.77 11.47 46.40
N SER A 1159 -33.09 11.52 46.56
CA SER A 1159 -33.69 11.39 47.89
C SER A 1159 -33.36 10.03 48.50
N VAL A 1160 -33.41 8.96 47.70
CA VAL A 1160 -32.97 7.66 48.18
C VAL A 1160 -31.51 7.70 48.58
N LYS A 1161 -30.68 8.38 47.79
CA LYS A 1161 -29.24 8.34 48.01
C LYS A 1161 -28.83 9.09 49.27
N ARG A 1162 -29.41 10.27 49.56
CA ARG A 1162 -28.99 10.95 50.77
C ARG A 1162 -29.41 10.19 52.01
N GLU A 1163 -30.50 9.42 51.92
CA GLU A 1163 -30.85 8.53 53.01
C GLU A 1163 -29.74 7.50 53.22
N HIS A 1164 -29.35 7.34 54.49
CA HIS A 1164 -28.24 6.46 54.84
C HIS A 1164 -28.67 5.07 55.27
N GLU A 1165 -29.90 4.92 55.78
CA GLU A 1165 -30.39 3.62 56.17
C GLU A 1165 -30.62 2.70 54.98
N PHE A 1166 -30.77 3.26 53.78
CA PHE A 1166 -30.98 2.50 52.55
C PHE A 1166 -32.19 1.58 52.67
N ALA A 1167 -33.35 2.21 52.86
CA ALA A 1167 -34.60 1.47 52.95
C ALA A 1167 -34.86 0.73 51.64
N SER A 1168 -35.21 -0.55 51.75
CA SER A 1168 -35.40 -1.40 50.58
C SER A 1168 -36.74 -1.16 49.89
N ILE A 1169 -37.67 -0.43 50.52
CA ILE A 1169 -38.95 -0.16 49.90
C ILE A 1169 -38.89 0.99 48.91
N ARG A 1170 -37.89 1.86 49.01
CA ARG A 1170 -37.75 2.97 48.08
C ARG A 1170 -37.33 2.52 46.69
N VAL A 1171 -36.62 1.39 46.60
CA VAL A 1171 -36.26 0.86 45.30
C VAL A 1171 -37.52 0.44 44.54
N ILE A 1172 -38.56 0.02 45.25
CA ILE A 1172 -39.83 -0.31 44.61
C ILE A 1172 -40.44 0.93 43.96
N ASN A 1173 -40.42 2.06 44.68
CA ASN A 1173 -40.92 3.30 44.09
C ASN A 1173 -40.08 3.72 42.90
N LEU A 1174 -38.77 3.54 42.99
CA LEU A 1174 -37.90 3.84 41.85
C LEU A 1174 -38.27 2.97 40.64
N ALA A 1175 -38.54 1.69 40.89
CA ALA A 1175 -38.95 0.79 39.81
C ALA A 1175 -40.29 1.20 39.22
N VAL A 1176 -41.22 1.66 40.05
CA VAL A 1176 -42.51 2.13 39.55
C VAL A 1176 -42.31 3.33 38.64
N LEU A 1177 -41.46 4.28 39.06
CA LEU A 1177 -41.17 5.43 38.23
C LEU A 1177 -40.51 5.01 36.93
N ALA A 1178 -39.62 4.01 36.98
CA ALA A 1178 -38.99 3.52 35.77
C ALA A 1178 -40.02 2.93 34.82
N ARG A 1179 -40.98 2.16 35.35
CA ARG A 1179 -42.04 1.62 34.50
C ARG A 1179 -42.86 2.74 33.87
N ASP A 1180 -43.16 3.78 34.65
CA ASP A 1180 -43.92 4.91 34.11
C ASP A 1180 -43.16 5.59 32.98
N ILE A 1181 -41.86 5.81 33.16
CA ILE A 1181 -41.06 6.46 32.12
C ILE A 1181 -40.99 5.59 30.88
N GLN A 1182 -40.82 4.27 31.06
CA GLN A 1182 -40.77 3.38 29.91
C GLN A 1182 -42.09 3.41 29.15
N LYS A 1183 -43.22 3.41 29.86
CA LYS A 1183 -44.51 3.47 29.20
C LYS A 1183 -44.68 4.77 28.41
N LEU A 1184 -44.26 5.89 29.01
CA LEU A 1184 -44.35 7.16 28.28
C LEU A 1184 -43.47 7.17 27.05
N ALA A 1185 -42.26 6.61 27.15
CA ALA A 1185 -41.38 6.54 25.99
C ALA A 1185 -41.97 5.67 24.89
N THR A 1186 -42.58 4.55 25.27
CA THR A 1186 -43.23 3.70 24.26
C THR A 1186 -44.41 4.43 23.62
N ASN A 1187 -45.17 5.19 24.41
CA ASN A 1187 -46.26 5.98 23.85
C ASN A 1187 -45.73 7.00 22.85
N VAL A 1188 -44.62 7.65 23.16
CA VAL A 1188 -44.00 8.57 22.22
C VAL A 1188 -43.59 7.83 20.94
N ASP A 1189 -43.01 6.64 21.09
CA ASP A 1189 -42.54 5.90 19.93
C ASP A 1189 -43.68 5.41 19.06
N HIS A 1190 -44.86 5.16 19.64
CA HIS A 1190 -45.97 4.69 18.84
C HIS A 1190 -46.42 5.72 17.81
N GLU A 1191 -46.31 7.01 18.15
CA GLU A 1191 -46.70 8.07 17.23
C GLU A 1191 -45.55 8.67 16.46
N VAL A 1192 -44.33 8.57 16.96
CA VAL A 1192 -43.14 9.09 16.27
C VAL A 1192 -42.27 7.88 15.91
N LYS A 1193 -42.01 7.72 14.63
CA LYS A 1193 -41.26 6.58 14.10
C LYS A 1193 -39.85 6.98 13.69
N SER A 1194 -39.32 8.02 14.33
CA SER A 1194 -37.98 8.48 14.02
C SER A 1194 -36.94 7.44 14.43
N ALA A 1195 -35.88 7.35 13.64
CA ALA A 1195 -34.82 6.38 13.92
C ALA A 1195 -34.02 6.72 15.17
N GLN A 1196 -34.19 7.93 15.70
CA GLN A 1196 -33.50 8.32 16.92
C GLN A 1196 -34.27 7.95 18.18
N SER A 1197 -35.61 7.88 18.10
CA SER A 1197 -36.41 7.54 19.27
C SER A 1197 -36.20 6.10 19.72
N ALA A 1198 -35.70 5.24 18.83
CA ALA A 1198 -35.36 3.88 19.27
C ALA A 1198 -34.29 3.92 20.35
N GLU A 1199 -33.40 4.90 20.29
CA GLU A 1199 -32.39 5.05 21.35
C GLU A 1199 -33.05 5.40 22.68
N VAL A 1200 -34.03 6.29 22.66
CA VAL A 1200 -34.76 6.61 23.88
C VAL A 1200 -35.45 5.38 24.43
N THR A 1201 -36.07 4.60 23.54
CA THR A 1201 -36.70 3.35 23.97
C THR A 1201 -35.70 2.43 24.64
N ARG A 1202 -34.55 2.21 23.99
CA ARG A 1202 -33.56 1.29 24.53
C ARG A 1202 -33.04 1.78 25.87
N TRP A 1203 -32.82 3.08 26.02
CA TRP A 1203 -32.25 3.58 27.26
C TRP A 1203 -33.26 3.55 28.40
N ALA A 1204 -34.54 3.77 28.10
CA ALA A 1204 -35.57 3.56 29.12
C ALA A 1204 -35.62 2.10 29.54
N GLN A 1205 -35.55 1.18 28.58
CA GLN A 1205 -35.55 -0.23 28.91
C GLN A 1205 -34.35 -0.61 29.77
N LEU A 1206 -33.18 -0.07 29.44
CA LEU A 1206 -32.00 -0.35 30.24
C LEU A 1206 -32.11 0.23 31.64
N LEU A 1207 -32.74 1.40 31.76
CA LEU A 1207 -32.98 1.97 33.09
C LEU A 1207 -33.85 1.05 33.94
N VAL A 1208 -34.93 0.53 33.36
CA VAL A 1208 -35.78 -0.35 34.16
C VAL A 1208 -35.15 -1.73 34.36
N GLU A 1209 -34.24 -2.20 33.47
CA GLU A 1209 -33.40 -3.39 33.80
C GLU A 1209 -32.51 -3.12 35.00
N SER A 1210 -31.90 -1.94 35.06
CA SER A 1210 -31.05 -1.61 36.20
C SER A 1210 -31.85 -1.58 37.50
N CYS A 1211 -33.05 -1.01 37.44
CA CYS A 1211 -33.90 -1.02 38.63
C CYS A 1211 -34.25 -2.44 39.06
N GLU A 1212 -34.62 -3.30 38.12
CA GLU A 1212 -34.92 -4.69 38.45
C GLU A 1212 -33.69 -5.41 39.00
N ALA A 1213 -32.51 -5.10 38.46
CA ALA A 1213 -31.29 -5.73 38.95
C ALA A 1213 -31.01 -5.35 40.40
N HIS A 1214 -31.16 -4.07 40.74
CA HIS A 1214 -30.96 -3.68 42.12
C HIS A 1214 -32.02 -4.27 43.04
N ILE A 1215 -33.27 -4.39 42.56
CA ILE A 1215 -34.28 -5.06 43.37
C ILE A 1215 -33.88 -6.50 43.63
N SER A 1216 -33.46 -7.22 42.59
CA SER A 1216 -33.06 -8.61 42.74
C SER A 1216 -31.88 -8.75 43.69
N ASP A 1217 -30.92 -7.82 43.63
CA ASP A 1217 -29.84 -7.81 44.59
C ASP A 1217 -30.35 -7.59 46.01
N SER A 1218 -31.37 -6.75 46.17
CA SER A 1218 -31.91 -6.42 47.48
C SER A 1218 -32.77 -7.52 48.09
N ALA A 1219 -32.77 -8.71 47.50
CA ALA A 1219 -33.60 -9.81 47.98
C ALA A 1219 -32.79 -11.02 48.41
N ILE A 1220 -31.52 -10.82 48.77
CA ILE A 1220 -30.70 -11.93 49.22
C ILE A 1220 -31.09 -12.31 50.64
N ASP A 1221 -31.19 -13.62 50.90
CA ASP A 1221 -31.58 -14.10 52.22
C ASP A 1221 -30.59 -13.66 53.28
N LEU A 1222 -29.29 -13.71 52.96
CA LEU A 1222 -28.23 -13.22 53.84
C LEU A 1222 -28.16 -14.01 55.15
N THR A 1223 -28.72 -15.22 55.11
CA THR A 1223 -28.63 -16.12 56.25
C THR A 1223 -27.89 -17.40 55.85
N ASN A 1224 -28.32 -18.03 54.76
CA ASN A 1224 -27.64 -19.19 54.24
C ASN A 1224 -26.77 -18.78 53.04
N MET A 1225 -25.67 -18.11 53.37
CA MET A 1225 -24.72 -17.58 52.39
C MET A 1225 -23.62 -18.58 52.05
N GLU A 1226 -23.80 -19.85 52.40
CA GLU A 1226 -22.75 -20.84 52.22
C GLU A 1226 -22.59 -21.31 50.77
N PRO A 1227 -23.66 -21.65 50.04
CA PRO A 1227 -23.44 -22.11 48.65
C PRO A 1227 -22.76 -21.08 47.78
N LEU A 1228 -23.11 -19.81 47.92
CA LEU A 1228 -22.46 -18.78 47.13
C LEU A 1228 -20.99 -18.65 47.51
N ARG A 1229 -20.68 -18.78 48.80
CA ARG A 1229 -19.28 -18.74 49.24
C ARG A 1229 -18.48 -19.91 48.68
N GLN A 1230 -19.07 -21.11 48.66
CA GLN A 1230 -18.39 -22.25 48.05
C GLN A 1230 -18.16 -22.02 46.56
N ARG A 1231 -19.15 -21.47 45.87
CA ARG A 1231 -18.98 -21.17 44.45
C ARG A 1231 -17.86 -20.17 44.23
N LEU A 1232 -17.82 -19.12 45.06
CA LEU A 1232 -16.77 -18.11 44.92
C LEU A 1232 -15.40 -18.69 45.18
N ALA A 1233 -15.26 -19.53 46.21
CA ALA A 1233 -13.96 -20.12 46.51
C ALA A 1233 -13.49 -21.03 45.38
N SER A 1234 -14.40 -21.86 44.86
CA SER A 1234 -14.03 -22.74 43.75
C SER A 1234 -13.65 -21.92 42.52
N LEU A 1235 -14.39 -20.84 42.25
CA LEU A 1235 -14.09 -19.99 41.11
C LEU A 1235 -12.73 -19.32 41.25
N ARG A 1236 -12.42 -18.82 42.45
CA ARG A 1236 -11.11 -18.23 42.69
C ARG A 1236 -10.00 -19.24 42.49
N ASP A 1237 -10.17 -20.46 43.03
CA ASP A 1237 -9.14 -21.48 42.89
C ASP A 1237 -8.93 -21.84 41.42
N ARG A 1238 -10.02 -21.99 40.67
CA ARG A 1238 -9.89 -22.33 39.25
C ARG A 1238 -9.23 -21.22 38.47
N SER A 1239 -9.57 -19.95 38.75
CA SER A 1239 -8.94 -18.85 38.06
C SER A 1239 -7.44 -18.79 38.35
N ARG A 1240 -7.07 -18.95 39.63
CA ARG A 1240 -5.66 -18.90 39.99
C ARG A 1240 -4.88 -20.04 39.35
N ASN A 1241 -5.44 -21.26 39.37
CA ASN A 1241 -4.75 -22.39 38.76
C ASN A 1241 -4.63 -22.22 37.26
N LEU A 1242 -5.67 -21.70 36.62
CA LEU A 1242 -5.60 -21.42 35.18
C LEU A 1242 -4.53 -20.38 34.86
N ALA A 1243 -4.40 -19.36 35.71
CA ALA A 1243 -3.37 -18.35 35.48
C ALA A 1243 -1.97 -18.90 35.66
N PHE A 1244 -1.74 -19.66 36.74
CA PHE A 1244 -0.40 -20.14 37.05
C PHE A 1244 0.00 -21.36 36.23
N SER A 1245 -0.95 -22.03 35.57
CA SER A 1245 -0.61 -23.19 34.75
C SER A 1245 0.20 -22.80 33.52
N MET A 1246 0.15 -21.53 33.12
CA MET A 1246 0.90 -21.09 31.95
C MET A 1246 2.39 -21.18 32.24
N ASP A 1247 3.13 -21.78 31.32
CA ASP A 1247 4.56 -22.01 31.49
C ASP A 1247 5.32 -21.12 30.52
N PHE A 1248 6.16 -20.24 31.06
CA PHE A 1248 6.95 -19.28 30.28
C PHE A 1248 8.41 -19.71 30.18
N THR A 1249 8.66 -21.00 30.36
CA THR A 1249 10.02 -21.53 30.34
C THR A 1249 10.56 -21.73 28.92
N PHE A 1250 9.83 -22.47 28.09
CA PHE A 1250 10.32 -22.80 26.76
C PHE A 1250 10.45 -21.59 25.85
N LEU A 1251 9.75 -20.49 26.13
CA LEU A 1251 9.86 -19.28 25.33
C LEU A 1251 11.14 -18.51 25.64
N TYR A 1252 11.87 -18.88 26.68
CA TYR A 1252 13.03 -18.14 27.13
C TYR A 1252 14.23 -18.46 26.25
N ARG A 1253 14.81 -17.42 25.66
CA ARG A 1253 16.00 -17.56 24.83
C ARG A 1253 17.21 -17.42 25.73
N LYS A 1254 17.89 -18.54 26.02
CA LYS A 1254 19.00 -18.51 26.97
C LYS A 1254 20.33 -18.25 26.28
N ASP A 1255 20.27 -17.56 25.13
CA ASP A 1255 21.47 -17.19 24.41
C ASP A 1255 21.66 -15.68 24.46
N ARG A 1256 20.57 -14.95 24.21
CA ARG A 1256 20.57 -13.49 24.27
C ARG A 1256 19.62 -12.98 25.34
N ARG A 1257 19.25 -13.83 26.30
CA ARG A 1257 18.24 -13.54 27.33
C ARG A 1257 16.96 -13.15 26.57
N LEU A 1258 16.24 -12.11 27.03
CA LEU A 1258 15.03 -11.65 26.36
C LEU A 1258 13.99 -12.75 26.28
N LEU A 1259 13.00 -12.59 25.41
CA LEU A 1259 12.00 -13.62 25.18
C LEU A 1259 11.68 -13.66 23.69
N SER A 1260 11.25 -14.82 23.22
CA SER A 1260 10.83 -14.96 21.84
C SER A 1260 9.50 -14.26 21.62
N ILE A 1261 9.21 -13.92 20.37
CA ILE A 1261 7.91 -13.36 20.04
C ILE A 1261 6.82 -14.38 20.33
N GLY A 1262 7.05 -15.63 19.97
CA GLY A 1262 6.08 -16.66 20.22
C GLY A 1262 6.62 -18.01 19.80
N TYR A 1263 5.74 -19.00 19.84
CA TYR A 1263 6.11 -20.37 19.51
C TYR A 1263 5.24 -20.86 18.37
N ARG A 1264 5.82 -21.71 17.52
CA ARG A 1264 5.11 -22.32 16.41
C ARG A 1264 5.04 -23.81 16.61
N VAL A 1265 3.83 -24.36 16.62
CA VAL A 1265 3.65 -25.79 16.84
C VAL A 1265 4.11 -26.63 15.65
N GLU A 1266 4.29 -26.02 14.49
CA GLU A 1266 4.81 -26.72 13.32
C GLU A 1266 6.32 -26.61 13.29
N SER A 1267 6.99 -27.76 13.29
CA SER A 1267 8.44 -27.89 13.32
C SER A 1267 8.99 -27.52 14.69
N LYS A 1268 8.12 -27.04 15.58
CA LYS A 1268 8.46 -26.82 16.99
C LYS A 1268 9.68 -25.93 17.17
N GLU A 1269 9.61 -24.68 16.71
CA GLU A 1269 10.74 -23.77 16.84
C GLU A 1269 10.24 -22.45 17.41
N LEU A 1270 11.11 -21.79 18.15
CA LEU A 1270 10.81 -20.49 18.71
C LEU A 1270 10.82 -19.45 17.58
N ASP A 1271 10.31 -18.25 17.88
CA ASP A 1271 10.31 -17.21 16.86
C ASP A 1271 11.66 -16.52 16.81
N GLU A 1272 11.80 -15.53 15.95
CA GLU A 1272 13.12 -15.02 15.59
C GLU A 1272 13.49 -13.73 16.31
N ALA A 1273 12.51 -12.89 16.60
CA ALA A 1273 12.76 -11.59 17.20
C ALA A 1273 12.51 -11.64 18.70
N CYS A 1274 12.84 -10.54 19.37
CA CYS A 1274 12.65 -10.44 20.82
C CYS A 1274 12.14 -9.05 21.21
N TYR A 1275 11.94 -8.84 22.51
CA TYR A 1275 11.42 -7.58 23.04
C TYR A 1275 12.54 -6.90 23.83
N ASP A 1276 12.81 -5.63 23.50
CA ASP A 1276 13.95 -4.96 24.11
C ASP A 1276 13.63 -3.56 24.61
N LEU A 1277 12.35 -3.24 24.80
CA LEU A 1277 11.97 -1.91 25.25
C LEU A 1277 11.20 -1.99 26.56
N LEU A 1278 11.50 -1.06 27.47
CA LEU A 1278 10.83 -1.01 28.77
C LEU A 1278 9.40 -0.53 28.71
N ALA A 1279 9.08 0.45 27.89
CA ALA A 1279 7.73 0.97 27.79
C ALA A 1279 6.99 0.19 26.71
N SER A 1280 6.37 -0.91 27.13
CA SER A 1280 5.58 -1.78 26.27
C SER A 1280 4.75 -2.69 27.16
N GLU A 1281 3.93 -3.53 26.53
CA GLU A 1281 3.20 -4.56 27.27
C GLU A 1281 4.08 -5.74 27.64
N CYS A 1282 5.25 -5.87 26.98
CA CYS A 1282 6.24 -6.82 27.46
C CYS A 1282 6.65 -6.50 28.89
N ARG A 1283 6.46 -5.25 29.32
CA ARG A 1283 6.69 -4.91 30.72
C ARG A 1283 5.78 -5.73 31.63
N LEU A 1284 4.47 -5.74 31.35
CA LEU A 1284 3.54 -6.54 32.15
C LEU A 1284 3.85 -8.03 32.03
N THR A 1285 4.14 -8.49 30.81
CA THR A 1285 4.40 -9.92 30.63
C THR A 1285 5.64 -10.35 31.41
N SER A 1286 6.72 -9.57 31.34
CA SER A 1286 7.94 -9.91 32.04
C SER A 1286 7.76 -9.79 33.55
N LEU A 1287 6.98 -8.82 34.01
CA LEU A 1287 6.72 -8.75 35.44
C LEU A 1287 6.00 -9.99 35.93
N PHE A 1288 4.97 -10.43 35.19
CA PHE A 1288 4.28 -11.64 35.61
C PHE A 1288 5.22 -12.84 35.58
N ALA A 1289 6.01 -12.98 34.53
CA ALA A 1289 6.90 -14.14 34.43
C ALA A 1289 7.94 -14.14 35.54
N ILE A 1290 8.48 -12.96 35.89
CA ILE A 1290 9.44 -12.87 36.98
C ILE A 1290 8.78 -13.25 38.29
N ALA A 1291 7.58 -12.72 38.55
CA ALA A 1291 6.90 -13.04 39.81
C ALA A 1291 6.59 -14.53 39.91
N LYS A 1292 6.15 -15.15 38.83
CA LYS A 1292 5.87 -16.58 38.85
C LYS A 1292 7.13 -17.38 39.16
N GLY A 1293 8.28 -16.90 38.69
CA GLY A 1293 9.54 -17.56 38.98
C GLY A 1293 10.02 -18.43 37.84
N ASP A 1294 9.77 -18.00 36.60
CA ASP A 1294 10.16 -18.76 35.43
C ASP A 1294 11.20 -18.02 34.59
N LEU A 1295 11.70 -16.90 35.11
CA LEU A 1295 12.74 -16.14 34.45
C LEU A 1295 13.64 -15.56 35.52
N PRO A 1296 14.94 -15.43 35.24
CA PRO A 1296 15.83 -14.77 36.21
C PRO A 1296 15.58 -13.28 36.24
N THR A 1297 15.97 -12.67 37.37
CA THR A 1297 15.66 -11.26 37.60
C THR A 1297 16.32 -10.35 36.56
N GLU A 1298 17.51 -10.71 36.07
CA GLU A 1298 18.25 -9.82 35.17
C GLU A 1298 17.52 -9.53 33.88
N HIS A 1299 16.54 -10.35 33.49
CA HIS A 1299 15.76 -10.04 32.30
C HIS A 1299 15.04 -8.71 32.42
N TRP A 1300 14.58 -8.36 33.62
CA TRP A 1300 13.92 -7.08 33.80
C TRP A 1300 14.87 -5.92 33.53
N TYR A 1301 16.11 -6.01 34.02
CA TYR A 1301 17.07 -4.94 33.81
C TYR A 1301 17.75 -4.99 32.45
N ARG A 1302 17.55 -6.06 31.67
CA ARG A 1302 18.22 -6.12 30.39
C ARG A 1302 17.54 -5.24 29.34
N LEU A 1303 16.23 -5.10 29.40
CA LEU A 1303 15.47 -4.48 28.32
C LEU A 1303 15.15 -3.02 28.61
N GLY A 1304 15.18 -2.22 27.55
CA GLY A 1304 14.65 -0.87 27.59
C GLY A 1304 15.62 0.18 28.07
N ARG A 1305 15.07 1.15 28.81
CA ARG A 1305 15.80 2.27 29.38
C ARG A 1305 16.50 3.13 28.33
N GLN A 1306 15.71 3.82 27.50
CA GLN A 1306 16.26 4.84 26.62
C GLN A 1306 15.43 6.10 26.79
N VAL A 1307 16.07 7.26 26.71
CA VAL A 1307 15.45 8.53 27.05
C VAL A 1307 15.51 9.47 25.86
N VAL A 1308 14.36 10.00 25.47
CA VAL A 1308 14.23 11.08 24.49
C VAL A 1308 13.92 12.36 25.25
N PRO A 1309 14.73 13.41 25.12
CA PRO A 1309 14.47 14.66 25.86
C PRO A 1309 13.31 15.42 25.22
N ILE A 1310 12.25 15.62 25.99
CA ILE A 1310 11.14 16.48 25.57
C ILE A 1310 10.95 17.55 26.64
N GLY A 1311 10.87 18.80 26.20
CA GLY A 1311 10.82 19.92 27.13
C GLY A 1311 12.07 20.00 27.99
N ALA A 1312 11.88 20.06 29.30
CA ALA A 1312 13.00 20.14 30.24
C ALA A 1312 13.35 18.81 30.88
N GLN A 1313 12.74 17.71 30.45
CA GLN A 1313 13.03 16.41 31.03
C GLN A 1313 13.06 15.34 29.95
N GLY A 1314 13.06 14.08 30.35
CA GLY A 1314 13.10 13.00 29.39
C GLY A 1314 12.18 11.85 29.74
N ALA A 1315 11.40 11.40 28.77
CA ALA A 1315 10.52 10.25 28.92
C ALA A 1315 11.28 9.00 28.48
N LEU A 1316 10.58 7.87 28.43
CA LEU A 1316 11.17 6.65 27.92
C LEU A 1316 11.08 6.65 26.39
N VAL A 1317 11.39 5.51 25.79
CA VAL A 1317 11.48 5.36 24.35
C VAL A 1317 10.79 4.06 23.97
N SER A 1318 10.03 4.09 22.88
CA SER A 1318 9.31 2.89 22.47
C SER A 1318 9.21 2.82 20.95
N TRP A 1319 9.09 1.59 20.46
CA TRP A 1319 8.77 1.37 19.05
C TRP A 1319 7.40 1.92 18.73
N SER A 1320 7.35 2.90 17.83
CA SER A 1320 6.08 3.50 17.42
C SER A 1320 5.34 4.05 18.63
N GLY A 1321 5.87 5.12 19.22
CA GLY A 1321 5.46 5.54 20.54
C GLY A 1321 4.04 6.06 20.64
N SER A 1322 3.08 5.16 20.49
CA SER A 1322 1.68 5.38 20.74
C SER A 1322 1.39 5.27 22.23
N MET A 1323 0.11 5.20 22.60
CA MET A 1323 -0.25 5.14 24.01
C MET A 1323 -0.96 3.85 24.40
N PHE A 1324 -1.13 2.88 23.50
CA PHE A 1324 -1.72 1.63 23.96
C PHE A 1324 -0.71 0.78 24.69
N GLU A 1325 0.55 1.20 24.71
CA GLU A 1325 1.65 0.42 25.25
C GLU A 1325 2.39 1.15 26.37
N TYR A 1326 2.30 2.47 26.43
CA TYR A 1326 2.73 3.16 27.63
C TYR A 1326 1.69 3.04 28.74
N LEU A 1327 0.41 3.01 28.37
CA LEU A 1327 -0.69 3.08 29.34
C LEU A 1327 -1.49 1.80 29.39
N MET A 1328 -0.98 0.71 28.85
CA MET A 1328 -1.67 -0.56 29.01
C MET A 1328 -1.37 -1.15 30.40
N PRO A 1329 -0.11 -1.26 30.82
CA PRO A 1329 0.18 -1.88 32.11
C PRO A 1329 -0.45 -1.15 33.29
N PRO A 1330 -0.44 0.19 33.33
CA PRO A 1330 -1.01 0.87 34.51
C PRO A 1330 -2.47 0.56 34.75
N LEU A 1331 -3.17 -0.10 33.82
CA LEU A 1331 -4.51 -0.58 34.12
C LEU A 1331 -4.50 -1.63 35.23
N VAL A 1332 -3.42 -2.39 35.36
CA VAL A 1332 -3.31 -3.39 36.42
C VAL A 1332 -2.12 -3.06 37.33
N MET A 1333 -1.00 -2.64 36.75
CA MET A 1333 0.19 -2.35 37.53
C MET A 1333 0.06 -1.00 38.23
N GLN A 1334 0.77 -0.86 39.34
CA GLN A 1334 0.80 0.37 40.12
C GLN A 1334 2.08 1.13 39.82
N GLU A 1335 1.96 2.45 39.66
CA GLU A 1335 3.10 3.32 39.43
C GLU A 1335 3.07 4.39 40.52
N ARG A 1336 4.20 4.59 41.18
N ARG A 1336 4.20 4.59 41.18
CA ARG A 1336 4.27 5.50 42.32
CA ARG A 1336 4.27 5.50 42.32
C ARG A 1336 4.78 6.86 41.88
C ARG A 1336 4.76 6.87 41.89
N GLN A 1337 4.84 7.79 42.84
CA GLN A 1337 5.17 9.18 42.53
C GLN A 1337 6.58 9.34 41.96
N GLY A 1338 7.57 8.76 42.62
CA GLY A 1338 8.95 9.04 42.24
C GLY A 1338 9.50 8.21 41.10
N GLY A 1339 8.82 7.15 40.69
CA GLY A 1339 9.38 6.25 39.69
C GLY A 1339 9.49 6.92 38.33
N ILE A 1340 10.27 6.27 37.45
CA ILE A 1340 10.39 6.78 36.09
C ILE A 1340 9.07 6.66 35.33
N LEU A 1341 8.30 5.60 35.58
CA LEU A 1341 7.18 5.27 34.72
C LEU A 1341 6.10 6.34 34.74
N ASN A 1342 5.76 6.87 35.92
CA ASN A 1342 4.67 7.84 35.96
C ASN A 1342 5.09 9.17 35.34
N GLN A 1343 6.33 9.62 35.58
CA GLN A 1343 6.76 10.86 34.95
C GLN A 1343 6.84 10.68 33.44
N THR A 1344 7.21 9.48 32.99
CA THR A 1344 7.15 9.18 31.56
C THR A 1344 5.73 9.30 31.05
N ASN A 1345 4.76 8.79 31.81
CA ASN A 1345 3.36 8.88 31.39
C ASN A 1345 2.92 10.34 31.30
N ASN A 1346 3.27 11.14 32.30
CA ASN A 1346 2.89 12.55 32.27
C ASN A 1346 3.53 13.26 31.08
N LEU A 1347 4.82 13.00 30.84
CA LEU A 1347 5.51 13.66 29.74
C LEU A 1347 4.92 13.25 28.40
N ILE A 1348 4.57 11.97 28.23
CA ILE A 1348 4.02 11.57 26.94
C ILE A 1348 2.63 12.13 26.75
N VAL A 1349 1.84 12.27 27.82
CA VAL A 1349 0.56 12.92 27.67
C VAL A 1349 0.75 14.36 27.21
N LYS A 1350 1.69 15.08 27.82
CA LYS A 1350 1.96 16.44 27.40
C LYS A 1350 2.44 16.49 25.95
N GLU A 1351 3.27 15.52 25.55
CA GLU A 1351 3.79 15.51 24.19
C GLU A 1351 2.69 15.22 23.18
N GLN A 1352 1.76 14.32 23.53
CA GLN A 1352 0.64 14.06 22.64
C GLN A 1352 -0.24 15.29 22.50
N MET A 1353 -0.43 16.02 23.60
CA MET A 1353 -1.16 17.29 23.53
C MET A 1353 -0.45 18.26 22.59
N ASN A 1354 0.89 18.34 22.70
CA ASN A 1354 1.64 19.23 21.83
C ASN A 1354 1.50 18.84 20.37
N HIS A 1355 1.59 17.54 20.07
CA HIS A 1355 1.43 17.08 18.70
C HIS A 1355 0.05 17.42 18.17
N GLY A 1356 -0.99 17.20 18.98
CA GLY A 1356 -2.33 17.54 18.55
C GLY A 1356 -2.51 19.01 18.27
N ARG A 1357 -1.97 19.87 19.13
CA ARG A 1357 -2.17 21.30 18.93
C ARG A 1357 -1.34 21.82 17.77
N ARG A 1358 -0.18 21.20 17.50
CA ARG A 1358 0.61 21.66 16.37
C ARG A 1358 0.03 21.17 15.05
N LEU A 1359 -0.62 20.00 15.05
CA LEU A 1359 -1.39 19.60 13.89
C LEU A 1359 -2.73 20.30 13.80
N GLY A 1360 -3.28 20.76 14.94
CA GLY A 1360 -4.59 21.36 15.00
C GLY A 1360 -5.71 20.40 15.31
N THR A 1361 -5.60 19.16 14.85
CA THR A 1361 -6.59 18.13 15.11
C THR A 1361 -6.51 17.66 16.57
N PRO A 1362 -7.58 17.10 17.12
CA PRO A 1362 -7.53 16.59 18.48
C PRO A 1362 -6.50 15.49 18.63
N TRP A 1363 -5.92 15.40 19.82
CA TRP A 1363 -4.83 14.47 20.07
C TRP A 1363 -5.35 13.08 20.42
N GLY A 1364 -4.42 12.15 20.63
CA GLY A 1364 -4.78 10.79 20.96
C GLY A 1364 -4.34 9.74 19.96
N ILE A 1365 -3.19 9.92 19.32
CA ILE A 1365 -2.70 8.99 18.33
C ILE A 1365 -2.35 7.67 19.01
N SER A 1366 -2.83 6.56 18.45
CA SER A 1366 -2.49 5.23 18.91
C SER A 1366 -2.92 4.22 17.86
N GLU A 1367 -2.81 2.94 18.19
CA GLU A 1367 -3.17 1.86 17.27
C GLU A 1367 -4.68 1.82 17.09
N ALA A 1368 -5.13 1.84 15.85
CA ALA A 1368 -6.56 1.81 15.56
C ALA A 1368 -6.75 1.49 14.09
N ALA A 1369 -7.98 1.12 13.75
CA ALA A 1369 -8.33 0.89 12.35
C ALA A 1369 -8.51 2.22 11.64
N PHE A 1370 -7.74 2.41 10.57
CA PHE A 1370 -7.77 3.64 9.79
C PHE A 1370 -8.64 3.47 8.56
N ASN A 1371 -9.03 4.60 7.98
CA ASN A 1371 -10.03 4.59 6.91
C ASN A 1371 -9.44 4.05 5.61
N ALA A 1372 -9.39 2.73 5.49
CA ALA A 1372 -8.93 2.09 4.26
C ALA A 1372 -9.44 0.67 4.25
N ARG A 1373 -10.31 0.36 3.29
CA ARG A 1373 -10.96 -0.94 3.21
C ARG A 1373 -10.21 -1.82 2.22
N ASP A 1374 -10.79 -2.97 1.92
CA ASP A 1374 -10.21 -3.88 0.93
C ASP A 1374 -11.26 -4.85 0.42
N HIS A 1375 -10.82 -5.85 -0.34
CA HIS A 1375 -11.70 -6.97 -0.66
C HIS A 1375 -12.22 -7.56 0.64
N ASN A 1376 -13.52 -7.84 0.70
CA ASN A 1376 -14.17 -8.18 1.95
C ASN A 1376 -13.94 -7.04 2.95
N MET A 1377 -14.52 -5.88 2.65
CA MET A 1377 -14.22 -4.62 3.34
C MET A 1377 -14.20 -4.75 4.86
N ASN A 1378 -13.04 -4.50 5.47
CA ASN A 1378 -12.92 -4.56 6.92
C ASN A 1378 -12.02 -3.49 7.54
N TYR A 1379 -11.76 -2.39 6.84
CA TYR A 1379 -11.10 -1.20 7.39
C TYR A 1379 -9.65 -1.42 7.82
N GLN A 1380 -9.13 -2.65 7.69
CA GLN A 1380 -7.75 -2.94 8.05
C GLN A 1380 -7.43 -2.58 9.50
N TYR A 1381 -6.15 -2.64 9.87
CA TYR A 1381 -5.72 -2.41 11.24
C TYR A 1381 -4.20 -2.29 11.24
N THR A 1382 -3.66 -1.25 11.89
CA THR A 1382 -2.23 -1.05 11.90
C THR A 1382 -1.83 -0.16 13.06
N ASN A 1383 -0.52 -0.06 13.28
CA ASN A 1383 0.07 0.68 14.37
C ASN A 1383 0.32 2.14 13.97
N PHE A 1384 0.29 3.02 14.96
CA PHE A 1384 0.51 4.45 14.78
C PHE A 1384 1.30 4.98 15.97
N GLY A 1385 1.59 6.28 15.95
CA GLY A 1385 2.34 6.86 17.04
C GLY A 1385 2.75 8.29 16.71
N VAL A 1386 3.61 8.82 17.56
CA VAL A 1386 4.15 10.17 17.36
C VAL A 1386 5.60 10.06 16.89
N PRO A 1387 6.06 10.92 16.00
CA PRO A 1387 7.44 10.80 15.51
C PRO A 1387 8.50 11.02 16.58
N THR A 1388 8.18 11.73 17.65
CA THR A 1388 9.20 12.08 18.63
C THR A 1388 9.60 10.89 19.48
N LEU A 1389 8.66 9.97 19.72
CA LEU A 1389 8.86 8.88 20.67
C LEU A 1389 8.80 7.51 20.00
N GLY A 1390 9.16 7.42 18.73
CA GLY A 1390 8.84 6.21 17.99
C GLY A 1390 9.95 5.28 17.55
N LEU A 1391 11.08 5.83 17.14
CA LEU A 1391 12.13 5.06 16.48
C LEU A 1391 11.57 4.25 15.31
N LYS A 1392 10.80 4.92 14.47
CA LYS A 1392 10.31 4.31 13.24
C LYS A 1392 10.18 5.40 12.19
N ARG A 1393 10.57 5.08 10.95
CA ARG A 1393 10.39 6.02 9.85
C ARG A 1393 9.02 5.77 9.24
N GLY A 1394 8.14 6.76 9.37
CA GLY A 1394 6.82 6.64 8.80
C GLY A 1394 5.70 6.93 9.79
N LEU A 1395 6.05 7.36 11.00
CA LEU A 1395 5.05 7.68 12.01
C LEU A 1395 4.46 9.08 11.84
N GLY A 1396 5.11 9.96 11.10
CA GLY A 1396 4.63 11.30 10.88
C GLY A 1396 3.90 11.50 9.57
N GLN A 1397 3.45 10.42 8.93
CA GLN A 1397 2.79 10.50 7.64
C GLN A 1397 1.33 10.08 7.70
N ASN A 1398 0.83 9.72 8.87
CA ASN A 1398 -0.53 9.19 8.95
C ASN A 1398 -1.47 10.10 9.72
N ALA A 1399 -1.14 10.42 10.97
CA ALA A 1399 -1.92 11.34 11.80
C ALA A 1399 -3.38 10.88 11.89
N VAL A 1400 -3.56 9.72 12.51
CA VAL A 1400 -4.86 9.13 12.76
C VAL A 1400 -5.16 9.21 14.24
N ILE A 1401 -6.38 9.63 14.58
CA ILE A 1401 -6.79 9.86 15.96
C ILE A 1401 -7.79 8.79 16.38
N ALA A 1402 -7.55 8.18 17.54
CA ALA A 1402 -8.42 7.16 18.09
C ALA A 1402 -9.00 7.63 19.41
N PRO A 1403 -10.33 7.59 19.59
CA PRO A 1403 -10.91 8.12 20.82
C PRO A 1403 -10.45 7.41 22.09
N TYR A 1404 -10.25 6.09 22.06
CA TYR A 1404 -9.97 5.38 23.31
C TYR A 1404 -8.65 5.80 23.93
N ALA A 1405 -7.72 6.36 23.14
CA ALA A 1405 -6.48 6.86 23.71
C ALA A 1405 -6.74 8.00 24.68
N SER A 1406 -7.75 8.83 24.39
CA SER A 1406 -8.11 9.89 25.33
C SER A 1406 -8.61 9.33 26.64
N ILE A 1407 -9.46 8.29 26.58
CA ILE A 1407 -9.95 7.67 27.82
C ILE A 1407 -8.80 7.06 28.59
N LEU A 1408 -7.86 6.40 27.90
CA LEU A 1408 -6.69 5.87 28.58
C LEU A 1408 -5.88 6.98 29.24
N ALA A 1409 -5.72 8.11 28.56
CA ALA A 1409 -4.95 9.22 29.09
C ALA A 1409 -5.66 9.96 30.20
N SER A 1410 -6.86 9.53 30.58
CA SER A 1410 -7.60 10.22 31.63
C SER A 1410 -7.13 9.85 33.03
N GLN A 1411 -6.34 8.78 33.18
CA GLN A 1411 -5.81 8.44 34.49
C GLN A 1411 -4.72 9.39 34.96
N TYR A 1412 -4.23 10.26 34.08
CA TYR A 1412 -3.21 11.23 34.44
C TYR A 1412 -3.63 12.67 34.20
N ASP A 1413 -4.73 12.90 33.49
CA ASP A 1413 -5.22 14.24 33.21
C ASP A 1413 -6.69 14.17 32.80
N PRO A 1414 -7.61 13.94 33.73
CA PRO A 1414 -9.02 13.75 33.34
C PRO A 1414 -9.62 14.97 32.67
N ASP A 1415 -9.22 16.17 33.06
CA ASP A 1415 -9.82 17.37 32.49
C ASP A 1415 -9.54 17.48 31.00
N GLY A 1416 -8.27 17.35 30.61
CA GLY A 1416 -7.93 17.44 29.19
C GLY A 1416 -8.53 16.30 28.39
N ALA A 1417 -8.59 15.11 28.96
CA ALA A 1417 -9.22 13.99 28.28
C ALA A 1417 -10.69 14.29 28.03
N LEU A 1418 -11.38 14.85 29.02
CA LEU A 1418 -12.79 15.18 28.83
C LEU A 1418 -12.97 16.27 27.78
N GLU A 1419 -12.10 17.28 27.77
CA GLU A 1419 -12.21 18.32 26.75
C GLU A 1419 -11.99 17.74 25.35
N ASN A 1420 -11.00 16.87 25.21
CA ASN A 1420 -10.75 16.24 23.92
C ASN A 1420 -11.93 15.38 23.48
N LEU A 1421 -12.52 14.64 24.41
CA LEU A 1421 -13.68 13.81 24.08
C LEU A 1421 -14.87 14.67 23.70
N ASP A 1422 -15.05 15.81 24.38
CA ASP A 1422 -16.11 16.72 23.99
C ASP A 1422 -15.90 17.26 22.59
N LYS A 1423 -14.66 17.59 22.24
CA LYS A 1423 -14.37 18.00 20.87
C LYS A 1423 -14.66 16.89 19.87
N LEU A 1424 -14.29 15.65 20.20
CA LEU A 1424 -14.52 14.54 19.29
C LEU A 1424 -16.00 14.23 19.12
N ARG A 1425 -16.80 14.43 20.16
CA ARG A 1425 -18.23 14.16 20.05
C ARG A 1425 -18.93 15.11 19.09
N LYS A 1426 -18.44 16.34 18.95
CA LYS A 1426 -19.03 17.25 17.97
C LYS A 1426 -18.82 16.78 16.55
N LEU A 1427 -17.91 15.84 16.32
CA LEU A 1427 -17.77 15.19 15.04
C LEU A 1427 -18.74 14.02 14.99
N GLY A 1428 -18.66 13.18 13.96
CA GLY A 1428 -19.54 12.04 13.87
C GLY A 1428 -18.93 10.78 14.46
N ALA A 1429 -18.35 10.89 15.65
CA ALA A 1429 -17.58 9.79 16.22
C ALA A 1429 -18.18 9.25 17.51
N LEU A 1430 -19.49 9.08 17.55
CA LEU A 1430 -20.15 8.45 18.70
C LEU A 1430 -21.33 7.64 18.21
N GLY A 1431 -21.16 6.33 18.12
CA GLY A 1431 -22.22 5.46 17.65
C GLY A 1431 -23.08 4.93 18.78
N GLN A 1432 -23.82 3.86 18.52
CA GLN A 1432 -24.63 3.26 19.57
C GLN A 1432 -23.79 2.63 20.67
N TYR A 1433 -22.80 1.83 20.29
CA TYR A 1433 -21.97 1.11 21.26
C TYR A 1433 -20.74 1.94 21.61
N GLY A 1434 -20.99 3.07 22.25
CA GLY A 1434 -19.92 3.96 22.65
C GLY A 1434 -19.21 4.60 21.47
N PHE A 1435 -17.99 5.06 21.70
CA PHE A 1435 -17.22 5.73 20.66
C PHE A 1435 -16.90 4.76 19.54
N HIS A 1436 -16.61 5.33 18.36
CA HIS A 1436 -16.16 4.54 17.22
C HIS A 1436 -14.69 4.19 17.43
N ASP A 1437 -14.02 3.64 16.42
CA ASP A 1437 -12.65 3.20 16.60
C ASP A 1437 -11.64 4.29 16.35
N ALA A 1438 -11.79 5.04 15.25
CA ALA A 1438 -10.83 6.07 14.92
C ALA A 1438 -11.46 7.06 13.96
N VAL A 1439 -10.84 8.24 13.87
CA VAL A 1439 -11.17 9.23 12.86
C VAL A 1439 -9.90 9.54 12.08
N ASP A 1440 -10.01 9.47 10.76
CA ASP A 1440 -8.86 9.60 9.89
C ASP A 1440 -8.75 11.02 9.36
N PHE A 1441 -7.56 11.60 9.49
CA PHE A 1441 -7.31 12.95 9.03
C PHE A 1441 -6.32 13.02 7.87
N THR A 1442 -5.80 11.88 7.42
CA THR A 1442 -4.83 11.89 6.33
C THR A 1442 -5.51 12.31 5.04
N PRO A 1443 -5.02 13.34 4.35
CA PRO A 1443 -5.72 13.81 3.15
C PRO A 1443 -5.85 12.77 2.06
N THR A 1444 -4.96 11.77 1.99
CA THR A 1444 -5.11 10.73 0.99
C THR A 1444 -6.30 9.84 1.26
N ARG A 1445 -6.85 9.86 2.48
CA ARG A 1445 -7.96 9.00 2.86
C ARG A 1445 -9.12 9.83 3.40
N VAL A 1446 -9.34 11.00 2.80
CA VAL A 1446 -10.47 11.85 3.15
C VAL A 1446 -11.17 12.27 1.87
N PRO A 1447 -12.48 12.06 1.75
CA PRO A 1447 -13.18 12.38 0.51
C PRO A 1447 -13.45 13.87 0.38
N ASP A 1448 -13.86 14.26 -0.83
CA ASP A 1448 -14.25 15.61 -1.25
C ASP A 1448 -13.71 16.73 -0.37
N GLY A 1449 -14.59 17.63 0.08
CA GLY A 1449 -14.18 18.75 0.90
C GLY A 1449 -14.39 18.52 2.38
N LYS A 1450 -14.70 17.30 2.76
CA LYS A 1450 -14.85 16.97 4.18
C LYS A 1450 -13.49 17.11 4.87
N VAL A 1451 -13.53 17.49 6.14
CA VAL A 1451 -12.30 17.71 6.89
C VAL A 1451 -11.82 16.47 7.64
N CYS A 1452 -12.73 15.58 8.03
CA CYS A 1452 -12.37 14.41 8.82
C CYS A 1452 -12.87 13.17 8.08
N ALA A 1453 -12.63 12.00 8.67
CA ALA A 1453 -13.07 10.74 8.07
C ALA A 1453 -13.24 9.73 9.21
N VAL A 1454 -14.48 9.50 9.60
CA VAL A 1454 -14.76 8.62 10.74
C VAL A 1454 -14.71 7.17 10.28
N VAL A 1455 -14.12 6.32 11.10
CA VAL A 1455 -14.11 4.89 10.87
C VAL A 1455 -15.20 4.26 11.73
N TYR A 1456 -16.02 3.39 11.13
CA TYR A 1456 -17.17 2.81 11.81
C TYR A 1456 -16.81 1.40 12.27
N ASN A 1457 -16.07 1.32 13.38
CA ASN A 1457 -15.71 0.04 13.97
C ASN A 1457 -15.86 0.13 15.49
N TYR A 1458 -16.07 -1.02 16.11
CA TYR A 1458 -16.10 -1.14 17.56
C TYR A 1458 -15.26 -2.35 17.95
N TYR A 1459 -13.98 -2.11 18.23
CA TYR A 1459 -13.10 -3.18 18.65
C TYR A 1459 -13.34 -3.53 20.12
N ALA A 1460 -13.21 -4.81 20.45
CA ALA A 1460 -13.57 -5.28 21.78
C ALA A 1460 -12.58 -4.85 22.85
N HIS A 1461 -11.29 -5.08 22.66
CA HIS A 1461 -10.36 -4.76 23.73
C HIS A 1461 -10.18 -3.26 23.89
N HIS A 1462 -10.44 -2.50 22.83
CA HIS A 1462 -10.45 -1.05 22.98
C HIS A 1462 -11.52 -0.62 23.98
N HIS A 1463 -12.73 -1.16 23.85
CA HIS A 1463 -13.78 -0.86 24.81
C HIS A 1463 -13.43 -1.38 26.20
N GLY A 1464 -12.79 -2.55 26.27
CA GLY A 1464 -12.35 -3.06 27.56
C GLY A 1464 -11.38 -2.12 28.26
N MET A 1465 -10.40 -1.62 27.51
CA MET A 1465 -9.44 -0.66 28.08
C MET A 1465 -10.15 0.62 28.50
N SER A 1466 -11.10 1.10 27.69
CA SER A 1466 -11.83 2.30 28.06
C SER A 1466 -12.57 2.12 29.37
N ILE A 1467 -13.29 1.01 29.52
CA ILE A 1467 -14.05 0.78 30.74
C ILE A 1467 -13.12 0.63 31.93
N ALA A 1468 -12.02 -0.10 31.75
CA ALA A 1468 -11.08 -0.30 32.85
C ALA A 1468 -10.45 1.02 33.29
N ALA A 1469 -10.07 1.86 32.34
CA ALA A 1469 -9.48 3.15 32.68
C ALA A 1469 -10.48 4.05 33.39
N VAL A 1470 -11.72 4.07 32.93
CA VAL A 1470 -12.74 4.87 33.61
C VAL A 1470 -12.95 4.35 35.03
N ALA A 1471 -12.94 3.02 35.20
CA ALA A 1471 -13.09 2.46 36.53
C ALA A 1471 -11.94 2.83 37.44
N ASN A 1472 -10.71 2.82 36.92
CA ASN A 1472 -9.57 3.25 37.72
C ASN A 1472 -9.68 4.71 38.13
N VAL A 1473 -10.09 5.57 37.20
CA VAL A 1473 -10.18 7.00 37.51
C VAL A 1473 -11.27 7.28 38.52
N ALA A 1474 -12.47 6.73 38.29
CA ALA A 1474 -13.64 7.10 39.08
C ALA A 1474 -13.56 6.51 40.48
N PHE A 1475 -13.11 5.26 40.60
CA PHE A 1475 -13.12 4.56 41.87
C PHE A 1475 -11.74 4.44 42.51
N ASP A 1476 -10.84 5.36 42.19
CA ASP A 1476 -9.55 5.47 42.86
C ASP A 1476 -8.66 4.25 42.59
N GLY A 1477 -8.68 3.79 41.34
CA GLY A 1477 -7.80 2.70 40.93
C GLY A 1477 -8.02 1.40 41.68
N VAL A 1478 -9.20 0.81 41.55
CA VAL A 1478 -9.48 -0.46 42.21
C VAL A 1478 -8.75 -1.59 41.50
N LEU A 1479 -8.66 -1.51 40.18
CA LEU A 1479 -8.02 -2.58 39.42
C LEU A 1479 -6.55 -2.70 39.75
N ARG A 1480 -5.85 -1.58 39.92
CA ARG A 1480 -4.45 -1.65 40.31
C ARG A 1480 -4.28 -2.30 41.67
N GLU A 1481 -5.22 -2.07 42.59
CA GLU A 1481 -5.13 -2.66 43.91
C GLU A 1481 -5.47 -4.16 43.89
N LEU A 1482 -6.37 -4.58 43.00
CA LEU A 1482 -6.67 -6.00 42.92
C LEU A 1482 -5.46 -6.80 42.47
N PHE A 1483 -4.76 -6.32 41.45
CA PHE A 1483 -3.63 -7.05 40.90
C PHE A 1483 -2.48 -7.15 41.89
N HIS A 1484 -2.29 -6.13 42.72
CA HIS A 1484 -1.15 -6.08 43.63
C HIS A 1484 -1.44 -6.71 44.98
N SER A 1485 -2.66 -7.19 45.22
CA SER A 1485 -2.95 -7.85 46.49
C SER A 1485 -2.49 -9.30 46.50
N ASP A 1486 -2.21 -9.87 45.35
CA ASP A 1486 -1.76 -11.25 45.29
C ASP A 1486 -0.32 -11.35 45.80
N PRO A 1487 -0.02 -12.26 46.72
CA PRO A 1487 1.34 -12.29 47.30
C PRO A 1487 2.44 -12.48 46.27
N VAL A 1488 2.20 -13.29 45.23
CA VAL A 1488 3.20 -13.49 44.20
C VAL A 1488 3.55 -12.17 43.54
N ILE A 1489 2.53 -11.39 43.16
CA ILE A 1489 2.77 -10.10 42.53
C ILE A 1489 3.31 -9.09 43.54
N GLU A 1490 2.89 -9.18 44.80
CA GLU A 1490 3.41 -8.25 45.80
C GLU A 1490 4.89 -8.47 46.05
N ALA A 1491 5.37 -9.71 45.91
CA ALA A 1491 6.79 -9.97 46.09
C ALA A 1491 7.63 -9.25 45.05
N ALA A 1492 7.17 -9.20 43.79
CA ALA A 1492 7.89 -8.53 42.73
C ALA A 1492 7.44 -7.09 42.52
N GLU A 1493 6.48 -6.62 43.29
CA GLU A 1493 6.07 -5.21 43.19
C GLU A 1493 7.23 -4.27 43.48
N LEU A 1494 8.09 -4.63 44.44
CA LEU A 1494 9.22 -3.79 44.80
C LEU A 1494 10.23 -3.67 43.67
N LEU A 1495 10.15 -4.52 42.65
CA LEU A 1495 11.07 -4.43 41.52
C LEU A 1495 10.87 -3.16 40.72
N LEU A 1496 9.65 -2.62 40.66
CA LEU A 1496 9.36 -1.48 39.79
C LEU A 1496 10.16 -0.24 40.18
N GLN A 1497 9.85 0.35 41.35
CA GLN A 1497 10.54 1.50 41.95
C GLN A 1497 11.38 2.30 40.97
N GLU A 1498 12.70 2.08 41.00
CA GLU A 1498 13.63 2.64 40.01
C GLU A 1498 13.61 4.16 39.97
N LYS A 1499 14.10 4.80 41.02
CA LYS A 1499 14.24 6.26 41.05
C LYS A 1499 14.95 6.74 39.79
N ALA A 1500 14.34 7.72 39.12
CA ALA A 1500 14.87 8.22 37.85
C ALA A 1500 16.13 9.06 38.08
N PRO A 1501 17.15 8.87 37.22
CA PRO A 1501 18.56 9.14 37.60
C PRO A 1501 19.01 10.59 37.45
N ARG A 1502 18.20 11.45 36.81
CA ARG A 1502 18.49 12.88 36.68
C ARG A 1502 19.80 13.16 35.98
N GLU A 1503 20.33 12.17 35.24
CA GLU A 1503 21.53 12.38 34.45
C GLU A 1503 21.42 11.68 33.10
N VAL A 1504 20.22 11.54 32.56
CA VAL A 1504 20.00 10.76 31.35
C VAL A 1504 20.61 11.46 30.13
N PRO A 1505 21.27 10.67 29.29
CA PRO A 1505 21.84 11.20 28.06
C PRO A 1505 20.74 11.52 27.07
N VAL A 1506 20.99 12.51 26.22
CA VAL A 1506 20.02 12.95 25.22
C VAL A 1506 20.40 12.37 23.86
N MET A 1507 19.43 11.73 23.21
CA MET A 1507 19.65 11.12 21.90
C MET A 1507 19.67 12.19 20.81
N SER A 1508 20.09 11.78 19.62
CA SER A 1508 20.08 12.67 18.47
C SER A 1508 18.65 12.89 17.98
N ALA A 1509 18.42 14.04 17.36
CA ALA A 1509 17.10 14.39 16.86
C ALA A 1509 16.69 13.48 15.71
N GLY A 1517 6.18 24.51 10.69
CA GLY A 1517 4.94 23.97 10.14
C GLY A 1517 5.21 22.69 9.36
N LYS A 1518 6.30 22.01 9.71
CA LYS A 1518 6.66 20.75 9.04
C LYS A 1518 5.73 19.61 9.40
N GLU A 1519 5.11 19.65 10.58
CA GLU A 1519 4.25 18.55 11.02
C GLU A 1519 3.05 18.36 10.11
N GLN A 1520 2.40 19.46 9.71
CA GLN A 1520 1.24 19.36 8.84
C GLN A 1520 1.61 19.06 7.40
N ALA A 1521 2.89 19.24 7.02
CA ALA A 1521 3.34 18.98 5.67
C ALA A 1521 3.81 17.56 5.45
N ASP A 1522 4.23 16.86 6.50
CA ASP A 1522 4.75 15.51 6.35
C ASP A 1522 3.68 14.47 6.12
N LEU A 1523 2.41 14.79 6.41
CA LEU A 1523 1.34 13.85 6.18
C LEU A 1523 1.19 13.55 4.70
N LEU A 1524 0.81 12.32 4.40
CA LEU A 1524 0.67 11.90 3.01
C LEU A 1524 -0.41 12.70 2.31
N ARG A 1525 -0.11 13.17 1.10
CA ARG A 1525 -1.03 13.98 0.32
C ARG A 1525 -1.26 13.33 -1.04
N ALA A 1526 -2.50 13.43 -1.51
CA ALA A 1526 -2.86 12.81 -2.78
C ALA A 1526 -2.32 13.62 -3.95
N GLU A 1527 -2.30 12.99 -5.13
CA GLU A 1527 -1.82 13.65 -6.33
C GLU A 1527 -3.02 14.04 -7.20
N VAL A 1528 -3.06 15.31 -7.60
CA VAL A 1528 -4.09 15.83 -8.49
C VAL A 1528 -3.40 16.50 -9.67
N ARG A 1529 -3.37 15.83 -10.81
CA ARG A 1529 -2.67 16.32 -11.99
C ARG A 1529 -3.52 17.39 -12.65
N SER A 1530 -3.06 18.63 -12.59
CA SER A 1530 -3.77 19.77 -13.18
C SER A 1530 -3.04 20.22 -14.43
N ILE A 1531 -3.79 20.45 -15.52
CA ILE A 1531 -3.24 20.82 -16.81
C ILE A 1531 -3.83 22.17 -17.20
N ALA A 1532 -2.96 23.15 -17.44
CA ALA A 1532 -3.38 24.52 -17.75
C ALA A 1532 -4.15 24.62 -19.06
N ASP A 1533 -3.49 24.33 -20.17
CA ASP A 1533 -4.11 24.44 -21.49
C ASP A 1533 -3.92 23.14 -22.25
N PRO A 1534 -4.91 22.25 -22.27
CA PRO A 1534 -4.70 20.91 -22.85
C PRO A 1534 -4.40 20.93 -24.35
N ALA A 1535 -4.87 21.93 -25.09
CA ALA A 1535 -4.69 21.90 -26.54
C ALA A 1535 -3.25 22.15 -26.94
N VAL A 1536 -2.57 23.09 -26.28
CA VAL A 1536 -1.23 23.49 -26.67
C VAL A 1536 -0.15 22.81 -25.83
N ARG A 1537 -0.50 21.75 -25.11
CA ARG A 1537 0.46 21.00 -24.30
C ARG A 1537 0.35 19.53 -24.67
N ASP A 1538 1.32 18.75 -24.19
CA ASP A 1538 1.34 17.32 -24.49
C ASP A 1538 0.11 16.64 -23.93
N ARG A 1539 -0.41 15.67 -24.68
CA ARG A 1539 -1.64 14.99 -24.29
C ARG A 1539 -1.40 14.14 -23.05
N GLU A 1540 -2.38 14.15 -22.15
CA GLU A 1540 -2.38 13.32 -20.96
C GLU A 1540 -3.71 12.62 -20.86
N VAL A 1541 -3.67 11.34 -20.48
CA VAL A 1541 -4.85 10.51 -20.41
C VAL A 1541 -5.03 10.00 -18.99
N VAL A 1542 -6.26 9.58 -18.70
CA VAL A 1542 -6.60 8.97 -17.42
C VAL A 1542 -7.55 7.81 -17.69
N PHE A 1543 -7.34 6.73 -16.95
CA PHE A 1543 -8.11 5.50 -17.14
C PHE A 1543 -9.01 5.29 -15.94
N LEU A 1544 -10.30 5.11 -16.18
CA LEU A 1544 -11.29 4.91 -15.12
C LEU A 1544 -12.04 3.63 -15.42
N SER A 1545 -12.11 2.73 -14.44
CA SER A 1545 -12.81 1.47 -14.60
C SER A 1545 -13.34 0.98 -13.26
N ASN A 1546 -14.37 0.15 -13.34
CA ASN A 1546 -14.89 -0.56 -12.18
C ASN A 1546 -14.64 -2.05 -12.28
N GLY A 1547 -13.64 -2.45 -13.07
CA GLY A 1547 -13.32 -3.84 -13.30
C GLY A 1547 -13.91 -4.40 -14.58
N HIS A 1548 -15.11 -3.94 -14.94
CA HIS A 1548 -15.78 -4.38 -16.16
C HIS A 1548 -15.97 -3.28 -17.19
N TYR A 1549 -16.25 -2.05 -16.76
CA TYR A 1549 -16.50 -0.94 -17.66
C TYR A 1549 -15.28 -0.02 -17.61
N SER A 1550 -14.40 -0.15 -18.60
CA SER A 1550 -13.17 0.62 -18.65
C SER A 1550 -13.28 1.70 -19.71
N THR A 1551 -12.82 2.91 -19.38
CA THR A 1551 -12.86 4.04 -20.30
C THR A 1551 -11.58 4.85 -20.17
N MET A 1552 -11.34 5.69 -21.17
CA MET A 1552 -10.18 6.56 -21.22
C MET A 1552 -10.63 7.98 -21.55
N LEU A 1553 -9.91 8.96 -21.02
CA LEU A 1553 -10.18 10.36 -21.32
C LEU A 1553 -8.84 11.08 -21.48
N THR A 1554 -8.63 11.66 -22.65
CA THR A 1554 -7.45 12.50 -22.85
C THR A 1554 -7.71 13.88 -22.27
N SER A 1555 -6.67 14.71 -22.20
CA SER A 1555 -6.82 16.04 -21.65
C SER A 1555 -7.76 16.90 -22.48
N THR A 1556 -7.86 16.63 -23.78
CA THR A 1556 -8.76 17.37 -24.65
C THR A 1556 -10.19 16.85 -24.62
N GLY A 1557 -10.44 15.74 -23.93
CA GLY A 1557 -11.77 15.18 -23.84
C GLY A 1557 -12.03 13.97 -24.71
N ALA A 1558 -11.12 13.62 -25.61
CA ALA A 1558 -11.31 12.45 -26.44
C ALA A 1558 -11.06 11.19 -25.63
N GLY A 1559 -11.49 10.05 -26.16
CA GLY A 1559 -11.35 8.79 -25.46
C GLY A 1559 -12.32 7.73 -25.97
N TYR A 1560 -12.42 6.61 -25.26
CA TYR A 1560 -13.29 5.53 -25.66
C TYR A 1560 -13.98 4.95 -24.43
N SER A 1561 -14.65 3.81 -24.63
CA SER A 1561 -15.33 3.12 -23.54
C SER A 1561 -15.41 1.64 -23.89
N LYS A 1562 -15.05 0.79 -22.94
CA LYS A 1562 -15.02 -0.65 -23.14
C LYS A 1562 -15.85 -1.36 -22.08
N TRP A 1563 -16.24 -2.59 -22.38
CA TRP A 1563 -17.03 -3.38 -21.44
C TRP A 1563 -16.71 -4.85 -21.69
N ASN A 1564 -15.93 -5.46 -20.80
CA ASN A 1564 -15.54 -6.86 -20.91
C ASN A 1564 -14.90 -7.16 -22.27
N GLY A 1565 -13.96 -6.32 -22.66
CA GLY A 1565 -13.23 -6.53 -23.90
C GLY A 1565 -13.88 -5.83 -25.08
N GLN A 1566 -15.12 -6.17 -25.38
CA GLN A 1566 -15.81 -5.57 -26.52
C GLN A 1566 -16.04 -4.08 -26.26
N ALA A 1567 -15.82 -3.28 -27.31
CA ALA A 1567 -15.88 -1.84 -27.19
C ALA A 1567 -17.33 -1.36 -27.26
N ILE A 1568 -17.52 -0.07 -26.96
CA ILE A 1568 -18.83 0.56 -26.98
C ILE A 1568 -18.84 1.78 -27.89
N SER A 1569 -17.91 2.70 -27.69
CA SER A 1569 -17.82 3.89 -28.52
C SER A 1569 -16.65 3.77 -29.49
N ARG A 1570 -16.91 4.02 -30.77
CA ARG A 1570 -15.90 3.87 -31.79
C ARG A 1570 -14.77 4.87 -31.58
N TRP A 1571 -13.53 4.38 -31.66
CA TRP A 1571 -12.36 5.21 -31.41
C TRP A 1571 -11.16 4.62 -32.13
N LYS A 1572 -10.29 5.49 -32.63
CA LYS A 1572 -9.06 5.09 -33.31
C LYS A 1572 -7.89 5.92 -32.80
N ALA A 1573 -6.74 5.29 -32.69
CA ALA A 1573 -5.55 5.97 -32.17
C ALA A 1573 -4.88 6.75 -33.29
N ASP A 1574 -5.27 8.01 -33.46
CA ASP A 1574 -4.71 8.88 -34.50
C ASP A 1574 -4.02 10.03 -33.78
N PRO A 1575 -2.69 10.03 -33.73
CA PRO A 1575 -1.99 11.05 -32.93
C PRO A 1575 -2.26 12.48 -33.36
N THR A 1576 -2.36 12.75 -34.65
CA THR A 1576 -2.61 14.11 -35.12
C THR A 1576 -4.05 14.55 -34.95
N ASP A 1577 -5.00 13.69 -35.30
CA ASP A 1577 -6.41 14.09 -35.28
C ASP A 1577 -6.96 14.06 -33.85
N ASP A 1578 -7.03 12.88 -33.26
CA ASP A 1578 -7.47 12.69 -31.87
C ASP A 1578 -8.80 13.38 -31.60
N ARG A 1579 -9.77 13.12 -32.46
CA ARG A 1579 -11.11 13.70 -32.29
C ARG A 1579 -12.16 12.61 -32.31
N TRP A 1580 -11.95 11.55 -31.55
CA TRP A 1580 -12.83 10.40 -31.51
C TRP A 1580 -13.43 10.26 -30.11
N GLY A 1581 -14.64 9.72 -30.06
CA GLY A 1581 -15.31 9.45 -28.81
C GLY A 1581 -16.59 10.25 -28.65
N THR A 1582 -17.06 10.33 -27.42
CA THR A 1582 -18.28 11.05 -27.09
C THR A 1582 -17.96 12.49 -26.73
N PHE A 1583 -18.95 13.37 -26.94
CA PHE A 1583 -18.73 14.80 -26.79
C PHE A 1583 -20.00 15.46 -26.29
N ILE A 1584 -19.84 16.66 -25.74
CA ILE A 1584 -20.96 17.50 -25.32
C ILE A 1584 -20.79 18.86 -25.97
N PHE A 1585 -21.76 19.25 -26.80
CA PHE A 1585 -21.72 20.51 -27.51
C PHE A 1585 -22.79 21.46 -26.96
N LEU A 1586 -22.44 22.73 -26.90
CA LEU A 1586 -23.33 23.75 -26.34
C LEU A 1586 -23.54 24.82 -27.41
N ARG A 1587 -24.79 25.01 -27.82
CA ARG A 1587 -25.12 26.05 -28.79
C ARG A 1587 -26.02 27.09 -28.16
N ASP A 1588 -25.58 28.34 -28.19
CA ASP A 1588 -26.43 29.46 -27.82
C ASP A 1588 -27.52 29.64 -28.87
N THR A 1589 -28.74 29.89 -28.41
CA THR A 1589 -29.87 30.03 -29.31
C THR A 1589 -29.97 31.43 -29.91
N THR A 1590 -29.94 32.46 -29.06
CA THR A 1590 -30.04 33.82 -29.57
C THR A 1590 -28.81 34.20 -30.39
N ASN A 1591 -27.62 33.96 -29.84
CA ASN A 1591 -26.38 34.33 -30.53
C ASN A 1591 -26.18 33.47 -31.78
N GLY A 1592 -26.40 32.16 -31.65
CA GLY A 1592 -26.19 31.23 -32.73
C GLY A 1592 -24.86 30.51 -32.70
N GLN A 1593 -23.88 31.03 -31.97
CA GLN A 1593 -22.58 30.39 -31.91
C GLN A 1593 -22.65 29.11 -31.09
N TRP A 1594 -21.92 28.10 -31.54
CA TRP A 1594 -21.82 26.83 -30.85
C TRP A 1594 -20.36 26.50 -30.56
N TRP A 1595 -20.13 25.88 -29.42
CA TRP A 1595 -18.79 25.47 -29.04
C TRP A 1595 -18.89 24.15 -28.28
N SER A 1596 -17.73 23.65 -27.84
CA SER A 1596 -17.64 22.37 -27.17
C SER A 1596 -17.38 22.56 -25.68
N ALA A 1597 -17.96 21.68 -24.88
CA ALA A 1597 -17.66 21.65 -23.46
C ALA A 1597 -16.28 21.11 -23.16
N THR A 1598 -15.72 20.29 -24.06
CA THR A 1598 -14.34 19.86 -23.96
C THR A 1598 -13.47 20.89 -24.68
N ALA A 1599 -12.20 20.57 -24.92
CA ALA A 1599 -11.27 21.54 -25.45
C ALA A 1599 -10.60 21.02 -26.71
N GLU A 1600 -11.38 20.50 -27.66
CA GLU A 1600 -10.77 19.99 -28.88
C GLU A 1600 -11.62 20.19 -30.13
N PRO A 1601 -12.87 19.70 -30.20
CA PRO A 1601 -13.58 19.74 -31.49
C PRO A 1601 -13.87 21.15 -32.00
N ARG A 1602 -14.48 22.01 -31.18
CA ARG A 1602 -14.82 23.34 -31.68
C ARG A 1602 -13.87 24.43 -31.20
N VAL A 1603 -13.79 24.62 -29.87
CA VAL A 1603 -12.99 25.65 -29.19
C VAL A 1603 -12.99 27.01 -29.90
N ILE A 1604 -13.65 27.99 -29.30
CA ILE A 1604 -13.77 29.32 -29.90
C ILE A 1604 -12.95 30.31 -29.10
N GLU A 1605 -12.97 31.57 -29.51
CA GLU A 1605 -12.19 32.62 -28.84
C GLU A 1605 -12.54 32.70 -27.37
N GLY A 1606 -11.51 32.87 -26.54
CA GLY A 1606 -11.69 32.90 -25.10
C GLY A 1606 -11.20 31.64 -24.45
N GLU A 1607 -12.09 30.92 -23.76
CA GLU A 1607 -11.79 29.59 -23.25
C GLU A 1607 -10.58 29.53 -22.32
N LYS A 1608 -10.67 30.14 -21.16
CA LYS A 1608 -9.65 29.97 -20.12
C LYS A 1608 -9.84 28.56 -19.54
N THR A 1609 -9.53 27.56 -20.36
CA THR A 1609 -9.81 26.18 -20.04
C THR A 1609 -8.82 25.63 -19.02
N LYS A 1610 -9.20 24.52 -18.40
CA LYS A 1610 -8.38 23.87 -17.39
C LYS A 1610 -8.91 22.46 -17.17
N THR A 1611 -8.02 21.48 -17.18
CA THR A 1611 -8.39 20.09 -16.89
C THR A 1611 -7.71 19.63 -15.62
N ILE A 1612 -8.45 18.92 -14.78
CA ILE A 1612 -7.95 18.44 -13.50
C ILE A 1612 -8.18 16.94 -13.45
N PHE A 1613 -7.21 16.16 -13.91
CA PHE A 1613 -7.24 14.71 -13.78
C PHE A 1613 -6.83 14.29 -12.38
N THR A 1614 -7.57 13.35 -11.82
CA THR A 1614 -7.26 12.74 -10.54
C THR A 1614 -7.86 11.34 -10.55
N ASP A 1615 -7.92 10.71 -9.38
CA ASP A 1615 -8.65 9.47 -9.27
C ASP A 1615 -10.15 9.77 -9.35
N ASP A 1616 -10.94 8.70 -9.57
CA ASP A 1616 -12.38 8.87 -9.74
C ASP A 1616 -12.71 9.73 -10.95
N LYS A 1617 -12.67 11.04 -10.76
CA LYS A 1617 -13.28 11.98 -11.68
C LYS A 1617 -12.23 12.64 -12.58
N ALA A 1618 -12.70 13.09 -13.74
CA ALA A 1618 -11.90 13.85 -14.72
C ALA A 1618 -12.66 15.14 -14.97
N GLU A 1619 -12.29 16.19 -14.25
CA GLU A 1619 -13.06 17.43 -14.25
C GLU A 1619 -12.50 18.40 -15.29
N PHE A 1620 -13.35 18.83 -16.22
CA PHE A 1620 -12.96 19.71 -17.32
C PHE A 1620 -13.57 21.08 -17.07
N HIS A 1621 -12.73 22.11 -17.06
CA HIS A 1621 -13.22 23.48 -16.85
C HIS A 1621 -13.27 24.25 -18.15
N LYS A 1622 -14.09 25.29 -18.18
CA LYS A 1622 -14.13 26.19 -19.32
C LYS A 1622 -14.82 27.48 -18.89
N THR A 1623 -14.38 28.59 -19.47
CA THR A 1623 -14.94 29.90 -19.16
C THR A 1623 -15.14 30.67 -20.45
N ILE A 1624 -16.39 30.81 -20.88
CA ILE A 1624 -16.72 31.51 -22.11
C ILE A 1624 -17.55 32.77 -21.85
N GLY A 1625 -16.87 33.91 -21.78
CA GLY A 1625 -17.52 35.20 -21.70
C GLY A 1625 -18.62 35.29 -20.67
N ASP A 1626 -18.26 35.22 -19.39
CA ASP A 1626 -19.21 35.33 -18.29
C ASP A 1626 -20.24 34.20 -18.35
N LEU A 1627 -19.74 32.98 -18.62
CA LEU A 1627 -20.59 31.79 -18.54
C LEU A 1627 -19.65 30.60 -18.35
N GLN A 1628 -19.56 30.12 -17.12
CA GLN A 1628 -18.71 28.97 -16.82
C GLN A 1628 -19.47 27.68 -17.13
N SER A 1629 -18.71 26.62 -17.43
CA SER A 1629 -19.29 25.31 -17.74
C SER A 1629 -18.26 24.23 -17.44
N VAL A 1630 -18.44 23.56 -16.31
CA VAL A 1630 -17.54 22.50 -15.87
C VAL A 1630 -18.24 21.16 -16.01
N VAL A 1631 -17.51 20.15 -16.51
CA VAL A 1631 -18.08 18.82 -16.68
C VAL A 1631 -17.26 17.83 -15.86
N GLU A 1632 -17.91 16.73 -15.51
CA GLU A 1632 -17.32 15.70 -14.65
C GLU A 1632 -17.70 14.34 -15.20
N CYS A 1633 -16.72 13.50 -15.51
CA CYS A 1633 -16.95 12.22 -16.16
C CYS A 1633 -16.46 11.11 -15.22
N ILE A 1634 -17.39 10.23 -14.81
CA ILE A 1634 -17.09 9.16 -13.86
C ILE A 1634 -17.80 7.88 -14.29
N VAL A 1635 -17.17 6.73 -14.05
CA VAL A 1635 -17.80 5.45 -14.29
C VAL A 1635 -18.47 4.99 -13.00
N ALA A 1636 -19.68 4.46 -13.14
CA ALA A 1636 -20.51 4.12 -11.99
C ALA A 1636 -20.04 2.81 -11.38
N THR A 1637 -20.79 2.33 -10.39
CA THR A 1637 -20.46 1.10 -9.69
C THR A 1637 -21.69 0.20 -9.66
N GLU A 1638 -21.46 -1.12 -9.71
CA GLU A 1638 -22.48 -2.16 -9.61
C GLU A 1638 -23.65 -1.95 -10.58
N HIS A 1639 -23.46 -1.13 -11.62
CA HIS A 1639 -24.47 -1.03 -12.66
C HIS A 1639 -23.85 -0.96 -14.05
N ASP A 1640 -22.53 -0.83 -14.13
CA ASP A 1640 -21.81 -0.81 -15.40
C ASP A 1640 -22.26 0.35 -16.28
N ALA A 1641 -22.07 1.57 -15.78
CA ALA A 1641 -22.49 2.76 -16.48
C ALA A 1641 -21.43 3.84 -16.30
N GLU A 1642 -21.47 4.84 -17.18
CA GLU A 1642 -20.55 5.97 -17.16
C GLU A 1642 -21.34 7.25 -17.03
N GLY A 1643 -20.98 8.08 -16.07
CA GLY A 1643 -21.73 9.29 -15.80
C GLY A 1643 -21.02 10.57 -16.16
N ARG A 1644 -21.64 11.38 -17.01
CA ARG A 1644 -21.09 12.66 -17.43
C ARG A 1644 -22.03 13.74 -16.92
N ARG A 1645 -21.51 14.66 -16.11
CA ARG A 1645 -22.30 15.73 -15.53
C ARG A 1645 -21.79 17.08 -16.01
N ILE A 1646 -22.67 17.86 -16.60
CA ILE A 1646 -22.35 19.22 -17.02
C ILE A 1646 -22.96 20.19 -16.03
N THR A 1647 -22.32 21.32 -15.83
CA THR A 1647 -22.76 22.32 -14.86
C THR A 1647 -22.55 23.70 -15.44
N LEU A 1648 -23.64 24.43 -15.66
CA LEU A 1648 -23.59 25.74 -16.30
C LEU A 1648 -23.66 26.81 -15.22
N LEU A 1649 -22.67 27.70 -15.19
CA LEU A 1649 -22.61 28.78 -14.22
C LEU A 1649 -22.77 30.12 -14.94
N ASN A 1650 -23.71 30.93 -14.46
CA ASN A 1650 -23.91 32.28 -14.97
C ASN A 1650 -23.55 33.28 -13.88
N VAL A 1651 -22.80 34.31 -14.27
CA VAL A 1651 -22.34 35.34 -13.34
C VAL A 1651 -23.02 36.69 -13.63
N GLY A 1652 -23.19 37.02 -14.89
CA GLY A 1652 -23.82 38.27 -15.26
C GLY A 1652 -25.29 38.30 -14.93
N SER A 1653 -25.84 39.52 -14.94
CA SER A 1653 -27.25 39.74 -14.61
C SER A 1653 -28.14 39.63 -15.85
N GLU A 1654 -28.19 38.42 -16.41
CA GLU A 1654 -29.01 38.14 -17.58
C GLU A 1654 -29.23 36.64 -17.68
N ASP A 1655 -30.35 36.26 -18.29
CA ASP A 1655 -30.65 34.86 -18.52
C ASP A 1655 -30.09 34.43 -19.87
N ARG A 1656 -29.39 33.30 -19.90
CA ARG A 1656 -28.89 32.73 -21.13
C ARG A 1656 -29.72 31.51 -21.51
N TYR A 1657 -30.05 31.40 -22.79
CA TYR A 1657 -30.88 30.32 -23.30
C TYR A 1657 -30.01 29.47 -24.21
N ILE A 1658 -29.41 28.43 -23.66
CA ILE A 1658 -28.53 27.54 -24.41
C ILE A 1658 -29.13 26.14 -24.40
N GLU A 1659 -28.66 25.31 -25.33
CA GLU A 1659 -29.11 23.94 -25.45
C GLU A 1659 -27.90 23.02 -25.49
N VAL A 1660 -28.01 21.88 -24.80
CA VAL A 1660 -26.90 20.96 -24.64
C VAL A 1660 -27.10 19.77 -25.57
N THR A 1661 -26.07 19.47 -26.36
CA THR A 1661 -26.09 18.38 -27.32
C THR A 1661 -25.11 17.31 -26.90
N SER A 1662 -25.52 16.05 -27.01
CA SER A 1662 -24.64 14.92 -26.80
C SER A 1662 -24.44 14.18 -28.11
N TYR A 1663 -23.27 13.57 -28.27
CA TYR A 1663 -22.98 12.84 -29.50
C TYR A 1663 -22.00 11.72 -29.18
N MET A 1664 -22.41 10.48 -29.45
CA MET A 1664 -21.53 9.34 -29.24
C MET A 1664 -21.88 8.28 -30.26
N GLU A 1665 -20.86 7.78 -30.97
CA GLU A 1665 -21.08 6.79 -32.01
C GLU A 1665 -20.92 5.40 -31.40
N PRO A 1666 -21.96 4.58 -31.39
CA PRO A 1666 -21.88 3.28 -30.72
C PRO A 1666 -21.43 2.16 -31.63
N VAL A 1667 -20.80 1.17 -31.02
CA VAL A 1667 -20.45 -0.08 -31.69
C VAL A 1667 -20.28 -1.15 -30.63
N ILE A 1668 -20.78 -2.35 -30.89
CA ILE A 1668 -20.66 -3.47 -29.97
C ILE A 1668 -19.90 -4.56 -30.70
N ALA A 1669 -18.58 -4.55 -30.55
CA ALA A 1669 -17.72 -5.53 -31.20
C ALA A 1669 -16.37 -5.52 -30.49
N SER A 1670 -15.58 -6.55 -30.76
CA SER A 1670 -14.29 -6.70 -30.09
C SER A 1670 -13.18 -5.94 -30.81
N GLU A 1671 -13.41 -4.67 -31.09
CA GLU A 1671 -12.40 -3.78 -31.65
C GLU A 1671 -11.91 -4.24 -33.02
N ASP A 1672 -11.24 -5.40 -33.07
CA ASP A 1672 -10.68 -5.86 -34.32
C ASP A 1672 -11.75 -6.14 -35.37
N ASP A 1673 -12.89 -6.70 -34.97
CA ASP A 1673 -13.99 -6.89 -35.90
C ASP A 1673 -14.53 -5.56 -36.40
N ASP A 1674 -14.47 -4.52 -35.58
CA ASP A 1674 -14.92 -3.18 -35.98
C ASP A 1674 -14.01 -2.57 -37.03
N ASN A 1675 -12.70 -2.59 -36.81
CA ASN A 1675 -11.78 -1.93 -37.72
C ASN A 1675 -11.55 -2.73 -39.00
N ALA A 1676 -12.03 -3.98 -39.04
CA ALA A 1676 -11.81 -4.82 -40.22
C ALA A 1676 -12.75 -4.43 -41.35
N HIS A 1677 -14.05 -4.55 -41.12
CA HIS A 1677 -15.09 -4.23 -42.11
C HIS A 1677 -16.11 -3.33 -41.44
N PRO A 1678 -15.93 -2.01 -41.49
CA PRO A 1678 -16.86 -1.13 -40.78
C PRO A 1678 -18.30 -1.22 -41.25
N LEU A 1679 -18.55 -1.70 -42.48
CA LEU A 1679 -19.92 -1.76 -42.97
C LEU A 1679 -20.75 -2.83 -42.26
N PHE A 1680 -20.18 -4.01 -42.00
CA PHE A 1680 -20.89 -4.97 -41.16
C PHE A 1680 -21.22 -4.37 -39.80
N SER A 1681 -20.23 -3.79 -39.14
CA SER A 1681 -20.46 -3.27 -37.79
C SER A 1681 -21.52 -2.18 -37.78
N ARG A 1682 -21.52 -1.31 -38.78
CA ARG A 1682 -22.50 -0.24 -38.81
C ARG A 1682 -23.87 -0.74 -39.26
N MET A 1683 -23.91 -1.81 -40.05
CA MET A 1683 -25.18 -2.35 -40.50
C MET A 1683 -25.90 -3.12 -39.40
N PHE A 1684 -25.16 -3.89 -38.61
CA PHE A 1684 -25.78 -4.83 -37.68
C PHE A 1684 -25.96 -4.18 -36.30
N VAL A 1685 -26.57 -3.01 -36.30
CA VAL A 1685 -26.83 -2.26 -35.07
C VAL A 1685 -28.21 -1.65 -35.18
N GLN A 1686 -29.11 -2.05 -34.28
CA GLN A 1686 -30.48 -1.56 -34.26
C GLN A 1686 -30.63 -0.65 -33.05
N THR A 1687 -31.13 0.56 -33.28
CA THR A 1687 -31.37 1.52 -32.22
C THR A 1687 -32.82 1.96 -32.25
N GLU A 1688 -33.41 2.11 -31.08
CA GLU A 1688 -34.80 2.51 -30.98
C GLU A 1688 -35.02 3.25 -29.67
N ILE A 1689 -36.08 4.06 -29.64
CA ILE A 1689 -36.48 4.83 -28.48
C ILE A 1689 -37.92 4.51 -28.16
N GLY A 1690 -38.22 4.40 -26.86
CA GLY A 1690 -39.57 4.01 -26.47
C GLY A 1690 -40.34 5.12 -25.80
N ARG A 1691 -41.20 4.75 -24.85
CA ARG A 1691 -41.99 5.74 -24.13
C ARG A 1691 -41.08 6.56 -23.22
N ARG A 1692 -41.56 7.75 -22.84
CA ARG A 1692 -40.79 8.66 -22.03
C ARG A 1692 -39.45 8.92 -22.71
N GLY A 1693 -39.50 9.61 -23.85
CA GLY A 1693 -38.36 9.68 -24.74
C GLY A 1693 -37.20 10.53 -24.25
N ASP A 1694 -36.51 10.04 -23.22
CA ASP A 1694 -35.27 10.68 -22.79
C ASP A 1694 -34.13 9.66 -22.76
N VAL A 1695 -34.39 8.46 -23.27
CA VAL A 1695 -33.39 7.39 -23.29
C VAL A 1695 -33.45 6.71 -24.66
N ILE A 1696 -32.29 6.34 -25.19
CA ILE A 1696 -32.19 5.66 -26.47
C ILE A 1696 -31.50 4.33 -26.23
N ARG A 1697 -32.08 3.24 -26.73
CA ARG A 1697 -31.52 1.91 -26.56
C ARG A 1697 -31.04 1.38 -27.91
N ALA A 1698 -29.89 0.71 -27.89
CA ALA A 1698 -29.31 0.15 -29.10
C ALA A 1698 -28.66 -1.19 -28.78
N TRP A 1699 -28.66 -2.08 -29.77
CA TRP A 1699 -28.05 -3.40 -29.65
C TRP A 1699 -27.81 -3.95 -31.04
N ARG A 1700 -27.26 -5.15 -31.13
CA ARG A 1700 -27.03 -5.81 -32.40
C ARG A 1700 -28.13 -6.82 -32.66
N ASN A 1701 -28.57 -6.89 -33.92
CA ASN A 1701 -29.55 -7.88 -34.30
C ASN A 1701 -28.95 -9.28 -34.21
N ARG A 1702 -29.75 -10.24 -33.75
CA ARG A 1702 -29.26 -11.58 -33.47
C ARG A 1702 -28.88 -12.27 -34.77
N ARG A 1703 -27.57 -12.39 -35.02
CA ARG A 1703 -27.07 -13.05 -36.22
C ARG A 1703 -26.83 -14.54 -35.97
N SER A 1704 -26.00 -14.86 -34.98
CA SER A 1704 -25.70 -16.24 -34.61
C SER A 1704 -26.01 -16.44 -33.13
N GLN A 1705 -25.95 -17.70 -32.69
CA GLN A 1705 -26.22 -18.06 -31.31
C GLN A 1705 -24.99 -17.96 -30.43
N ASN A 1706 -24.00 -17.17 -30.81
CA ASN A 1706 -22.80 -16.99 -30.03
C ASN A 1706 -22.52 -15.53 -29.68
N GLU A 1707 -23.45 -14.63 -29.96
CA GLU A 1707 -23.25 -13.20 -29.71
C GLU A 1707 -23.76 -12.83 -28.33
N PRO A 1708 -22.96 -12.12 -27.53
CA PRO A 1708 -23.43 -11.75 -26.19
C PRO A 1708 -24.64 -10.83 -26.18
N GLY A 1709 -24.87 -10.09 -27.26
CA GLY A 1709 -25.98 -9.15 -27.30
C GLY A 1709 -25.60 -7.79 -26.73
N THR A 1710 -25.49 -7.71 -25.41
CA THR A 1710 -24.96 -6.53 -24.73
C THR A 1710 -25.72 -5.26 -25.13
N VAL A 1711 -27.00 -5.18 -24.79
CA VAL A 1711 -27.75 -3.96 -25.07
C VAL A 1711 -27.16 -2.79 -24.28
N ILE A 1712 -27.22 -1.60 -24.88
CA ILE A 1712 -26.72 -0.39 -24.25
C ILE A 1712 -27.79 0.69 -24.36
N ALA A 1713 -27.60 1.76 -23.59
CA ALA A 1713 -28.58 2.83 -23.56
C ALA A 1713 -27.87 4.15 -23.25
N HIS A 1714 -28.54 5.24 -23.60
CA HIS A 1714 -28.02 6.60 -23.40
C HIS A 1714 -29.12 7.40 -22.73
N LEU A 1715 -28.88 7.84 -21.50
CA LEU A 1715 -29.91 8.43 -20.65
C LEU A 1715 -29.69 9.93 -20.50
N ALA A 1716 -30.73 10.71 -20.76
CA ALA A 1716 -30.62 12.17 -20.66
C ALA A 1716 -30.56 12.62 -19.21
N ALA A 1717 -31.42 12.08 -18.35
CA ALA A 1717 -31.41 12.34 -16.91
C ALA A 1717 -31.30 13.82 -16.58
N ASP A 1718 -32.31 14.60 -16.94
CA ASP A 1718 -32.27 16.04 -16.73
C ASP A 1718 -32.36 16.39 -15.25
N ASN A 1719 -32.07 17.66 -14.95
CA ASN A 1719 -32.18 18.18 -13.60
C ASN A 1719 -32.34 19.70 -13.68
N ALA A 1720 -32.82 20.28 -12.57
CA ALA A 1720 -32.87 21.73 -12.40
C ALA A 1720 -33.67 22.42 -13.50
N GLY A 1721 -34.96 22.12 -13.58
CA GLY A 1721 -35.83 22.83 -14.50
C GLY A 1721 -37.15 22.13 -14.72
N PRO A 1722 -38.10 22.83 -15.35
CA PRO A 1722 -39.37 22.20 -15.70
C PRO A 1722 -39.23 21.22 -16.86
N SER A 1723 -40.35 20.69 -17.34
CA SER A 1723 -40.33 19.69 -18.41
C SER A 1723 -40.39 20.40 -19.75
N ARG A 1724 -39.43 20.10 -20.63
CA ARG A 1724 -39.41 20.63 -21.99
C ARG A 1724 -39.22 19.47 -22.97
N PRO A 1725 -39.73 19.60 -24.19
CA PRO A 1725 -39.50 18.54 -25.18
C PRO A 1725 -38.04 18.45 -25.56
N THR A 1726 -37.59 17.22 -25.83
CA THR A 1726 -36.23 16.96 -26.27
C THR A 1726 -36.26 16.32 -27.65
N GLU A 1727 -35.14 16.41 -28.35
CA GLU A 1727 -34.99 15.81 -29.67
C GLU A 1727 -33.87 14.78 -29.63
N PHE A 1728 -33.96 13.82 -30.53
CA PHE A 1728 -32.95 12.77 -30.66
C PHE A 1728 -32.66 12.57 -32.14
N GLU A 1729 -31.53 11.95 -32.43
CA GLU A 1729 -31.13 11.69 -33.81
C GLU A 1729 -30.19 10.49 -33.81
N THR A 1730 -30.52 9.49 -34.63
CA THR A 1730 -29.74 8.26 -34.73
C THR A 1730 -29.31 7.98 -36.17
N ASP A 1731 -28.91 9.02 -36.89
CA ASP A 1731 -28.43 8.87 -38.26
C ASP A 1731 -27.25 9.81 -38.47
N ARG A 1732 -26.07 9.25 -38.71
CA ARG A 1732 -24.90 10.10 -38.86
C ARG A 1732 -24.88 10.84 -40.19
N ALA A 1733 -25.59 10.35 -41.20
CA ALA A 1733 -25.69 11.09 -42.45
C ALA A 1733 -26.40 12.43 -42.25
N LYS A 1734 -27.43 12.44 -41.41
CA LYS A 1734 -28.17 13.67 -41.14
C LYS A 1734 -27.61 14.46 -39.95
N PHE A 1735 -26.57 13.96 -39.29
CA PHE A 1735 -25.89 14.73 -38.25
C PHE A 1735 -24.60 15.37 -38.76
N ILE A 1736 -23.77 14.62 -39.48
CA ILE A 1736 -22.54 15.21 -40.01
C ILE A 1736 -22.84 15.96 -41.31
N GLY A 1737 -23.42 15.28 -42.29
CA GLY A 1737 -23.96 15.97 -43.46
C GLY A 1737 -23.36 15.60 -44.80
N ARG A 1738 -22.77 14.42 -44.97
CA ARG A 1738 -22.30 13.97 -46.28
C ARG A 1738 -21.30 14.95 -46.90
N GLY A 1739 -20.12 15.05 -46.30
CA GLY A 1739 -19.08 15.91 -46.81
C GLY A 1739 -18.44 16.82 -45.79
N ARG A 1740 -18.95 16.81 -44.55
CA ARG A 1740 -18.40 17.63 -43.50
C ARG A 1740 -17.71 16.74 -42.47
N SER A 1741 -17.24 17.32 -41.38
CA SER A 1741 -16.66 16.54 -40.30
C SER A 1741 -17.24 17.06 -38.99
N LEU A 1742 -16.92 16.38 -37.89
CA LEU A 1742 -17.44 16.77 -36.59
C LEU A 1742 -17.08 18.21 -36.25
N ARG A 1743 -15.96 18.70 -36.75
CA ARG A 1743 -15.55 20.07 -36.47
C ARG A 1743 -16.47 21.08 -37.15
N GLU A 1744 -17.15 20.68 -38.23
CA GLU A 1744 -18.00 21.57 -39.00
C GLU A 1744 -19.30 20.85 -39.37
N ALA A 1745 -19.87 20.15 -38.39
CA ALA A 1745 -21.05 19.33 -38.62
C ALA A 1745 -22.25 20.17 -39.04
N ALA A 1746 -23.19 19.53 -39.72
CA ALA A 1746 -24.35 20.22 -40.27
C ALA A 1746 -25.53 20.27 -39.33
N ALA A 1747 -25.47 19.62 -38.17
CA ALA A 1747 -26.57 19.69 -37.23
C ALA A 1747 -26.59 21.02 -36.47
N PHE A 1748 -25.50 21.77 -36.49
CA PHE A 1748 -25.40 23.05 -35.82
C PHE A 1748 -25.57 24.23 -36.79
N ASP A 1749 -26.33 24.03 -37.86
CA ASP A 1749 -26.66 25.13 -38.75
C ASP A 1749 -27.79 25.96 -38.14
N ALA A 1750 -28.42 26.81 -38.95
CA ALA A 1750 -29.49 27.67 -38.44
C ALA A 1750 -30.84 27.01 -38.65
N GLY A 1751 -30.89 25.69 -38.55
CA GLY A 1751 -32.13 24.97 -38.73
C GLY A 1751 -31.87 23.48 -38.78
N ALA A 1752 -32.84 22.78 -39.38
CA ALA A 1752 -32.77 21.33 -39.57
C ALA A 1752 -32.45 20.62 -38.26
N THR A 1753 -33.32 20.79 -37.26
CA THR A 1753 -33.02 20.34 -35.90
C THR A 1753 -33.52 18.91 -35.69
N LEU A 1754 -32.68 17.96 -36.10
CA LEU A 1754 -32.77 16.59 -35.61
C LEU A 1754 -34.12 15.94 -35.89
N SER A 1755 -34.41 15.66 -37.16
CA SER A 1755 -35.71 15.12 -37.54
C SER A 1755 -36.03 13.79 -36.89
N SER A 1756 -35.13 13.25 -36.06
CA SER A 1756 -35.41 12.08 -35.23
C SER A 1756 -35.76 10.85 -36.05
N SER A 1757 -34.81 10.40 -36.88
CA SER A 1757 -34.95 9.15 -37.62
C SER A 1757 -34.53 8.01 -36.70
N ASP A 1758 -35.26 6.90 -36.75
CA ASP A 1758 -35.03 5.79 -35.84
C ASP A 1758 -35.24 4.47 -36.58
N GLY A 1759 -34.61 3.42 -36.05
CA GLY A 1759 -34.76 2.10 -36.62
C GLY A 1759 -33.44 1.51 -37.07
N PHE A 1760 -33.47 0.75 -38.16
CA PHE A 1760 -32.25 0.18 -38.74
C PHE A 1760 -31.54 1.22 -39.62
N THR A 1761 -31.09 2.29 -38.98
CA THR A 1761 -30.23 3.25 -39.66
C THR A 1761 -28.89 2.60 -39.96
N LEU A 1762 -28.39 2.84 -41.17
CA LEU A 1762 -27.16 2.18 -41.58
C LEU A 1762 -25.92 2.84 -40.98
N ASP A 1763 -26.07 4.05 -40.43
CA ASP A 1763 -24.99 4.77 -39.75
C ASP A 1763 -25.49 5.17 -38.37
N PRO A 1764 -25.26 4.34 -37.35
CA PRO A 1764 -25.90 4.59 -36.04
C PRO A 1764 -25.06 5.52 -35.17
N ILE A 1765 -25.72 6.52 -34.59
CA ILE A 1765 -25.15 7.36 -33.54
C ILE A 1765 -26.23 7.56 -32.48
N LEU A 1766 -25.80 7.98 -31.29
CA LEU A 1766 -26.72 8.33 -30.22
C LEU A 1766 -26.53 9.79 -29.88
N SER A 1767 -27.61 10.56 -29.93
CA SER A 1767 -27.57 11.99 -29.66
C SER A 1767 -28.85 12.41 -28.94
N LEU A 1768 -28.70 13.29 -27.96
CA LEU A 1768 -29.84 13.80 -27.18
C LEU A 1768 -29.62 15.28 -26.93
N ARG A 1769 -30.69 16.07 -27.09
CA ARG A 1769 -30.60 17.52 -26.91
C ARG A 1769 -31.74 18.00 -26.03
N ARG A 1770 -31.40 18.77 -25.00
CA ARG A 1770 -32.37 19.45 -24.17
C ARG A 1770 -32.01 20.93 -24.09
N THR A 1771 -32.95 21.80 -24.44
CA THR A 1771 -32.71 23.22 -24.29
C THR A 1771 -32.98 23.64 -22.85
N VAL A 1772 -31.99 24.26 -22.23
CA VAL A 1772 -32.08 24.67 -20.84
C VAL A 1772 -32.12 26.19 -20.77
N ARG A 1773 -32.37 26.69 -19.57
CA ARG A 1773 -32.48 28.13 -19.35
C ARG A 1773 -31.80 28.44 -18.02
N VAL A 1774 -30.58 28.99 -18.08
CA VAL A 1774 -29.81 29.30 -16.89
C VAL A 1774 -30.21 30.67 -16.38
N PRO A 1775 -30.58 30.80 -15.11
CA PRO A 1775 -30.94 32.12 -14.58
C PRO A 1775 -29.71 32.99 -14.38
N ALA A 1776 -29.89 34.17 -13.80
CA ALA A 1776 -28.80 35.11 -13.57
C ALA A 1776 -28.25 34.85 -12.17
N GLY A 1777 -27.26 33.98 -12.08
CA GLY A 1777 -26.60 33.71 -10.82
C GLY A 1777 -26.70 32.27 -10.34
N LYS A 1778 -27.68 31.54 -10.87
CA LYS A 1778 -27.89 30.16 -10.46
C LYS A 1778 -27.19 29.22 -11.43
N LYS A 1779 -27.32 27.91 -11.18
CA LYS A 1779 -26.65 26.91 -12.00
C LYS A 1779 -27.65 25.82 -12.34
N VAL A 1780 -27.43 25.19 -13.49
CA VAL A 1780 -28.20 24.02 -13.90
C VAL A 1780 -27.24 22.86 -14.05
N SER A 1781 -27.78 21.69 -14.40
CA SER A 1781 -26.97 20.50 -14.57
C SER A 1781 -27.71 19.46 -15.38
N VAL A 1782 -27.00 18.84 -16.32
CA VAL A 1782 -27.53 17.75 -17.12
C VAL A 1782 -26.55 16.60 -17.01
N ILE A 1783 -27.05 15.40 -16.71
CA ILE A 1783 -26.19 14.24 -16.48
C ILE A 1783 -26.49 13.21 -17.56
N PHE A 1784 -25.54 12.97 -18.45
CA PHE A 1784 -25.70 11.96 -19.49
C PHE A 1784 -25.10 10.64 -19.03
N TRP A 1785 -25.90 9.58 -19.05
CA TRP A 1785 -25.47 8.26 -18.62
C TRP A 1785 -25.31 7.34 -19.82
N THR A 1786 -24.33 6.43 -19.73
CA THR A 1786 -24.06 5.43 -20.78
C THR A 1786 -24.05 4.07 -20.11
N ILE A 1787 -25.19 3.38 -20.16
CA ILE A 1787 -25.33 2.09 -19.49
C ILE A 1787 -25.06 0.97 -20.49
N ALA A 1788 -24.34 -0.04 -20.04
CA ALA A 1788 -24.11 -1.26 -20.80
C ALA A 1788 -24.43 -2.46 -19.93
N ALA A 1789 -25.24 -3.38 -20.44
CA ALA A 1789 -25.68 -4.52 -19.66
C ALA A 1789 -25.76 -5.74 -20.54
N PRO A 1790 -25.63 -6.94 -19.97
CA PRO A 1790 -25.70 -8.16 -20.78
C PRO A 1790 -27.09 -8.39 -21.39
N SER A 1791 -28.13 -8.24 -20.57
CA SER A 1791 -29.48 -8.52 -21.05
C SER A 1791 -30.32 -7.25 -21.08
N ARG A 1792 -31.36 -7.28 -21.91
CA ARG A 1792 -32.26 -6.13 -22.03
C ARG A 1792 -33.05 -5.86 -20.76
N GLU A 1793 -33.50 -6.91 -20.07
CA GLU A 1793 -34.25 -6.72 -18.84
C GLU A 1793 -33.37 -6.28 -17.67
N GLU A 1794 -32.07 -6.05 -17.91
CA GLU A 1794 -31.19 -5.60 -16.85
C GLU A 1794 -30.96 -4.10 -16.90
N VAL A 1795 -31.02 -3.49 -18.08
CA VAL A 1795 -30.88 -2.03 -18.16
C VAL A 1795 -32.04 -1.32 -17.46
N ASP A 1796 -33.22 -1.94 -17.43
CA ASP A 1796 -34.35 -1.33 -16.73
C ASP A 1796 -34.08 -1.22 -15.24
N LYS A 1797 -33.45 -2.23 -14.65
CA LYS A 1797 -33.00 -2.13 -13.27
C LYS A 1797 -31.86 -1.12 -13.11
N ALA A 1798 -31.22 -0.73 -14.20
CA ALA A 1798 -30.20 0.30 -14.17
C ALA A 1798 -30.70 1.66 -14.63
N ILE A 1799 -31.64 1.69 -15.58
CA ILE A 1799 -32.19 2.96 -16.04
C ILE A 1799 -32.99 3.63 -14.94
N ASP A 1800 -33.89 2.88 -14.29
CA ASP A 1800 -34.68 3.45 -13.21
C ASP A 1800 -33.83 3.82 -12.01
N ARG A 1801 -32.72 3.13 -11.79
CA ARG A 1801 -31.82 3.53 -10.71
C ARG A 1801 -31.14 4.86 -11.03
N TYR A 1802 -31.09 5.24 -12.30
CA TYR A 1802 -30.42 6.47 -12.71
C TYR A 1802 -31.39 7.51 -13.27
N ARG A 1803 -32.66 7.16 -13.48
CA ARG A 1803 -33.62 8.16 -13.89
C ARG A 1803 -34.01 9.09 -12.76
N HIS A 1804 -33.83 8.64 -11.51
CA HIS A 1804 -34.19 9.45 -10.36
C HIS A 1804 -33.31 10.70 -10.29
N PRO A 1805 -33.81 11.78 -9.68
CA PRO A 1805 -32.98 12.98 -9.53
C PRO A 1805 -31.80 12.71 -8.62
N ASP A 1806 -30.93 13.72 -8.47
CA ASP A 1806 -29.66 13.53 -7.78
C ASP A 1806 -28.90 12.40 -8.46
N ALA A 1807 -28.78 11.25 -7.81
CA ALA A 1807 -28.24 10.03 -8.40
C ALA A 1807 -26.78 10.18 -8.81
N PHE A 1808 -26.23 11.38 -8.67
CA PHE A 1808 -24.80 11.58 -8.90
C PHE A 1808 -24.04 11.62 -7.60
N ALA A 1809 -24.66 12.14 -6.54
CA ALA A 1809 -24.18 11.84 -5.20
C ALA A 1809 -24.60 10.41 -4.90
N HIS A 1810 -24.06 9.83 -3.83
CA HIS A 1810 -24.34 8.47 -3.42
C HIS A 1810 -23.78 7.47 -4.43
N GLU A 1811 -23.37 7.95 -5.60
CA GLU A 1811 -22.55 7.18 -6.52
C GLU A 1811 -21.08 7.61 -6.48
N LEU A 1812 -20.85 8.92 -6.32
CA LEU A 1812 -19.50 9.44 -6.14
C LEU A 1812 -18.76 8.73 -5.02
N VAL A 1813 -19.44 8.51 -3.89
CA VAL A 1813 -18.77 7.96 -2.72
C VAL A 1813 -18.40 6.50 -2.96
N HIS A 1814 -19.27 5.74 -3.64
CA HIS A 1814 -18.91 4.37 -4.00
C HIS A 1814 -17.74 4.37 -4.97
N ALA A 1815 -17.72 5.31 -5.91
CA ALA A 1815 -16.59 5.40 -6.83
C ALA A 1815 -15.29 5.62 -6.07
N TRP A 1816 -15.29 6.55 -5.11
CA TRP A 1816 -14.08 6.80 -4.34
C TRP A 1816 -13.66 5.57 -3.56
N THR A 1817 -14.61 4.94 -2.86
CA THR A 1817 -14.26 3.79 -2.03
C THR A 1817 -13.71 2.64 -2.87
N ARG A 1818 -14.36 2.36 -4.01
CA ARG A 1818 -13.90 1.25 -4.84
C ARG A 1818 -12.57 1.54 -5.49
N THR A 1819 -12.31 2.78 -5.91
CA THR A 1819 -10.99 3.04 -6.48
C THR A 1819 -9.91 2.97 -5.41
N GLN A 1820 -10.21 3.40 -4.19
CA GLN A 1820 -9.21 3.28 -3.12
C GLN A 1820 -8.96 1.81 -2.79
N VAL A 1821 -10.01 0.99 -2.78
CA VAL A 1821 -9.84 -0.43 -2.54
C VAL A 1821 -9.00 -1.07 -3.64
N GLN A 1822 -9.25 -0.69 -4.90
CA GLN A 1822 -8.46 -1.23 -6.00
C GLN A 1822 -7.00 -0.82 -5.89
N MET A 1823 -6.75 0.45 -5.55
CA MET A 1823 -5.37 0.91 -5.41
C MET A 1823 -4.68 0.36 -4.17
N ARG A 1824 -5.44 -0.15 -3.21
CA ARG A 1824 -4.83 -0.80 -2.05
C ARG A 1824 -4.61 -2.28 -2.25
N HIS A 1825 -5.48 -2.96 -3.00
CA HIS A 1825 -5.33 -4.39 -3.25
C HIS A 1825 -4.05 -4.68 -4.03
N VAL A 1826 -3.55 -3.69 -4.77
CA VAL A 1826 -2.27 -3.76 -5.44
C VAL A 1826 -1.36 -2.72 -4.79
N GLY A 1827 -0.12 -3.10 -4.52
CA GLY A 1827 0.76 -2.25 -3.76
C GLY A 1827 1.23 -1.02 -4.52
N VAL A 1828 0.32 -0.09 -4.78
CA VAL A 1828 0.61 1.11 -5.54
C VAL A 1828 0.26 2.33 -4.71
N THR A 1829 0.95 3.44 -4.96
CA THR A 1829 0.68 4.72 -4.33
C THR A 1829 0.16 5.69 -5.40
N SER A 1830 -0.50 6.76 -4.96
CA SER A 1830 -1.10 7.72 -5.89
C SER A 1830 -0.07 8.24 -6.89
N GLN A 1831 1.13 8.56 -6.42
CA GLN A 1831 2.19 8.98 -7.33
C GLN A 1831 2.55 7.86 -8.30
N GLN A 1832 2.62 6.63 -7.80
CA GLN A 1832 2.84 5.49 -8.68
C GLN A 1832 1.69 5.34 -9.67
N ALA A 1833 0.47 5.66 -9.23
CA ALA A 1833 -0.66 5.61 -10.15
C ALA A 1833 -0.50 6.64 -11.27
N ALA A 1834 -0.07 7.86 -10.94
CA ALA A 1834 0.15 8.86 -11.96
C ALA A 1834 1.23 8.44 -12.94
N ALA A 1835 2.34 7.89 -12.42
CA ALA A 1835 3.40 7.42 -13.30
C ALA A 1835 2.91 6.30 -14.20
N PHE A 1836 2.13 5.37 -13.66
CA PHE A 1836 1.64 4.27 -14.47
C PHE A 1836 0.64 4.75 -15.50
N GLN A 1837 -0.11 5.81 -15.21
CA GLN A 1837 -1.01 6.36 -16.21
C GLN A 1837 -0.24 7.05 -17.33
N HIS A 1838 0.88 7.71 -16.98
CA HIS A 1838 1.76 8.21 -18.04
C HIS A 1838 2.28 7.08 -18.91
N LEU A 1839 2.66 5.97 -18.28
CA LEU A 1839 3.12 4.83 -19.06
C LEU A 1839 2.03 4.28 -19.96
N GLY A 1840 0.80 4.20 -19.45
CA GLY A 1840 -0.32 3.78 -20.28
C GLY A 1840 -0.56 4.71 -21.45
N ARG A 1841 -0.43 6.02 -21.22
CA ARG A 1841 -0.49 6.97 -22.34
C ARG A 1841 0.54 6.65 -23.40
N TYR A 1842 1.79 6.45 -22.99
CA TYR A 1842 2.83 6.10 -23.96
C TYR A 1842 2.59 4.74 -24.59
N LEU A 1843 1.76 3.91 -23.97
CA LEU A 1843 1.59 2.55 -24.46
C LEU A 1843 0.44 2.44 -25.46
N THR A 1844 -0.63 3.20 -25.26
CA THR A 1844 -1.78 3.09 -26.16
C THR A 1844 -1.62 3.93 -27.42
N TYR A 1845 -1.23 5.19 -27.28
CA TYR A 1845 -1.09 6.05 -28.45
C TYR A 1845 0.25 5.78 -29.13
N PRO A 1846 0.31 5.92 -30.46
CA PRO A 1846 1.57 5.68 -31.18
C PRO A 1846 2.59 6.78 -31.02
N ASP A 1847 2.45 7.74 -30.08
CA ASP A 1847 3.56 8.68 -29.76
C ASP A 1847 4.69 7.91 -29.07
N MET A 1848 5.73 7.58 -29.83
CA MET A 1848 6.83 6.79 -29.33
C MET A 1848 7.99 7.72 -28.96
N HIS A 1849 8.06 8.09 -27.68
CA HIS A 1849 9.16 8.90 -27.18
C HIS A 1849 10.01 8.18 -26.14
N LEU A 1850 9.63 6.98 -25.73
CA LEU A 1850 10.41 6.16 -24.82
C LEU A 1850 10.86 4.88 -25.50
N ARG A 1851 10.89 4.88 -26.83
CA ARG A 1851 11.28 3.71 -27.61
C ARG A 1851 12.80 3.69 -27.74
N ALA A 1852 13.32 2.79 -28.58
CA ALA A 1852 14.75 2.64 -28.74
C ALA A 1852 15.31 3.74 -29.64
N ASP A 1853 16.61 3.70 -29.89
CA ASP A 1853 17.26 4.73 -30.69
C ASP A 1853 16.88 4.59 -32.16
N SER A 1854 17.20 5.63 -32.93
CA SER A 1854 16.94 5.58 -34.37
C SER A 1854 17.82 4.56 -35.07
N GLU A 1855 19.10 4.49 -34.70
CA GLU A 1855 19.99 3.49 -35.27
C GLU A 1855 19.70 2.09 -34.76
N THR A 1856 19.17 1.96 -33.55
CA THR A 1856 18.79 0.64 -33.04
C THR A 1856 17.49 0.15 -33.68
N LEU A 1857 16.74 1.03 -34.33
CA LEU A 1857 15.51 0.63 -34.99
C LEU A 1857 15.67 0.48 -36.50
N LYS A 1858 16.62 1.18 -37.12
CA LYS A 1858 16.81 1.06 -38.56
C LYS A 1858 17.42 -0.29 -38.93
N THR A 1859 18.45 -0.71 -38.21
CA THR A 1859 19.11 -1.99 -38.46
C THR A 1859 18.41 -3.16 -37.78
N GLY A 1860 17.20 -2.95 -37.29
CA GLY A 1860 16.46 -3.98 -36.56
C GLY A 1860 14.98 -3.92 -36.94
N LEU A 1861 14.12 -4.52 -36.12
CA LEU A 1861 12.69 -4.55 -36.35
C LEU A 1861 12.34 -5.41 -37.56
N ALA A 1862 12.78 -6.66 -37.55
CA ALA A 1862 12.34 -7.62 -38.54
C ALA A 1862 11.01 -8.24 -38.12
N SER A 1863 10.41 -8.98 -39.05
CA SER A 1863 9.12 -9.60 -38.78
C SER A 1863 9.29 -11.12 -38.77
N GLN A 1864 8.17 -11.85 -38.60
CA GLN A 1864 8.17 -13.31 -38.51
C GLN A 1864 9.07 -13.79 -37.36
N ARG A 1865 9.27 -12.91 -36.38
CA ARG A 1865 10.06 -13.22 -35.21
C ARG A 1865 9.25 -12.86 -33.98
N ALA A 1866 9.83 -13.00 -32.80
CA ALA A 1866 9.15 -12.78 -31.53
C ALA A 1866 8.04 -13.81 -31.33
N LEU A 1867 7.84 -14.67 -32.34
CA LEU A 1867 6.99 -15.84 -32.21
C LEU A 1867 7.77 -17.07 -31.81
N TRP A 1868 9.10 -17.06 -31.99
CA TRP A 1868 9.94 -18.11 -31.44
C TRP A 1868 10.10 -17.97 -29.93
N PRO A 1869 9.72 -16.83 -29.36
CA PRO A 1869 9.73 -16.59 -27.92
C PRO A 1869 8.33 -16.75 -27.34
N LEU A 1870 7.44 -17.38 -28.11
CA LEU A 1870 6.06 -17.66 -27.69
C LEU A 1870 5.31 -16.40 -27.30
N ALA A 1871 5.54 -15.32 -28.05
CA ALA A 1871 4.81 -14.07 -27.87
C ALA A 1871 3.97 -13.79 -29.10
N ILE A 1872 2.69 -13.48 -28.87
CA ILE A 1872 1.77 -13.20 -29.96
C ILE A 1872 2.17 -11.97 -30.75
N SER A 1873 2.49 -10.87 -30.06
CA SER A 1873 2.93 -9.62 -30.69
C SER A 1873 1.88 -9.09 -31.67
N GLY A 1874 0.61 -9.43 -31.41
CA GLY A 1874 -0.48 -8.92 -32.22
C GLY A 1874 -1.30 -8.00 -31.34
N ASP A 1875 -1.81 -8.48 -30.21
CA ASP A 1875 -2.47 -7.62 -29.22
C ASP A 1875 -1.48 -7.36 -28.09
N PHE A 1876 -0.38 -6.72 -28.46
CA PHE A 1876 0.73 -6.59 -27.53
C PHE A 1876 1.60 -5.38 -27.86
N PRO A 1877 1.43 -4.27 -27.16
CA PRO A 1877 2.40 -3.18 -27.27
C PRO A 1877 3.80 -3.55 -26.76
N ILE A 1878 3.91 -4.58 -25.91
CA ILE A 1878 5.18 -5.13 -25.47
C ILE A 1878 6.02 -4.10 -24.72
N PHE A 1879 5.87 -4.08 -23.39
CA PHE A 1879 6.74 -3.30 -22.51
C PHE A 1879 7.90 -4.18 -22.07
N SER A 1880 9.10 -3.87 -22.57
CA SER A 1880 10.27 -4.64 -22.18
C SER A 1880 10.95 -4.01 -20.98
N LEU A 1881 11.80 -4.80 -20.33
CA LEU A 1881 12.54 -4.35 -19.15
C LEU A 1881 13.81 -5.16 -19.05
N ARG A 1882 14.92 -4.58 -19.48
CA ARG A 1882 16.20 -5.27 -19.48
C ARG A 1882 16.76 -5.31 -18.07
N ILE A 1883 17.07 -6.51 -17.57
CA ILE A 1883 17.53 -6.72 -16.21
C ILE A 1883 18.95 -7.26 -16.25
N ASN A 1884 19.90 -6.48 -15.73
CA ASN A 1884 21.29 -6.91 -15.66
C ASN A 1884 21.94 -6.43 -14.37
N ASP A 1885 21.22 -6.44 -13.26
CA ASP A 1885 21.72 -5.86 -12.04
C ASP A 1885 21.79 -6.86 -10.89
N ASP A 1886 20.74 -7.66 -10.74
CA ASP A 1886 20.50 -8.87 -9.92
C ASP A 1886 20.69 -8.65 -8.42
N MET A 1887 20.97 -7.42 -7.97
CA MET A 1887 20.83 -7.17 -6.53
C MET A 1887 19.64 -6.25 -6.24
N ASP A 1888 19.12 -5.56 -7.25
CA ASP A 1888 17.94 -4.72 -7.02
C ASP A 1888 16.67 -5.57 -6.97
N MET A 1889 16.36 -6.28 -8.06
CA MET A 1889 15.25 -7.25 -8.13
C MET A 1889 13.97 -6.65 -7.55
N ASP A 1890 13.87 -5.33 -7.56
CA ASP A 1890 12.72 -4.65 -6.99
C ASP A 1890 11.97 -3.95 -8.11
N ILE A 1891 12.71 -3.51 -9.12
CA ILE A 1891 12.07 -2.91 -10.30
C ILE A 1891 11.22 -3.93 -11.02
N ALA A 1892 11.57 -5.22 -10.94
CA ALA A 1892 10.72 -6.26 -11.50
C ALA A 1892 9.37 -6.32 -10.81
N ARG A 1893 9.36 -6.20 -9.48
CA ARG A 1893 8.10 -6.17 -8.75
C ARG A 1893 7.28 -4.93 -9.12
N GLU A 1894 7.94 -3.77 -9.26
CA GLU A 1894 7.20 -2.59 -9.68
C GLU A 1894 6.61 -2.76 -11.06
N ALA A 1895 7.37 -3.36 -11.99
CA ALA A 1895 6.84 -3.59 -13.33
C ALA A 1895 5.65 -4.55 -13.30
N LEU A 1896 5.75 -5.62 -12.51
CA LEU A 1896 4.63 -6.55 -12.39
C LEU A 1896 3.41 -5.88 -11.78
N SER A 1897 3.61 -5.05 -10.75
CA SER A 1897 2.50 -4.34 -10.14
C SER A 1897 1.86 -3.37 -11.12
N ALA A 1898 2.68 -2.68 -11.92
CA ALA A 1898 2.14 -1.79 -12.95
C ALA A 1898 1.34 -2.58 -13.97
N HIS A 1899 1.83 -3.75 -14.37
CA HIS A 1899 1.09 -4.57 -15.33
C HIS A 1899 -0.25 -5.00 -14.75
N GLU A 1900 -0.26 -5.42 -13.49
CA GLU A 1900 -1.52 -5.83 -12.85
C GLU A 1900 -2.48 -4.66 -12.74
N TYR A 1901 -1.98 -3.49 -12.34
CA TYR A 1901 -2.83 -2.31 -12.19
C TYR A 1901 -3.42 -1.89 -13.53
N LEU A 1902 -2.61 -1.89 -14.59
CA LEU A 1902 -3.11 -1.49 -15.91
C LEU A 1902 -4.06 -2.53 -16.47
N ARG A 1903 -3.85 -3.80 -16.16
CA ARG A 1903 -4.82 -4.82 -16.50
C ARG A 1903 -6.15 -4.57 -15.80
N SER A 1904 -6.10 -4.19 -14.52
CA SER A 1904 -7.33 -3.87 -13.80
C SER A 1904 -8.02 -2.64 -14.38
N ARG A 1905 -7.24 -1.68 -14.87
CA ARG A 1905 -7.82 -0.46 -15.42
C ARG A 1905 -8.28 -0.63 -16.86
N GLY A 1906 -7.98 -1.76 -17.50
CA GLY A 1906 -8.46 -2.00 -18.84
C GLY A 1906 -7.47 -1.71 -19.95
N VAL A 1907 -6.19 -1.98 -19.69
CA VAL A 1907 -5.13 -1.83 -20.68
C VAL A 1907 -4.45 -3.19 -20.82
N ILE A 1908 -4.32 -3.65 -22.07
CA ILE A 1908 -3.78 -4.97 -22.36
C ILE A 1908 -2.43 -4.79 -23.03
N PHE A 1909 -1.41 -5.44 -22.48
CA PHE A 1909 -0.07 -5.37 -23.04
C PHE A 1909 0.79 -6.50 -22.47
N ASP A 1910 2.02 -6.59 -22.97
CA ASP A 1910 2.93 -7.65 -22.59
C ASP A 1910 4.11 -7.09 -21.82
N LEU A 1911 4.48 -7.77 -20.74
CA LEU A 1911 5.62 -7.41 -19.90
C LEU A 1911 6.71 -8.44 -20.16
N VAL A 1912 7.63 -8.09 -21.05
CA VAL A 1912 8.76 -8.94 -21.37
C VAL A 1912 9.95 -8.52 -20.51
N ILE A 1913 10.44 -9.45 -19.69
CA ILE A 1913 11.57 -9.19 -18.80
C ILE A 1913 12.78 -9.87 -19.42
N VAL A 1914 13.62 -9.11 -20.08
CA VAL A 1914 14.77 -9.65 -20.79
C VAL A 1914 15.97 -9.69 -19.86
N ASN A 1915 16.52 -10.89 -19.68
CA ASN A 1915 17.76 -11.06 -18.94
C ASN A 1915 18.95 -11.01 -19.89
N GLU A 1916 20.00 -10.32 -19.45
CA GLU A 1916 21.11 -9.97 -20.32
C GLU A 1916 22.43 -10.36 -19.67
N ARG A 1917 22.50 -11.58 -19.16
CA ARG A 1917 23.65 -12.04 -18.39
C ARG A 1917 24.36 -13.16 -19.13
N ALA A 1918 25.50 -13.56 -18.59
CA ALA A 1918 26.29 -14.67 -19.11
C ALA A 1918 25.72 -15.98 -18.55
N ALA A 1919 26.38 -17.12 -18.67
CA ALA A 1919 25.85 -18.40 -18.22
C ALA A 1919 26.45 -18.78 -16.87
N SER A 1920 26.65 -17.78 -16.02
CA SER A 1920 27.20 -18.00 -14.69
C SER A 1920 26.09 -17.97 -13.64
N TYR A 1921 25.29 -16.92 -13.59
CA TYR A 1921 24.19 -16.81 -12.64
C TYR A 1921 22.83 -16.76 -13.33
N ALA A 1922 22.79 -17.06 -14.63
CA ALA A 1922 21.54 -16.97 -15.39
C ALA A 1922 20.50 -17.97 -14.90
N GLN A 1923 20.94 -19.18 -14.52
CA GLN A 1923 20.01 -20.19 -14.04
C GLN A 1923 19.31 -19.74 -12.75
N ASP A 1924 20.09 -19.18 -11.82
CA ASP A 1924 19.49 -18.67 -10.59
C ASP A 1924 18.62 -17.45 -10.86
N MET A 1925 19.03 -16.56 -11.78
CA MET A 1925 18.19 -15.42 -12.12
C MET A 1925 16.86 -15.86 -12.68
N GLN A 1926 16.85 -16.84 -13.60
CA GLN A 1926 15.60 -17.28 -14.18
C GLN A 1926 14.75 -18.05 -13.17
N HIS A 1927 15.40 -18.80 -12.27
CA HIS A 1927 14.67 -19.47 -11.20
C HIS A 1927 13.94 -18.45 -10.33
N ALA A 1928 14.67 -17.41 -9.89
CA ALA A 1928 14.06 -16.38 -9.05
C ALA A 1928 12.98 -15.60 -9.81
N LEU A 1929 13.22 -15.32 -11.08
CA LEU A 1929 12.23 -14.61 -11.88
C LEU A 1929 10.95 -15.42 -12.03
N ASP A 1930 11.08 -16.72 -12.26
CA ASP A 1930 9.90 -17.58 -12.34
C ASP A 1930 9.16 -17.62 -11.02
N HIS A 1931 9.91 -17.68 -9.90
CA HIS A 1931 9.25 -17.69 -8.59
C HIS A 1931 8.50 -16.39 -8.32
N ILE A 1932 9.09 -15.25 -8.70
CA ILE A 1932 8.44 -13.96 -8.41
C ILE A 1932 7.36 -13.61 -9.42
N SER A 1933 7.33 -14.24 -10.58
CA SER A 1933 6.32 -13.95 -11.59
C SER A 1933 5.27 -15.04 -11.73
N GLU A 1934 5.40 -16.15 -11.00
CA GLU A 1934 4.36 -17.17 -11.00
C GLU A 1934 3.07 -16.69 -10.39
N THR A 1935 3.10 -15.60 -9.61
CA THR A 1935 1.87 -15.05 -9.05
C THR A 1935 0.93 -14.53 -10.13
N GLN A 1936 1.45 -14.21 -11.31
CA GLN A 1936 0.62 -13.75 -12.43
C GLN A 1936 0.80 -14.55 -13.71
N ARG A 1937 1.78 -15.47 -13.76
CA ARG A 1937 1.95 -16.31 -14.94
C ARG A 1937 0.96 -17.47 -14.95
N ARG A 1938 0.26 -17.71 -13.85
CA ARG A 1938 -0.73 -18.77 -13.80
C ARG A 1938 -1.94 -18.42 -14.67
N ILE A 1939 -2.75 -19.44 -14.94
CA ILE A 1939 -3.91 -19.26 -15.81
C ILE A 1939 -4.94 -18.37 -15.10
N ASN A 1940 -5.10 -17.15 -15.58
CA ASN A 1940 -6.07 -16.17 -15.14
C ASN A 1940 -7.38 -16.34 -15.90
N PRO A 1941 -8.49 -16.62 -15.21
CA PRO A 1941 -9.77 -16.81 -15.90
C PRO A 1941 -10.23 -15.58 -16.65
N ALA A 1942 -10.50 -15.74 -17.95
CA ALA A 1942 -11.01 -14.68 -18.81
C ALA A 1942 -10.09 -13.46 -18.80
N ASP A 1943 -8.85 -13.64 -19.23
CA ASP A 1943 -7.89 -12.54 -19.27
C ASP A 1943 -7.39 -12.29 -20.69
N GLY A 1945 -5.59 -17.55 -23.70
CA GLY A 1945 -5.89 -17.17 -22.33
C GLY A 1945 -4.67 -17.19 -21.43
N ARG A 1946 -3.49 -17.32 -22.03
CA ARG A 1946 -2.26 -17.32 -21.24
C ARG A 1946 -1.87 -15.90 -20.88
N PRO A 1947 -1.60 -15.63 -19.60
CA PRO A 1947 -1.31 -14.26 -19.18
C PRO A 1947 -0.05 -13.71 -19.83
N HIS A 1948 -0.03 -12.39 -19.98
CA HIS A 1948 0.95 -11.72 -20.82
C HIS A 1948 2.16 -11.28 -19.99
N VAL A 1949 2.85 -12.27 -19.42
CA VAL A 1949 4.09 -12.03 -18.69
C VAL A 1949 5.17 -12.95 -19.23
N PHE A 1950 6.33 -12.39 -19.56
CA PHE A 1950 7.40 -13.16 -20.19
C PHE A 1950 8.74 -12.87 -19.53
N SER A 1951 9.64 -13.85 -19.61
CA SER A 1951 11.02 -13.69 -19.13
C SER A 1951 11.92 -14.44 -20.10
N VAL A 1952 12.41 -13.71 -21.11
CA VAL A 1952 13.25 -14.35 -22.12
C VAL A 1952 14.71 -14.34 -21.67
N ARG A 1953 15.51 -15.15 -22.36
CA ARG A 1953 16.93 -15.29 -22.06
C ARG A 1953 17.73 -14.87 -23.27
N ARG A 1954 18.60 -13.86 -23.10
CA ARG A 1954 19.40 -13.40 -24.23
C ARG A 1954 20.35 -14.49 -24.72
N ASP A 1955 20.99 -15.21 -23.79
CA ASP A 1955 21.99 -16.21 -24.17
C ASP A 1955 21.39 -17.35 -24.97
N LEU A 1956 20.15 -17.75 -24.66
CA LEU A 1956 19.52 -18.88 -25.34
C LEU A 1956 19.17 -18.55 -26.79
N MET A 1957 18.57 -17.39 -27.03
CA MET A 1957 18.18 -16.98 -28.36
C MET A 1957 19.35 -16.28 -29.06
N ASP A 1958 19.27 -16.21 -30.38
CA ASP A 1958 20.35 -15.62 -31.16
C ASP A 1958 20.27 -14.09 -31.11
N GLU A 1959 21.20 -13.42 -31.80
CA GLU A 1959 21.25 -11.96 -31.76
C GLU A 1959 20.12 -11.33 -32.55
N GLU A 1960 19.72 -11.94 -33.67
CA GLU A 1960 18.68 -11.35 -34.50
C GLU A 1960 17.35 -11.26 -33.76
N THR A 1961 16.99 -12.32 -33.03
CA THR A 1961 15.75 -12.28 -32.27
C THR A 1961 15.80 -11.23 -31.16
N TRP A 1962 16.96 -11.10 -30.51
CA TRP A 1962 17.10 -10.07 -29.47
C TRP A 1962 16.94 -8.68 -30.04
N SER A 1963 17.57 -8.42 -31.19
CA SER A 1963 17.44 -7.11 -31.82
C SER A 1963 16.01 -6.85 -32.25
N ALA A 1964 15.34 -7.86 -32.81
CA ALA A 1964 13.94 -7.71 -33.20
C ALA A 1964 13.07 -7.38 -32.00
N LEU A 1965 13.29 -8.08 -30.88
CA LEU A 1965 12.52 -7.80 -29.67
C LEU A 1965 12.76 -6.38 -29.17
N LEU A 1966 14.02 -5.94 -29.13
CA LEU A 1966 14.30 -4.60 -28.62
C LEU A 1966 13.77 -3.52 -29.54
N ALA A 1967 13.74 -3.76 -30.85
CA ALA A 1967 13.18 -2.76 -31.76
C ALA A 1967 11.67 -2.76 -31.76
N ALA A 1968 11.03 -3.91 -31.55
CA ALA A 1968 9.59 -4.00 -31.67
C ALA A 1968 8.85 -3.53 -30.42
N SER A 1969 9.53 -3.37 -29.30
CA SER A 1969 8.87 -2.91 -28.09
C SER A 1969 8.56 -1.43 -28.18
N ARG A 1970 7.30 -1.07 -27.89
CA ARG A 1970 6.89 0.32 -27.98
C ARG A 1970 7.61 1.19 -26.96
N VAL A 1971 7.81 0.68 -25.75
CA VAL A 1971 8.51 1.39 -24.69
C VAL A 1971 9.54 0.46 -24.08
N VAL A 1972 10.78 0.93 -23.98
CA VAL A 1972 11.90 0.13 -23.50
C VAL A 1972 12.56 0.89 -22.35
N LEU A 1973 12.63 0.25 -21.19
CA LEU A 1973 13.30 0.81 -20.03
C LEU A 1973 14.36 -0.17 -19.53
N HIS A 1974 15.55 0.36 -19.26
CA HIS A 1974 16.59 -0.39 -18.62
C HIS A 1974 16.43 -0.29 -17.11
N VAL A 1975 16.99 -1.27 -16.39
CA VAL A 1975 16.76 -1.36 -14.95
C VAL A 1975 17.85 -0.71 -14.12
N ARG A 1976 19.11 -0.68 -14.57
CA ARG A 1976 20.18 -0.09 -13.79
C ARG A 1976 20.12 1.43 -13.84
N ASN A 1977 19.73 2.03 -14.99
CA ASN A 1977 19.99 3.47 -15.26
C ASN A 1977 18.99 4.40 -14.58
N GLY A 1978 17.90 3.86 -14.08
CA GLY A 1978 16.89 4.63 -13.37
C GLY A 1978 16.01 3.66 -12.59
N LYS A 1979 14.89 4.15 -12.08
CA LYS A 1979 13.90 3.29 -11.45
C LYS A 1979 12.54 3.65 -12.01
N ILE A 1980 11.63 2.67 -12.02
CA ILE A 1980 10.29 2.90 -12.52
C ILE A 1980 9.60 3.97 -11.68
N VAL A 1981 8.67 4.68 -12.31
CA VAL A 1981 8.00 5.83 -11.70
C VAL A 1981 8.99 6.96 -11.39
N ASP A 1982 10.22 6.82 -11.88
CA ASP A 1982 11.21 7.89 -11.79
C ASP A 1982 11.82 8.10 -13.16
N GLN A 1983 11.81 7.05 -13.99
CA GLN A 1983 12.18 7.22 -15.39
C GLN A 1983 10.99 7.68 -16.23
N ILE A 1984 9.80 7.16 -15.93
CA ILE A 1984 8.60 7.59 -16.65
C ILE A 1984 8.29 9.05 -16.38
N ASN A 1985 8.42 9.50 -15.13
CA ASN A 1985 8.18 10.90 -14.82
C ASN A 1985 9.24 11.82 -15.39
N ARG A 1986 10.50 11.36 -15.44
CA ARG A 1986 11.55 12.18 -16.02
C ARG A 1986 11.48 12.22 -17.53
N ALA A 1987 10.95 11.17 -18.16
CA ALA A 1987 10.78 11.18 -19.61
C ALA A 1987 9.74 12.20 -20.05
N VAL A 1988 8.73 12.46 -19.22
CA VAL A 1988 7.74 13.47 -19.56
C VAL A 1988 8.34 14.87 -19.55
N SER A 1989 9.22 15.17 -18.60
CA SER A 1989 9.84 16.48 -18.52
C SER A 1989 10.83 16.75 -19.64
N LEU A 1990 11.64 15.76 -20.01
CA LEU A 1990 12.61 15.95 -21.09
C LEU A 1990 11.96 16.04 -22.45
N PHE A 1991 10.77 15.47 -22.63
CA PHE A 1991 10.07 15.47 -23.90
C PHE A 1991 9.00 16.54 -23.97
N ALA A 1992 8.92 17.42 -22.98
CA ALA A 1992 7.95 18.50 -22.97
C ALA A 1992 8.50 19.70 -23.75
N ALA A 1993 7.76 20.81 -23.76
CA ALA A 1993 8.14 22.03 -24.45
C ALA A 1993 8.42 21.78 -25.93
N SER A 2001 5.44 25.83 -30.38
CA SER A 2001 5.28 26.57 -31.62
C SER A 2001 3.83 26.56 -32.08
N ASP A 2002 3.14 25.44 -31.84
CA ASP A 2002 1.75 25.29 -32.23
C ASP A 2002 0.87 25.90 -31.15
N ALA A 2003 0.77 27.22 -31.19
CA ALA A 2003 -0.07 27.96 -30.24
C ALA A 2003 -1.00 28.98 -30.88
N ALA A 2004 -0.65 29.54 -32.05
CA ALA A 2004 -1.50 30.51 -32.70
C ALA A 2004 -2.57 29.87 -33.57
N GLN A 2005 -2.48 28.58 -33.86
CA GLN A 2005 -3.46 27.88 -34.66
C GLN A 2005 -4.58 27.26 -33.83
N ALA A 2006 -4.48 27.32 -32.50
CA ALA A 2006 -5.48 26.67 -31.66
C ALA A 2006 -6.69 27.55 -31.40
N ARG A 2007 -6.52 28.87 -31.41
CA ARG A 2007 -7.57 29.78 -31.02
C ARG A 2007 -8.43 30.28 -32.18
N LEU A 2008 -8.16 29.84 -33.41
CA LEU A 2008 -8.87 30.40 -34.56
C LEU A 2008 -10.20 29.73 -34.81
N PRO A 2009 -10.49 28.63 -34.10
CA PRO A 2009 -11.71 27.83 -34.33
C PRO A 2009 -11.66 27.32 -35.77
N VAL A 2010 -12.78 27.28 -36.48
CA VAL A 2010 -12.83 26.84 -37.87
C VAL A 2010 -13.52 27.92 -38.72
N PRO A 2011 -13.39 27.77 -40.03
CA PRO A 2011 -13.91 28.78 -40.96
C PRO A 2011 -15.33 28.47 -41.41
N ALA A 2012 -16.22 28.22 -40.45
CA ALA A 2012 -17.66 28.02 -40.69
C ALA A 2012 -17.83 26.92 -41.73
N PHE A 2013 -18.71 27.07 -42.72
CA PHE A 2013 -18.90 26.09 -43.77
C PHE A 2013 -19.16 26.81 -45.09
N PRO A 2014 -19.14 26.08 -46.17
CA PRO A 2014 -19.32 26.64 -47.51
C PRO A 2014 -20.60 26.11 -48.13
N VAL A 2015 -21.29 26.98 -48.86
CA VAL A 2015 -22.52 26.63 -49.56
C VAL A 2015 -22.60 27.39 -50.85
N ALA A 2016 -22.47 26.69 -51.97
CA ALA A 2016 -22.51 27.32 -53.29
C ALA A 2016 -23.92 27.25 -53.88
N GLU A 2017 -24.11 27.93 -54.99
CA GLU A 2017 -25.44 28.10 -55.58
C GLU A 2017 -25.76 27.04 -56.61
N PRO A 2018 -25.93 25.80 -56.18
CA PRO A 2018 -26.40 24.69 -57.02
C PRO A 2018 -25.41 24.52 -58.18
N VAL A 2019 -25.86 24.04 -59.33
CA VAL A 2019 -25.00 23.88 -60.50
C VAL A 2019 -25.84 24.00 -61.75
N GLU A 2020 -25.29 24.65 -62.77
CA GLU A 2020 -26.03 24.93 -64.00
C GLU A 2020 -26.07 23.68 -64.86
N ASP A 2021 -27.28 23.22 -65.19
CA ASP A 2021 -27.46 22.03 -66.01
C ASP A 2021 -27.30 22.42 -67.47
N ALA A 2022 -26.08 22.32 -67.98
CA ALA A 2022 -25.79 22.71 -69.35
C ALA A 2022 -26.05 21.54 -70.29
N GLY A 2023 -25.71 21.71 -71.56
CA GLY A 2023 -25.85 20.63 -72.55
C GLY A 2023 -24.59 19.78 -72.57
N ASP A 2024 -24.47 18.93 -73.60
CA ASP A 2024 -23.32 18.02 -73.73
C ASP A 2024 -23.26 17.03 -72.57
N LEU A 2025 -24.40 16.44 -72.25
CA LEU A 2025 -24.48 15.39 -71.25
C LEU A 2025 -25.77 14.61 -71.50
N ASP A 2026 -25.65 13.29 -71.62
CA ASP A 2026 -26.79 12.49 -72.04
C ASP A 2026 -27.82 12.35 -70.92
N PHE A 2027 -27.43 11.72 -69.81
CA PHE A 2027 -28.31 11.58 -68.66
C PHE A 2027 -27.90 12.58 -67.58
N TRP A 2028 -28.26 13.85 -67.82
CA TRP A 2028 -27.86 14.93 -66.94
C TRP A 2028 -28.70 14.91 -65.68
N ASN A 2029 -28.24 14.20 -64.66
CA ASN A 2029 -28.87 14.24 -63.36
C ASN A 2029 -28.45 15.52 -62.65
N GLY A 2030 -28.71 15.60 -61.35
CA GLY A 2030 -28.32 16.79 -60.59
C GLY A 2030 -26.82 16.94 -60.45
N PHE A 2031 -26.03 15.91 -60.77
CA PHE A 2031 -24.60 15.93 -60.49
C PHE A 2031 -23.71 15.67 -61.70
N GLY A 2032 -24.09 14.80 -62.63
CA GLY A 2032 -23.26 14.58 -63.80
C GLY A 2032 -23.90 13.56 -64.71
N GLY A 2033 -23.34 13.44 -65.90
CA GLY A 2033 -23.88 12.54 -66.89
C GLY A 2033 -22.81 12.08 -67.86
N PHE A 2034 -23.24 11.26 -68.82
CA PHE A 2034 -22.33 10.67 -69.80
C PHE A 2034 -21.81 11.74 -70.75
N ALA A 2035 -20.58 11.54 -71.19
CA ALA A 2035 -19.92 12.46 -72.13
C ALA A 2035 -20.05 11.97 -73.56
N LYS A 2036 -21.18 11.32 -73.86
CA LYS A 2036 -21.52 10.81 -75.19
C LYS A 2036 -20.60 9.67 -75.61
N ASN A 2037 -21.15 8.75 -76.41
CA ASN A 2037 -20.49 7.51 -76.79
C ASN A 2037 -20.24 6.62 -75.57
N GLY A 2038 -20.68 7.08 -74.39
CA GLY A 2038 -20.56 6.29 -73.18
C GLY A 2038 -19.14 5.96 -72.77
N GLN A 2039 -18.14 6.68 -73.30
CA GLN A 2039 -16.75 6.41 -72.97
C GLN A 2039 -16.24 7.23 -71.80
N GLU A 2040 -17.05 8.14 -71.28
CA GLU A 2040 -16.67 8.98 -70.16
C GLU A 2040 -17.92 9.30 -69.35
N TYR A 2041 -17.71 9.72 -68.11
CA TYR A 2041 -18.81 10.17 -67.25
C TYR A 2041 -18.37 11.44 -66.54
N VAL A 2042 -18.67 12.58 -67.14
CA VAL A 2042 -18.28 13.87 -66.58
C VAL A 2042 -19.14 14.16 -65.35
N VAL A 2043 -18.49 14.55 -64.26
CA VAL A 2043 -19.17 14.95 -63.04
C VAL A 2043 -18.78 16.39 -62.76
N ARG A 2044 -19.77 17.27 -62.68
CA ARG A 2044 -19.55 18.69 -62.46
C ARG A 2044 -20.05 19.05 -61.07
N LEU A 2045 -19.22 19.74 -60.30
CA LEU A 2045 -19.57 20.15 -58.96
C LEU A 2045 -19.04 21.54 -58.69
N ASN A 2046 -19.63 22.20 -57.71
CA ASN A 2046 -19.11 23.46 -57.21
C ASN A 2046 -18.15 23.19 -56.06
N GLY A 2047 -17.79 24.25 -55.33
CA GLY A 2047 -16.93 24.10 -54.18
C GLY A 2047 -17.75 23.79 -52.93
N GLY A 2048 -17.35 22.76 -52.20
CA GLY A 2048 -18.06 22.39 -51.00
C GLY A 2048 -19.11 21.32 -51.21
N GLN A 2049 -19.75 21.32 -52.38
CA GLN A 2049 -20.75 20.32 -52.69
C GLN A 2049 -20.11 18.95 -52.83
N SER A 2050 -20.94 17.91 -52.86
CA SER A 2050 -20.45 16.56 -52.98
C SER A 2050 -21.54 15.65 -53.52
N THR A 2051 -21.10 14.50 -54.05
CA THR A 2051 -22.03 13.50 -54.53
C THR A 2051 -22.67 12.77 -53.35
N PRO A 2052 -23.84 12.13 -53.56
CA PRO A 2052 -24.49 11.43 -52.45
C PRO A 2052 -23.62 10.35 -51.81
N HIS A 2053 -22.87 9.62 -52.62
CA HIS A 2053 -21.87 8.67 -52.18
C HIS A 2053 -20.65 8.80 -53.08
N PRO A 2054 -19.49 8.32 -52.65
CA PRO A 2054 -18.31 8.38 -53.53
C PRO A 2054 -18.51 7.60 -54.81
N TRP A 2055 -18.45 8.29 -55.95
CA TRP A 2055 -18.56 7.64 -57.25
C TRP A 2055 -17.18 7.29 -57.78
N ILE A 2056 -16.69 6.10 -57.43
CA ILE A 2056 -15.30 5.71 -57.64
C ILE A 2056 -15.09 5.15 -59.04
N ASN A 2057 -13.83 4.99 -59.42
CA ASN A 2057 -13.47 4.37 -60.70
C ASN A 2057 -12.21 3.54 -60.47
N VAL A 2058 -12.35 2.22 -60.51
CA VAL A 2058 -11.19 1.34 -60.34
C VAL A 2058 -10.39 1.32 -61.63
N ILE A 2059 -9.09 1.57 -61.51
CA ILE A 2059 -8.16 1.54 -62.64
C ILE A 2059 -7.00 0.65 -62.19
N SER A 2060 -7.04 -0.61 -62.57
CA SER A 2060 -6.07 -1.57 -62.09
C SER A 2060 -5.45 -2.36 -63.23
N ASN A 2061 -4.54 -3.25 -62.87
CA ASN A 2061 -3.91 -4.17 -63.80
C ASN A 2061 -3.65 -5.48 -63.08
N GLU A 2062 -2.82 -6.34 -63.66
CA GLU A 2062 -2.65 -7.68 -63.13
C GLU A 2062 -2.10 -7.66 -61.71
N ASN A 2063 -1.20 -6.73 -61.40
CA ASN A 2063 -0.45 -6.77 -60.15
C ASN A 2063 -0.37 -5.38 -59.50
N PHE A 2064 -1.43 -4.58 -59.65
CA PHE A 2064 -1.49 -3.24 -59.06
C PHE A 2064 -2.85 -2.64 -59.38
N GLY A 2065 -3.20 -1.58 -58.65
CA GLY A 2065 -4.46 -0.92 -58.91
C GLY A 2065 -4.75 0.25 -58.01
N PHE A 2066 -5.75 1.05 -58.38
CA PHE A 2066 -6.18 2.16 -57.56
C PHE A 2066 -7.56 2.60 -58.02
N HIS A 2067 -8.32 3.19 -57.12
CA HIS A 2067 -9.60 3.76 -57.48
C HIS A 2067 -9.71 5.14 -56.86
N ILE A 2068 -10.31 6.06 -57.60
CA ILE A 2068 -10.39 7.46 -57.20
C ILE A 2068 -11.85 7.91 -57.31
N SER A 2069 -12.31 8.62 -56.29
CA SER A 2069 -13.70 9.06 -56.26
C SER A 2069 -13.90 10.25 -57.20
N ALA A 2070 -15.15 10.67 -57.31
CA ALA A 2070 -15.49 11.77 -58.20
C ALA A 2070 -15.03 13.12 -57.67
N GLU A 2071 -15.13 13.36 -56.36
CA GLU A 2071 -14.70 14.62 -55.79
C GLU A 2071 -13.27 14.62 -55.29
N GLY A 2072 -12.63 13.46 -55.24
CA GLY A 2072 -11.23 13.38 -54.86
C GLY A 2072 -10.99 12.42 -53.72
N ALA A 2073 -10.19 11.41 -53.98
CA ALA A 2073 -9.91 10.37 -52.99
C ALA A 2073 -8.71 9.56 -53.44
N GLY A 2074 -8.47 8.41 -52.82
CA GLY A 2074 -7.40 7.57 -53.27
C GLY A 2074 -7.19 6.32 -52.45
N PHE A 2075 -6.86 5.23 -53.13
CA PHE A 2075 -6.60 3.95 -52.50
C PHE A 2075 -5.77 3.13 -53.45
N SER A 2076 -4.82 2.36 -52.92
CA SER A 2076 -3.92 1.61 -53.78
C SER A 2076 -3.46 0.35 -53.06
N TRP A 2077 -3.24 -0.70 -53.85
CA TRP A 2077 -2.78 -1.98 -53.37
C TRP A 2077 -1.70 -2.48 -54.32
N SER A 2078 -0.86 -3.40 -53.85
CA SER A 2078 0.23 -3.85 -54.70
C SER A 2078 0.09 -5.30 -55.14
N ARG A 2079 0.00 -6.23 -54.20
CA ARG A 2079 -0.14 -7.64 -54.56
C ARG A 2079 -1.53 -8.18 -54.28
N ASN A 2080 -2.00 -8.02 -53.04
CA ASN A 2080 -3.30 -8.53 -52.66
C ASN A 2080 -4.00 -7.45 -51.84
N SER A 2081 -5.27 -7.22 -52.15
CA SER A 2081 -6.00 -6.16 -51.49
C SER A 2081 -6.26 -6.52 -50.03
N ARG A 2082 -6.37 -5.47 -49.20
CA ARG A 2082 -6.42 -5.55 -47.75
C ARG A 2082 -5.36 -6.49 -47.18
N ASP A 2083 -4.26 -6.67 -47.90
CA ASP A 2083 -3.13 -7.39 -47.35
C ASP A 2083 -1.89 -6.54 -47.48
N TYR A 2084 -1.77 -5.81 -48.59
CA TYR A 2084 -0.69 -4.86 -48.76
C TYR A 2084 -1.20 -3.56 -49.38
N GLN A 2085 -2.26 -3.02 -48.79
CA GLN A 2085 -2.75 -1.70 -49.18
C GLN A 2085 -1.66 -0.66 -48.97
N LEU A 2086 -1.65 0.39 -49.80
CA LEU A 2086 -0.68 1.45 -49.63
C LEU A 2086 -1.26 2.63 -48.87
N THR A 2087 -2.38 3.16 -49.35
CA THR A 2087 -3.03 4.29 -48.70
C THR A 2087 -4.32 3.83 -48.02
N PRO A 2088 -4.81 4.58 -47.04
CA PRO A 2088 -5.92 4.07 -46.21
C PRO A 2088 -7.17 3.76 -47.03
N TRP A 2089 -7.86 2.72 -46.61
CA TRP A 2089 -9.13 2.31 -47.21
C TRP A 2089 -10.23 2.60 -46.19
N THR A 2090 -10.71 3.83 -46.17
CA THR A 2090 -11.78 4.23 -45.26
C THR A 2090 -13.09 4.18 -46.03
N ASN A 2091 -13.88 3.15 -45.80
CA ASN A 2091 -15.20 3.04 -46.42
C ASN A 2091 -16.22 3.81 -45.58
N ASP A 2092 -15.99 5.11 -45.48
CA ASP A 2092 -16.85 6.02 -44.74
C ASP A 2092 -17.62 6.86 -45.75
N PRO A 2093 -18.89 6.57 -46.01
CA PRO A 2093 -19.61 7.29 -47.06
C PRO A 2093 -19.92 8.73 -46.73
N VAL A 2094 -19.83 9.16 -45.47
CA VAL A 2094 -20.22 10.51 -45.11
C VAL A 2094 -19.05 11.48 -45.04
N ILE A 2095 -17.85 11.03 -44.66
CA ILE A 2095 -16.71 11.92 -44.56
C ILE A 2095 -15.71 11.59 -45.64
N ASN A 2096 -15.17 10.37 -45.59
CA ASN A 2096 -14.24 9.88 -46.61
C ASN A 2096 -13.03 10.80 -46.73
N ARG A 2097 -12.23 10.90 -45.68
CA ARG A 2097 -11.04 11.74 -45.72
C ARG A 2097 -10.08 11.22 -46.78
N PRO A 2098 -9.54 12.08 -47.64
CA PRO A 2098 -8.64 11.60 -48.70
C PRO A 2098 -7.39 10.97 -48.11
N GLY A 2099 -6.93 9.90 -48.75
CA GLY A 2099 -5.69 9.26 -48.33
C GLY A 2099 -4.46 9.92 -48.92
N GLU A 2100 -4.59 10.50 -50.11
CA GLU A 2100 -3.52 11.29 -50.71
C GLU A 2100 -4.14 12.53 -51.35
N ALA A 2101 -3.31 13.55 -51.55
CA ALA A 2101 -3.81 14.85 -51.97
C ALA A 2101 -2.78 15.52 -52.87
N PHE A 2102 -3.25 16.52 -53.62
CA PHE A 2102 -2.43 17.28 -54.55
C PHE A 2102 -2.80 18.75 -54.40
N TYR A 2103 -1.92 19.54 -53.81
CA TYR A 2103 -2.16 20.96 -53.60
C TYR A 2103 -1.24 21.78 -54.49
N VAL A 2104 -1.74 22.94 -54.94
CA VAL A 2104 -0.94 23.87 -55.73
C VAL A 2104 -0.91 25.23 -55.04
N ALA A 2105 -0.91 25.21 -53.70
CA ALA A 2105 -0.99 26.41 -52.88
C ALA A 2105 -0.08 27.52 -53.40
N ASP A 2106 -0.61 28.74 -53.37
CA ASP A 2106 0.07 29.93 -53.85
C ASP A 2106 1.08 30.41 -52.82
N VAL A 2107 1.90 31.38 -53.23
CA VAL A 2107 2.90 31.96 -52.34
C VAL A 2107 2.47 33.33 -51.83
N GLU A 2108 2.03 34.21 -52.72
CA GLU A 2108 1.76 35.59 -52.35
C GLU A 2108 0.41 35.74 -51.66
N THR A 2109 -0.68 35.38 -52.35
CA THR A 2109 -2.01 35.59 -51.81
C THR A 2109 -2.37 34.57 -50.73
N GLY A 2110 -1.70 33.42 -50.70
CA GLY A 2110 -2.03 32.42 -49.71
C GLY A 2110 -3.22 31.55 -50.07
N LYS A 2111 -3.84 31.79 -51.22
CA LYS A 2111 -4.96 30.97 -51.66
C LYS A 2111 -4.49 29.57 -51.99
N LEU A 2112 -5.28 28.57 -51.61
CA LEU A 2112 -4.92 27.17 -51.82
C LEU A 2112 -5.87 26.55 -52.84
N TYR A 2113 -5.34 26.23 -54.01
CA TYR A 2113 -6.12 25.63 -55.08
C TYR A 2113 -5.89 24.12 -55.10
N THR A 2114 -6.89 23.38 -55.57
CA THR A 2114 -6.83 21.93 -55.54
C THR A 2114 -7.67 21.37 -56.69
N PRO A 2115 -7.16 20.38 -57.42
CA PRO A 2115 -8.00 19.72 -58.44
C PRO A 2115 -9.12 18.88 -57.85
N CYS A 2116 -9.02 18.47 -56.60
CA CYS A 2116 -10.02 17.62 -55.98
C CYS A 2116 -11.06 18.46 -55.25
N ALA A 2117 -12.33 18.12 -55.47
CA ALA A 2117 -13.42 18.87 -54.87
C ALA A 2117 -13.56 18.62 -53.37
N ALA A 2118 -13.09 17.47 -52.88
CA ALA A 2118 -13.16 17.16 -51.47
C ALA A 2118 -12.10 17.87 -50.64
N LEU A 2119 -11.18 18.58 -51.29
CA LEU A 2119 -10.09 19.25 -50.60
C LEU A 2119 -10.22 20.76 -50.72
N SER A 2120 -11.40 21.24 -51.10
CA SER A 2120 -11.59 22.65 -51.40
C SER A 2120 -12.81 23.17 -50.65
N ARG A 2121 -12.66 24.37 -50.08
CA ARG A 2121 -13.76 25.05 -49.42
C ARG A 2121 -14.14 26.35 -50.12
N ASP A 2122 -13.68 26.56 -51.34
CA ASP A 2122 -14.00 27.78 -52.07
C ASP A 2122 -15.35 27.64 -52.74
N PRO A 2123 -16.36 28.42 -52.34
CA PRO A 2123 -17.68 28.29 -52.98
C PRO A 2123 -17.66 28.61 -54.46
N GLU A 2124 -16.82 29.55 -54.89
CA GLU A 2124 -16.76 29.97 -56.30
C GLU A 2124 -15.61 29.26 -57.01
N ALA A 2125 -15.73 27.95 -57.13
CA ALA A 2125 -14.76 27.12 -57.83
C ALA A 2125 -15.49 26.04 -58.60
N MET A 2126 -15.07 25.81 -59.84
CA MET A 2126 -15.71 24.83 -60.69
C MET A 2126 -14.81 23.61 -60.87
N PHE A 2127 -15.38 22.43 -60.64
CA PHE A 2127 -14.63 21.19 -60.70
C PHE A 2127 -15.23 20.27 -61.76
N GLU A 2128 -14.35 19.64 -62.53
CA GLU A 2128 -14.75 18.74 -63.60
C GLU A 2128 -13.99 17.45 -63.42
N THR A 2129 -14.72 16.34 -63.28
CA THR A 2129 -14.11 15.03 -63.10
C THR A 2129 -14.61 14.09 -64.19
N ARG A 2130 -13.67 13.53 -64.95
CA ARG A 2130 -13.98 12.61 -66.03
C ARG A 2130 -13.51 11.20 -65.66
N HIS A 2131 -14.43 10.25 -65.69
CA HIS A 2131 -14.12 8.85 -65.40
C HIS A 2131 -14.12 8.10 -66.72
N GLY A 2132 -12.94 7.93 -67.30
CA GLY A 2132 -12.79 7.24 -68.56
C GLY A 2132 -12.58 5.75 -68.39
N LEU A 2133 -12.23 5.11 -69.49
CA LEU A 2133 -11.97 3.66 -69.51
C LEU A 2133 -10.49 3.46 -69.21
N GLY A 2134 -10.16 3.41 -67.92
CA GLY A 2134 -8.79 3.23 -67.50
C GLY A 2134 -8.03 4.50 -67.18
N TYR A 2135 -8.70 5.63 -67.04
CA TYR A 2135 -8.05 6.87 -66.65
C TYR A 2135 -9.07 7.74 -65.95
N SER A 2136 -8.57 8.76 -65.25
CA SER A 2136 -9.43 9.75 -64.60
C SER A 2136 -8.74 11.10 -64.66
N ILE A 2137 -9.46 12.12 -65.13
CA ILE A 2137 -8.93 13.47 -65.24
C ILE A 2137 -9.78 14.38 -64.36
N LEU A 2138 -9.14 15.02 -63.39
CA LEU A 2138 -9.84 15.88 -62.44
C LEU A 2138 -9.34 17.31 -62.64
N THR A 2139 -10.24 18.20 -63.06
CA THR A 2139 -9.90 19.58 -63.33
C THR A 2139 -10.55 20.49 -62.30
N GLY A 2140 -9.76 21.42 -61.76
CA GLY A 2140 -10.29 22.38 -60.81
C GLY A 2140 -9.93 23.81 -61.18
N VAL A 2141 -10.93 24.63 -61.47
CA VAL A 2141 -10.73 25.99 -61.93
C VAL A 2141 -11.19 26.94 -60.83
N ALA A 2142 -10.32 27.87 -60.44
CA ALA A 2142 -10.67 28.86 -59.43
C ALA A 2142 -9.71 30.03 -59.56
N ASP A 2143 -10.26 31.24 -59.60
CA ASP A 2143 -9.47 32.47 -59.64
C ASP A 2143 -8.55 32.51 -60.86
N THR A 2144 -9.10 32.09 -62.00
CA THR A 2144 -8.38 32.08 -63.28
C THR A 2144 -7.07 31.29 -63.17
N LEU A 2145 -7.16 30.09 -62.62
CA LEU A 2145 -6.00 29.21 -62.49
C LEU A 2145 -6.50 27.77 -62.59
N GLU A 2146 -6.43 27.21 -63.78
CA GLU A 2146 -6.90 25.85 -64.04
C GLU A 2146 -5.83 24.85 -63.60
N VAL A 2147 -6.22 23.90 -62.76
CA VAL A 2147 -5.33 22.85 -62.28
C VAL A 2147 -5.92 21.52 -62.72
N GLU A 2148 -5.29 20.89 -63.72
CA GLU A 2148 -5.79 19.65 -64.27
C GLU A 2148 -4.89 18.50 -63.85
N LEU A 2149 -5.50 17.41 -63.38
CA LEU A 2149 -4.77 16.25 -62.88
C LEU A 2149 -5.29 15.01 -63.56
N THR A 2150 -4.38 14.14 -63.98
CA THR A 2150 -4.72 12.90 -64.67
C THR A 2150 -4.14 11.71 -63.91
N GLN A 2151 -4.90 10.63 -63.83
CA GLN A 2151 -4.50 9.42 -63.13
C GLN A 2151 -4.60 8.23 -64.07
N THR A 2152 -3.62 7.34 -64.01
CA THR A 2152 -3.61 6.12 -64.79
C THR A 2152 -2.57 5.18 -64.21
N VAL A 2153 -2.56 3.95 -64.70
CA VAL A 2153 -1.57 2.96 -64.27
C VAL A 2153 -0.77 2.51 -65.47
N ASP A 2154 0.40 1.93 -65.21
CA ASP A 2154 1.25 1.37 -66.25
C ASP A 2154 1.02 -0.13 -66.34
N ARG A 2155 0.84 -0.60 -67.57
CA ARG A 2155 0.68 -2.02 -67.81
C ARG A 2155 1.96 -2.76 -67.47
N GLU A 2156 1.80 -4.01 -67.02
CA GLU A 2156 2.89 -4.91 -66.60
C GLU A 2156 3.88 -4.22 -65.65
N LYS A 2157 3.44 -3.18 -64.96
CA LYS A 2157 4.29 -2.47 -64.00
C LYS A 2157 3.50 -2.15 -62.74
N PRO A 2158 4.08 -2.37 -61.57
CA PRO A 2158 3.42 -1.94 -60.34
C PRO A 2158 3.69 -0.48 -60.04
N VAL A 2159 3.08 0.42 -60.80
CA VAL A 2159 3.36 1.85 -60.64
C VAL A 2159 2.14 2.64 -61.10
N LYS A 2160 1.87 3.73 -60.39
CA LYS A 2160 0.72 4.58 -60.63
C LYS A 2160 1.18 5.96 -61.05
N PHE A 2161 0.71 6.42 -62.20
CA PHE A 2161 1.10 7.72 -62.75
C PHE A 2161 0.16 8.80 -62.25
N SER A 2162 0.70 10.02 -62.12
CA SER A 2162 -0.09 11.16 -61.68
C SER A 2162 0.48 12.39 -62.36
N GLN A 2163 -0.25 12.91 -63.33
CA GLN A 2163 0.22 14.02 -64.16
C GLN A 2163 -0.54 15.28 -63.77
N VAL A 2164 0.20 16.30 -63.33
CA VAL A 2164 -0.38 17.55 -62.82
C VAL A 2164 -0.07 18.66 -63.81
N ILE A 2165 -1.13 19.31 -64.30
CA ILE A 2165 -1.01 20.42 -65.23
C ILE A 2165 -1.54 21.67 -64.54
N VAL A 2166 -0.67 22.67 -64.38
CA VAL A 2166 -1.07 23.94 -63.77
C VAL A 2166 -1.19 24.98 -64.87
N ARG A 2167 -2.40 25.16 -65.39
CA ARG A 2167 -2.62 26.03 -66.54
C ARG A 2167 -3.01 27.41 -66.05
N ASN A 2168 -2.17 28.41 -66.32
CA ASN A 2168 -2.39 29.78 -65.87
C ASN A 2168 -3.07 30.58 -66.97
N LYS A 2169 -4.22 31.15 -66.66
CA LYS A 2169 -4.96 32.01 -67.57
C LYS A 2169 -5.25 33.36 -66.91
N GLY A 2170 -4.31 33.85 -66.13
CA GLY A 2170 -4.46 35.14 -65.48
C GLY A 2170 -3.89 36.27 -66.28
N SER A 2171 -3.35 37.29 -65.61
CA SER A 2171 -2.76 38.42 -66.29
C SER A 2171 -1.44 38.89 -65.67
N LYS A 2172 -0.85 38.11 -64.77
CA LYS A 2172 0.43 38.48 -64.18
C LYS A 2172 1.16 37.20 -63.78
N SER A 2173 2.48 37.32 -63.63
CA SER A 2173 3.31 36.19 -63.25
C SER A 2173 3.01 35.79 -61.81
N ARG A 2174 2.75 34.50 -61.59
CA ARG A 2174 2.36 34.00 -60.28
C ARG A 2174 3.39 33.01 -59.78
N ARG A 2175 3.61 33.01 -58.47
CA ARG A 2175 4.55 32.08 -57.83
C ARG A 2175 3.75 31.01 -57.09
N LEU A 2176 4.06 29.75 -57.37
CA LEU A 2176 3.29 28.63 -56.85
C LEU A 2176 4.21 27.61 -56.20
N LYS A 2177 3.61 26.72 -55.41
CA LYS A 2177 4.32 25.66 -54.71
C LYS A 2177 3.42 24.44 -54.73
N VAL A 2178 3.78 23.44 -55.52
CA VAL A 2178 2.95 22.25 -55.73
C VAL A 2178 3.31 21.19 -54.70
N TYR A 2179 2.31 20.55 -54.12
CA TYR A 2179 2.50 19.56 -53.07
C TYR A 2179 1.89 18.22 -53.47
N ALA A 2180 2.52 17.14 -53.01
CA ALA A 2180 2.05 15.78 -53.27
C ALA A 2180 2.10 15.00 -51.97
N TYR A 2181 0.94 14.80 -51.36
CA TYR A 2181 0.86 14.21 -50.03
C TYR A 2181 0.24 12.82 -50.13
N VAL A 2182 0.68 11.93 -49.24
CA VAL A 2182 0.21 10.54 -49.26
C VAL A 2182 0.35 9.95 -47.87
N GLU A 2183 -0.57 9.05 -47.52
CA GLU A 2183 -0.56 8.31 -46.28
C GLU A 2183 0.00 6.92 -46.52
N TRP A 2184 1.01 6.53 -45.76
CA TRP A 2184 1.59 5.20 -45.85
C TRP A 2184 0.95 4.34 -44.77
N VAL A 2185 0.01 3.49 -45.16
CA VAL A 2185 -0.45 2.39 -44.33
C VAL A 2185 -0.29 1.10 -45.11
N LEU A 2186 0.75 0.35 -44.79
CA LEU A 2186 1.07 -0.86 -45.53
C LEU A 2186 0.58 -2.06 -44.75
N GLY A 2187 -0.29 -2.82 -45.39
CA GLY A 2187 -0.92 -3.96 -44.77
C GLY A 2187 -2.42 -3.82 -44.65
N ASN A 2188 -3.00 -4.65 -43.79
CA ASN A 2188 -4.45 -4.68 -43.67
C ASN A 2188 -5.00 -3.44 -43.00
N ASN A 2189 -4.33 -2.96 -41.95
CA ASN A 2189 -4.89 -1.89 -41.14
C ASN A 2189 -3.77 -1.01 -40.61
N GLY A 2190 -4.11 0.24 -40.32
CA GLY A 2190 -3.25 1.12 -39.57
C GLY A 2190 -3.41 0.85 -38.08
N GLN A 2191 -2.74 1.69 -37.29
CA GLN A 2191 -2.76 1.61 -35.83
C GLN A 2191 -2.06 0.35 -35.34
N LYS A 2192 -1.67 -0.51 -36.28
CA LYS A 2192 -0.87 -1.68 -35.94
C LYS A 2192 0.54 -1.53 -36.47
N SER A 2193 0.67 -1.31 -37.77
CA SER A 2193 1.93 -0.86 -38.34
C SER A 2193 1.94 0.65 -38.44
N ALA A 2194 1.57 1.33 -37.36
CA ALA A 2194 1.73 2.77 -37.30
C ALA A 2194 3.15 3.14 -36.89
N PRO A 2195 3.72 2.52 -35.84
CA PRO A 2195 5.12 2.83 -35.52
C PRO A 2195 6.12 2.12 -36.42
N PHE A 2196 5.79 0.97 -36.96
CA PHE A 2196 6.76 0.15 -37.69
C PHE A 2196 6.67 0.38 -39.19
N ILE A 2197 6.95 1.61 -39.61
CA ILE A 2197 7.13 1.94 -41.02
C ILE A 2197 8.39 2.77 -41.15
N LEU A 2198 9.33 2.30 -41.96
CA LEU A 2198 10.60 2.99 -42.15
C LEU A 2198 10.53 3.85 -43.41
N SER A 2199 10.95 5.11 -43.28
CA SER A 2199 10.93 6.06 -44.39
C SER A 2199 12.36 6.50 -44.67
N ARG A 2200 12.71 6.56 -45.95
CA ARG A 2200 14.03 6.96 -46.40
C ARG A 2200 13.91 8.01 -47.50
N HIS A 2201 14.99 8.74 -47.71
CA HIS A 2201 15.04 9.74 -48.76
C HIS A 2201 16.35 9.58 -49.53
N ASP A 2202 16.26 9.59 -50.84
CA ASP A 2202 17.42 9.46 -51.70
C ASP A 2202 17.72 10.81 -52.36
N ALA A 2203 19.01 11.15 -52.42
CA ALA A 2203 19.42 12.44 -52.93
C ALA A 2203 19.43 12.49 -54.45
N GLY A 2204 20.16 11.57 -55.09
CA GLY A 2204 20.23 11.58 -56.55
C GLY A 2204 18.89 11.34 -57.20
N SER A 2205 18.15 10.34 -56.70
CA SER A 2205 16.79 10.09 -57.14
C SER A 2205 15.85 10.64 -56.08
N ASN A 2206 15.16 11.73 -56.42
CA ASN A 2206 14.30 12.41 -55.45
C ASN A 2206 13.06 11.55 -55.22
N ALA A 2207 13.18 10.64 -54.27
CA ALA A 2207 12.14 9.68 -53.94
C ALA A 2207 12.06 9.52 -52.43
N ILE A 2208 10.92 9.03 -51.96
CA ILE A 2208 10.71 8.72 -50.56
C ILE A 2208 10.36 7.25 -50.46
N PHE A 2209 11.26 6.47 -49.87
CA PHE A 2209 11.12 5.02 -49.82
C PHE A 2209 10.50 4.61 -48.49
N ALA A 2210 9.38 3.90 -48.56
CA ALA A 2210 8.67 3.45 -47.36
C ALA A 2210 8.51 1.95 -47.41
N SER A 2211 8.74 1.29 -46.28
CA SER A 2211 8.63 -0.15 -46.16
C SER A 2211 7.99 -0.48 -44.82
N ASN A 2212 7.45 -1.69 -44.72
CA ASN A 2212 6.79 -2.13 -43.49
C ASN A 2212 7.46 -3.42 -43.05
N PRO A 2213 8.57 -3.34 -42.33
CA PRO A 2213 9.32 -4.55 -41.95
C PRO A 2213 8.68 -5.36 -40.84
N TYR A 2214 7.47 -5.03 -40.41
CA TYR A 2214 6.77 -5.77 -39.38
C TYR A 2214 5.65 -6.66 -39.93
N SER A 2215 5.39 -6.60 -41.24
CA SER A 2215 4.30 -7.35 -41.81
C SER A 2215 4.59 -8.85 -41.76
N ILE A 2216 3.53 -9.64 -41.62
CA ILE A 2216 3.65 -11.09 -41.46
C ILE A 2216 4.26 -11.71 -42.72
N ASP A 2217 3.75 -11.33 -43.88
CA ASP A 2217 4.21 -11.91 -45.14
C ASP A 2217 4.51 -10.84 -46.20
N TYR A 2218 4.57 -9.57 -45.80
CA TYR A 2218 4.89 -8.49 -46.72
C TYR A 2218 5.92 -7.57 -46.07
N SER A 2219 6.97 -8.17 -45.50
CA SER A 2219 8.00 -7.42 -44.79
C SER A 2219 9.21 -7.12 -45.66
N ALA A 2220 9.07 -7.26 -46.98
CA ALA A 2220 10.21 -7.03 -47.86
C ALA A 2220 9.88 -6.16 -49.07
N ARG A 2221 8.79 -5.41 -49.05
CA ARG A 2221 8.37 -4.60 -50.18
C ARG A 2221 8.50 -3.12 -49.83
N THR A 2222 9.05 -2.34 -50.76
CA THR A 2222 9.25 -0.92 -50.58
C THR A 2222 8.44 -0.14 -51.61
N SER A 2223 7.71 0.87 -51.13
CA SER A 2223 6.98 1.78 -51.99
C SER A 2223 7.69 3.13 -52.04
N PHE A 2224 7.42 3.87 -53.11
CA PHE A 2224 8.16 5.11 -53.35
C PHE A 2224 7.22 6.20 -53.81
N LEU A 2225 7.74 7.41 -53.87
CA LEU A 2225 7.04 8.58 -54.39
C LEU A 2225 8.04 9.52 -55.06
N THR A 2226 8.22 9.40 -56.37
CA THR A 2226 9.19 10.24 -57.06
C THR A 2226 8.49 11.36 -57.81
N LEU A 2227 9.27 12.07 -58.61
CA LEU A 2227 8.78 13.18 -59.40
C LEU A 2227 9.74 13.44 -60.56
N ASP A 2228 9.18 13.78 -61.72
CA ASP A 2228 9.99 14.00 -62.92
C ASP A 2228 10.56 15.42 -62.94
N SER A 2229 11.17 15.80 -61.82
CA SER A 2229 11.86 17.08 -61.70
C SER A 2229 12.81 17.02 -60.52
N GLU A 2230 13.29 18.17 -60.07
CA GLU A 2230 14.14 18.24 -58.88
C GLU A 2230 13.33 18.85 -57.75
N ALA A 2231 12.70 18.00 -56.95
CA ALA A 2231 11.90 18.47 -55.83
C ALA A 2231 12.77 19.22 -54.83
N SER A 2232 12.21 20.27 -54.25
CA SER A 2232 12.95 21.13 -53.34
C SER A 2232 12.73 20.82 -51.87
N GLY A 2233 11.59 20.25 -51.50
CA GLY A 2233 11.32 19.93 -50.12
C GLY A 2233 10.56 18.62 -50.00
N PHE A 2234 10.61 18.05 -48.80
CA PHE A 2234 9.91 16.81 -48.53
C PHE A 2234 9.77 16.64 -47.03
N THR A 2235 8.83 15.78 -46.63
CA THR A 2235 8.66 15.43 -45.23
C THR A 2235 8.08 14.02 -45.14
N THR A 2236 8.28 13.38 -43.99
CA THR A 2236 7.75 12.05 -43.76
C THR A 2236 7.09 11.96 -42.39
N SER A 2237 6.25 12.94 -42.06
CA SER A 2237 5.58 12.94 -40.77
C SER A 2237 4.30 13.75 -40.87
N ARG A 2238 3.19 13.16 -40.43
CA ARG A 2238 1.92 13.88 -40.41
C ARG A 2238 1.94 15.02 -39.40
N ARG A 2239 2.62 14.86 -38.28
CA ARG A 2239 2.77 15.95 -37.31
C ARG A 2239 3.38 17.18 -37.94
N GLU A 2240 4.27 17.01 -38.92
CA GLU A 2240 4.91 18.12 -39.61
C GLU A 2240 4.05 18.66 -40.75
N PHE A 2241 3.48 17.77 -41.56
CA PHE A 2241 2.72 18.24 -42.71
C PHE A 2241 1.34 18.72 -42.31
N ILE A 2242 0.51 17.81 -41.80
CA ILE A 2242 -0.86 18.16 -41.41
C ILE A 2242 -0.83 18.91 -40.09
N GLY A 2243 -0.14 18.35 -39.10
CA GLY A 2243 -0.04 19.01 -37.82
C GLY A 2243 -1.35 18.99 -37.07
N ARG A 2244 -1.30 19.53 -35.86
CA ARG A 2244 -2.49 19.65 -35.03
C ARG A 2244 -3.29 20.88 -35.48
N PHE A 2245 -4.55 20.92 -35.05
CA PHE A 2245 -5.44 22.03 -35.36
C PHE A 2245 -5.54 22.26 -36.87
N GLY A 2246 -5.60 21.17 -37.62
CA GLY A 2246 -5.69 21.27 -39.07
C GLY A 2246 -6.30 20.03 -39.65
N SER A 2247 -6.90 20.18 -40.82
CA SER A 2247 -7.54 19.09 -41.55
C SER A 2247 -6.92 19.00 -42.94
N ALA A 2248 -7.45 18.11 -43.77
CA ALA A 2248 -6.94 17.94 -45.12
C ALA A 2248 -7.15 19.16 -46.01
N GLN A 2249 -8.05 20.05 -45.64
CA GLN A 2249 -8.30 21.25 -46.44
C GLN A 2249 -7.38 22.40 -46.05
N ALA A 2250 -6.97 22.46 -44.78
CA ALA A 2250 -6.05 23.48 -44.28
C ALA A 2250 -4.93 22.77 -43.53
N PRO A 2251 -3.95 22.23 -44.24
CA PRO A 2251 -2.95 21.36 -43.59
C PRO A 2251 -1.94 22.09 -42.72
N GLN A 2252 -2.14 23.38 -42.47
CA GLN A 2252 -1.26 24.14 -41.57
C GLN A 2252 0.18 24.19 -42.06
N GLY A 2253 0.83 23.03 -42.18
CA GLY A 2253 2.21 22.99 -42.62
C GLY A 2253 2.36 23.18 -44.12
N ILE A 2254 1.39 23.85 -44.72
CA ILE A 2254 1.41 24.19 -46.14
C ILE A 2254 1.13 25.68 -46.26
N VAL A 2255 0.63 26.27 -45.17
CA VAL A 2255 0.28 27.68 -45.16
C VAL A 2255 1.00 28.46 -44.08
N ALA A 2256 1.46 27.82 -43.00
CA ALA A 2256 2.10 28.51 -41.88
C ALA A 2256 3.62 28.49 -41.99
N GLY A 2257 4.16 28.47 -43.21
CA GLY A 2257 5.59 28.48 -43.37
C GLY A 2257 5.97 28.19 -44.81
N ALA A 2258 7.28 28.29 -45.06
CA ALA A 2258 7.81 28.02 -46.39
C ALA A 2258 9.03 27.10 -46.28
N ALA A 2259 9.02 26.21 -45.29
CA ALA A 2259 10.12 25.28 -45.09
C ALA A 2259 9.58 23.96 -44.58
N LEU A 2260 9.79 22.90 -45.36
CA LEU A 2260 9.41 21.54 -44.97
C LEU A 2260 10.68 20.80 -44.57
N SER A 2261 10.89 20.67 -43.26
CA SER A 2261 12.09 19.99 -42.79
C SER A 2261 12.05 18.52 -43.17
N GLY A 2262 13.15 18.03 -43.73
CA GLY A 2262 13.20 16.65 -44.15
C GLY A 2262 13.37 15.74 -42.95
N THR A 2263 12.30 15.05 -42.58
CA THR A 2263 12.32 14.21 -41.39
C THR A 2263 12.47 12.75 -41.79
N THR A 2264 13.42 12.07 -41.15
CA THR A 2264 13.64 10.66 -41.38
C THR A 2264 13.37 9.81 -40.15
N GLU A 2265 13.54 10.37 -38.95
CA GLU A 2265 13.32 9.62 -37.72
C GLU A 2265 11.89 9.10 -37.64
N VAL A 2266 11.73 7.96 -36.99
CA VAL A 2266 10.44 7.29 -36.89
C VAL A 2266 9.64 7.91 -35.76
N ASP A 2267 8.42 8.34 -36.07
CA ASP A 2267 7.48 8.91 -35.13
C ASP A 2267 6.15 8.14 -35.25
N GLY A 2268 5.10 8.67 -34.62
CA GLY A 2268 3.83 7.97 -34.57
C GLY A 2268 3.16 7.71 -35.90
N ASP A 2269 3.09 8.70 -36.77
CA ASP A 2269 2.35 8.59 -38.02
C ASP A 2269 3.25 8.86 -39.23
N PRO A 2270 3.39 7.90 -40.14
CA PRO A 2270 4.20 8.11 -41.32
C PRO A 2270 3.38 8.60 -42.51
N CYS A 2271 4.05 9.37 -43.35
CA CYS A 2271 3.45 9.86 -44.59
C CYS A 2271 4.60 10.23 -45.53
N ALA A 2272 4.28 10.94 -46.60
CA ALA A 2272 5.31 11.42 -47.52
C ALA A 2272 4.75 12.61 -48.28
N ALA A 2273 5.60 13.61 -48.47
CA ALA A 2273 5.21 14.81 -49.18
C ALA A 2273 6.35 15.27 -50.06
N LEU A 2274 6.01 16.00 -51.12
CA LEU A 2274 6.98 16.55 -52.04
C LEU A 2274 6.70 18.03 -52.21
N MET A 2275 7.49 18.67 -53.05
CA MET A 2275 7.51 20.13 -53.11
C MET A 2275 8.16 20.56 -54.42
N GLN A 2276 7.66 21.65 -55.00
CA GLN A 2276 8.31 22.23 -56.16
C GLN A 2276 7.85 23.67 -56.30
N GLU A 2277 8.81 24.58 -56.46
CA GLU A 2277 8.52 26.00 -56.62
C GLU A 2277 8.49 26.32 -58.10
N ILE A 2278 7.44 27.02 -58.53
CA ILE A 2278 7.24 27.36 -59.93
C ILE A 2278 7.12 28.87 -60.07
N HIS A 2279 7.74 29.42 -61.10
CA HIS A 2279 7.56 30.82 -61.50
C HIS A 2279 6.87 30.82 -62.85
N LEU A 2280 5.54 30.86 -62.82
CA LEU A 2280 4.77 30.86 -64.05
C LEU A 2280 4.69 32.26 -64.66
N LYS A 2281 4.21 32.31 -65.89
CA LYS A 2281 3.97 33.54 -66.62
C LYS A 2281 2.60 33.45 -67.27
N PRO A 2282 1.97 34.59 -67.59
CA PRO A 2282 0.59 34.54 -68.09
C PRO A 2282 0.48 33.86 -69.44
N GLY A 2283 -0.13 32.67 -69.46
CA GLY A 2283 -0.31 31.94 -70.69
C GLY A 2283 0.60 30.73 -70.80
N GLU A 2284 1.07 30.21 -69.68
CA GLU A 2284 2.01 29.11 -69.66
C GLU A 2284 1.46 27.96 -68.84
N GLU A 2285 1.88 26.75 -69.18
CA GLU A 2285 1.49 25.53 -68.49
C GLU A 2285 2.75 24.78 -68.06
N ARG A 2286 2.68 24.14 -66.90
CA ARG A 2286 3.77 23.31 -66.41
C ARG A 2286 3.27 21.89 -66.25
N HIS A 2287 4.01 20.93 -66.79
CA HIS A 2287 3.60 19.53 -66.81
C HIS A 2287 4.50 18.73 -65.89
N MET A 2288 3.95 18.31 -64.75
CA MET A 2288 4.65 17.42 -63.83
C MET A 2288 4.20 15.99 -64.05
N THR A 2289 4.84 15.07 -63.33
CA THR A 2289 4.44 13.67 -63.35
C THR A 2289 4.87 13.06 -62.03
N PHE A 2290 3.95 12.95 -61.09
CA PHE A 2290 4.21 12.32 -59.80
C PHE A 2290 4.09 10.81 -59.98
N ILE A 2291 4.98 10.07 -59.33
CA ILE A 2291 5.08 8.63 -59.52
C ILE A 2291 4.85 7.95 -58.19
N LEU A 2292 3.97 6.95 -58.18
CA LEU A 2292 3.75 6.12 -57.00
C LEU A 2292 3.68 4.67 -57.46
N GLY A 2293 4.31 3.80 -56.70
CA GLY A 2293 4.34 2.39 -57.02
C GLY A 2293 5.25 1.66 -56.04
N ASP A 2294 5.45 0.38 -56.31
CA ASP A 2294 6.32 -0.38 -55.43
C ASP A 2294 6.79 -1.65 -56.12
N ALA A 2295 7.77 -2.30 -55.48
CA ALA A 2295 8.25 -3.63 -55.84
C ALA A 2295 9.14 -4.10 -54.72
N ASP A 2296 9.17 -5.42 -54.51
CA ASP A 2296 9.96 -5.96 -53.43
C ASP A 2296 11.45 -5.73 -53.70
N ASN A 2297 12.22 -5.73 -52.61
CA ASN A 2297 13.68 -5.60 -52.65
C ASN A 2297 14.11 -4.19 -53.02
N ALA A 2298 15.06 -3.63 -52.26
CA ALA A 2298 15.45 -2.24 -52.44
C ALA A 2298 16.11 -2.01 -53.79
N GLU A 2299 16.99 -2.91 -54.22
CA GLU A 2299 17.65 -2.75 -55.51
C GLU A 2299 16.66 -2.84 -56.66
N GLU A 2300 15.70 -3.76 -56.57
CA GLU A 2300 14.67 -3.86 -57.60
C GLU A 2300 13.83 -2.58 -57.63
N ALA A 2301 13.49 -2.05 -56.47
CA ALA A 2301 12.75 -0.79 -56.42
C ALA A 2301 13.56 0.34 -57.05
N GLU A 2302 14.86 0.40 -56.78
CA GLU A 2302 15.70 1.46 -57.36
C GLU A 2302 15.76 1.34 -58.88
N ALA A 2303 15.95 0.13 -59.39
CA ALA A 2303 15.95 -0.05 -60.84
C ALA A 2303 14.62 0.37 -61.45
N LEU A 2304 13.52 -0.01 -60.80
CA LEU A 2304 12.20 0.31 -61.34
C LEU A 2304 11.96 1.82 -61.33
N VAL A 2305 12.38 2.50 -60.27
CA VAL A 2305 12.15 3.95 -60.22
C VAL A 2305 13.02 4.65 -61.25
N LYS A 2306 14.26 4.19 -61.46
CA LYS A 2306 15.07 4.78 -62.53
C LYS A 2306 14.41 4.59 -63.88
N ASP A 2307 13.90 3.39 -64.16
CA ASP A 2307 13.23 3.13 -65.42
C ASP A 2307 12.01 4.03 -65.60
N VAL A 2308 11.19 4.16 -64.56
CA VAL A 2308 9.96 4.95 -64.69
C VAL A 2308 10.29 6.41 -64.87
N ARG A 2309 11.22 6.95 -64.07
CA ARG A 2309 11.59 8.36 -64.22
C ARG A 2309 12.24 8.65 -65.56
N GLN A 2310 12.88 7.65 -66.18
CA GLN A 2310 13.33 7.81 -67.56
C GLN A 2310 12.21 7.61 -68.58
N ALA A 2311 11.09 7.03 -68.17
CA ALA A 2311 9.97 6.82 -69.10
C ALA A 2311 9.18 8.11 -69.30
N ASP A 2312 8.13 8.04 -70.11
CA ASP A 2312 7.30 9.19 -70.44
C ASP A 2312 5.89 8.89 -69.96
N PHE A 2313 4.97 9.84 -70.16
CA PHE A 2313 3.62 9.68 -69.61
C PHE A 2313 2.58 9.49 -70.71
N LEU A 2314 2.57 10.38 -71.70
CA LEU A 2314 1.51 10.37 -72.70
C LEU A 2314 1.49 9.05 -73.47
N SER A 2315 2.66 8.44 -73.66
CA SER A 2315 2.70 7.11 -74.28
C SER A 2315 1.98 6.09 -73.41
N VAL A 2316 2.16 6.16 -72.10
CA VAL A 2316 1.49 5.23 -71.19
C VAL A 2316 -0.02 5.40 -71.25
N LEU A 2317 -0.47 6.66 -71.20
CA LEU A 2317 -1.90 6.92 -71.28
C LEU A 2317 -2.46 6.45 -72.61
N GLU A 2318 -1.73 6.66 -73.70
CA GLU A 2318 -2.18 6.19 -75.00
C GLU A 2318 -2.26 4.67 -75.04
N GLU A 2319 -1.29 4.00 -74.42
CA GLU A 2319 -1.33 2.53 -74.39
C GLU A 2319 -2.53 2.02 -73.61
N SER A 2320 -2.80 2.61 -72.45
CA SER A 2320 -3.96 2.17 -71.66
C SER A 2320 -5.26 2.43 -72.40
N LYS A 2321 -5.40 3.62 -73.01
CA LYS A 2321 -6.59 3.92 -73.78
C LYS A 2321 -6.76 2.95 -74.93
N LYS A 2322 -5.67 2.65 -75.64
CA LYS A 2322 -5.75 1.75 -76.77
C LYS A 2322 -6.17 0.35 -76.33
N PHE A 2323 -5.60 -0.13 -75.22
CA PHE A 2323 -5.97 -1.45 -74.74
C PHE A 2323 -7.45 -1.53 -74.37
N TRP A 2324 -7.93 -0.53 -73.61
CA TRP A 2324 -9.33 -0.58 -73.19
C TRP A 2324 -10.28 -0.39 -74.36
N THR A 2325 -9.92 0.45 -75.34
CA THR A 2325 -10.74 0.59 -76.53
C THR A 2325 -10.76 -0.70 -77.34
N GLY A 2326 -9.61 -1.33 -77.51
CA GLY A 2326 -9.54 -2.56 -78.30
C GLY A 2326 -10.28 -3.71 -77.67
N PHE A 2327 -10.25 -3.81 -76.34
CA PHE A 2327 -11.01 -4.87 -75.69
C PHE A 2327 -12.50 -4.65 -75.82
N THR A 2328 -12.99 -3.50 -75.33
CA THR A 2328 -14.42 -3.22 -75.42
C THR A 2328 -14.88 -3.00 -76.85
N GLY A 2329 -13.96 -2.83 -77.80
CA GLY A 2329 -14.30 -2.63 -79.17
C GLY A 2329 -14.59 -3.88 -79.96
N GLN A 2330 -14.54 -5.05 -79.34
CA GLN A 2330 -14.84 -6.29 -80.03
C GLN A 2330 -16.32 -6.54 -80.21
N LEU A 2331 -17.18 -5.83 -79.47
CA LEU A 2331 -18.63 -6.01 -79.60
C LEU A 2331 -19.28 -4.64 -79.39
N GLN A 2332 -19.84 -4.11 -80.47
CA GLN A 2332 -20.49 -2.80 -80.46
C GLN A 2332 -21.92 -2.96 -80.97
N VAL A 2333 -22.84 -2.20 -80.38
CA VAL A 2333 -24.25 -2.26 -80.77
C VAL A 2333 -24.74 -0.84 -81.04
N SER A 2334 -25.87 -0.72 -81.73
CA SER A 2334 -26.43 0.58 -82.08
C SER A 2334 -27.94 0.57 -81.85
N THR A 2335 -28.36 0.04 -80.70
CA THR A 2335 -29.78 0.00 -80.37
C THR A 2335 -30.33 1.41 -80.14
N PRO A 2336 -31.61 1.62 -80.45
CA PRO A 2336 -32.17 2.98 -80.31
C PRO A 2336 -32.18 3.50 -78.88
N ASP A 2337 -32.08 2.64 -77.88
CA ASP A 2337 -32.09 3.09 -76.49
C ASP A 2337 -30.77 3.80 -76.16
N ALA A 2338 -30.87 5.03 -75.68
CA ALA A 2338 -29.67 5.81 -75.36
C ALA A 2338 -28.99 5.33 -74.09
N GLY A 2339 -29.74 4.82 -73.11
CA GLY A 2339 -29.15 4.30 -71.90
C GLY A 2339 -28.65 2.89 -71.99
N PHE A 2340 -29.20 2.10 -72.91
CA PHE A 2340 -28.72 0.74 -73.12
C PHE A 2340 -27.39 0.69 -73.82
N ASN A 2341 -27.18 1.54 -74.83
CA ASN A 2341 -25.92 1.55 -75.56
C ASN A 2341 -24.76 1.93 -74.64
N HIS A 2342 -24.95 2.98 -73.84
CA HIS A 2342 -23.86 3.52 -73.04
C HIS A 2342 -23.40 2.55 -71.97
N MET A 2343 -24.20 1.53 -71.67
CA MET A 2343 -23.80 0.55 -70.67
C MET A 2343 -23.12 -0.64 -71.31
N VAL A 2344 -23.85 -1.34 -72.19
CA VAL A 2344 -23.33 -2.56 -72.81
C VAL A 2344 -22.09 -2.26 -73.65
N ASN A 2345 -22.05 -1.13 -74.35
CA ASN A 2345 -20.91 -0.85 -75.21
C ASN A 2345 -19.61 -0.71 -74.44
N ASN A 2346 -19.61 0.00 -73.30
CA ASN A 2346 -18.34 0.31 -72.67
C ASN A 2346 -18.23 -0.14 -71.21
N TRP A 2347 -19.29 0.04 -70.42
CA TRP A 2347 -19.09 0.02 -68.97
C TRP A 2347 -19.19 -1.38 -68.39
N LEU A 2348 -20.14 -2.19 -68.86
CA LEU A 2348 -20.32 -3.52 -68.27
C LEU A 2348 -19.08 -4.39 -68.43
N PRO A 2349 -18.50 -4.56 -69.63
CA PRO A 2349 -17.28 -5.39 -69.71
C PRO A 2349 -16.12 -4.79 -68.93
N TYR A 2350 -15.97 -3.48 -68.96
CA TYR A 2350 -14.90 -2.84 -68.21
C TYR A 2350 -15.05 -3.09 -66.72
N GLN A 2351 -16.28 -2.92 -66.21
CA GLN A 2351 -16.49 -3.17 -64.79
C GLN A 2351 -16.22 -4.62 -64.45
N ALA A 2352 -16.76 -5.54 -65.25
CA ALA A 2352 -16.50 -6.96 -65.02
C ALA A 2352 -15.02 -7.23 -64.89
N LEU A 2353 -14.24 -6.92 -65.93
CA LEU A 2353 -12.81 -7.16 -65.86
C LEU A 2353 -12.15 -6.44 -64.70
N ALA A 2354 -12.13 -5.11 -64.74
CA ALA A 2354 -11.31 -4.34 -63.84
C ALA A 2354 -11.75 -4.42 -62.39
N CYS A 2355 -12.92 -4.96 -62.08
CA CYS A 2355 -13.34 -5.04 -60.70
C CYS A 2355 -13.59 -6.45 -60.22
N ARG A 2356 -13.48 -7.48 -61.07
CA ARG A 2356 -13.60 -8.84 -60.58
C ARG A 2356 -12.46 -9.76 -60.96
N ILE A 2357 -11.67 -9.45 -61.98
CA ILE A 2357 -10.55 -10.32 -62.32
C ILE A 2357 -9.25 -9.57 -62.04
N LEU A 2358 -9.19 -8.32 -62.48
CA LEU A 2358 -7.97 -7.55 -62.30
C LEU A 2358 -7.80 -7.09 -60.86
N ALA A 2359 -8.87 -6.65 -60.22
CA ALA A 2359 -8.79 -6.14 -58.86
C ALA A 2359 -10.11 -6.44 -58.16
N ARG A 2360 -10.10 -7.39 -57.24
CA ARG A 2360 -11.32 -7.81 -56.56
C ARG A 2360 -11.65 -6.91 -55.39
N THR A 2361 -11.76 -5.60 -55.64
CA THR A 2361 -11.94 -4.62 -54.58
C THR A 2361 -12.73 -3.43 -55.08
N ALA A 2362 -13.57 -2.87 -54.22
CA ALA A 2362 -14.33 -1.67 -54.52
C ALA A 2362 -14.37 -0.80 -53.27
N PHE A 2363 -15.25 0.20 -53.26
CA PHE A 2363 -15.39 1.06 -52.10
C PHE A 2363 -16.02 0.39 -50.90
N TYR A 2364 -16.79 -0.68 -51.11
CA TYR A 2364 -17.55 -1.30 -50.03
C TYR A 2364 -17.02 -2.65 -49.59
N GLN A 2365 -16.68 -3.53 -50.50
CA GLN A 2365 -16.07 -4.82 -50.15
C GLN A 2365 -14.65 -4.87 -50.68
N SER A 2366 -13.73 -5.32 -49.82
CA SER A 2366 -12.34 -5.56 -50.19
C SER A 2366 -12.05 -7.02 -49.90
N SER A 2367 -11.79 -7.79 -50.95
CA SER A 2367 -11.36 -9.17 -50.78
C SER A 2367 -10.54 -9.59 -51.99
N GLY A 2368 -9.22 -9.53 -51.86
CA GLY A 2368 -8.37 -9.72 -53.02
C GLY A 2368 -8.07 -11.17 -53.30
N ALA A 2369 -8.74 -12.07 -52.58
CA ALA A 2369 -8.48 -13.50 -52.69
C ALA A 2369 -9.42 -14.13 -53.70
N PHE A 2370 -8.87 -15.06 -54.48
CA PHE A 2370 -9.65 -15.76 -55.48
C PHE A 2370 -10.80 -16.51 -54.81
N GLY A 2371 -12.01 -16.33 -55.34
CA GLY A 2371 -13.12 -17.21 -55.01
C GLY A 2371 -13.11 -18.41 -55.94
N PHE A 2372 -13.97 -19.37 -55.63
CA PHE A 2372 -14.11 -20.51 -56.53
C PHE A 2372 -15.19 -20.23 -57.55
N ARG A 2373 -16.43 -20.08 -57.10
CA ARG A 2373 -17.51 -19.75 -58.01
C ARG A 2373 -17.34 -18.33 -58.56
N ASP A 2374 -16.75 -17.44 -57.77
CA ASP A 2374 -16.51 -16.08 -58.22
C ASP A 2374 -15.68 -16.06 -59.50
N GLN A 2375 -14.43 -16.54 -59.42
CA GLN A 2375 -13.56 -16.58 -60.58
C GLN A 2375 -14.10 -17.50 -61.66
N LEU A 2376 -14.74 -18.61 -61.28
CA LEU A 2376 -15.31 -19.51 -62.26
C LEU A 2376 -16.38 -18.83 -63.12
N GLN A 2377 -17.22 -18.00 -62.51
CA GLN A 2377 -18.29 -17.32 -63.22
C GLN A 2377 -17.83 -16.05 -63.94
N ASP A 2378 -16.81 -15.37 -63.41
CA ASP A 2378 -16.46 -14.06 -63.92
C ASP A 2378 -16.05 -14.12 -65.40
N THR A 2379 -15.24 -15.10 -65.76
CA THR A 2379 -14.77 -15.23 -67.13
C THR A 2379 -15.66 -16.15 -67.95
N LEU A 2380 -16.96 -15.91 -67.93
CA LEU A 2380 -17.90 -16.68 -68.72
C LEU A 2380 -18.74 -15.81 -69.65
N ALA A 2381 -18.70 -14.49 -69.48
CA ALA A 2381 -19.42 -13.59 -70.36
C ALA A 2381 -18.71 -13.43 -71.71
N PHE A 2382 -17.51 -13.97 -71.84
CA PHE A 2382 -16.73 -13.85 -73.07
C PHE A 2382 -16.55 -15.20 -73.74
N PRO A 2387 -12.09 -15.30 -74.72
CA PRO A 2387 -12.32 -16.74 -74.79
C PRO A 2387 -11.29 -17.55 -74.03
N ASP A 2388 -10.00 -17.21 -74.20
CA ASP A 2388 -8.95 -17.93 -73.46
C ASP A 2388 -9.04 -17.68 -71.96
N LEU A 2389 -9.67 -16.58 -71.55
CA LEU A 2389 -9.80 -16.30 -70.12
C LEU A 2389 -10.58 -17.40 -69.42
N ALA A 2390 -11.65 -17.87 -70.05
CA ALA A 2390 -12.42 -18.97 -69.47
C ALA A 2390 -11.55 -20.21 -69.32
N ARG A 2391 -10.74 -20.53 -70.34
CA ARG A 2391 -9.89 -21.70 -70.25
C ARG A 2391 -8.87 -21.58 -69.13
N THR A 2392 -8.23 -20.41 -69.02
CA THR A 2392 -7.25 -20.22 -67.95
C THR A 2392 -7.90 -20.36 -66.58
N GLN A 2393 -9.07 -19.75 -66.40
CA GLN A 2393 -9.72 -19.81 -65.09
C GLN A 2393 -10.18 -21.23 -64.78
N ILE A 2394 -10.65 -21.97 -65.79
CA ILE A 2394 -11.06 -23.35 -65.55
C ILE A 2394 -9.88 -24.19 -65.13
N LEU A 2395 -8.74 -24.06 -65.80
CA LEU A 2395 -7.58 -24.83 -65.38
C LEU A 2395 -7.14 -24.47 -63.97
N ARG A 2396 -7.06 -23.18 -63.66
CA ARG A 2396 -6.62 -22.79 -62.33
C ARG A 2396 -7.59 -23.22 -61.24
N ALA A 2397 -8.89 -23.21 -61.54
CA ALA A 2397 -9.88 -23.64 -60.56
C ALA A 2397 -9.88 -25.14 -60.36
N ALA A 2398 -9.77 -25.92 -61.44
CA ALA A 2398 -9.80 -27.37 -61.32
C ALA A 2398 -8.49 -27.91 -60.76
N GLY A 2399 -7.43 -27.10 -60.77
CA GLY A 2399 -6.19 -27.56 -60.19
C GLY A 2399 -6.13 -27.45 -58.68
N ARG A 2400 -7.28 -27.20 -58.05
CA ARG A 2400 -7.35 -26.98 -56.60
C ARG A 2400 -8.44 -27.84 -55.99
N GLN A 2401 -8.47 -29.12 -56.35
CA GLN A 2401 -9.46 -30.04 -55.81
C GLN A 2401 -8.79 -31.11 -54.96
N PHE A 2402 -9.32 -31.32 -53.77
CA PHE A 2402 -8.80 -32.36 -52.89
C PHE A 2402 -9.17 -33.74 -53.44
N PRO A 2403 -8.35 -34.76 -53.15
CA PRO A 2403 -8.63 -36.10 -53.73
C PRO A 2403 -9.94 -36.71 -53.28
N GLU A 2404 -10.47 -36.29 -52.13
CA GLU A 2404 -11.76 -36.82 -51.68
C GLU A 2404 -12.89 -36.36 -52.60
N GLY A 2405 -12.77 -35.15 -53.15
CA GLY A 2405 -13.76 -34.64 -54.09
C GLY A 2405 -14.09 -33.18 -53.88
N ASP A 2406 -14.04 -32.71 -52.64
CA ASP A 2406 -14.38 -31.31 -52.35
C ASP A 2406 -13.27 -30.38 -52.80
N VAL A 2407 -13.64 -29.12 -53.05
CA VAL A 2407 -12.70 -28.13 -53.57
C VAL A 2407 -12.52 -27.02 -52.55
N GLN A 2408 -11.62 -26.09 -52.84
CA GLN A 2408 -11.37 -24.94 -51.98
C GLN A 2408 -12.31 -23.81 -52.39
N HIS A 2409 -13.21 -23.43 -51.49
CA HIS A 2409 -14.14 -22.34 -51.78
C HIS A 2409 -13.42 -21.00 -51.86
N TRP A 2410 -12.20 -20.93 -51.35
CA TRP A 2410 -11.45 -19.70 -51.15
C TRP A 2410 -9.97 -20.06 -51.13
N TRP A 2411 -9.14 -19.28 -51.81
CA TRP A 2411 -7.70 -19.51 -51.75
C TRP A 2411 -6.96 -18.24 -52.15
N LEU A 2412 -5.90 -17.93 -51.41
CA LEU A 2412 -5.08 -16.75 -51.71
C LEU A 2412 -4.29 -16.97 -52.99
N PRO A 2413 -3.97 -15.90 -53.71
CA PRO A 2413 -3.31 -16.06 -55.02
C PRO A 2413 -1.89 -16.61 -54.95
N LEU A 2414 -1.04 -16.05 -54.09
CA LEU A 2414 0.38 -16.36 -54.18
C LEU A 2414 0.79 -17.46 -53.20
N THR A 2415 0.31 -17.42 -51.96
CA THR A 2415 0.63 -18.51 -51.04
C THR A 2415 -0.09 -19.80 -51.45
N GLY A 2416 -1.30 -19.67 -51.96
CA GLY A 2416 -2.13 -20.82 -52.23
C GLY A 2416 -2.97 -21.30 -51.07
N ALA A 2417 -2.80 -20.71 -49.89
CA ALA A 2417 -3.57 -21.11 -48.72
C ALA A 2417 -5.03 -20.77 -48.91
N GLY A 2418 -5.90 -21.66 -48.46
CA GLY A 2418 -7.33 -21.43 -48.60
C GLY A 2418 -8.14 -22.02 -47.46
N VAL A 2419 -9.38 -22.43 -47.75
CA VAL A 2419 -10.23 -23.10 -46.78
C VAL A 2419 -10.91 -24.29 -47.46
N ARG A 2420 -11.41 -25.21 -46.62
CA ARG A 2420 -12.13 -26.40 -47.06
C ARG A 2420 -13.47 -26.41 -46.35
N THR A 2421 -14.46 -25.76 -46.95
CA THR A 2421 -15.76 -25.57 -46.32
C THR A 2421 -16.67 -26.77 -46.63
N THR A 2422 -17.87 -26.72 -46.07
CA THR A 2422 -18.89 -27.75 -46.31
C THR A 2422 -19.96 -27.26 -47.27
N ILE A 2423 -19.73 -26.14 -47.96
CA ILE A 2423 -20.69 -25.61 -48.91
C ILE A 2423 -20.86 -26.58 -50.06
N SER A 2424 -22.11 -26.83 -50.43
CA SER A 2424 -22.44 -27.94 -51.32
C SER A 2424 -22.34 -27.61 -52.80
N ASP A 2425 -22.79 -26.43 -53.23
CA ASP A 2425 -22.92 -26.13 -54.65
C ASP A 2425 -21.58 -25.87 -55.32
N ASP A 2426 -20.48 -25.78 -54.57
CA ASP A 2426 -19.19 -25.47 -55.17
C ASP A 2426 -18.75 -26.51 -56.19
N VAL A 2427 -18.93 -27.79 -55.89
CA VAL A 2427 -18.38 -28.85 -56.72
C VAL A 2427 -19.10 -29.00 -58.05
N VAL A 2428 -20.27 -28.40 -58.22
CA VAL A 2428 -21.01 -28.52 -59.47
C VAL A 2428 -20.78 -27.34 -60.39
N TRP A 2429 -20.26 -26.22 -59.87
CA TRP A 2429 -20.00 -25.06 -60.72
C TRP A 2429 -18.91 -25.38 -61.74
N LEU A 2430 -17.91 -26.18 -61.35
CA LEU A 2430 -16.89 -26.61 -62.29
C LEU A 2430 -17.50 -27.41 -63.44
N ALA A 2431 -18.42 -28.31 -63.12
CA ALA A 2431 -19.09 -29.07 -64.16
C ALA A 2431 -19.87 -28.15 -65.09
N TYR A 2432 -20.60 -27.19 -64.53
CA TYR A 2432 -21.36 -26.26 -65.35
C TYR A 2432 -20.45 -25.46 -66.27
N ALA A 2433 -19.33 -24.98 -65.74
CA ALA A 2433 -18.42 -24.18 -66.55
C ALA A 2433 -17.76 -25.00 -67.64
N ILE A 2434 -17.40 -26.25 -67.34
CA ILE A 2434 -16.82 -27.10 -68.38
C ILE A 2434 -17.84 -27.33 -69.49
N ASN A 2435 -19.10 -27.58 -69.12
CA ASN A 2435 -20.13 -27.75 -70.15
C ASN A 2435 -20.26 -26.50 -71.01
N GLN A 2436 -20.29 -25.32 -70.37
CA GLN A 2436 -20.41 -24.09 -71.12
C GLN A 2436 -19.23 -23.88 -72.06
N TYR A 2437 -18.01 -24.13 -71.57
CA TYR A 2437 -16.82 -23.92 -72.39
C TYR A 2437 -16.80 -24.88 -73.57
N VAL A 2438 -17.10 -26.16 -73.34
CA VAL A 2438 -17.05 -27.12 -74.44
C VAL A 2438 -18.17 -26.86 -75.43
N SER A 2439 -19.31 -26.33 -74.98
CA SER A 2439 -20.36 -25.94 -75.92
C SER A 2439 -19.96 -24.74 -76.74
N ALA A 2440 -19.33 -23.74 -76.13
CA ALA A 2440 -19.03 -22.50 -76.84
C ALA A 2440 -17.82 -22.66 -77.76
N THR A 2441 -16.65 -22.93 -77.19
CA THR A 2441 -15.44 -23.00 -78.00
C THR A 2441 -15.42 -24.29 -78.82
N GLY A 2442 -15.76 -25.42 -78.20
CA GLY A 2442 -15.73 -26.69 -78.86
C GLY A 2442 -14.40 -27.42 -78.83
N ASP A 2443 -13.43 -26.92 -78.06
CA ASP A 2443 -12.13 -27.59 -77.97
C ASP A 2443 -12.25 -28.80 -77.05
N ALA A 2444 -12.54 -29.95 -77.65
CA ALA A 2444 -12.63 -31.19 -76.87
C ALA A 2444 -11.29 -31.61 -76.27
N ALA A 2445 -10.18 -31.05 -76.75
CA ALA A 2445 -8.86 -31.38 -76.21
C ALA A 2445 -8.62 -30.79 -74.83
N ILE A 2446 -9.49 -29.90 -74.35
CA ILE A 2446 -9.32 -29.33 -73.02
C ILE A 2446 -9.55 -30.35 -71.92
N LEU A 2447 -10.25 -31.44 -72.20
CA LEU A 2447 -10.57 -32.43 -71.19
C LEU A 2447 -9.36 -33.24 -70.74
N ASP A 2448 -8.22 -33.09 -71.42
CA ASP A 2448 -7.00 -33.84 -71.08
C ASP A 2448 -5.92 -32.84 -70.67
N GLU A 2449 -5.90 -32.50 -69.38
CA GLU A 2449 -4.89 -31.60 -68.82
C GLU A 2449 -4.49 -32.15 -67.45
N SER A 2450 -3.34 -32.84 -67.41
CA SER A 2450 -2.88 -33.42 -66.16
C SER A 2450 -2.62 -32.32 -65.14
N ILE A 2451 -3.45 -32.29 -64.09
CA ILE A 2451 -3.31 -31.29 -63.04
C ILE A 2451 -3.28 -32.00 -61.69
N PRO A 2452 -2.42 -31.59 -60.78
CA PRO A 2452 -2.26 -32.32 -59.52
C PRO A 2452 -3.47 -32.15 -58.61
N PHE A 2453 -3.49 -32.98 -57.57
CA PHE A 2453 -4.48 -32.88 -56.51
C PHE A 2453 -3.92 -31.98 -55.40
N LEU A 2454 -4.55 -31.99 -54.23
CA LEU A 2454 -4.01 -31.30 -53.08
C LEU A 2454 -3.94 -32.25 -51.89
N LYS A 2455 -3.44 -31.77 -50.75
CA LYS A 2455 -3.41 -32.58 -49.54
C LYS A 2455 -3.84 -31.70 -48.39
N GLY A 2456 -4.82 -32.18 -47.61
CA GLY A 2456 -5.32 -31.42 -46.49
C GLY A 2456 -5.60 -32.29 -45.28
N PRO A 2457 -5.55 -31.70 -44.09
CA PRO A 2457 -5.79 -32.47 -42.88
C PRO A 2457 -7.27 -32.75 -42.61
N ALA A 2458 -7.99 -33.20 -43.63
CA ALA A 2458 -9.37 -33.65 -43.51
C ALA A 2458 -10.27 -32.64 -42.81
N LEU A 2459 -11.38 -33.12 -42.25
CA LEU A 2459 -12.29 -32.30 -41.49
C LEU A 2459 -12.83 -33.10 -40.32
N MET A 2460 -13.25 -32.39 -39.28
CA MET A 2460 -13.90 -32.99 -38.14
C MET A 2460 -15.35 -32.53 -38.06
N PRO A 2461 -16.26 -33.36 -37.55
CA PRO A 2461 -17.66 -32.95 -37.47
C PRO A 2461 -17.93 -32.00 -36.30
N GLY A 2462 -17.07 -30.99 -36.16
CA GLY A 2462 -17.24 -30.00 -35.11
C GLY A 2462 -17.17 -28.59 -35.65
N GLN A 2463 -16.64 -28.44 -36.86
CA GLN A 2463 -16.44 -27.15 -37.48
C GLN A 2463 -17.02 -27.14 -38.89
N HIS A 2464 -17.13 -25.93 -39.45
CA HIS A 2464 -17.67 -25.76 -40.79
C HIS A 2464 -16.61 -25.41 -41.83
N ASP A 2465 -15.44 -24.95 -41.40
CA ASP A 2465 -14.35 -24.66 -42.32
C ASP A 2465 -13.04 -24.63 -41.54
N ALA A 2466 -11.94 -24.81 -42.26
CA ALA A 2466 -10.61 -24.74 -41.68
C ALA A 2466 -9.66 -24.12 -42.68
N PHE A 2467 -8.67 -23.39 -42.16
CA PHE A 2467 -7.73 -22.66 -43.03
C PHE A 2467 -6.60 -23.57 -43.53
N PHE A 2468 -5.80 -24.09 -42.60
CA PHE A 2468 -4.59 -24.87 -42.86
C PHE A 2468 -3.78 -24.35 -44.05
N GLN A 2469 -3.04 -25.25 -44.68
CA GLN A 2469 -2.17 -24.96 -45.82
C GLN A 2469 -2.16 -26.13 -46.79
N PRO A 2470 -2.55 -25.94 -48.03
CA PRO A 2470 -2.52 -27.04 -48.99
C PRO A 2470 -1.10 -27.40 -49.39
N GLU A 2471 -0.92 -28.65 -49.77
CA GLU A 2471 0.36 -29.16 -50.23
C GLU A 2471 0.15 -29.89 -51.54
N THR A 2472 1.03 -29.62 -52.51
CA THR A 2472 0.92 -30.29 -53.79
C THR A 2472 1.23 -31.77 -53.64
N SER A 2473 0.59 -32.58 -54.49
CA SER A 2473 0.77 -34.02 -54.43
C SER A 2473 1.21 -34.57 -55.78
N GLU A 2474 1.72 -35.79 -55.81
CA GLU A 2474 2.22 -36.41 -57.03
C GLU A 2474 1.12 -37.13 -57.79
N ARG A 2475 -0.10 -37.18 -57.25
CA ARG A 2475 -1.22 -37.84 -57.90
C ARG A 2475 -1.88 -36.85 -58.83
N SER A 2476 -1.74 -37.09 -60.14
CA SER A 2476 -2.31 -36.21 -61.16
C SER A 2476 -3.65 -36.75 -61.65
N ALA A 2477 -4.37 -35.90 -62.37
CA ALA A 2477 -5.62 -36.29 -63.01
C ALA A 2477 -5.93 -35.30 -64.11
N THR A 2478 -6.82 -35.70 -65.01
CA THR A 2478 -7.27 -34.84 -66.08
C THR A 2478 -8.53 -34.08 -65.64
N LEU A 2479 -9.02 -33.19 -66.50
CA LEU A 2479 -10.24 -32.46 -66.17
C LEU A 2479 -11.44 -33.38 -66.06
N TYR A 2480 -11.54 -34.38 -66.93
CA TYR A 2480 -12.68 -35.30 -66.83
C TYR A 2480 -12.67 -36.03 -65.49
N GLU A 2481 -11.50 -36.45 -65.03
CA GLU A 2481 -11.40 -37.08 -63.73
C GLU A 2481 -11.85 -36.13 -62.61
N HIS A 2482 -11.45 -34.86 -62.71
CA HIS A 2482 -11.84 -33.89 -61.69
C HIS A 2482 -13.35 -33.68 -61.66
N ALA A 2483 -13.96 -33.50 -62.83
CA ALA A 2483 -15.41 -33.32 -62.87
C ALA A 2483 -16.13 -34.57 -62.38
N ALA A 2484 -15.63 -35.75 -62.74
CA ALA A 2484 -16.24 -36.99 -62.28
C ALA A 2484 -16.15 -37.11 -60.76
N LEU A 2485 -15.00 -36.76 -60.18
CA LEU A 2485 -14.86 -36.79 -58.74
C LEU A 2485 -15.82 -35.82 -58.06
N ALA A 2486 -15.94 -34.61 -58.61
CA ALA A 2486 -16.85 -33.63 -58.03
C ALA A 2486 -18.29 -34.13 -58.08
N LEU A 2487 -18.71 -34.69 -59.22
CA LEU A 2487 -20.07 -35.20 -59.31
C LEU A 2487 -20.28 -36.39 -58.39
N ASP A 2488 -19.28 -37.25 -58.25
CA ASP A 2488 -19.41 -38.39 -57.35
C ASP A 2488 -19.60 -37.93 -55.91
N LEU A 2489 -18.84 -36.92 -55.49
CA LEU A 2489 -19.04 -36.37 -54.16
C LEU A 2489 -20.43 -35.76 -54.02
N ALA A 2490 -20.88 -35.04 -55.05
CA ALA A 2490 -22.21 -34.43 -55.00
C ALA A 2490 -23.31 -35.48 -54.88
N ILE A 2491 -23.18 -36.58 -55.63
CA ILE A 2491 -24.19 -37.63 -55.58
C ILE A 2491 -24.16 -38.33 -54.23
N HIS A 2492 -22.96 -38.55 -53.68
CA HIS A 2492 -22.86 -39.14 -52.35
C HIS A 2492 -23.46 -38.24 -51.28
N ARG A 2493 -23.43 -36.92 -51.50
CA ARG A 2493 -23.98 -35.97 -50.54
C ARG A 2493 -25.44 -35.65 -50.91
N THR A 2494 -26.29 -36.64 -50.67
CA THR A 2494 -27.73 -36.51 -50.88
C THR A 2494 -28.45 -36.99 -49.63
N GLY A 2495 -29.60 -36.38 -49.36
CA GLY A 2495 -30.41 -36.71 -48.22
C GLY A 2495 -31.29 -37.92 -48.47
N GLU A 2496 -32.22 -38.14 -47.54
CA GLU A 2496 -33.15 -39.26 -47.65
C GLU A 2496 -34.34 -38.96 -48.56
N ASN A 2497 -34.58 -37.70 -48.89
CA ASN A 2497 -35.68 -37.31 -49.76
C ASN A 2497 -35.31 -37.37 -51.23
N GLY A 2498 -34.05 -37.64 -51.54
CA GLY A 2498 -33.56 -37.62 -52.91
C GLY A 2498 -32.91 -36.32 -53.32
N LEU A 2499 -33.51 -35.19 -52.93
CA LEU A 2499 -32.94 -33.90 -53.25
C LEU A 2499 -31.63 -33.71 -52.49
N PRO A 2500 -30.65 -33.03 -53.10
CA PRO A 2500 -29.32 -32.96 -52.47
C PRO A 2500 -29.33 -32.12 -51.20
N LEU A 2501 -28.42 -32.46 -50.31
CA LEU A 2501 -28.25 -31.73 -49.06
C LEU A 2501 -27.62 -30.37 -49.32
N ILE A 2502 -27.53 -29.57 -48.26
CA ILE A 2502 -26.88 -28.27 -48.35
C ILE A 2502 -25.82 -28.06 -47.29
N LEU A 2503 -25.84 -28.80 -46.19
CA LEU A 2503 -24.80 -28.74 -45.16
C LEU A 2503 -24.58 -27.32 -44.67
N GLY A 2504 -23.56 -26.66 -45.22
CA GLY A 2504 -23.20 -25.32 -44.84
C GLY A 2504 -23.85 -24.22 -45.65
N GLY A 2505 -24.78 -24.54 -46.53
CA GLY A 2505 -25.47 -23.53 -47.32
C GLY A 2505 -25.21 -23.64 -48.81
N ASP A 2506 -26.26 -23.39 -49.61
CA ASP A 2506 -26.17 -23.41 -51.06
C ASP A 2506 -25.84 -21.99 -51.54
N TRP A 2507 -26.07 -21.64 -52.81
CA TRP A 2507 -25.65 -20.36 -53.38
C TRP A 2507 -25.82 -19.20 -52.42
N ASN A 2508 -26.93 -19.17 -51.67
CA ASN A 2508 -27.11 -18.16 -50.63
C ASN A 2508 -26.28 -18.54 -49.42
N ASP A 2509 -25.24 -17.75 -49.13
CA ASP A 2509 -24.45 -18.02 -47.93
C ASP A 2509 -25.27 -17.84 -46.67
N GLY A 2510 -26.11 -16.82 -46.61
CA GLY A 2510 -26.91 -16.57 -45.43
C GLY A 2510 -27.78 -17.75 -45.03
N MET A 2511 -28.19 -18.57 -45.99
CA MET A 2511 -28.98 -19.75 -45.69
C MET A 2511 -28.15 -20.93 -45.24
N ASN A 2512 -27.32 -20.74 -44.23
CA ASN A 2512 -26.62 -21.84 -43.58
C ASN A 2512 -27.44 -22.30 -42.38
N ARG A 2513 -26.88 -23.19 -41.57
CA ARG A 2513 -27.56 -23.72 -40.39
C ARG A 2513 -28.90 -24.36 -40.73
N VAL A 2514 -29.08 -24.73 -41.99
CA VAL A 2514 -30.25 -25.49 -42.43
C VAL A 2514 -29.87 -26.94 -42.70
N GLY A 2515 -28.59 -27.19 -42.95
CA GLY A 2515 -28.07 -28.54 -43.02
C GLY A 2515 -27.33 -28.89 -41.74
N VAL A 2516 -26.00 -28.77 -41.77
CA VAL A 2516 -25.08 -29.02 -40.66
C VAL A 2516 -25.55 -30.17 -39.78
N GLY A 2517 -25.17 -31.39 -40.14
CA GLY A 2517 -25.49 -32.54 -39.32
C GLY A 2517 -26.92 -33.03 -39.42
N GLY A 2518 -27.71 -32.48 -40.35
CA GLY A 2518 -29.08 -32.92 -40.52
C GLY A 2518 -29.41 -33.23 -41.96
N LYS A 2519 -30.69 -33.14 -42.30
CA LYS A 2519 -31.16 -33.38 -43.66
C LYS A 2519 -31.80 -32.09 -44.16
N GLY A 2520 -30.95 -31.20 -44.68
CA GLY A 2520 -31.44 -29.99 -45.29
C GLY A 2520 -31.37 -30.07 -46.80
N THR A 2521 -32.51 -30.31 -47.45
CA THR A 2521 -32.52 -30.44 -48.89
C THR A 2521 -32.73 -29.07 -49.52
N SER A 2522 -32.63 -29.03 -50.85
CA SER A 2522 -32.81 -27.79 -51.60
C SER A 2522 -33.41 -28.12 -52.96
N VAL A 2523 -34.02 -27.11 -53.57
CA VAL A 2523 -34.62 -27.26 -54.88
C VAL A 2523 -33.76 -26.62 -55.97
N TRP A 2524 -33.20 -25.43 -55.70
CA TRP A 2524 -32.33 -24.79 -56.66
C TRP A 2524 -31.12 -25.66 -56.99
N LEU A 2525 -30.50 -26.23 -55.95
CA LEU A 2525 -29.31 -27.03 -56.20
C LEU A 2525 -29.68 -28.33 -56.89
N GLY A 2526 -30.88 -28.84 -56.62
CA GLY A 2526 -31.37 -29.99 -57.37
C GLY A 2526 -31.51 -29.68 -58.86
N TRP A 2527 -32.12 -28.53 -59.18
CA TRP A 2527 -32.24 -28.12 -60.57
C TRP A 2527 -30.87 -27.99 -61.22
N PHE A 2528 -29.93 -27.38 -60.49
CA PHE A 2528 -28.63 -27.09 -61.07
C PHE A 2528 -27.83 -28.37 -61.30
N LEU A 2529 -27.90 -29.31 -60.35
CA LEU A 2529 -27.25 -30.60 -60.53
C LEU A 2529 -27.87 -31.37 -61.68
N ALA A 2530 -29.20 -31.35 -61.80
CA ALA A 2530 -29.83 -32.03 -62.93
C ALA A 2530 -29.40 -31.41 -64.25
N GLY A 2531 -29.27 -30.09 -64.29
CA GLY A 2531 -28.80 -29.43 -65.49
C GLY A 2531 -27.39 -29.83 -65.89
N ALA A 2532 -26.48 -29.92 -64.91
CA ALA A 2532 -25.12 -30.36 -65.22
C ALA A 2532 -25.11 -31.81 -65.70
N LEU A 2533 -25.89 -32.67 -65.05
CA LEU A 2533 -25.94 -34.07 -65.46
C LEU A 2533 -26.52 -34.22 -66.86
N ARG A 2534 -27.45 -33.34 -67.24
CA ARG A 2534 -28.08 -33.46 -68.55
C ARG A 2534 -27.06 -33.42 -69.69
N ASP A 2535 -25.91 -32.79 -69.46
CA ASP A 2535 -24.85 -32.77 -70.47
C ASP A 2535 -23.70 -33.71 -70.16
N PHE A 2536 -23.41 -33.98 -68.88
CA PHE A 2536 -22.37 -34.97 -68.63
C PHE A 2536 -22.82 -36.40 -68.96
N ILE A 2537 -24.12 -36.67 -69.04
CA ILE A 2537 -24.55 -37.95 -69.59
C ILE A 2537 -24.07 -38.11 -71.02
N GLU A 2538 -24.28 -37.08 -71.84
CA GLU A 2538 -23.82 -37.13 -73.22
C GLU A 2538 -22.30 -37.20 -73.30
N ILE A 2539 -21.61 -36.43 -72.45
CA ILE A 2539 -20.15 -36.45 -72.48
C ILE A 2539 -19.62 -37.84 -72.12
N ALA A 2540 -20.18 -38.46 -71.08
CA ALA A 2540 -19.77 -39.80 -70.70
C ALA A 2540 -20.10 -40.82 -71.78
N GLU A 2541 -21.27 -40.70 -72.41
CA GLU A 2541 -21.61 -41.60 -73.50
C GLU A 2541 -20.61 -41.50 -74.64
N LYS A 2542 -20.19 -40.28 -74.98
CA LYS A 2542 -19.14 -40.13 -75.99
C LYS A 2542 -17.81 -40.70 -75.52
N ARG A 2543 -17.45 -40.47 -74.26
CA ARG A 2543 -16.16 -40.92 -73.75
C ARG A 2543 -16.09 -42.43 -73.65
N GLY A 2544 -17.12 -43.05 -73.08
CA GLY A 2544 -17.19 -44.50 -73.04
C GLY A 2544 -17.11 -45.13 -71.65
N ASP A 2545 -17.63 -44.44 -70.63
CA ASP A 2545 -17.66 -44.95 -69.26
C ASP A 2545 -19.07 -45.43 -68.99
N THR A 2546 -19.37 -46.68 -69.39
CA THR A 2546 -20.73 -47.20 -69.27
C THR A 2546 -21.18 -47.27 -67.81
N ASP A 2547 -20.30 -47.74 -66.93
CA ASP A 2547 -20.67 -47.88 -65.52
C ASP A 2547 -21.03 -46.54 -64.90
N ARG A 2548 -20.25 -45.50 -65.19
CA ARG A 2548 -20.52 -44.19 -64.61
C ARG A 2548 -21.73 -43.52 -65.24
N VAL A 2549 -21.89 -43.64 -66.56
CA VAL A 2549 -23.01 -43.01 -67.22
C VAL A 2549 -24.32 -43.66 -66.81
N GLY A 2550 -24.33 -44.98 -66.58
CA GLY A 2550 -25.54 -45.63 -66.12
C GLY A 2550 -25.96 -45.14 -64.74
N LYS A 2551 -24.99 -45.07 -63.82
CA LYS A 2551 -25.27 -44.56 -62.48
C LYS A 2551 -25.80 -43.13 -62.54
N TRP A 2552 -25.14 -42.28 -63.32
CA TRP A 2552 -25.55 -40.88 -63.39
C TRP A 2552 -26.94 -40.74 -64.03
N ALA A 2553 -27.23 -41.54 -65.06
CA ALA A 2553 -28.55 -41.47 -65.68
C ALA A 2553 -29.64 -41.92 -64.73
N SER A 2554 -29.40 -43.01 -63.99
CA SER A 2554 -30.38 -43.46 -63.00
C SER A 2554 -30.59 -42.40 -61.93
N HIS A 2555 -29.50 -41.80 -61.46
CA HIS A 2555 -29.61 -40.75 -60.44
C HIS A 2555 -30.38 -39.55 -60.97
N ARG A 2556 -30.14 -39.17 -62.24
CA ARG A 2556 -30.84 -38.03 -62.82
C ARG A 2556 -32.33 -38.31 -62.94
N GLU A 2557 -32.69 -39.52 -63.36
CA GLU A 2557 -34.10 -39.87 -63.43
C GLU A 2557 -34.75 -39.81 -62.04
N LYS A 2558 -34.08 -40.38 -61.04
CA LYS A 2558 -34.63 -40.33 -59.69
C LYS A 2558 -34.76 -38.90 -59.19
N LEU A 2559 -33.75 -38.07 -59.45
CA LEU A 2559 -33.76 -36.69 -58.96
C LEU A 2559 -34.86 -35.88 -59.61
N ARG A 2560 -35.05 -36.03 -60.92
CA ARG A 2560 -36.11 -35.26 -61.57
C ARG A 2560 -37.48 -35.77 -61.17
N HIS A 2561 -37.63 -37.08 -60.92
CA HIS A 2561 -38.88 -37.58 -60.38
C HIS A 2561 -39.18 -36.96 -59.02
N VAL A 2562 -38.16 -36.89 -58.16
CA VAL A 2562 -38.35 -36.25 -56.85
C VAL A 2562 -38.74 -34.79 -57.02
N LEU A 2563 -38.05 -34.07 -57.91
CA LEU A 2563 -38.35 -32.66 -58.11
C LEU A 2563 -39.79 -32.45 -58.58
N GLU A 2564 -40.25 -33.29 -59.50
CA GLU A 2564 -41.64 -33.20 -59.93
C GLU A 2564 -42.61 -33.52 -58.80
N THR A 2565 -42.28 -34.51 -57.96
CA THR A 2565 -43.19 -34.90 -56.89
C THR A 2565 -42.98 -34.07 -55.64
N ALA A 2566 -41.77 -34.09 -55.08
CA ALA A 2566 -41.47 -33.35 -53.86
C ALA A 2566 -40.67 -32.10 -54.23
N GLY A 2567 -41.30 -30.94 -54.04
CA GLY A 2567 -40.67 -29.69 -54.38
C GLY A 2567 -41.62 -28.72 -55.03
N TRP A 2568 -42.85 -29.15 -55.25
CA TRP A 2568 -43.88 -28.32 -55.86
C TRP A 2568 -44.86 -27.85 -54.78
N ASP A 2569 -45.12 -26.54 -54.76
CA ASP A 2569 -45.95 -25.93 -53.72
C ASP A 2569 -47.39 -25.74 -54.13
N GLY A 2570 -47.70 -25.82 -55.43
CA GLY A 2570 -49.07 -25.67 -55.88
C GLY A 2570 -49.21 -24.61 -56.95
N SER A 2571 -48.47 -23.52 -56.81
CA SER A 2571 -48.45 -22.46 -57.80
C SER A 2571 -47.03 -22.07 -58.21
N TYR A 2572 -46.01 -22.55 -57.49
CA TYR A 2572 -44.63 -22.27 -57.81
C TYR A 2572 -43.77 -23.36 -57.16
N TYR A 2573 -42.46 -23.24 -57.35
CA TYR A 2573 -41.54 -24.18 -56.72
C TYR A 2573 -41.16 -23.70 -55.33
N ARG A 2574 -40.85 -24.66 -54.45
CA ARG A 2574 -40.40 -24.34 -53.12
C ARG A 2574 -38.93 -23.92 -53.16
N ARG A 2575 -38.31 -23.79 -51.99
CA ARG A 2575 -36.87 -23.58 -51.91
C ARG A 2575 -36.16 -24.77 -51.31
N GLY A 2576 -36.54 -25.20 -50.12
CA GLY A 2576 -35.86 -26.31 -49.49
C GLY A 2576 -36.60 -26.77 -48.26
N TYR A 2577 -35.94 -27.63 -47.50
CA TYR A 2577 -36.52 -28.18 -46.29
C TYR A 2577 -35.50 -28.08 -45.16
N PHE A 2578 -35.97 -27.69 -43.99
CA PHE A 2578 -35.11 -27.58 -42.83
C PHE A 2578 -34.70 -28.97 -42.34
N ASP A 2579 -33.96 -29.00 -41.24
CA ASP A 2579 -33.67 -30.26 -40.57
C ASP A 2579 -34.91 -30.86 -39.92
N ASP A 2580 -35.89 -30.02 -39.56
CA ASP A 2580 -37.10 -30.45 -38.89
C ASP A 2580 -38.19 -30.85 -39.87
N GLY A 2581 -37.91 -30.83 -41.16
CA GLY A 2581 -38.91 -31.17 -42.15
C GLY A 2581 -39.87 -30.05 -42.50
N THR A 2582 -39.72 -28.88 -41.89
CA THR A 2582 -40.59 -27.76 -42.18
C THR A 2582 -40.25 -27.17 -43.54
N PRO A 2583 -41.20 -27.10 -44.47
CA PRO A 2583 -40.88 -26.58 -45.80
C PRO A 2583 -40.45 -25.12 -45.75
N LEU A 2584 -39.51 -24.77 -46.60
CA LEU A 2584 -38.98 -23.42 -46.71
C LEU A 2584 -39.20 -22.92 -48.13
N GLY A 2585 -39.87 -21.78 -48.25
CA GLY A 2585 -40.20 -21.26 -49.57
C GLY A 2585 -41.60 -21.66 -50.00
N SER A 2586 -42.51 -21.79 -49.04
CA SER A 2586 -43.86 -22.24 -49.29
C SER A 2586 -44.85 -21.23 -48.72
N ALA A 2587 -46.09 -21.33 -49.17
CA ALA A 2587 -47.14 -20.43 -48.71
C ALA A 2587 -47.56 -20.69 -47.27
N SER A 2588 -47.22 -21.85 -46.71
CA SER A 2588 -47.59 -22.15 -45.34
C SER A 2588 -46.70 -21.47 -44.32
N SER A 2589 -45.52 -21.01 -44.72
CA SER A 2589 -44.57 -20.40 -43.80
C SER A 2589 -44.83 -18.91 -43.67
N GLU A 2590 -44.65 -18.39 -42.46
CA GLU A 2590 -44.82 -16.96 -42.22
C GLU A 2590 -43.74 -16.13 -42.89
N GLU A 2591 -42.54 -16.68 -43.05
CA GLU A 2591 -41.42 -15.96 -43.63
C GLU A 2591 -40.81 -16.80 -44.74
N CYS A 2592 -40.23 -16.11 -45.73
CA CYS A 2592 -39.74 -16.74 -46.94
C CYS A 2592 -40.86 -17.54 -47.61
N GLN A 2593 -41.93 -16.86 -48.00
CA GLN A 2593 -43.05 -17.52 -48.68
C GLN A 2593 -42.70 -17.92 -50.11
N ILE A 2594 -42.04 -17.03 -50.85
CA ILE A 2594 -41.71 -17.27 -52.25
C ILE A 2594 -40.26 -16.90 -52.49
N ASP A 2595 -39.51 -17.80 -53.11
CA ASP A 2595 -38.16 -17.52 -53.56
C ASP A 2595 -38.18 -17.14 -55.04
N SER A 2596 -37.01 -17.03 -55.66
CA SER A 2596 -36.97 -16.79 -57.09
C SER A 2596 -36.00 -17.75 -57.76
N LEU A 2597 -35.09 -18.29 -56.97
CA LEU A 2597 -34.02 -19.13 -57.51
C LEU A 2597 -34.59 -20.36 -58.20
N GLY A 2598 -35.45 -21.10 -57.51
CA GLY A 2598 -36.01 -22.31 -58.09
C GLY A 2598 -36.86 -22.02 -59.31
N GLN A 2599 -37.66 -20.96 -59.26
CA GLN A 2599 -38.52 -20.63 -60.39
C GLN A 2599 -37.70 -20.28 -61.62
N SER A 2600 -36.67 -19.45 -61.46
CA SER A 2600 -35.83 -19.10 -62.61
C SER A 2600 -35.07 -20.31 -63.15
N TRP A 2601 -34.48 -21.09 -62.25
CA TRP A 2601 -33.66 -22.20 -62.73
C TRP A 2601 -34.48 -23.36 -63.25
N SER A 2602 -35.78 -23.41 -62.96
CA SER A 2602 -36.63 -24.41 -63.60
C SER A 2602 -36.73 -24.20 -65.09
N VAL A 2603 -36.40 -23.01 -65.59
CA VAL A 2603 -36.39 -22.73 -67.02
C VAL A 2603 -34.95 -22.68 -67.49
N LEU A 2604 -34.06 -22.12 -66.67
CA LEU A 2604 -32.65 -22.07 -67.07
C LEU A 2604 -32.06 -23.46 -67.28
N SER A 2605 -32.33 -24.40 -66.36
CA SER A 2605 -31.69 -25.71 -66.45
C SER A 2605 -32.12 -26.45 -67.71
N GLY A 2606 -33.40 -26.38 -68.05
CA GLY A 2606 -33.88 -27.00 -69.27
C GLY A 2606 -35.00 -28.00 -69.05
N GLU A 2607 -35.07 -28.57 -67.86
CA GLU A 2607 -36.10 -29.54 -67.54
C GLU A 2607 -37.37 -28.85 -67.05
N GLY A 2608 -38.35 -29.64 -66.67
CA GLY A 2608 -39.61 -29.13 -66.17
C GLY A 2608 -40.64 -28.93 -67.27
N GLU A 2609 -41.91 -29.04 -66.86
CA GLU A 2609 -43.02 -28.91 -67.78
C GLU A 2609 -43.24 -27.45 -68.14
N GLU A 2610 -43.72 -27.23 -69.37
CA GLU A 2610 -43.98 -25.87 -69.84
C GLU A 2610 -45.05 -25.18 -69.00
N GLY A 2611 -46.13 -25.89 -68.69
CA GLY A 2611 -47.21 -25.28 -67.92
C GLY A 2611 -46.79 -24.92 -66.51
N ARG A 2612 -46.09 -25.85 -65.84
CA ARG A 2612 -45.63 -25.56 -64.48
C ARG A 2612 -44.61 -24.44 -64.46
N SER A 2613 -43.71 -24.42 -65.44
CA SER A 2613 -42.74 -23.32 -65.51
C SER A 2613 -43.43 -21.99 -65.75
N ARG A 2614 -44.43 -21.97 -66.62
CA ARG A 2614 -45.16 -20.72 -66.87
C ARG A 2614 -45.91 -20.27 -65.62
N GLN A 2615 -46.52 -21.21 -64.90
CA GLN A 2615 -47.18 -20.84 -63.65
C GLN A 2615 -46.18 -20.30 -62.63
N ALA A 2616 -45.00 -20.91 -62.54
CA ALA A 2616 -43.97 -20.42 -61.63
C ALA A 2616 -43.53 -19.01 -61.99
N MET A 2617 -43.33 -18.75 -63.29
CA MET A 2617 -42.92 -17.41 -63.69
C MET A 2617 -44.02 -16.39 -63.46
N ASP A 2618 -45.29 -16.79 -63.64
CA ASP A 2618 -46.39 -15.88 -63.33
C ASP A 2618 -46.45 -15.58 -61.84
N ALA A 2619 -46.25 -16.60 -61.00
CA ALA A 2619 -46.23 -16.38 -59.56
C ALA A 2619 -45.02 -15.58 -59.12
N VAL A 2620 -43.95 -15.55 -59.93
CA VAL A 2620 -42.83 -14.67 -59.65
C VAL A 2620 -43.27 -13.21 -59.69
N MET A 2621 -44.34 -12.91 -60.43
CA MET A 2621 -44.81 -11.54 -60.54
C MET A 2621 -45.32 -10.97 -59.22
N GLU A 2622 -45.39 -11.77 -58.15
CA GLU A 2622 -45.88 -11.27 -56.88
C GLU A 2622 -44.90 -10.29 -56.25
N HIS A 2623 -43.61 -10.61 -56.25
CA HIS A 2623 -42.60 -9.70 -55.73
C HIS A 2623 -42.00 -8.79 -56.79
N LEU A 2624 -42.20 -9.09 -58.07
CA LEU A 2624 -41.78 -8.20 -59.13
C LEU A 2624 -42.71 -7.01 -59.33
N VAL A 2625 -44.00 -7.18 -59.04
CA VAL A 2625 -45.00 -6.18 -59.44
C VAL A 2625 -44.75 -4.82 -58.80
N ASP A 2626 -43.83 -4.74 -57.83
CA ASP A 2626 -43.49 -3.45 -57.26
C ASP A 2626 -42.67 -2.62 -58.25
N GLU A 2627 -43.37 -1.82 -59.06
CA GLU A 2627 -42.72 -0.93 -60.00
C GLU A 2627 -42.58 0.48 -59.47
N LYS A 2628 -43.12 0.75 -58.29
CA LYS A 2628 -42.94 2.06 -57.66
C LYS A 2628 -41.48 2.29 -57.29
N THR A 2629 -40.82 1.27 -56.75
CA THR A 2629 -39.40 1.32 -56.48
C THR A 2629 -38.56 0.67 -57.57
N GLY A 2630 -39.17 -0.13 -58.45
CA GLY A 2630 -38.44 -0.74 -59.53
C GLY A 2630 -37.42 -1.79 -59.14
N ILE A 2631 -37.76 -2.66 -58.19
CA ILE A 2631 -36.83 -3.71 -57.76
C ILE A 2631 -37.50 -5.07 -57.97
N ILE A 2632 -36.70 -6.11 -57.82
CA ILE A 2632 -37.14 -7.49 -58.04
C ILE A 2632 -36.84 -8.25 -56.74
N ARG A 2633 -37.82 -8.31 -55.84
CA ARG A 2633 -37.58 -8.86 -54.52
C ARG A 2633 -37.32 -10.35 -54.58
N LEU A 2634 -36.34 -10.80 -53.79
CA LEU A 2634 -36.00 -12.23 -53.71
C LEU A 2634 -36.97 -12.98 -52.80
N PHE A 2635 -37.32 -12.41 -51.66
CA PHE A 2635 -38.27 -12.98 -50.72
C PHE A 2635 -39.43 -12.00 -50.59
N THR A 2636 -40.66 -12.51 -50.52
CA THR A 2636 -41.70 -11.52 -50.24
C THR A 2636 -41.71 -11.15 -48.75
N PRO A 2637 -41.78 -12.09 -47.80
CA PRO A 2637 -41.62 -11.70 -46.40
C PRO A 2637 -40.17 -11.78 -45.98
N PRO A 2638 -39.56 -10.67 -45.59
CA PRO A 2638 -38.20 -10.72 -45.08
C PRO A 2638 -38.14 -11.45 -43.74
N PHE A 2639 -36.98 -12.06 -43.48
CA PHE A 2639 -36.78 -12.83 -42.26
C PHE A 2639 -36.73 -11.87 -41.08
N SER A 2640 -37.86 -11.76 -40.37
CA SER A 2640 -37.95 -10.90 -39.21
C SER A 2640 -37.70 -11.65 -37.90
N ARG A 2641 -38.06 -12.93 -37.83
CA ARG A 2641 -37.93 -13.69 -36.59
C ARG A 2641 -37.32 -15.05 -36.91
N ALA A 2642 -36.68 -15.63 -35.90
CA ALA A 2642 -35.98 -16.90 -36.02
C ALA A 2642 -36.96 -18.02 -35.66
N SER A 2643 -37.94 -18.25 -36.53
CA SER A 2643 -38.87 -19.34 -36.35
C SER A 2643 -38.19 -20.70 -36.48
N HIS A 2644 -37.27 -20.83 -37.44
CA HIS A 2644 -36.51 -22.05 -37.63
C HIS A 2644 -35.00 -21.79 -37.76
N ASP A 2645 -34.55 -20.56 -37.52
CA ASP A 2645 -33.14 -20.21 -37.60
C ASP A 2645 -32.53 -20.62 -38.94
N PRO A 2646 -32.88 -19.96 -40.03
CA PRO A 2646 -32.32 -20.31 -41.34
C PRO A 2646 -30.87 -19.90 -41.55
N GLY A 2647 -30.17 -19.54 -40.48
CA GLY A 2647 -28.77 -19.17 -40.60
C GLY A 2647 -28.50 -17.79 -40.07
N TYR A 2648 -27.44 -17.16 -40.56
CA TYR A 2648 -27.09 -15.80 -40.16
C TYR A 2648 -27.73 -14.75 -41.07
N ILE A 2649 -28.60 -15.18 -41.98
CA ILE A 2649 -29.34 -14.22 -42.79
C ILE A 2649 -30.42 -13.53 -41.98
N LYS A 2650 -30.82 -14.10 -40.83
CA LYS A 2650 -31.83 -13.45 -40.02
C LYS A 2650 -31.35 -12.14 -39.41
N GLY A 2651 -30.03 -11.95 -39.31
CA GLY A 2651 -29.49 -10.74 -38.71
C GLY A 2651 -29.58 -9.52 -39.59
N TYR A 2652 -29.71 -9.71 -40.90
CA TYR A 2652 -29.82 -8.57 -41.80
C TYR A 2652 -31.11 -7.80 -41.51
N PRO A 2653 -31.07 -6.48 -41.52
CA PRO A 2653 -32.31 -5.71 -41.38
C PRO A 2653 -33.25 -6.04 -42.52
N PRO A 2654 -34.56 -6.02 -42.27
CA PRO A 2654 -35.52 -6.43 -43.31
C PRO A 2654 -35.38 -5.58 -44.56
N GLY A 2655 -35.13 -6.24 -45.69
CA GLY A 2655 -34.93 -5.56 -46.94
C GLY A 2655 -33.51 -5.12 -47.22
N VAL A 2656 -32.52 -5.73 -46.57
CA VAL A 2656 -31.13 -5.36 -46.75
C VAL A 2656 -30.34 -6.58 -47.16
N ARG A 2657 -29.50 -6.44 -48.18
CA ARG A 2657 -28.69 -7.53 -48.75
C ARG A 2657 -29.66 -8.59 -49.28
N GLU A 2658 -29.39 -9.88 -49.03
CA GLU A 2658 -30.24 -10.96 -49.52
C GLU A 2658 -31.39 -11.28 -48.58
N ASN A 2659 -31.75 -10.36 -47.69
CA ASN A 2659 -32.86 -10.53 -46.76
C ASN A 2659 -34.06 -9.78 -47.32
N GLY A 2660 -34.73 -10.39 -48.28
CA GLY A 2660 -35.95 -9.83 -48.83
C GLY A 2660 -35.76 -8.70 -49.81
N GLY A 2661 -34.53 -8.22 -50.01
CA GLY A 2661 -34.27 -7.13 -50.93
C GLY A 2661 -33.90 -7.63 -52.32
N GLN A 2662 -33.80 -6.68 -53.24
CA GLN A 2662 -33.43 -7.00 -54.61
C GLN A 2662 -31.97 -7.41 -54.63
N TYR A 2663 -31.66 -8.44 -55.42
CA TYR A 2663 -30.31 -8.98 -55.52
C TYR A 2663 -29.99 -9.15 -56.99
N THR A 2664 -29.15 -8.26 -57.52
CA THR A 2664 -28.99 -8.16 -58.97
C THR A 2664 -28.49 -9.47 -59.58
N HIS A 2665 -27.73 -10.25 -58.82
CA HIS A 2665 -27.28 -11.54 -59.32
C HIS A 2665 -28.44 -12.46 -59.63
N ALA A 2666 -29.43 -12.56 -58.73
CA ALA A 2666 -30.55 -13.47 -58.93
C ALA A 2666 -31.56 -12.95 -59.95
N ALA A 2667 -31.81 -11.64 -59.97
CA ALA A 2667 -32.77 -11.09 -60.92
C ALA A 2667 -32.31 -11.26 -62.37
N THR A 2668 -31.00 -11.34 -62.60
CA THR A 2668 -30.51 -11.57 -63.95
C THR A 2668 -30.97 -12.92 -64.47
N TRP A 2669 -30.96 -13.94 -63.62
CA TRP A 2669 -31.52 -15.23 -64.02
C TRP A 2669 -33.01 -15.11 -64.31
N VAL A 2670 -33.71 -14.23 -63.59
CA VAL A 2670 -35.13 -14.03 -63.86
C VAL A 2670 -35.33 -13.46 -65.25
N VAL A 2671 -34.54 -12.44 -65.61
CA VAL A 2671 -34.71 -11.86 -66.94
C VAL A 2671 -34.29 -12.84 -68.02
N LEU A 2672 -33.26 -13.66 -67.76
CA LEU A 2672 -32.86 -14.67 -68.75
C LEU A 2672 -33.96 -15.71 -68.94
N ALA A 2673 -34.58 -16.15 -67.85
CA ALA A 2673 -35.69 -17.09 -67.97
C ALA A 2673 -36.86 -16.50 -68.72
N LEU A 2674 -37.22 -15.25 -68.41
CA LEU A 2674 -38.34 -14.61 -69.11
C LEU A 2674 -38.04 -14.46 -70.59
N ALA A 2675 -36.79 -14.14 -70.92
CA ALA A 2675 -36.41 -13.99 -72.32
C ALA A 2675 -36.39 -15.32 -73.08
N LYS A 2676 -35.87 -16.37 -72.46
CA LYS A 2676 -35.77 -17.65 -73.17
C LYS A 2676 -37.13 -18.30 -73.34
N GLN A 2677 -38.04 -18.11 -72.39
CA GLN A 2677 -39.34 -18.77 -72.45
C GLN A 2677 -40.15 -18.30 -73.66
N GLY A 2678 -39.88 -17.10 -74.16
CA GLY A 2678 -40.58 -16.61 -75.32
C GLY A 2678 -41.17 -15.23 -75.11
N ARG A 2679 -41.36 -14.85 -73.84
CA ARG A 2679 -41.94 -13.56 -73.50
C ARG A 2679 -40.87 -12.50 -73.68
N ALA A 2680 -40.97 -11.71 -74.75
CA ALA A 2680 -39.96 -10.72 -75.05
C ALA A 2680 -40.24 -9.37 -74.42
N GLN A 2681 -41.46 -8.86 -74.52
CA GLN A 2681 -41.77 -7.55 -73.96
C GLN A 2681 -41.62 -7.55 -72.44
N GLU A 2682 -42.07 -8.61 -71.79
CA GLU A 2682 -41.90 -8.70 -70.34
C GLU A 2682 -40.42 -8.78 -69.98
N ALA A 2683 -39.62 -9.50 -70.76
CA ALA A 2683 -38.20 -9.57 -70.51
C ALA A 2683 -37.54 -8.20 -70.60
N TRP A 2684 -37.87 -7.44 -71.66
CA TRP A 2684 -37.33 -6.10 -71.79
C TRP A 2684 -37.78 -5.20 -70.64
N ASN A 2685 -39.05 -5.28 -70.26
CA ASN A 2685 -39.56 -4.45 -69.17
C ASN A 2685 -38.83 -4.77 -67.87
N CYS A 2686 -38.61 -6.05 -67.59
CA CYS A 2686 -37.88 -6.43 -66.39
C CYS A 2686 -36.42 -5.99 -66.46
N PHE A 2687 -35.80 -6.07 -67.64
CA PHE A 2687 -34.43 -5.61 -67.76
C PHE A 2687 -34.30 -4.12 -67.53
N LYS A 2688 -35.33 -3.35 -67.91
CA LYS A 2688 -35.27 -1.91 -67.69
C LYS A 2688 -35.15 -1.58 -66.21
N LEU A 2689 -35.67 -2.44 -65.33
CA LEU A 2689 -35.53 -2.20 -63.90
C LEU A 2689 -34.11 -2.45 -63.42
N LEU A 2690 -33.32 -3.21 -64.18
CA LEU A 2690 -31.99 -3.58 -63.69
C LEU A 2690 -30.94 -2.56 -64.12
N ASN A 2691 -31.09 -1.95 -65.28
CA ASN A 2691 -30.09 -1.02 -65.80
C ASN A 2691 -30.00 0.19 -64.89
N PRO A 2692 -28.84 0.51 -64.32
CA PRO A 2692 -28.76 1.66 -63.40
C PRO A 2692 -29.18 2.98 -64.03
N VAL A 2693 -28.83 3.23 -65.29
CA VAL A 2693 -29.38 4.38 -65.97
C VAL A 2693 -30.84 4.10 -66.28
N ASN A 2694 -31.66 5.16 -66.31
CA ASN A 2694 -33.11 5.04 -66.38
C ASN A 2694 -33.64 4.20 -65.22
N HIS A 2695 -32.92 4.26 -64.10
CA HIS A 2695 -33.35 3.60 -62.86
C HIS A 2695 -33.08 4.55 -61.72
N ALA A 2696 -34.14 4.88 -60.97
CA ALA A 2696 -34.02 5.75 -59.81
C ALA A 2696 -33.27 7.03 -60.17
N LEU A 2697 -31.94 6.98 -60.13
CA LEU A 2697 -31.12 8.16 -60.35
C LEU A 2697 -31.12 8.46 -61.85
N ASP A 2698 -32.22 9.04 -62.33
CA ASP A 2698 -32.35 9.51 -63.70
C ASP A 2698 -32.70 10.98 -63.68
N ALA A 2699 -33.49 11.39 -62.68
CA ALA A 2699 -33.81 12.79 -62.48
C ALA A 2699 -32.91 13.39 -61.41
N ALA A 2700 -33.06 14.67 -61.15
CA ALA A 2700 -32.26 15.33 -60.14
C ALA A 2700 -32.70 15.00 -58.72
N SER A 2701 -34.01 14.92 -58.48
CA SER A 2701 -34.53 14.61 -57.15
C SER A 2701 -34.73 13.10 -56.99
N SER A 2702 -33.68 12.37 -57.32
CA SER A 2702 -33.63 10.92 -57.14
C SER A 2702 -32.52 10.60 -56.17
N GLU A 2703 -32.44 11.39 -55.10
CA GLU A 2703 -31.45 11.24 -54.05
C GLU A 2703 -31.55 9.88 -53.36
N THR A 2704 -32.70 9.21 -53.44
CA THR A 2704 -32.86 7.93 -52.77
C THR A 2704 -31.88 6.87 -53.26
N TYR A 2705 -31.51 6.90 -54.54
CA TYR A 2705 -30.62 5.86 -55.06
C TYR A 2705 -29.22 5.97 -54.46
N ARG A 2706 -28.67 7.18 -54.41
CA ARG A 2706 -27.48 7.50 -53.64
C ARG A 2706 -26.20 6.92 -54.21
N VAL A 2707 -26.30 6.08 -55.24
CA VAL A 2707 -25.10 5.42 -55.73
C VAL A 2707 -24.89 5.79 -57.20
N GLU A 2708 -23.66 5.59 -57.67
CA GLU A 2708 -23.30 6.00 -59.03
C GLU A 2708 -24.13 5.22 -60.05
N PRO A 2709 -24.61 5.90 -61.10
CA PRO A 2709 -25.50 5.24 -62.06
C PRO A 2709 -24.82 4.66 -63.30
N TYR A 2710 -23.50 4.77 -63.43
CA TYR A 2710 -22.82 4.23 -64.59
C TYR A 2710 -22.31 2.81 -64.37
N VAL A 2711 -22.56 2.21 -63.21
CA VAL A 2711 -22.12 0.84 -62.92
C VAL A 2711 -23.26 0.11 -62.23
N VAL A 2712 -23.37 -1.18 -62.55
CA VAL A 2712 -24.41 -2.01 -61.95
C VAL A 2712 -24.06 -2.29 -60.49
N THR A 2713 -25.08 -2.29 -59.64
CA THR A 2713 -24.89 -2.53 -58.21
C THR A 2713 -25.33 -3.94 -57.86
N ALA A 2714 -24.91 -4.41 -56.69
CA ALA A 2714 -25.19 -5.77 -56.26
C ALA A 2714 -26.61 -5.90 -55.77
N ASP A 2715 -26.99 -5.06 -54.81
CA ASP A 2715 -28.29 -5.14 -54.17
C ASP A 2715 -28.92 -3.76 -54.05
N VAL A 2716 -30.25 -3.74 -54.00
CA VAL A 2716 -31.02 -2.52 -53.77
C VAL A 2716 -32.00 -2.79 -52.65
N TYR A 2717 -32.00 -1.92 -51.64
CA TYR A 2717 -32.86 -2.14 -50.49
C TYR A 2717 -34.32 -1.97 -50.88
N GLY A 2718 -35.20 -2.68 -50.17
CA GLY A 2718 -36.58 -2.78 -50.59
C GLY A 2718 -37.65 -2.49 -49.55
N GLU A 2719 -37.25 -2.33 -48.28
CA GLU A 2719 -38.19 -2.04 -47.21
C GLU A 2719 -37.63 -0.98 -46.28
N GLY A 2720 -38.52 -0.37 -45.51
CA GLY A 2720 -38.12 0.64 -44.55
C GLY A 2720 -37.95 2.00 -45.17
N ALA A 2721 -37.42 2.93 -44.36
CA ALA A 2721 -37.20 4.28 -44.82
C ALA A 2721 -36.12 4.38 -45.89
N TYR A 2722 -35.30 3.35 -46.03
CA TYR A 2722 -34.24 3.30 -47.04
C TYR A 2722 -34.65 2.47 -48.25
N ALA A 2723 -35.92 2.48 -48.60
CA ALA A 2723 -36.39 1.75 -49.78
C ALA A 2723 -35.87 2.43 -51.03
N GLY A 2724 -35.32 1.65 -51.95
CA GLY A 2724 -34.80 2.16 -53.20
C GLY A 2724 -33.34 2.55 -53.16
N ARG A 2725 -32.72 2.60 -51.99
CA ARG A 2725 -31.31 2.89 -51.87
C ARG A 2725 -30.47 1.72 -52.38
N GLY A 2726 -29.49 2.02 -53.22
CA GLY A 2726 -28.57 1.03 -53.73
C GLY A 2726 -27.32 1.01 -52.85
N GLY A 2727 -26.70 -0.17 -52.75
CA GLY A 2727 -25.52 -0.30 -51.91
C GLY A 2727 -24.54 -1.29 -52.50
N TRP A 2728 -23.28 -1.08 -52.15
CA TRP A 2728 -22.20 -2.03 -52.45
C TRP A 2728 -22.10 -2.29 -53.95
N SER A 2729 -21.74 -1.25 -54.70
CA SER A 2729 -21.66 -1.34 -56.16
C SER A 2729 -20.26 -1.76 -56.59
N TRP A 2730 -20.01 -1.71 -57.91
CA TRP A 2730 -18.72 -2.04 -58.52
C TRP A 2730 -18.36 -3.50 -58.32
N TYR A 2731 -17.97 -3.88 -57.10
CA TYR A 2731 -17.62 -5.27 -56.82
C TYR A 2731 -18.86 -6.15 -56.75
N THR A 2732 -19.46 -6.43 -57.90
CA THR A 2732 -20.73 -7.12 -57.97
C THR A 2732 -20.59 -8.34 -58.89
N GLY A 2733 -21.19 -9.45 -58.47
CA GLY A 2733 -21.18 -10.64 -59.28
C GLY A 2733 -22.17 -10.56 -60.42
N SER A 2734 -22.84 -9.43 -60.52
CA SER A 2734 -23.86 -9.21 -61.53
C SER A 2734 -23.32 -8.56 -62.80
N ALA A 2735 -22.03 -8.21 -62.84
CA ALA A 2735 -21.48 -7.59 -64.04
C ALA A 2735 -21.58 -8.53 -65.24
N GLY A 2736 -20.87 -9.65 -65.17
CA GLY A 2736 -20.88 -10.57 -66.29
C GLY A 2736 -22.25 -11.16 -66.56
N TRP A 2737 -23.03 -11.37 -65.49
CA TRP A 2737 -24.36 -11.95 -65.66
C TRP A 2737 -25.29 -10.99 -66.39
N LEU A 2738 -25.30 -9.72 -65.99
CA LEU A 2738 -26.10 -8.72 -66.70
C LEU A 2738 -25.62 -8.55 -68.14
N TYR A 2739 -24.30 -8.58 -68.35
CA TYR A 2739 -23.79 -8.47 -69.71
C TYR A 2739 -24.28 -9.62 -70.57
N ARG A 2740 -24.21 -10.85 -70.06
CA ARG A 2740 -24.67 -12.00 -70.84
C ARG A 2740 -26.18 -11.95 -71.04
N ALA A 2741 -26.91 -11.42 -70.06
CA ALA A 2741 -28.34 -11.20 -70.25
C ALA A 2741 -28.57 -10.29 -71.44
N ALA A 2742 -27.93 -9.13 -71.45
CA ALA A 2742 -28.09 -8.20 -72.56
C ALA A 2742 -27.60 -8.80 -73.87
N VAL A 2743 -26.69 -9.77 -73.82
CA VAL A 2743 -26.20 -10.37 -75.06
C VAL A 2743 -27.22 -11.33 -75.66
N GLU A 2744 -27.60 -12.40 -74.96
CA GLU A 2744 -28.51 -13.32 -75.64
C GLU A 2744 -29.98 -13.10 -75.27
N GLY A 2745 -30.28 -12.82 -74.01
CA GLY A 2745 -31.69 -12.70 -73.69
C GLY A 2745 -32.42 -11.59 -74.43
N ILE A 2746 -31.71 -10.58 -74.91
CA ILE A 2746 -32.34 -9.48 -75.63
C ILE A 2746 -31.83 -9.47 -77.07
N LEU A 2747 -30.51 -9.29 -77.23
CA LEU A 2747 -29.95 -9.22 -78.58
C LEU A 2747 -29.93 -10.57 -79.27
N GLY A 2748 -29.88 -11.66 -78.52
CA GLY A 2748 -29.95 -12.99 -79.10
C GLY A 2748 -28.68 -13.47 -79.77
N ILE A 2749 -27.52 -12.99 -79.34
CA ILE A 2749 -26.25 -13.38 -79.95
C ILE A 2749 -25.71 -14.55 -79.15
N THR A 2750 -25.56 -15.70 -79.81
CA THR A 2750 -25.08 -16.93 -79.17
C THR A 2750 -24.02 -17.59 -80.03
N ARG A 2751 -22.99 -18.11 -79.38
CA ARG A 2751 -21.96 -18.92 -80.02
C ARG A 2751 -22.27 -20.38 -79.72
N THR A 2752 -23.22 -20.96 -80.46
CA THR A 2752 -23.69 -22.30 -80.15
C THR A 2752 -22.60 -23.34 -80.37
N ASP A 2753 -22.00 -23.35 -81.56
CA ASP A 2753 -20.98 -24.31 -81.94
C ASP A 2753 -19.85 -23.61 -82.68
N GLY A 2754 -19.45 -22.46 -82.19
CA GLY A 2754 -18.49 -21.62 -82.90
C GLY A 2754 -19.13 -20.62 -83.83
N LYS A 2755 -20.04 -21.09 -84.68
CA LYS A 2755 -20.80 -20.18 -85.53
C LYS A 2755 -21.85 -19.44 -84.72
N LEU A 2756 -22.01 -18.16 -85.04
CA LEU A 2756 -22.92 -17.29 -84.32
C LEU A 2756 -24.35 -17.53 -84.80
N HIS A 2757 -25.27 -17.71 -83.85
CA HIS A 2757 -26.67 -17.93 -84.14
C HIS A 2757 -27.47 -16.73 -83.64
N VAL A 2758 -28.13 -16.03 -84.55
CA VAL A 2758 -28.89 -14.83 -84.21
C VAL A 2758 -30.37 -15.18 -84.22
N SER A 2759 -31.05 -14.92 -83.11
CA SER A 2759 -32.47 -15.19 -82.99
C SER A 2759 -33.11 -14.15 -82.07
N PRO A 2760 -33.31 -12.93 -82.56
CA PRO A 2760 -33.80 -11.86 -81.67
C PRO A 2760 -35.31 -11.75 -81.63
N SER A 2761 -35.81 -11.09 -80.58
CA SER A 2761 -37.24 -10.79 -80.42
C SER A 2761 -37.31 -9.34 -79.92
N LEU A 2762 -37.42 -8.41 -80.85
CA LEU A 2762 -37.32 -7.00 -80.53
C LEU A 2762 -38.57 -6.55 -79.78
N PRO A 2763 -38.46 -5.60 -78.85
CA PRO A 2763 -39.66 -5.04 -78.21
C PRO A 2763 -40.46 -4.21 -79.20
N GLU A 2764 -41.74 -3.96 -78.90
CA GLU A 2764 -42.59 -3.20 -79.81
C GLU A 2764 -42.19 -1.74 -79.92
N ASP A 2765 -41.46 -1.20 -78.95
CA ASP A 2765 -40.99 0.18 -79.04
C ASP A 2765 -39.66 0.29 -79.78
N TRP A 2766 -39.10 -0.82 -80.25
CA TRP A 2766 -37.90 -0.79 -81.07
C TRP A 2766 -38.25 -1.00 -82.54
N SER A 2767 -37.30 -0.71 -83.42
CA SER A 2767 -37.46 -1.00 -84.84
C SER A 2767 -36.38 -1.95 -85.31
N GLY A 2768 -35.13 -1.69 -84.93
CA GLY A 2768 -34.03 -2.54 -85.33
C GLY A 2768 -32.75 -2.08 -84.70
N PHE A 2769 -31.71 -2.91 -84.83
CA PHE A 2769 -30.39 -2.63 -84.30
C PHE A 2769 -29.33 -3.25 -85.20
N SER A 2770 -28.07 -2.89 -84.94
CA SER A 2770 -26.94 -3.38 -85.71
C SER A 2770 -25.80 -3.69 -84.76
N ILE A 2771 -25.26 -4.90 -84.83
CA ILE A 2771 -24.17 -5.34 -83.95
C ILE A 2771 -22.91 -5.52 -84.79
N ARG A 2772 -21.76 -5.26 -84.17
CA ARG A 2772 -20.45 -5.36 -84.83
C ARG A 2772 -19.54 -6.19 -83.94
N ILE A 2773 -19.50 -7.50 -84.19
CA ILE A 2773 -18.69 -8.42 -83.41
C ILE A 2773 -17.43 -8.75 -84.21
N THR A 2774 -16.31 -8.94 -83.50
CA THR A 2774 -15.03 -9.26 -84.11
C THR A 2774 -14.52 -10.56 -83.46
N LEU A 2775 -14.94 -11.69 -84.00
CA LEU A 2775 -14.52 -13.00 -83.51
C LEU A 2775 -13.44 -13.54 -84.44
N ASP A 2776 -12.29 -13.88 -83.87
CA ASP A 2776 -11.12 -14.34 -84.63
C ASP A 2776 -10.69 -13.30 -85.67
N GLY A 2777 -10.78 -12.02 -85.30
CA GLY A 2777 -10.33 -10.97 -86.18
C GLY A 2777 -11.25 -10.66 -87.34
N LYS A 2778 -12.47 -11.19 -87.34
CA LYS A 2778 -13.43 -10.97 -88.41
C LYS A 2778 -14.53 -10.05 -87.91
N ALA A 2779 -14.52 -8.80 -88.37
CA ALA A 2779 -15.53 -7.82 -88.00
C ALA A 2779 -16.72 -7.97 -88.94
N ARG A 2780 -17.83 -8.47 -88.42
CA ARG A 2780 -19.06 -8.64 -89.18
C ARG A 2780 -20.07 -7.59 -88.73
N ASP A 2781 -20.68 -6.91 -89.70
CA ASP A 2781 -21.72 -5.92 -89.41
C ASP A 2781 -23.08 -6.60 -89.58
N ILE A 2782 -23.47 -7.33 -88.53
CA ILE A 2782 -24.75 -8.03 -88.51
C ILE A 2782 -25.83 -7.03 -88.11
N ALA A 2783 -26.68 -6.66 -89.05
CA ALA A 2783 -27.77 -5.70 -88.81
C ALA A 2783 -29.10 -6.44 -88.94
N VAL A 2784 -29.95 -6.32 -87.92
CA VAL A 2784 -31.24 -7.00 -87.89
C VAL A 2784 -32.34 -5.97 -88.09
N SER A 2785 -33.19 -6.21 -89.09
CA SER A 2785 -34.32 -5.34 -89.36
C SER A 2785 -35.49 -5.70 -88.46
N ARG A 2786 -36.68 -5.18 -88.77
CA ARG A 2786 -37.86 -5.43 -87.94
C ARG A 2786 -38.18 -6.92 -87.83
N LYS A 2787 -38.13 -7.65 -88.94
CA LYS A 2787 -38.43 -9.07 -88.89
C LYS A 2787 -37.15 -9.90 -88.75
N ALA A 2788 -36.25 -9.78 -89.72
CA ALA A 2788 -35.02 -10.57 -89.74
C ALA A 2788 -34.10 -9.98 -90.81
N GLY A 2789 -33.04 -10.69 -91.13
CA GLY A 2789 -32.12 -10.29 -92.17
C GLY A 2789 -30.77 -9.86 -91.62
N THR A 2790 -29.81 -9.73 -92.54
CA THR A 2790 -28.47 -9.27 -92.22
C THR A 2790 -28.01 -8.28 -93.29
N ALA A 2791 -27.24 -7.28 -92.87
CA ALA A 2791 -26.80 -6.24 -93.80
C ALA A 2791 -25.87 -6.79 -94.86
N ASP A 2792 -24.94 -7.67 -94.49
CA ASP A 2792 -23.98 -8.18 -95.46
C ASP A 2792 -24.67 -9.01 -96.54
N VAL A 2793 -25.62 -9.85 -96.16
CA VAL A 2793 -26.37 -10.67 -97.10
C VAL A 2793 -27.66 -11.10 -96.41
N SER A 2794 -28.70 -11.34 -97.21
CA SER A 2794 -29.99 -11.75 -96.67
C SER A 2794 -29.91 -13.22 -96.28
N VAL A 2795 -30.07 -13.50 -94.98
CA VAL A 2795 -30.07 -14.86 -94.45
C VAL A 2795 -31.24 -14.99 -93.49
N SER A 2796 -31.70 -16.23 -93.31
CA SER A 2796 -32.82 -16.52 -92.43
C SER A 2796 -32.37 -16.49 -90.97
N VAL A 2797 -33.27 -16.91 -90.07
CA VAL A 2797 -32.96 -16.92 -88.65
C VAL A 2797 -31.97 -18.05 -88.35
N ASP A 2798 -31.28 -17.91 -87.22
CA ASP A 2798 -30.28 -18.90 -86.77
C ASP A 2798 -29.20 -19.10 -87.84
N GLY A 2799 -28.48 -18.02 -88.12
CA GLY A 2799 -27.42 -18.04 -89.11
C GLY A 2799 -26.24 -18.92 -88.75
#